data_8G3N
#
_entry.id   8G3N
#
_cell.length_a   1.00
_cell.length_b   1.00
_cell.length_c   1.00
_cell.angle_alpha   90.00
_cell.angle_beta   90.00
_cell.angle_gamma   90.00
#
_symmetry.space_group_name_H-M   'P 1'
#
loop_
_entity.id
_entity.type
_entity.pdbx_description
1 polymer Neuraminidase
2 polymer 'FNI9 Fab heavy chain'
3 polymer 'FNI9 Fab light chain'
4 branched 2-acetamido-2-deoxy-beta-D-glucopyranose-(1-4)-2-acetamido-2-deoxy-beta-D-glucopyranose
5 branched beta-D-mannopyranose-(1-4)-2-acetamido-2-deoxy-beta-D-glucopyranose-(1-4)-2-acetamido-2-deoxy-beta-D-glucopyranose
6 branched alpha-D-mannopyranose-(1-2)-alpha-D-mannopyranose-(1-3)-[alpha-D-mannopyranose-(1-3)-[alpha-D-mannopyranose-(1-6)]alpha-D-mannopyranose-(1-6)]beta-D-mannopyranose-(1-4)-2-acetamido-2-deoxy-beta-D-glucopyranose-(1-4)-2-acetamido-2-deoxy-beta-D-glucopyranose
7 branched 2-acetamido-2-deoxy-beta-D-glucopyranose-(1-4)-[alpha-L-fucopyranose-(1-6)]2-acetamido-2-deoxy-beta-D-glucopyranose
8 non-polymer 'CALCIUM ION'
#
loop_
_entity_poly.entity_id
_entity_poly.type
_entity_poly.pdbx_seq_one_letter_code
_entity_poly.pdbx_strand_id
1 'polypeptide(L)'
;METDTLLLWVLLLWVPGSTGDHHHHHHGSGLNDIFEAQKIEWHEGSIINETADDIVYRLTVIIDDRYESLKNLITLRADR
LEMIINDNVSTILASGENLYFQGSAEYRNWSKPQCDITGFAPFSKDNSIRLSAGGDIWVTREPYVSCDPDKCYQFALGQG
TTLNNVHSNNTVRDRTPYRTLLMNELGVPFHLGTKQVCIAWSSSSCHDGKAWLHVCITGDDKNATASFIYNGRLVDSVVS
WSKEILRTQESECVCINGTCTVVMTDGSASGKADTKILFIEEGKIVHTSTLSGSAQHVEECSCYPRYPGVRCVCRDNWKG
SNRPIVDINIKDHSIVSSYVCSGLVGDTPRKNDSSSSSHCLDPNNEEGGHGVKGWAFDDGNDVWMGRTINETSRLGYETF
KVIEGWSNPKSKLQINRQVIVDRGNRSGYSGIFSVEGKSCINRCFYVELIRGRKEETEVLWTSNSIVVFCGTSGTYGTGS
WPDGADLNLMPI
;
G,J,K,L
2 'polypeptide(L)'
;QVHLVQSGAEVKEPGSSVTVSCKASGGSFNNQAISWVRQAPGQGLEWMGGIFPISGTPTSAQRFQGRVTFTADESTTTVY
MDLSSLRSDDTAVYYCARAGSDYFNRDLGWENYYFASWGQGTLVTVSSASTKGPSVFPLAPSSKSTSGGTAALGCLVKDY
FPEPVTVSWNSGALTSGVHTFPAVLQSSGLYSLSSVVTVPSSSLGTQTYICNVNHKPSNTKVDKKVEPKSC
;
E,A,B,C
3 'polypeptide(L)'
;EIVMTQSPATLSLSSGERATLSCRASRSVSSNLAWYQQKPGQAPRLLIYDASTRATGFSARFAGSGSGTEFTLTISSLQS
EDSAIYYCQQYNNWPPWTFGQGTKVEIKRTVAAPSVFIFPPSDEQLKSGTASVVCLLNNFYPREAKVQWKVDNALQSGNS
QESVTEQDSKDSTYSLSSTLTLSKADYEKHKVYACEVTHQGLSSPVTKSFNRGEC
;
F,D,H,I
#
loop_
_chem_comp.id
_chem_comp.type
_chem_comp.name
_chem_comp.formula
BMA D-saccharide, beta linking beta-D-mannopyranose 'C6 H12 O6'
CA non-polymer 'CALCIUM ION' 'Ca 2'
FUC L-saccharide, alpha linking alpha-L-fucopyranose 'C6 H12 O5'
MAN D-saccharide, alpha linking alpha-D-mannopyranose 'C6 H12 O6'
NAG D-saccharide, beta linking 2-acetamido-2-deoxy-beta-D-glucopyranose 'C8 H15 N O6'
#
# COMPACT_ATOMS: atom_id res chain seq x y z
N ALA A 105 34.76 10.39 -4.33
CA ALA A 105 34.52 9.89 -2.92
C ALA A 105 35.84 9.41 -2.28
N GLU A 106 35.87 9.39 -0.95
CA GLU A 106 37.05 9.02 -0.12
C GLU A 106 36.60 8.17 1.06
N TYR A 107 37.48 7.38 1.68
CA TYR A 107 37.08 6.65 2.90
C TYR A 107 36.88 7.62 4.08
N ARG A 108 35.97 7.30 5.01
CA ARG A 108 35.87 8.04 6.29
C ARG A 108 37.12 7.88 7.18
N ASN A 109 37.48 8.93 7.94
CA ASN A 109 38.57 8.84 8.95
C ASN A 109 38.22 9.40 10.34
N TRP A 110 37.07 10.06 10.56
CA TRP A 110 36.58 10.55 11.88
C TRP A 110 37.64 11.39 12.66
N SER A 111 38.57 12.08 12.03
CA SER A 111 39.73 12.72 12.72
C SER A 111 39.39 14.10 13.30
N LYS A 112 38.14 14.55 13.27
CA LYS A 112 37.67 15.76 14.01
C LYS A 112 37.48 15.52 15.51
N PRO A 113 37.58 16.56 16.37
CA PRO A 113 37.30 16.44 17.81
C PRO A 113 35.84 16.19 18.14
N GLN A 114 35.56 15.70 19.34
CA GLN A 114 34.16 15.45 19.83
C GLN A 114 33.50 16.78 20.19
N CYS A 115 32.21 16.93 19.87
CA CYS A 115 31.43 18.17 20.15
C CYS A 115 31.20 18.37 21.66
N ASP A 116 31.04 19.63 22.07
CA ASP A 116 30.79 20.03 23.49
C ASP A 116 29.31 19.79 23.86
N ILE A 117 28.99 18.59 24.29
CA ILE A 117 27.60 18.20 24.63
C ILE A 117 27.19 18.80 25.99
N THR A 118 26.00 19.38 26.08
CA THR A 118 25.32 19.82 27.35
C THR A 118 24.09 18.95 27.64
N GLY A 119 23.70 18.09 26.71
CA GLY A 119 22.57 17.17 26.85
C GLY A 119 22.07 16.75 25.49
N PHE A 120 20.84 16.18 25.46
CA PHE A 120 20.28 15.57 24.22
C PHE A 120 18.94 16.20 23.87
N ALA A 121 18.73 16.51 22.58
CA ALA A 121 17.47 17.10 22.01
C ALA A 121 16.76 16.09 21.10
N PRO A 122 15.41 16.11 20.95
CA PRO A 122 14.72 15.11 20.12
C PRO A 122 15.09 15.21 18.62
N PHE A 123 15.17 14.08 17.94
CA PHE A 123 15.52 14.01 16.49
C PHE A 123 14.49 13.20 15.66
N SER A 124 13.87 12.10 16.16
CA SER A 124 12.98 11.26 15.31
C SER A 124 12.17 10.24 16.09
N LYS A 125 11.05 9.81 15.53
CA LYS A 125 10.12 8.83 16.11
C LYS A 125 9.34 8.12 15.00
N ASP A 126 8.95 6.85 15.15
CA ASP A 126 8.50 6.05 13.98
C ASP A 126 6.98 5.80 14.00
N ASN A 127 6.38 5.66 15.15
CA ASN A 127 4.92 5.45 15.35
C ASN A 127 4.45 4.09 14.80
N SER A 128 5.34 3.11 14.64
CA SER A 128 5.07 1.81 13.96
C SER A 128 3.86 1.05 14.51
N ILE A 129 3.71 0.92 15.82
CA ILE A 129 2.62 0.06 16.37
C ILE A 129 1.26 0.78 16.18
N ARG A 130 1.17 2.10 16.32
CA ARG A 130 -0.09 2.86 16.11
C ARG A 130 -0.52 2.76 14.64
N LEU A 131 0.43 2.93 13.69
CA LEU A 131 0.16 2.75 12.23
C LEU A 131 -0.28 1.31 11.91
N SER A 132 0.27 0.30 12.59
CA SER A 132 -0.05 -1.14 12.36
C SER A 132 -1.52 -1.44 12.56
N ALA A 133 -2.26 -0.71 13.37
CA ALA A 133 -3.71 -0.96 13.59
C ALA A 133 -4.56 -0.60 12.38
N GLY A 134 -4.01 0.03 11.34
CA GLY A 134 -4.73 0.30 10.08
C GLY A 134 -3.77 0.52 8.93
N GLY A 135 -3.04 -0.54 8.54
CA GLY A 135 -1.90 -0.47 7.59
C GLY A 135 -1.04 -1.73 7.60
N ASP A 136 -0.27 -2.01 6.56
CA ASP A 136 0.55 -3.26 6.47
C ASP A 136 1.98 -2.91 6.90
N ILE A 137 2.31 -3.21 8.17
CA ILE A 137 3.65 -2.90 8.74
C ILE A 137 4.32 -4.20 9.19
N TRP A 138 5.66 -4.28 8.99
CA TRP A 138 6.48 -5.45 9.39
C TRP A 138 6.52 -5.67 10.92
N VAL A 139 6.51 -6.91 11.43
CA VAL A 139 6.92 -7.29 12.82
C VAL A 139 8.43 -7.31 12.95
N THR A 140 8.98 -6.68 13.98
CA THR A 140 10.46 -6.48 14.14
C THR A 140 10.91 -6.58 15.60
N ARG A 141 12.21 -6.76 15.81
CA ARG A 141 12.93 -6.47 17.09
C ARG A 141 14.38 -6.15 16.79
N GLU A 142 15.11 -5.70 17.79
CA GLU A 142 16.58 -5.42 17.72
C GLU A 142 16.86 -4.39 16.63
N PRO A 143 16.28 -3.17 16.69
CA PRO A 143 16.59 -2.08 15.75
C PRO A 143 17.93 -1.40 16.01
N TYR A 144 18.41 -0.70 15.00
CA TYR A 144 19.55 0.23 15.15
C TYR A 144 19.54 1.32 14.06
N VAL A 145 20.36 2.34 14.21
CA VAL A 145 20.50 3.48 13.27
C VAL A 145 21.95 3.59 12.85
N SER A 146 22.19 3.97 11.61
CA SER A 146 23.52 4.25 11.05
C SER A 146 23.41 5.23 9.88
N CYS A 147 24.45 5.98 9.54
CA CYS A 147 24.35 7.08 8.55
C CYS A 147 25.42 6.93 7.46
N ASP A 148 25.07 7.19 6.21
CA ASP A 148 26.06 7.49 5.16
C ASP A 148 26.43 8.97 5.24
N PRO A 149 27.33 9.50 4.38
CA PRO A 149 27.70 10.91 4.45
C PRO A 149 26.56 11.92 4.23
N ASP A 150 25.46 11.51 3.61
CA ASP A 150 24.32 12.38 3.26
C ASP A 150 23.13 12.22 4.24
N LYS A 151 22.76 11.00 4.62
CA LYS A 151 21.54 10.79 5.45
C LYS A 151 21.58 9.51 6.31
N CYS A 152 20.66 9.41 7.25
CA CYS A 152 20.62 8.31 8.23
C CYS A 152 19.56 7.26 7.87
N TYR A 153 19.86 6.01 8.19
CA TYR A 153 19.03 4.85 7.87
C TYR A 153 18.67 4.13 9.15
N GLN A 154 17.49 3.54 9.18
CA GLN A 154 17.03 2.69 10.27
C GLN A 154 17.06 1.23 9.81
N PHE A 155 17.52 0.34 10.67
CA PHE A 155 17.65 -1.10 10.43
C PHE A 155 16.86 -1.87 11.47
N ALA A 156 16.41 -3.06 11.13
CA ALA A 156 15.79 -3.98 12.11
C ALA A 156 15.82 -5.43 11.61
N LEU A 157 15.60 -6.39 12.52
CA LEU A 157 15.50 -7.82 12.15
C LEU A 157 14.04 -8.13 12.04
N GLY A 158 13.56 -8.35 10.81
CA GLY A 158 12.16 -8.74 10.60
C GLY A 158 11.86 -10.15 11.08
N GLN A 159 10.59 -10.46 11.31
CA GLN A 159 10.15 -11.82 11.67
C GLN A 159 9.47 -12.48 10.45
N GLY A 160 9.76 -12.03 9.23
CA GLY A 160 9.12 -12.62 8.02
C GLY A 160 7.57 -12.51 7.97
N THR A 161 6.95 -11.48 8.53
CA THR A 161 5.48 -11.28 8.55
C THR A 161 5.09 -9.84 8.84
N THR A 162 3.95 -9.40 8.35
CA THR A 162 3.28 -8.15 8.80
C THR A 162 2.55 -8.44 10.10
N LEU A 163 2.11 -7.40 10.80
CA LEU A 163 1.50 -7.55 12.14
C LEU A 163 0.05 -8.01 12.05
N ASN A 164 -0.80 -7.44 11.21
CA ASN A 164 -2.20 -7.93 11.06
C ASN A 164 -2.25 -9.13 10.09
N ASN A 165 -1.79 -10.30 10.54
CA ASN A 165 -1.43 -11.47 9.70
C ASN A 165 -1.44 -12.72 10.58
N VAL A 166 -1.87 -13.87 10.09
CA VAL A 166 -1.90 -15.15 10.88
C VAL A 166 -0.48 -15.54 11.28
N HIS A 167 0.53 -15.22 10.49
CA HIS A 167 1.94 -15.58 10.80
C HIS A 167 2.53 -14.71 11.93
N SER A 168 1.81 -13.74 12.48
CA SER A 168 2.30 -12.83 13.56
C SER A 168 2.26 -13.55 14.92
N ASN A 169 1.48 -14.64 15.06
CA ASN A 169 1.40 -15.43 16.31
C ASN A 169 2.75 -16.06 16.66
N ASN A 170 3.06 -16.20 17.95
CA ASN A 170 4.33 -16.79 18.45
C ASN A 170 5.60 -16.12 17.87
N THR A 171 5.58 -14.81 17.66
CA THR A 171 6.77 -14.02 17.15
C THR A 171 7.79 -13.69 18.25
N VAL A 172 7.77 -14.41 19.37
CA VAL A 172 8.67 -14.12 20.53
C VAL A 172 10.07 -14.75 20.34
N ARG A 173 10.21 -15.85 19.59
CA ARG A 173 11.54 -16.51 19.42
C ARG A 173 12.51 -15.65 18.62
N ASP A 174 13.78 -15.70 19.00
CA ASP A 174 14.81 -14.79 18.46
C ASP A 174 15.46 -15.39 17.21
N ARG A 175 15.46 -16.72 17.05
CA ARG A 175 16.19 -17.39 15.91
C ARG A 175 15.22 -18.30 15.14
N THR A 176 14.99 -18.02 13.84
CA THR A 176 14.17 -18.82 12.88
C THR A 176 14.74 -18.68 11.46
N PRO A 177 14.38 -19.55 10.49
CA PRO A 177 14.96 -19.44 9.14
C PRO A 177 14.48 -18.21 8.33
N TYR A 178 13.40 -17.55 8.78
CA TYR A 178 12.69 -16.48 8.03
C TYR A 178 13.16 -15.06 8.39
N ARG A 179 14.04 -14.84 9.37
CA ARG A 179 14.48 -13.49 9.78
C ARG A 179 15.36 -12.91 8.71
N THR A 180 15.16 -11.62 8.40
CA THR A 180 15.95 -10.87 7.38
C THR A 180 16.28 -9.49 7.92
N LEU A 181 17.31 -8.87 7.42
CA LEU A 181 17.67 -7.49 7.81
C LEU A 181 16.86 -6.51 6.95
N LEU A 182 15.98 -5.71 7.54
CA LEU A 182 15.25 -4.61 6.87
C LEU A 182 16.05 -3.29 6.87
N MET A 183 15.97 -2.49 5.81
CA MET A 183 16.66 -1.18 5.72
C MET A 183 15.75 -0.09 5.11
N ASN A 184 15.68 1.08 5.72
CA ASN A 184 14.90 2.27 5.25
C ASN A 184 15.67 3.55 5.58
N GLU A 185 15.35 4.66 4.93
CA GLU A 185 15.77 5.99 5.43
C GLU A 185 15.06 6.27 6.77
N LEU A 186 15.73 7.00 7.65
CA LEU A 186 15.22 7.25 9.02
C LEU A 186 13.88 8.01 8.93
N GLY A 187 12.86 7.51 9.57
CA GLY A 187 11.56 8.20 9.59
C GLY A 187 10.55 7.65 8.59
N VAL A 188 10.98 6.84 7.63
CA VAL A 188 10.01 6.04 6.80
C VAL A 188 9.70 4.73 7.51
N PRO A 189 8.46 4.47 7.95
CA PRO A 189 8.16 3.20 8.61
C PRO A 189 8.35 1.97 7.71
N PHE A 190 8.50 0.77 8.29
CA PHE A 190 8.71 -0.48 7.53
C PHE A 190 7.35 -0.98 6.97
N HIS A 191 6.96 -0.42 5.82
CA HIS A 191 5.81 -0.86 4.99
C HIS A 191 6.25 -1.94 3.98
N LEU A 192 5.30 -2.49 3.17
CA LEU A 192 5.61 -3.62 2.24
C LEU A 192 6.66 -3.27 1.17
N GLY A 193 6.86 -2.01 0.84
CA GLY A 193 7.91 -1.64 -0.12
C GLY A 193 9.35 -1.62 0.43
N THR A 194 9.56 -1.99 1.70
CA THR A 194 10.89 -2.01 2.36
C THR A 194 11.82 -3.05 1.70
N LYS A 195 13.10 -2.71 1.50
CA LYS A 195 14.13 -3.67 1.05
C LYS A 195 14.64 -4.61 2.16
N GLN A 196 14.68 -5.93 1.91
CA GLN A 196 15.41 -6.94 2.73
C GLN A 196 16.87 -7.04 2.22
N VAL A 197 17.88 -6.73 3.01
CA VAL A 197 19.26 -6.73 2.45
C VAL A 197 19.96 -8.10 2.59
N CYS A 198 19.60 -8.95 3.54
CA CYS A 198 20.30 -10.24 3.72
C CYS A 198 19.55 -11.20 4.61
N ILE A 199 19.89 -12.50 4.61
CA ILE A 199 19.21 -13.43 5.58
C ILE A 199 19.98 -13.32 6.91
N ALA A 200 19.28 -13.18 8.05
CA ALA A 200 19.96 -12.86 9.33
C ALA A 200 19.08 -13.00 10.54
N TRP A 201 19.53 -13.68 11.61
CA TRP A 201 18.91 -13.52 12.95
C TRP A 201 19.87 -12.76 13.90
N SER A 202 21.02 -12.33 13.45
CA SER A 202 21.87 -11.34 14.15
C SER A 202 22.64 -10.53 13.09
N SER A 203 22.92 -9.25 13.33
CA SER A 203 23.58 -8.42 12.30
C SER A 203 24.34 -7.19 12.80
N SER A 204 25.08 -6.59 11.90
CA SER A 204 25.67 -5.25 12.06
C SER A 204 25.87 -4.64 10.67
N SER A 205 25.94 -3.31 10.57
CA SER A 205 26.11 -2.59 9.29
C SER A 205 26.97 -1.35 9.48
N CYS A 206 27.68 -0.94 8.47
CA CYS A 206 28.34 0.38 8.46
C CYS A 206 28.74 0.82 7.04
N HIS A 207 28.97 2.11 6.87
CA HIS A 207 29.30 2.72 5.58
C HIS A 207 30.69 3.31 5.68
N ASP A 208 31.59 2.94 4.77
CA ASP A 208 33.02 3.25 4.91
C ASP A 208 33.34 4.58 4.23
N GLY A 209 32.36 5.28 3.67
CA GLY A 209 32.58 6.51 2.86
C GLY A 209 32.42 6.27 1.37
N LYS A 210 32.50 5.02 0.90
CA LYS A 210 32.26 4.62 -0.51
C LYS A 210 31.08 3.64 -0.62
N ALA A 211 30.88 2.71 0.30
CA ALA A 211 29.77 1.74 0.21
C ALA A 211 29.41 1.10 1.55
N TRP A 212 28.25 0.46 1.58
CA TRP A 212 27.79 -0.30 2.77
C TRP A 212 28.47 -1.65 2.91
N LEU A 213 28.83 -2.00 4.13
CA LEU A 213 29.13 -3.37 4.59
C LEU A 213 27.96 -3.86 5.46
N HIS A 214 27.44 -5.03 5.18
CA HIS A 214 26.52 -5.74 6.11
C HIS A 214 27.14 -7.05 6.56
N VAL A 215 27.04 -7.35 7.84
CA VAL A 215 27.50 -8.63 8.43
C VAL A 215 26.25 -9.34 8.92
N CYS A 216 25.99 -10.53 8.38
CA CYS A 216 24.70 -11.21 8.52
C CYS A 216 24.93 -12.63 9.02
N ILE A 217 24.20 -13.10 10.03
CA ILE A 217 24.45 -14.44 10.65
C ILE A 217 23.17 -15.26 10.59
N THR A 218 23.25 -16.51 10.14
CA THR A 218 22.07 -17.41 10.04
C THR A 218 22.52 -18.87 10.01
N GLY A 219 21.59 -19.79 10.21
CA GLY A 219 21.89 -21.23 10.18
C GLY A 219 21.47 -21.95 11.43
N ASP A 220 21.95 -23.17 11.61
CA ASP A 220 21.66 -23.97 12.84
C ASP A 220 22.38 -23.36 14.04
N ASP A 221 21.80 -23.47 15.25
CA ASP A 221 22.38 -22.93 16.51
C ASP A 221 23.83 -23.41 16.70
N LYS A 222 24.08 -24.68 16.41
CA LYS A 222 25.38 -25.31 16.68
C LYS A 222 26.23 -25.41 15.43
N ASN A 223 25.80 -24.88 14.27
CA ASN A 223 26.71 -24.81 13.08
C ASN A 223 26.42 -23.58 12.19
N ALA A 224 26.42 -22.37 12.75
CA ALA A 224 25.94 -21.13 12.05
C ALA A 224 27.00 -20.53 11.15
N THR A 225 26.55 -19.74 10.19
CA THR A 225 27.43 -19.09 9.16
C THR A 225 27.33 -17.58 9.30
N ALA A 226 28.40 -16.85 9.11
CA ALA A 226 28.38 -15.38 8.94
C ALA A 226 28.79 -14.99 7.52
N SER A 227 27.95 -14.24 6.82
CA SER A 227 28.21 -13.71 5.46
C SER A 227 28.62 -12.24 5.50
N PHE A 228 29.59 -11.85 4.73
CA PHE A 228 30.04 -10.44 4.61
C PHE A 228 29.63 -9.93 3.22
N ILE A 229 28.69 -8.99 3.18
CA ILE A 229 28.16 -8.41 1.92
C ILE A 229 28.61 -6.96 1.80
N TYR A 230 29.31 -6.63 0.72
CA TYR A 230 29.90 -5.29 0.52
C TYR A 230 29.62 -4.80 -0.89
N ASN A 231 29.19 -3.55 -1.00
CA ASN A 231 28.74 -2.92 -2.27
C ASN A 231 27.76 -3.86 -3.02
N GLY A 232 26.83 -4.47 -2.30
CA GLY A 232 25.71 -5.20 -2.91
C GLY A 232 26.03 -6.63 -3.29
N ARG A 233 27.22 -7.15 -3.01
CA ARG A 233 27.60 -8.54 -3.36
C ARG A 233 28.37 -9.26 -2.27
N LEU A 234 28.16 -10.57 -2.15
CA LEU A 234 28.83 -11.41 -1.13
C LEU A 234 30.34 -11.51 -1.42
N VAL A 235 31.18 -11.18 -0.45
CA VAL A 235 32.65 -11.14 -0.61
C VAL A 235 33.35 -12.18 0.26
N ASP A 236 32.78 -12.60 1.38
CA ASP A 236 33.47 -13.52 2.32
C ASP A 236 32.49 -14.22 3.26
N SER A 237 32.92 -15.31 3.90
CA SER A 237 32.10 -16.03 4.92
C SER A 237 32.95 -16.79 5.93
N VAL A 238 32.40 -16.99 7.13
CA VAL A 238 33.11 -17.70 8.23
C VAL A 238 32.11 -18.54 9.03
N VAL A 239 32.60 -19.58 9.69
CA VAL A 239 31.74 -20.55 10.43
C VAL A 239 31.95 -20.46 11.95
N SER A 240 30.88 -20.73 12.71
CA SER A 240 30.89 -20.83 14.19
C SER A 240 32.11 -21.63 14.67
N TRP A 241 32.95 -21.02 15.50
CA TRP A 241 34.22 -21.64 15.99
C TRP A 241 34.02 -22.40 17.30
N SER A 242 32.98 -22.12 18.08
CA SER A 242 32.72 -22.82 19.36
C SER A 242 31.38 -23.56 19.34
N LYS A 243 30.68 -23.58 18.21
CA LYS A 243 29.47 -24.41 17.96
C LYS A 243 28.37 -24.12 18.98
N GLU A 244 28.18 -22.86 19.39
CA GLU A 244 27.15 -22.52 20.41
C GLU A 244 26.67 -21.07 20.24
N ILE A 245 25.87 -20.84 19.20
CA ILE A 245 25.19 -19.55 18.85
C ILE A 245 26.21 -18.42 18.62
N LEU A 246 26.84 -18.43 17.46
CA LEU A 246 27.66 -17.30 16.93
C LEU A 246 26.79 -16.06 16.88
N ARG A 247 27.27 -14.91 17.38
CA ARG A 247 26.42 -13.67 17.48
C ARG A 247 27.26 -12.39 17.37
N THR A 248 26.61 -11.25 17.07
CA THR A 248 27.33 -9.94 16.89
C THR A 248 26.52 -8.76 17.46
N GLN A 249 26.87 -7.52 17.10
CA GLN A 249 26.59 -6.29 17.90
C GLN A 249 25.13 -5.81 17.95
N GLU A 250 24.24 -6.23 17.05
CA GLU A 250 22.89 -5.64 16.85
C GLU A 250 22.96 -4.10 16.82
N SER A 251 23.98 -3.52 16.18
CA SER A 251 24.23 -2.05 16.13
C SER A 251 25.34 -1.76 15.12
N GLU A 252 25.62 -0.51 14.80
CA GLU A 252 26.56 -0.23 13.72
C GLU A 252 28.00 -0.64 14.04
N CYS A 253 28.72 -1.07 13.00
CA CYS A 253 30.20 -1.25 13.03
C CYS A 253 30.86 0.10 12.84
N VAL A 254 32.19 0.17 12.91
CA VAL A 254 32.96 1.43 12.73
C VAL A 254 34.09 1.18 11.74
N CYS A 255 34.37 2.14 10.85
CA CYS A 255 35.40 2.02 9.79
C CYS A 255 36.30 3.24 9.81
N ILE A 256 37.62 3.03 9.75
CA ILE A 256 38.62 4.12 9.64
C ILE A 256 39.59 3.77 8.50
N ASN A 257 39.82 4.72 7.58
CA ASN A 257 40.70 4.56 6.40
C ASN A 257 40.38 3.25 5.65
N GLY A 258 39.11 2.87 5.51
CA GLY A 258 38.74 1.69 4.71
C GLY A 258 38.71 0.38 5.48
N THR A 259 39.27 0.33 6.68
CA THR A 259 39.23 -0.90 7.54
C THR A 259 38.05 -0.81 8.50
N CYS A 260 37.09 -1.68 8.37
CA CYS A 260 35.95 -1.84 9.33
C CYS A 260 36.31 -2.84 10.43
N THR A 261 35.68 -2.71 11.59
CA THR A 261 35.86 -3.67 12.71
C THR A 261 34.52 -4.09 13.27
N VAL A 262 34.44 -5.37 13.62
CA VAL A 262 33.21 -5.92 14.22
C VAL A 262 33.60 -6.89 15.33
N VAL A 263 32.81 -6.92 16.39
CA VAL A 263 33.04 -7.82 17.55
C VAL A 263 32.07 -8.99 17.43
N MET A 264 32.57 -10.21 17.63
CA MET A 264 31.73 -11.44 17.48
C MET A 264 32.05 -12.40 18.62
N THR A 265 31.05 -13.12 19.07
CA THR A 265 31.17 -14.02 20.24
C THR A 265 30.56 -15.38 19.88
N ASP A 266 31.11 -16.45 20.45
CA ASP A 266 30.52 -17.82 20.37
C ASP A 266 30.65 -18.49 21.74
N GLY A 267 29.75 -19.35 22.16
CA GLY A 267 29.86 -19.95 23.50
C GLY A 267 28.81 -19.49 24.51
N SER A 268 28.97 -19.88 25.78
CA SER A 268 27.93 -19.80 26.85
C SER A 268 27.54 -18.36 27.22
N ALA A 269 26.30 -18.17 27.64
CA ALA A 269 25.81 -16.89 28.24
C ALA A 269 26.03 -16.83 29.78
N SER A 270 26.26 -17.94 30.47
CA SER A 270 26.38 -17.99 31.95
C SER A 270 27.72 -18.64 32.35
N GLY A 271 28.78 -18.42 31.56
CA GLY A 271 30.13 -18.94 31.78
C GLY A 271 31.12 -18.36 30.79
N LYS A 272 32.36 -18.82 30.81
CA LYS A 272 33.41 -18.34 29.88
C LYS A 272 33.00 -18.60 28.43
N ALA A 273 33.27 -17.62 27.55
CA ALA A 273 32.89 -17.64 26.12
C ALA A 273 34.04 -17.16 25.25
N ASP A 274 33.99 -17.44 23.95
CA ASP A 274 35.07 -17.09 22.99
C ASP A 274 34.69 -15.82 22.23
N THR A 275 35.48 -14.76 22.33
CA THR A 275 35.19 -13.47 21.65
C THR A 275 36.35 -13.10 20.75
N LYS A 276 36.05 -12.69 19.52
CA LYS A 276 37.07 -12.26 18.54
C LYS A 276 36.68 -10.93 17.92
N ILE A 277 37.67 -10.18 17.49
CA ILE A 277 37.49 -8.91 16.76
C ILE A 277 38.02 -9.15 15.34
N LEU A 278 37.16 -8.93 14.35
CA LEU A 278 37.49 -9.15 12.93
C LEU A 278 37.77 -7.80 12.26
N PHE A 279 38.85 -7.74 11.50
CA PHE A 279 39.23 -6.55 10.70
C PHE A 279 38.94 -6.85 9.23
N ILE A 280 38.21 -5.96 8.58
CA ILE A 280 37.58 -6.22 7.26
C ILE A 280 37.90 -5.06 6.30
N GLU A 281 38.26 -5.38 5.05
CA GLU A 281 38.57 -4.36 4.01
C GLU A 281 37.85 -4.70 2.71
N GLU A 282 36.89 -3.85 2.32
CA GLU A 282 35.95 -4.03 1.18
C GLU A 282 35.30 -5.42 1.21
N GLY A 283 34.93 -5.90 2.37
CA GLY A 283 34.22 -7.16 2.57
C GLY A 283 35.15 -8.35 2.81
N LYS A 284 36.44 -8.26 2.47
CA LYS A 284 37.42 -9.36 2.72
C LYS A 284 37.87 -9.32 4.18
N ILE A 285 37.84 -10.44 4.91
CA ILE A 285 38.46 -10.52 6.27
C ILE A 285 39.99 -10.49 6.12
N VAL A 286 40.67 -9.51 6.72
CA VAL A 286 42.15 -9.35 6.60
C VAL A 286 42.89 -9.77 7.87
N HIS A 287 42.28 -9.69 9.04
CA HIS A 287 42.93 -10.05 10.33
C HIS A 287 41.90 -10.44 11.37
N THR A 288 42.32 -11.21 12.37
CA THR A 288 41.44 -11.56 13.52
C THR A 288 42.23 -11.59 14.83
N SER A 289 41.70 -10.95 15.87
CA SER A 289 42.32 -10.83 17.21
C SER A 289 41.39 -11.44 18.24
N THR A 290 41.93 -12.19 19.20
CA THR A 290 41.17 -12.71 20.36
C THR A 290 41.06 -11.63 21.45
N LEU A 291 39.96 -11.61 22.20
CA LEU A 291 39.76 -10.62 23.30
C LEU A 291 40.83 -10.78 24.40
N SER A 292 41.34 -9.66 24.91
CA SER A 292 42.45 -9.55 25.88
C SER A 292 42.18 -8.46 26.94
N GLY A 293 42.86 -8.53 28.08
CA GLY A 293 42.55 -7.68 29.26
C GLY A 293 41.56 -8.35 30.21
N SER A 294 40.94 -7.59 31.12
CA SER A 294 40.22 -8.13 32.29
C SER A 294 38.72 -8.25 32.08
N ALA A 295 38.15 -7.90 30.93
CA ALA A 295 36.71 -8.17 30.66
C ALA A 295 36.47 -9.69 30.58
N GLN A 296 35.50 -10.22 31.30
CA GLN A 296 35.30 -11.68 31.43
C GLN A 296 34.08 -12.20 30.65
N HIS A 297 33.10 -11.34 30.34
CA HIS A 297 31.99 -11.67 29.41
C HIS A 297 31.70 -10.46 28.52
N VAL A 298 31.51 -10.64 27.21
CA VAL A 298 31.36 -9.49 26.25
C VAL A 298 30.32 -9.83 25.17
N GLU A 299 29.17 -9.18 25.25
CA GLU A 299 28.00 -9.37 24.34
C GLU A 299 27.55 -8.00 23.81
N GLU A 300 26.94 -7.96 22.63
CA GLU A 300 26.10 -6.83 22.12
C GLU A 300 26.80 -5.45 22.24
N CYS A 301 28.06 -5.35 21.95
CA CYS A 301 28.78 -4.08 22.08
C CYS A 301 28.12 -2.93 21.29
N SER A 302 28.23 -1.72 21.85
CA SER A 302 27.92 -0.42 21.22
C SER A 302 29.23 0.32 21.04
N CYS A 303 29.60 0.69 19.83
CA CYS A 303 30.97 1.15 19.51
C CYS A 303 30.97 2.55 18.88
N TYR A 304 32.03 3.30 19.10
CA TYR A 304 32.16 4.67 18.55
C TYR A 304 33.58 4.98 18.16
N PRO A 305 33.78 5.75 17.07
CA PRO A 305 35.11 6.16 16.65
C PRO A 305 35.69 7.17 17.64
N ARG A 306 36.97 6.99 17.94
CA ARG A 306 37.74 7.76 18.93
C ARG A 306 39.18 7.84 18.42
N TYR A 307 39.31 8.58 17.32
CA TYR A 307 40.50 8.55 16.43
C TYR A 307 41.77 8.74 17.26
N PRO A 308 42.87 7.97 17.05
CA PRO A 308 43.02 6.99 15.97
C PRO A 308 42.38 5.60 16.17
N GLY A 309 41.68 5.35 17.26
CA GLY A 309 41.15 4.01 17.52
C GLY A 309 39.64 3.93 17.53
N VAL A 310 39.14 2.82 18.05
CA VAL A 310 37.70 2.56 18.23
C VAL A 310 37.49 2.09 19.68
N ARG A 311 36.36 2.44 20.28
CA ARG A 311 36.04 2.15 21.70
C ARG A 311 34.63 1.59 21.76
N CYS A 312 34.39 0.60 22.61
CA CYS A 312 33.11 -0.15 22.66
C CYS A 312 32.70 -0.37 24.12
N VAL A 313 31.41 -0.25 24.42
CA VAL A 313 30.83 -0.51 25.75
C VAL A 313 29.74 -1.58 25.59
N CYS A 314 29.74 -2.62 26.44
CA CYS A 314 29.14 -3.92 26.08
C CYS A 314 28.25 -4.45 27.23
N ARG A 315 27.71 -5.66 27.09
CA ARG A 315 26.78 -6.32 28.04
C ARG A 315 27.55 -7.49 28.67
N ASP A 316 27.44 -7.67 29.97
CA ASP A 316 28.01 -8.81 30.73
C ASP A 316 26.85 -9.62 31.33
N ASN A 317 26.56 -10.78 30.75
CA ASN A 317 25.40 -11.61 31.16
C ASN A 317 25.76 -12.50 32.35
N TRP A 318 27.03 -12.56 32.75
CA TRP A 318 27.56 -13.60 33.67
C TRP A 318 27.69 -13.06 35.10
N LYS A 319 28.45 -11.98 35.32
CA LYS A 319 28.86 -11.55 36.68
C LYS A 319 28.82 -10.03 36.92
N GLY A 320 28.96 -9.18 35.91
CA GLY A 320 28.88 -7.71 36.09
C GLY A 320 27.46 -7.16 36.02
N SER A 321 27.14 -6.19 36.87
CA SER A 321 26.09 -5.17 36.55
C SER A 321 26.76 -3.82 36.20
N ASN A 322 28.05 -3.69 36.42
CA ASN A 322 28.90 -2.70 35.74
C ASN A 322 29.14 -3.19 34.29
N ARG A 323 29.39 -2.29 33.34
CA ARG A 323 29.54 -2.63 31.89
C ARG A 323 31.01 -2.78 31.52
N PRO A 324 31.36 -3.80 30.68
CA PRO A 324 32.70 -3.90 30.12
C PRO A 324 33.04 -2.83 29.07
N ILE A 325 34.32 -2.56 28.92
CA ILE A 325 34.87 -1.66 27.90
C ILE A 325 35.89 -2.46 27.07
N VAL A 326 35.94 -2.21 25.76
CA VAL A 326 36.97 -2.78 24.86
C VAL A 326 37.52 -1.64 24.03
N ASP A 327 38.85 -1.47 24.06
CA ASP A 327 39.56 -0.54 23.17
C ASP A 327 40.28 -1.32 22.07
N ILE A 328 40.14 -0.86 20.83
CA ILE A 328 40.64 -1.54 19.61
C ILE A 328 41.64 -0.62 18.92
N ASN A 329 42.79 -1.15 18.55
CA ASN A 329 43.80 -0.42 17.75
C ASN A 329 43.72 -0.82 16.27
N ILE A 330 43.52 0.12 15.37
CA ILE A 330 43.34 -0.17 13.91
C ILE A 330 44.70 -0.35 13.22
N LYS A 331 45.79 0.22 13.73
CA LYS A 331 47.11 0.17 13.03
C LYS A 331 47.88 -1.11 13.34
N ASP A 332 47.65 -1.76 14.49
CA ASP A 332 48.42 -2.96 14.89
C ASP A 332 47.52 -4.10 15.40
N HIS A 333 46.20 -3.95 15.29
CA HIS A 333 45.18 -4.97 15.61
C HIS A 333 45.19 -5.38 17.09
N SER A 334 45.87 -4.64 17.99
CA SER A 334 45.91 -4.95 19.44
C SER A 334 44.59 -4.59 20.14
N ILE A 335 44.31 -5.29 21.23
CA ILE A 335 43.05 -5.21 22.01
C ILE A 335 43.40 -5.04 23.49
N VAL A 336 42.66 -4.20 24.22
CA VAL A 336 42.65 -4.17 25.71
C VAL A 336 41.22 -4.00 26.24
N SER A 337 41.01 -4.34 27.50
CA SER A 337 39.65 -4.31 28.09
C SER A 337 39.65 -4.12 29.60
N SER A 338 38.52 -3.63 30.12
CA SER A 338 38.32 -3.20 31.52
C SER A 338 36.82 -3.00 31.77
N TYR A 339 36.44 -2.32 32.86
CA TYR A 339 35.03 -2.01 33.18
C TYR A 339 34.83 -0.51 33.43
N VAL A 340 33.60 -0.03 33.23
CA VAL A 340 33.19 1.38 33.50
C VAL A 340 33.26 1.62 35.03
N CYS A 341 34.06 2.59 35.43
CA CYS A 341 34.39 2.88 36.85
C CYS A 341 33.18 3.36 37.66
N SER A 342 32.30 4.19 37.11
CA SER A 342 31.17 4.88 37.79
C SER A 342 30.45 4.02 38.86
N GLY A 343 30.21 4.59 40.04
CA GLY A 343 29.46 3.95 41.13
C GLY A 343 27.99 3.81 40.81
N LEU A 344 27.49 4.67 39.92
CA LEU A 344 26.14 4.53 39.31
C LEU A 344 26.29 3.61 38.10
N VAL A 345 25.74 2.40 38.21
CA VAL A 345 26.00 1.33 37.17
C VAL A 345 24.88 1.33 36.12
N GLY A 346 25.19 0.87 34.88
CA GLY A 346 24.31 1.00 33.71
C GLY A 346 23.51 -0.25 33.27
N ASP A 347 23.73 -1.42 33.86
CA ASP A 347 23.07 -2.67 33.42
C ASP A 347 21.72 -2.85 34.11
N THR A 348 20.90 -3.79 33.65
CA THR A 348 19.62 -4.15 34.28
C THR A 348 19.46 -5.65 34.21
N PRO A 349 19.23 -6.39 35.34
CA PRO A 349 19.06 -5.86 36.69
C PRO A 349 20.31 -5.30 37.35
N ARG A 350 20.12 -4.57 38.47
CA ARG A 350 21.19 -3.96 39.29
C ARG A 350 20.69 -3.65 40.70
N LYS A 351 21.60 -3.35 41.63
CA LYS A 351 21.21 -2.83 42.98
C LYS A 351 20.85 -1.35 42.87
N ASN A 352 20.07 -0.83 43.83
CA ASN A 352 19.67 0.60 43.87
C ASN A 352 20.90 1.51 44.10
N ASP A 353 20.76 2.80 43.79
CA ASP A 353 21.89 3.75 43.76
C ASP A 353 22.46 3.97 45.17
N SER A 354 21.65 3.74 46.20
CA SER A 354 22.06 3.80 47.64
C SER A 354 23.08 2.71 47.99
N SER A 355 23.15 1.61 47.23
CA SER A 355 23.91 0.39 47.64
C SER A 355 24.75 -0.23 46.51
N SER A 356 24.60 0.18 45.25
CA SER A 356 25.44 -0.28 44.12
C SER A 356 26.91 0.09 44.32
N SER A 357 27.81 -0.68 43.73
CA SER A 357 29.27 -0.35 43.64
C SER A 357 29.85 -0.80 42.30
N SER A 358 31.07 -0.38 42.02
CA SER A 358 31.77 -0.76 40.78
C SER A 358 33.28 -0.88 41.03
N HIS A 359 33.98 -1.39 40.04
CA HIS A 359 35.44 -1.66 40.04
C HIS A 359 35.91 -1.36 38.63
N CYS A 360 37.11 -0.77 38.46
CA CYS A 360 37.61 -0.37 37.14
C CYS A 360 38.09 -1.60 36.35
N LEU A 361 38.39 -2.71 37.00
CA LEU A 361 39.00 -3.91 36.34
C LEU A 361 38.08 -5.14 36.33
N ASP A 362 37.19 -5.32 37.30
CA ASP A 362 36.48 -6.62 37.53
C ASP A 362 34.96 -6.43 37.49
N PRO A 363 34.20 -7.50 37.19
CA PRO A 363 32.76 -7.50 37.42
C PRO A 363 32.47 -7.29 38.92
N ASN A 364 31.50 -6.43 39.19
CA ASN A 364 31.15 -6.01 40.56
C ASN A 364 30.51 -7.13 41.37
N ASN A 365 30.04 -8.22 40.74
CA ASN A 365 29.33 -9.37 41.38
C ASN A 365 28.06 -8.93 42.13
N GLU A 366 27.41 -7.84 41.70
CA GLU A 366 26.11 -7.40 42.28
C GLU A 366 25.01 -7.64 41.26
N GLU A 367 24.01 -8.48 41.56
CA GLU A 367 22.91 -8.84 40.61
C GLU A 367 23.49 -9.14 39.20
N GLY A 368 24.61 -9.83 39.11
CA GLY A 368 25.46 -9.87 37.91
C GLY A 368 24.80 -10.53 36.71
N GLY A 369 24.08 -11.61 36.90
CA GLY A 369 23.53 -12.42 35.80
C GLY A 369 22.46 -11.72 35.00
N HIS A 370 22.37 -12.02 33.70
CA HIS A 370 21.45 -11.37 32.73
C HIS A 370 21.84 -9.90 32.55
N GLY A 371 21.10 -9.17 31.72
CA GLY A 371 21.50 -7.80 31.34
C GLY A 371 20.62 -7.19 30.26
N VAL A 372 21.04 -6.03 29.75
CA VAL A 372 20.39 -5.39 28.56
C VAL A 372 21.42 -4.60 27.76
N LYS A 373 21.23 -4.51 26.44
CA LYS A 373 22.16 -3.76 25.57
C LYS A 373 22.05 -2.25 25.85
N GLY A 374 23.19 -1.56 26.02
CA GLY A 374 23.19 -0.11 26.35
C GLY A 374 24.41 0.61 25.89
N TRP A 375 24.68 1.79 26.42
CA TRP A 375 25.81 2.64 25.94
C TRP A 375 26.35 3.55 27.05
N ALA A 376 27.55 4.05 26.86
CA ALA A 376 28.16 5.14 27.64
C ALA A 376 29.29 5.74 26.82
N PHE A 377 29.70 6.98 27.05
CA PHE A 377 30.91 7.52 26.38
C PHE A 377 31.63 8.53 27.28
N ASP A 378 32.95 8.66 27.06
CA ASP A 378 33.84 9.48 27.92
C ASP A 378 33.70 10.95 27.52
N ASP A 379 33.86 11.84 28.49
CA ASP A 379 33.91 13.30 28.28
C ASP A 379 34.93 13.90 29.25
N GLY A 380 36.22 13.79 28.91
CA GLY A 380 37.31 13.94 29.90
C GLY A 380 37.23 12.84 30.96
N ASN A 381 37.22 13.21 32.24
CA ASN A 381 37.05 12.23 33.34
C ASN A 381 35.58 12.00 33.63
N ASP A 382 34.66 12.77 33.04
CA ASP A 382 33.20 12.51 33.24
C ASP A 382 32.71 11.41 32.30
N VAL A 383 31.57 10.82 32.59
CA VAL A 383 30.93 9.87 31.64
C VAL A 383 29.45 10.27 31.41
N TRP A 384 29.00 10.24 30.18
CA TRP A 384 27.56 10.28 29.80
C TRP A 384 27.06 8.86 29.61
N MET A 385 25.89 8.57 30.12
CA MET A 385 25.30 7.22 29.96
C MET A 385 23.77 7.26 30.03
N GLY A 386 23.14 6.20 29.54
CA GLY A 386 21.67 6.00 29.63
C GLY A 386 21.35 4.65 30.25
N ARG A 387 20.21 4.55 30.92
CA ARG A 387 19.75 3.31 31.57
C ARG A 387 18.23 3.27 31.77
N THR A 388 17.67 2.10 32.04
CA THR A 388 16.26 1.97 32.44
C THR A 388 16.06 2.67 33.78
N ILE A 389 14.91 3.30 34.00
CA ILE A 389 14.62 4.01 35.28
C ILE A 389 14.40 2.99 36.40
N ASN A 390 13.75 1.89 36.09
CA ASN A 390 13.53 0.79 37.05
C ASN A 390 14.77 -0.09 37.14
N GLU A 391 15.03 -0.67 38.33
CA GLU A 391 16.29 -1.46 38.58
C GLU A 391 16.15 -2.94 38.20
N THR A 392 14.94 -3.47 38.07
CA THR A 392 14.75 -4.94 37.88
C THR A 392 13.83 -5.29 36.70
N SER A 393 13.46 -4.32 35.87
CA SER A 393 12.61 -4.52 34.68
C SER A 393 12.86 -3.43 33.64
N ARG A 394 12.57 -3.68 32.38
CA ARG A 394 12.90 -2.70 31.30
C ARG A 394 11.74 -1.69 31.21
N LEU A 395 11.57 -0.89 32.26
CA LEU A 395 10.59 0.24 32.34
C LEU A 395 11.30 1.60 32.45
N GLY A 396 10.78 2.59 31.74
CA GLY A 396 11.35 3.94 31.63
C GLY A 396 12.72 3.98 30.98
N TYR A 397 13.23 5.18 30.77
CA TYR A 397 14.62 5.40 30.30
C TYR A 397 15.08 6.79 30.67
N GLU A 398 16.30 6.91 31.17
CA GLU A 398 16.91 8.19 31.64
C GLU A 398 18.33 8.29 31.13
N THR A 399 18.83 9.51 30.97
CA THR A 399 20.27 9.76 30.76
C THR A 399 20.79 10.78 31.77
N PHE A 400 22.11 10.79 32.01
CA PHE A 400 22.78 11.78 32.88
C PHE A 400 24.29 11.80 32.68
N LYS A 401 24.96 12.79 33.25
CA LYS A 401 26.44 12.82 33.36
C LYS A 401 26.84 12.46 34.79
N VAL A 402 27.91 11.67 34.96
CA VAL A 402 28.49 11.38 36.30
C VAL A 402 29.84 12.06 36.41
N ILE A 403 30.04 12.87 37.44
CA ILE A 403 31.30 13.67 37.60
C ILE A 403 32.44 12.71 38.00
N GLU A 404 33.56 12.76 37.28
CA GLU A 404 34.71 11.81 37.42
C GLU A 404 34.31 10.34 37.19
N GLY A 405 33.13 10.05 36.66
CA GLY A 405 32.65 8.66 36.59
C GLY A 405 33.41 7.77 35.60
N TRP A 406 34.28 8.31 34.77
CA TRP A 406 35.13 7.47 33.89
C TRP A 406 36.40 6.99 34.60
N SER A 407 36.83 7.63 35.68
CA SER A 407 38.14 7.35 36.32
C SER A 407 38.08 7.11 37.85
N ASN A 408 37.03 7.54 38.53
CA ASN A 408 36.90 7.39 39.99
C ASN A 408 35.81 6.35 40.30
N PRO A 409 36.16 5.16 40.84
CA PRO A 409 35.18 4.09 41.05
C PRO A 409 34.20 4.32 42.20
N LYS A 410 34.41 5.37 43.02
CA LYS A 410 33.55 5.64 44.21
C LYS A 410 32.56 6.78 43.95
N SER A 411 32.68 7.49 42.82
CA SER A 411 31.84 8.68 42.50
C SER A 411 30.37 8.31 42.29
N LYS A 412 29.46 9.08 42.88
CA LYS A 412 27.97 8.98 42.66
C LYS A 412 27.33 10.35 42.43
N LEU A 413 28.12 11.31 41.98
CA LEU A 413 27.67 12.71 41.82
C LEU A 413 27.10 12.87 40.40
N GLN A 414 25.78 12.78 40.24
CA GLN A 414 25.16 12.98 38.89
C GLN A 414 24.63 14.40 38.67
N ILE A 415 24.58 14.82 37.40
CA ILE A 415 24.05 16.14 36.95
C ILE A 415 23.46 16.02 35.53
N ASN A 416 22.64 16.97 35.13
CA ASN A 416 22.03 17.02 33.77
C ASN A 416 21.16 15.78 33.49
N ARG A 417 20.42 15.28 34.46
CA ARG A 417 19.44 14.20 34.19
C ARG A 417 18.37 14.63 33.16
N GLN A 418 18.00 13.73 32.26
CA GLN A 418 16.82 13.87 31.37
C GLN A 418 16.03 12.57 31.35
N VAL A 419 14.72 12.63 31.53
CA VAL A 419 13.82 11.49 31.23
C VAL A 419 13.48 11.48 29.75
N ILE A 420 13.64 10.32 29.11
CA ILE A 420 13.29 10.12 27.68
C ILE A 420 11.93 9.40 27.61
N VAL A 421 11.75 8.37 28.42
CA VAL A 421 10.49 7.63 28.55
C VAL A 421 10.23 7.51 30.05
N ASP A 422 9.03 7.87 30.50
CA ASP A 422 8.72 7.89 31.94
C ASP A 422 8.56 6.48 32.51
N ARG A 423 8.64 6.35 33.84
CA ARG A 423 8.74 5.04 34.54
C ARG A 423 7.55 4.10 34.31
N GLY A 424 6.43 4.56 33.77
CA GLY A 424 5.27 3.67 33.56
C GLY A 424 5.26 3.00 32.20
N ASN A 425 6.22 3.32 31.33
CA ASN A 425 6.23 2.93 29.89
C ASN A 425 7.42 2.01 29.56
N ARG A 426 7.18 1.00 28.74
CA ARG A 426 8.18 -0.05 28.39
C ARG A 426 9.33 0.54 27.57
N SER A 427 10.53 0.04 27.78
CA SER A 427 11.70 0.31 26.93
C SER A 427 12.31 -1.03 26.45
N GLY A 428 13.61 -1.11 26.21
CA GLY A 428 14.24 -2.24 25.50
C GLY A 428 15.71 -1.96 25.25
N TYR A 429 16.26 -2.43 24.14
CA TYR A 429 17.68 -2.17 23.78
C TYR A 429 17.90 -0.69 23.49
N SER A 430 19.12 -0.22 23.65
CA SER A 430 19.51 1.15 23.26
C SER A 430 20.97 1.17 22.81
N GLY A 431 21.37 2.14 21.99
CA GLY A 431 22.73 2.12 21.39
C GLY A 431 23.17 3.45 20.83
N ILE A 432 24.45 3.65 20.71
CA ILE A 432 25.01 4.95 20.24
C ILE A 432 25.15 4.93 18.71
N PHE A 433 25.14 6.09 18.05
CA PHE A 433 25.74 6.30 16.70
C PHE A 433 26.35 7.69 16.62
N SER A 434 27.25 7.88 15.70
CA SER A 434 28.07 9.09 15.54
C SER A 434 27.79 9.75 14.22
N VAL A 435 27.81 11.07 14.21
CA VAL A 435 27.46 11.88 13.01
C VAL A 435 28.53 12.94 12.87
N GLU A 436 29.04 13.10 11.67
CA GLU A 436 30.11 14.11 11.42
C GLU A 436 29.45 15.45 11.07
N GLY A 437 29.81 16.49 11.83
CA GLY A 437 29.40 17.87 11.55
C GLY A 437 30.46 18.68 10.83
N LYS A 438 30.24 19.99 10.71
CA LYS A 438 31.14 20.91 9.97
C LYS A 438 32.53 20.99 10.66
N SER A 439 32.60 20.85 11.98
CA SER A 439 33.86 21.06 12.75
C SER A 439 34.05 20.08 13.92
N CYS A 440 33.12 19.17 14.20
CA CYS A 440 33.28 18.19 15.31
C CYS A 440 32.44 16.91 15.05
N ILE A 441 32.70 15.84 15.78
CA ILE A 441 31.90 14.59 15.74
C ILE A 441 30.86 14.63 16.85
N ASN A 442 29.58 14.48 16.51
CA ASN A 442 28.49 14.46 17.50
C ASN A 442 28.11 13.01 17.86
N ARG A 443 27.51 12.80 19.04
CA ARG A 443 27.01 11.50 19.51
C ARG A 443 25.50 11.55 19.64
N CYS A 444 24.83 10.49 19.24
CA CYS A 444 23.35 10.38 19.19
C CYS A 444 22.99 8.99 19.69
N PHE A 445 21.77 8.76 20.12
CA PHE A 445 21.38 7.43 20.59
C PHE A 445 19.92 7.11 20.25
N TYR A 446 19.57 5.84 20.29
CA TYR A 446 18.22 5.36 19.95
C TYR A 446 17.69 4.44 21.07
N VAL A 447 16.38 4.31 21.23
CA VAL A 447 15.81 3.42 22.24
C VAL A 447 14.70 2.56 21.60
N GLU A 448 14.73 1.26 21.84
CA GLU A 448 13.73 0.31 21.33
C GLU A 448 12.56 0.33 22.30
N LEU A 449 11.33 0.43 21.81
CA LEU A 449 10.12 0.48 22.67
C LEU A 449 9.33 -0.79 22.39
N ILE A 450 9.57 -1.83 23.19
CA ILE A 450 9.00 -3.20 22.98
C ILE A 450 7.53 -3.23 23.46
N ARG A 451 6.65 -3.88 22.71
CA ARG A 451 5.22 -4.09 23.08
C ARG A 451 4.79 -5.54 22.80
N GLY A 452 3.79 -6.00 23.54
CA GLY A 452 3.17 -7.32 23.38
C GLY A 452 3.75 -8.41 24.27
N ARG A 453 3.61 -9.67 23.85
CA ARG A 453 4.06 -10.88 24.62
C ARG A 453 5.55 -10.80 24.95
N LYS A 454 5.97 -11.29 26.13
CA LYS A 454 5.24 -12.14 27.06
C LYS A 454 4.51 -11.33 28.15
N GLU A 455 4.86 -10.06 28.36
CA GLU A 455 4.31 -9.22 29.47
C GLU A 455 2.86 -8.78 29.20
N GLU A 456 2.57 -8.35 27.98
CA GLU A 456 1.24 -7.81 27.61
C GLU A 456 0.49 -8.93 26.89
N THR A 457 -0.29 -9.72 27.61
CA THR A 457 -1.03 -10.88 27.05
C THR A 457 -2.35 -10.50 26.34
N GLU A 458 -2.64 -9.22 26.14
CA GLU A 458 -3.83 -8.77 25.37
C GLU A 458 -3.72 -9.17 23.88
N VAL A 459 -2.51 -9.47 23.40
CA VAL A 459 -2.20 -9.74 21.97
C VAL A 459 -1.39 -11.03 21.84
N LEU A 460 -1.26 -11.58 20.63
CA LEU A 460 -0.46 -12.81 20.39
C LEU A 460 0.93 -12.46 19.87
N TRP A 461 1.18 -11.22 19.49
CA TRP A 461 2.46 -10.83 18.81
C TRP A 461 3.44 -10.13 19.77
N THR A 462 4.68 -9.97 19.33
CA THR A 462 5.71 -9.15 19.99
C THR A 462 6.34 -8.24 18.93
N SER A 463 6.48 -6.94 19.18
CA SER A 463 7.09 -6.01 18.19
C SER A 463 7.65 -4.76 18.87
N ASN A 464 8.16 -3.80 18.09
CA ASN A 464 8.71 -2.56 18.69
C ASN A 464 8.41 -1.31 17.85
N SER A 465 8.38 -0.15 18.50
CA SER A 465 8.60 1.18 17.87
C SER A 465 10.03 1.63 18.20
N ILE A 466 10.45 2.81 17.75
CA ILE A 466 11.67 3.48 18.24
C ILE A 466 11.49 4.98 18.48
N VAL A 467 12.49 5.56 19.15
CA VAL A 467 12.66 7.03 19.34
C VAL A 467 14.14 7.34 19.38
N VAL A 468 14.52 8.51 18.85
CA VAL A 468 15.94 8.86 18.59
C VAL A 468 16.26 10.28 19.06
N PHE A 469 17.43 10.49 19.68
CA PHE A 469 17.89 11.75 20.29
C PHE A 469 19.33 12.06 19.92
N CYS A 470 19.71 13.33 19.78
CA CYS A 470 21.09 13.72 19.41
C CYS A 470 21.66 14.75 20.39
N GLY A 471 22.96 14.70 20.60
CA GLY A 471 23.68 15.64 21.46
C GLY A 471 23.68 17.07 20.96
N THR A 472 23.47 18.01 21.87
CA THR A 472 23.35 19.46 21.58
C THR A 472 24.32 20.21 22.49
N SER A 473 24.85 21.32 22.01
CA SER A 473 25.63 22.29 22.81
C SER A 473 24.74 23.45 23.24
N GLY A 474 23.51 23.53 22.75
CA GLY A 474 22.54 24.58 23.09
C GLY A 474 21.77 24.24 24.35
N THR A 475 20.47 24.54 24.35
CA THR A 475 19.60 24.36 25.55
C THR A 475 18.33 23.59 25.17
N TYR A 476 17.64 23.07 26.17
CA TYR A 476 16.55 22.11 26.00
C TYR A 476 15.63 22.13 27.23
N GLY A 477 14.44 21.61 27.08
CA GLY A 477 13.42 21.57 28.15
C GLY A 477 13.13 20.15 28.59
N THR A 478 11.87 19.75 28.69
CA THR A 478 11.43 18.44 29.25
C THR A 478 10.24 17.84 28.46
N GLY A 479 10.03 16.53 28.62
CA GLY A 479 8.92 15.77 28.03
C GLY A 479 9.03 14.28 28.32
N SER A 480 8.18 13.49 27.69
CA SER A 480 8.25 12.01 27.64
C SER A 480 7.68 11.54 26.31
N TRP A 481 8.34 10.62 25.63
CA TRP A 481 7.93 10.17 24.28
C TRP A 481 7.77 8.65 24.23
N PRO A 482 6.71 8.08 24.81
CA PRO A 482 6.47 6.64 24.80
C PRO A 482 5.96 6.11 23.46
N ASP A 483 5.65 4.82 23.41
CA ASP A 483 5.21 4.11 22.19
C ASP A 483 3.84 4.64 21.78
N GLY A 484 2.85 4.59 22.68
CA GLY A 484 1.58 5.28 22.47
C GLY A 484 0.55 4.45 21.75
N ALA A 485 0.77 3.16 21.49
CA ALA A 485 -0.31 2.28 20.98
C ALA A 485 -1.23 1.79 22.11
N ASP A 486 -2.52 1.57 21.80
CA ASP A 486 -3.52 1.03 22.76
C ASP A 486 -3.82 -0.45 22.48
N LEU A 487 -3.11 -1.35 23.16
CA LEU A 487 -3.21 -2.81 22.86
C LEU A 487 -4.58 -3.37 23.24
N ASN A 488 -5.37 -2.65 24.02
CA ASN A 488 -6.73 -3.09 24.37
C ASN A 488 -7.68 -3.01 23.15
N LEU A 489 -7.35 -2.21 22.14
CA LEU A 489 -8.25 -1.90 20.99
C LEU A 489 -7.81 -2.61 19.72
N MET A 490 -6.51 -2.69 19.46
CA MET A 490 -6.01 -3.10 18.14
C MET A 490 -5.97 -4.63 17.99
N PRO A 491 -5.74 -5.16 16.75
CA PRO A 491 -5.81 -6.59 16.46
C PRO A 491 -4.91 -7.50 17.31
N ILE A 492 -5.50 -8.63 17.71
CA ILE A 492 -4.92 -9.64 18.64
C ILE A 492 -3.87 -10.47 17.90
N GLN B 1 7.02 -46.79 27.52
CA GLN B 1 6.91 -45.38 28.06
C GLN B 1 8.25 -44.65 27.87
N VAL B 2 8.23 -43.32 27.95
CA VAL B 2 9.40 -42.39 27.78
C VAL B 2 10.53 -42.69 28.78
N HIS B 3 10.21 -43.11 30.01
CA HIS B 3 10.98 -42.89 31.26
C HIS B 3 12.49 -43.07 31.15
N LEU B 4 13.21 -42.25 31.92
CA LEU B 4 14.69 -42.20 31.99
C LEU B 4 15.23 -43.43 32.73
N VAL B 5 16.36 -43.97 32.28
CA VAL B 5 17.08 -45.09 32.96
C VAL B 5 18.55 -44.70 33.13
N GLN B 6 19.07 -44.83 34.35
CA GLN B 6 20.43 -44.38 34.71
C GLN B 6 21.44 -45.55 34.78
N SER B 7 22.73 -45.22 34.71
CA SER B 7 23.87 -46.15 34.96
C SER B 7 23.98 -46.53 36.46
N GLY B 8 24.64 -47.65 36.76
CA GLY B 8 24.81 -48.20 38.13
C GLY B 8 25.75 -47.41 39.03
N ALA B 9 25.74 -47.73 40.33
CA ALA B 9 26.51 -47.05 41.41
C ALA B 9 28.04 -47.22 41.25
N GLU B 10 28.84 -46.35 41.89
CA GLU B 10 30.32 -46.37 41.78
C GLU B 10 31.04 -45.97 43.09
N VAL B 11 32.23 -46.56 43.28
CA VAL B 11 33.28 -46.04 44.22
C VAL B 11 34.48 -45.56 43.40
N LYS B 12 34.96 -44.35 43.67
CA LYS B 12 36.14 -43.76 42.95
C LYS B 12 37.11 -43.16 43.98
N GLU B 13 38.41 -43.20 43.69
CA GLU B 13 39.45 -42.59 44.58
C GLU B 13 39.44 -41.08 44.42
N PRO B 14 39.81 -40.29 45.47
CA PRO B 14 40.00 -38.85 45.33
C PRO B 14 40.97 -38.47 44.19
N GLY B 15 40.72 -37.32 43.57
CA GLY B 15 41.47 -36.84 42.39
C GLY B 15 41.07 -37.50 41.07
N SER B 16 40.25 -38.55 41.10
CA SER B 16 39.73 -39.25 39.89
C SER B 16 38.58 -38.47 39.23
N SER B 17 38.04 -39.02 38.14
CA SER B 17 36.78 -38.55 37.49
C SER B 17 35.76 -39.69 37.39
N VAL B 18 34.48 -39.35 37.29
CA VAL B 18 33.37 -40.34 37.13
C VAL B 18 32.50 -39.94 35.93
N THR B 19 32.02 -40.94 35.20
CA THR B 19 30.98 -40.76 34.14
C THR B 19 29.68 -41.39 34.63
N VAL B 20 28.59 -40.64 34.56
CA VAL B 20 27.21 -41.14 34.79
C VAL B 20 26.44 -40.97 33.47
N SER B 21 25.48 -41.83 33.18
CA SER B 21 24.70 -41.72 31.93
C SER B 21 23.21 -41.96 32.17
N CYS B 22 22.40 -41.44 31.26
CA CYS B 22 20.92 -41.39 31.36
C CYS B 22 20.33 -41.60 29.97
N LYS B 23 19.43 -42.58 29.81
CA LYS B 23 18.88 -43.00 28.50
C LYS B 23 17.34 -43.00 28.54
N ALA B 24 16.68 -42.54 27.47
CA ALA B 24 15.20 -42.54 27.37
C ALA B 24 14.71 -43.91 26.88
N SER B 25 13.82 -44.56 27.65
CA SER B 25 13.24 -45.88 27.30
C SER B 25 12.41 -45.83 26.01
N GLY B 26 11.79 -44.69 25.70
CA GLY B 26 10.92 -44.55 24.51
C GLY B 26 11.65 -44.19 23.22
N GLY B 27 12.98 -44.00 23.24
CA GLY B 27 13.74 -43.45 22.10
C GLY B 27 13.45 -41.97 21.84
N SER B 28 12.69 -41.31 22.71
CA SER B 28 11.96 -40.05 22.40
C SER B 28 12.73 -38.82 22.95
N PHE B 29 13.99 -38.65 22.57
CA PHE B 29 14.71 -37.37 22.79
C PHE B 29 14.17 -36.29 21.83
N ASN B 30 13.06 -35.66 22.21
CA ASN B 30 12.68 -34.30 21.74
C ASN B 30 13.62 -33.28 22.40
N ASN B 31 13.48 -31.98 22.10
CA ASN B 31 14.52 -31.01 22.52
C ASN B 31 14.35 -30.55 23.98
N GLN B 32 13.42 -31.13 24.77
CA GLN B 32 13.31 -30.79 26.23
C GLN B 32 14.60 -31.12 26.99
N ALA B 33 15.13 -30.17 27.75
CA ALA B 33 16.48 -30.26 28.37
C ALA B 33 16.54 -31.42 29.37
N ILE B 34 17.65 -32.15 29.35
CA ILE B 34 17.98 -33.17 30.38
C ILE B 34 18.96 -32.53 31.37
N SER B 35 18.63 -32.61 32.65
CA SER B 35 19.27 -31.86 33.75
C SER B 35 19.80 -32.83 34.81
N TRP B 36 20.88 -32.45 35.48
CA TRP B 36 21.47 -33.26 36.57
C TRP B 36 21.29 -32.53 37.91
N VAL B 37 20.76 -33.24 38.88
CA VAL B 37 20.48 -32.72 40.25
C VAL B 37 21.03 -33.74 41.25
N ARG B 38 21.71 -33.27 42.30
CA ARG B 38 22.31 -34.20 43.30
C ARG B 38 21.77 -33.96 44.71
N GLN B 39 21.89 -35.01 45.52
CA GLN B 39 21.41 -35.06 46.91
C GLN B 39 22.47 -35.74 47.77
N ALA B 40 23.23 -34.95 48.53
CA ALA B 40 24.18 -35.45 49.55
C ALA B 40 23.38 -36.03 50.73
N PRO B 41 23.94 -36.99 51.51
CA PRO B 41 23.20 -37.61 52.62
C PRO B 41 22.65 -36.61 53.66
N GLY B 42 21.34 -36.72 53.93
CA GLY B 42 20.60 -35.89 54.90
C GLY B 42 20.59 -34.40 54.55
N GLN B 43 20.63 -34.07 53.26
CA GLN B 43 20.82 -32.66 52.78
C GLN B 43 19.90 -32.35 51.58
N GLY B 44 19.71 -31.05 51.30
CA GLY B 44 18.81 -30.53 50.25
C GLY B 44 19.28 -30.80 48.82
N LEU B 45 18.39 -30.56 47.86
CA LEU B 45 18.62 -30.77 46.40
C LEU B 45 19.52 -29.66 45.83
N GLU B 46 20.33 -30.01 44.84
CA GLU B 46 21.35 -29.09 44.24
C GLU B 46 21.42 -29.31 42.72
N TRP B 47 21.06 -28.29 41.94
CA TRP B 47 21.13 -28.34 40.46
C TRP B 47 22.58 -28.19 40.02
N MET B 48 23.04 -29.01 39.07
CA MET B 48 24.44 -28.99 38.58
C MET B 48 24.55 -28.46 37.15
N GLY B 49 23.55 -28.70 36.31
CA GLY B 49 23.61 -28.35 34.88
C GLY B 49 22.66 -29.16 34.03
N GLY B 50 22.85 -29.10 32.71
CA GLY B 50 21.95 -29.77 31.75
C GLY B 50 22.34 -29.50 30.30
N ILE B 51 21.62 -30.14 29.38
CA ILE B 51 21.82 -29.94 27.92
C ILE B 51 20.49 -30.18 27.17
N PHE B 52 20.26 -29.44 26.07
CA PHE B 52 19.17 -29.74 25.11
C PHE B 52 19.63 -30.89 24.21
N PRO B 53 18.91 -32.05 24.16
CA PRO B 53 19.39 -33.22 23.39
C PRO B 53 19.63 -33.03 21.88
N ILE B 54 18.89 -32.16 21.20
CA ILE B 54 19.06 -31.94 19.73
C ILE B 54 19.89 -30.67 19.50
N SER B 55 19.47 -29.51 20.03
CA SER B 55 20.12 -28.20 19.72
C SER B 55 21.46 -28.07 20.45
N GLY B 56 21.71 -28.84 21.50
CA GLY B 56 23.08 -29.11 21.99
C GLY B 56 23.72 -27.98 22.76
N THR B 57 22.98 -27.03 23.33
CA THR B 57 23.55 -25.97 24.22
C THR B 57 23.68 -26.51 25.63
N PRO B 58 24.90 -26.75 26.19
CA PRO B 58 25.06 -27.15 27.59
C PRO B 58 25.05 -25.97 28.56
N THR B 59 24.78 -26.24 29.84
CA THR B 59 24.83 -25.21 30.91
C THR B 59 25.22 -25.85 32.25
N SER B 60 25.94 -25.10 33.10
CA SER B 60 26.53 -25.63 34.36
C SER B 60 26.42 -24.63 35.52
N ALA B 61 26.15 -25.13 36.72
CA ALA B 61 26.05 -24.32 37.95
C ALA B 61 27.43 -23.79 38.34
N GLN B 62 27.50 -22.60 38.93
CA GLN B 62 28.77 -21.83 39.08
C GLN B 62 29.79 -22.60 39.92
N ARG B 63 29.34 -23.27 40.99
CA ARG B 63 30.19 -24.07 41.91
C ARG B 63 30.90 -25.24 41.19
N PHE B 64 30.37 -25.73 40.08
CA PHE B 64 30.87 -26.93 39.37
C PHE B 64 31.55 -26.55 38.04
N GLN B 65 31.65 -25.27 37.69
CA GLN B 65 31.79 -24.83 36.28
C GLN B 65 33.10 -25.31 35.64
N GLY B 66 34.20 -25.39 36.41
CA GLY B 66 35.50 -25.92 35.93
C GLY B 66 35.59 -27.44 35.94
N ARG B 67 34.73 -28.12 36.74
CA ARG B 67 34.88 -29.56 37.08
C ARG B 67 34.00 -30.47 36.21
N VAL B 68 32.90 -29.96 35.63
CA VAL B 68 31.82 -30.82 35.04
C VAL B 68 31.71 -30.55 33.54
N THR B 69 31.35 -31.58 32.78
CA THR B 69 30.96 -31.45 31.36
C THR B 69 29.80 -32.40 31.03
N PHE B 70 28.96 -31.99 30.08
CA PHE B 70 27.76 -32.73 29.61
C PHE B 70 27.88 -32.93 28.10
N THR B 71 27.43 -34.08 27.61
CA THR B 71 27.38 -34.38 26.16
C THR B 71 26.23 -35.34 25.87
N ALA B 72 25.80 -35.41 24.62
CA ALA B 72 24.58 -36.17 24.25
C ALA B 72 24.74 -36.86 22.90
N ASP B 73 24.01 -37.96 22.73
CA ASP B 73 23.97 -38.73 21.45
C ASP B 73 22.55 -39.26 21.22
N GLU B 74 21.93 -38.85 20.12
CA GLU B 74 20.59 -39.34 19.71
C GLU B 74 20.62 -40.84 19.37
N SER B 75 21.75 -41.37 18.87
CA SER B 75 21.86 -42.77 18.37
C SER B 75 21.73 -43.75 19.54
N THR B 76 22.55 -43.60 20.58
CA THR B 76 22.36 -44.30 21.88
C THR B 76 21.18 -43.69 22.65
N THR B 77 20.63 -42.55 22.20
CA THR B 77 19.55 -41.77 22.86
C THR B 77 19.91 -41.57 24.35
N THR B 78 21.12 -41.11 24.58
CA THR B 78 21.74 -41.07 25.93
C THR B 78 22.44 -39.72 26.15
N VAL B 79 22.31 -39.19 27.36
CA VAL B 79 23.09 -38.03 27.84
C VAL B 79 24.14 -38.55 28.83
N TYR B 80 25.36 -38.04 28.71
CA TYR B 80 26.52 -38.44 29.52
C TYR B 80 26.99 -37.23 30.33
N MET B 81 27.20 -37.44 31.62
CA MET B 81 27.71 -36.38 32.54
C MET B 81 29.04 -36.83 33.16
N ASP B 82 30.09 -36.04 32.98
CA ASP B 82 31.45 -36.33 33.52
C ASP B 82 31.79 -35.32 34.63
N LEU B 83 32.11 -35.82 35.82
CA LEU B 83 32.48 -34.99 36.98
C LEU B 83 33.94 -35.31 37.33
N SER B 84 34.80 -34.29 37.32
CA SER B 84 36.27 -34.44 37.46
C SER B 84 36.80 -33.94 38.82
N SER B 85 38.07 -34.25 39.13
CA SER B 85 38.80 -33.81 40.35
C SER B 85 37.98 -34.11 41.60
N LEU B 86 37.55 -35.38 41.73
CA LEU B 86 36.64 -35.86 42.79
C LEU B 86 37.24 -35.67 44.20
N ARG B 87 36.37 -35.41 45.17
CA ARG B 87 36.71 -35.34 46.62
C ARG B 87 35.60 -36.02 47.45
N SER B 88 35.90 -36.36 48.71
CA SER B 88 34.97 -37.09 49.62
C SER B 88 33.58 -36.45 49.65
N ASP B 89 33.53 -35.11 49.65
CA ASP B 89 32.32 -34.26 49.69
C ASP B 89 31.36 -34.53 48.51
N ASP B 90 31.86 -35.01 47.37
CA ASP B 90 31.04 -35.35 46.18
C ASP B 90 30.23 -36.65 46.40
N THR B 91 30.37 -37.34 47.52
CA THR B 91 29.52 -38.52 47.85
C THR B 91 28.05 -38.09 47.92
N ALA B 92 27.24 -38.55 46.95
CA ALA B 92 25.82 -38.14 46.82
C ALA B 92 25.07 -39.09 45.87
N VAL B 93 23.75 -39.06 45.92
CA VAL B 93 22.90 -39.61 44.83
C VAL B 93 22.79 -38.56 43.73
N TYR B 94 23.06 -38.95 42.49
CA TYR B 94 22.96 -38.11 41.28
C TYR B 94 21.74 -38.56 40.47
N TYR B 95 20.76 -37.67 40.26
CA TYR B 95 19.58 -37.95 39.42
C TYR B 95 19.70 -37.21 38.08
N CYS B 96 19.34 -37.87 36.99
CA CYS B 96 18.93 -37.14 35.76
C CYS B 96 17.44 -36.83 35.86
N ALA B 97 17.03 -35.70 35.27
CA ALA B 97 15.60 -35.29 35.19
C ALA B 97 15.34 -34.54 33.88
N ARG B 98 14.08 -34.51 33.46
CA ARG B 98 13.65 -33.88 32.18
C ARG B 98 12.90 -32.59 32.51
N ALA B 99 13.39 -31.47 31.97
CA ALA B 99 12.82 -30.12 32.19
C ALA B 99 11.63 -29.85 31.27
N GLY B 100 10.72 -28.96 31.69
CA GLY B 100 9.65 -28.42 30.83
C GLY B 100 10.16 -27.48 29.72
N SER B 101 11.45 -27.22 29.64
CA SER B 101 12.08 -26.18 28.80
C SER B 101 12.73 -26.80 27.56
N ASP B 102 12.56 -26.18 26.38
CA ASP B 102 13.08 -26.75 25.11
C ASP B 102 13.65 -25.70 24.14
N TYR B 103 13.84 -24.45 24.57
CA TYR B 103 14.48 -23.38 23.77
C TYR B 103 15.17 -22.38 24.70
N PHE B 104 16.29 -21.84 24.28
CA PHE B 104 17.03 -20.75 24.94
C PHE B 104 17.04 -19.52 24.02
N ASN B 105 16.53 -18.42 24.52
CA ASN B 105 16.52 -17.10 23.83
C ASN B 105 17.73 -16.28 24.23
N ARG B 106 18.55 -15.82 23.29
CA ARG B 106 19.79 -15.02 23.59
C ARG B 106 19.53 -13.92 24.63
N ASP B 107 18.42 -13.22 24.47
CA ASP B 107 18.11 -12.03 25.25
C ASP B 107 17.31 -12.41 26.49
N LEU B 108 16.25 -13.19 26.35
CA LEU B 108 15.27 -13.39 27.44
C LEU B 108 15.65 -14.57 28.35
N GLY B 109 16.62 -15.43 27.99
CA GLY B 109 16.96 -16.62 28.78
C GLY B 109 15.98 -17.81 28.63
N TRP B 110 15.70 -18.54 29.71
CA TRP B 110 14.96 -19.83 29.68
C TRP B 110 13.53 -19.66 30.14
N GLU B 111 12.69 -20.66 29.88
CA GLU B 111 11.27 -20.66 30.31
C GLU B 111 10.81 -22.07 30.66
N ASN B 112 9.94 -22.21 31.66
CA ASN B 112 9.42 -23.51 32.20
C ASN B 112 10.57 -24.43 32.64
N TYR B 113 11.63 -23.94 33.27
CA TYR B 113 12.72 -24.83 33.76
C TYR B 113 12.36 -25.41 35.13
N TYR B 114 11.37 -26.30 35.13
CA TYR B 114 11.04 -27.19 36.26
C TYR B 114 11.10 -28.64 35.80
N PHE B 115 11.33 -29.56 36.75
CA PHE B 115 11.66 -30.98 36.47
C PHE B 115 10.39 -31.81 36.52
N ALA B 116 9.95 -32.34 35.39
CA ALA B 116 8.66 -33.06 35.28
C ALA B 116 8.80 -34.54 35.63
N SER B 117 9.92 -35.16 35.23
CA SER B 117 10.18 -36.62 35.35
C SER B 117 11.64 -36.88 35.70
N TRP B 118 11.88 -37.92 36.50
CA TRP B 118 13.19 -38.21 37.14
C TRP B 118 13.64 -39.64 36.86
N GLY B 119 14.96 -39.85 36.76
CA GLY B 119 15.58 -41.18 36.78
C GLY B 119 15.59 -41.83 38.16
N GLN B 120 16.22 -43.00 38.27
CA GLN B 120 16.25 -43.84 39.50
C GLN B 120 17.17 -43.24 40.56
N GLY B 121 18.11 -42.37 40.18
CA GLY B 121 19.24 -41.93 41.02
C GLY B 121 20.39 -42.94 41.02
N THR B 122 21.62 -42.45 40.87
CA THR B 122 22.87 -43.24 40.91
C THR B 122 23.66 -42.82 42.15
N LEU B 123 24.00 -43.73 43.06
CA LEU B 123 24.90 -43.40 44.19
C LEU B 123 26.35 -43.40 43.71
N VAL B 124 27.03 -42.27 43.85
CA VAL B 124 28.51 -42.18 43.67
C VAL B 124 29.13 -41.86 45.03
N THR B 125 30.18 -42.59 45.41
CA THR B 125 30.95 -42.26 46.63
C THR B 125 32.45 -42.17 46.32
N VAL B 126 33.10 -41.23 46.97
CA VAL B 126 34.55 -40.96 46.76
C VAL B 126 35.30 -41.40 48.01
N SER B 127 36.20 -42.39 47.86
CA SER B 127 36.94 -43.01 48.99
C SER B 127 38.15 -43.80 48.50
N SER B 128 39.12 -44.02 49.39
CA SER B 128 40.30 -44.91 49.16
C SER B 128 39.95 -46.37 49.47
N ALA B 129 38.92 -46.63 50.28
CA ALA B 129 38.58 -47.98 50.82
C ALA B 129 38.17 -48.97 49.72
N SER B 130 38.52 -50.25 49.89
CA SER B 130 38.27 -51.37 48.94
C SER B 130 36.78 -51.69 48.86
N GLU C 1 22.04 -16.94 43.99
CA GLU C 1 21.60 -15.52 43.75
C GLU C 1 20.21 -15.30 44.39
N ILE C 2 19.11 -15.76 43.78
CA ILE C 2 17.78 -15.71 44.45
C ILE C 2 17.73 -16.81 45.52
N VAL C 3 17.40 -16.43 46.76
CA VAL C 3 17.36 -17.35 47.93
C VAL C 3 15.91 -17.71 48.25
N MET C 4 15.67 -19.00 48.43
CA MET C 4 14.33 -19.54 48.78
C MET C 4 14.33 -19.96 50.24
N THR C 5 13.42 -19.39 51.04
CA THR C 5 13.27 -19.68 52.49
C THR C 5 11.94 -20.40 52.71
N GLN C 6 11.97 -21.58 53.32
CA GLN C 6 10.76 -22.44 53.45
C GLN C 6 10.45 -22.70 54.92
N SER C 7 9.19 -22.64 55.33
CA SER C 7 8.81 -22.80 56.77
C SER C 7 7.38 -23.32 56.92
N PRO C 8 7.05 -24.05 58.03
CA PRO C 8 8.01 -24.49 59.07
C PRO C 8 9.06 -25.51 58.61
N ALA C 9 10.09 -25.76 59.42
CA ALA C 9 11.16 -26.74 59.15
C ALA C 9 10.61 -28.17 59.29
N THR C 10 9.86 -28.43 60.36
CA THR C 10 9.14 -29.72 60.57
C THR C 10 7.69 -29.42 60.98
N LEU C 11 6.77 -30.23 60.48
CA LEU C 11 5.32 -30.12 60.80
C LEU C 11 4.80 -31.51 61.21
N SER C 12 4.01 -31.60 62.26
CA SER C 12 3.36 -32.88 62.66
C SER C 12 1.92 -32.65 63.11
N LEU C 13 1.01 -33.42 62.51
CA LEU C 13 -0.46 -33.31 62.67
C LEU C 13 -1.09 -34.71 62.56
N SER C 14 -2.27 -34.90 63.14
CA SER C 14 -3.03 -36.17 63.05
C SER C 14 -3.70 -36.30 61.67
N SER C 15 -4.03 -37.54 61.28
CA SER C 15 -4.82 -37.83 60.05
C SER C 15 -6.22 -37.19 60.11
N GLY C 16 -6.81 -36.94 58.95
CA GLY C 16 -8.19 -36.38 58.83
C GLY C 16 -8.24 -34.87 59.06
N GLU C 17 -7.09 -34.16 59.03
CA GLU C 17 -7.03 -32.68 59.29
C GLU C 17 -6.20 -31.97 58.22
N ARG C 18 -6.35 -30.65 58.13
CA ARG C 18 -5.64 -29.79 57.13
C ARG C 18 -4.22 -29.45 57.60
N ALA C 19 -3.28 -29.41 56.65
CA ALA C 19 -1.86 -29.02 56.85
C ALA C 19 -1.47 -27.91 55.86
N THR C 20 -0.63 -26.95 56.27
CA THR C 20 -0.22 -25.80 55.41
C THR C 20 1.30 -25.56 55.51
N LEU C 21 1.93 -25.32 54.36
CA LEU C 21 3.40 -25.13 54.18
C LEU C 21 3.62 -23.80 53.44
N SER C 22 4.72 -23.10 53.71
CA SER C 22 4.97 -21.75 53.12
C SER C 22 6.39 -21.61 52.58
N CYS C 23 6.55 -20.76 51.56
CA CYS C 23 7.86 -20.49 50.90
C CYS C 23 7.95 -18.99 50.54
N ARG C 24 9.15 -18.42 50.65
CA ARG C 24 9.43 -16.98 50.39
C ARG C 24 10.68 -16.85 49.52
N ALA C 25 10.65 -15.92 48.56
CA ALA C 25 11.77 -15.65 47.63
C ALA C 25 12.38 -14.27 47.92
N SER C 26 13.71 -14.18 47.98
CA SER C 26 14.47 -12.94 48.31
C SER C 26 14.25 -11.81 47.28
N ARG C 27 13.80 -12.13 46.05
CA ARG C 27 13.22 -11.18 45.08
C ARG C 27 11.96 -11.79 44.47
N SER C 28 11.10 -10.99 43.85
CA SER C 28 9.81 -11.48 43.29
C SER C 28 10.06 -12.42 42.09
N VAL C 29 9.50 -13.63 42.16
CA VAL C 29 9.65 -14.67 41.11
C VAL C 29 8.37 -14.81 40.26
N SER C 30 7.39 -13.91 40.40
CA SER C 30 6.26 -13.70 39.46
C SER C 30 5.57 -15.01 39.01
N SER C 31 5.25 -15.89 39.96
CA SER C 31 4.51 -17.17 39.73
C SER C 31 5.40 -18.27 39.12
N ASN C 32 6.70 -18.06 38.86
CA ASN C 32 7.63 -19.10 38.34
C ASN C 32 8.08 -19.98 39.51
N LEU C 33 7.14 -20.73 40.11
CA LEU C 33 7.38 -21.46 41.38
C LEU C 33 6.78 -22.86 41.27
N ALA C 34 7.53 -23.87 41.69
CA ALA C 34 7.06 -25.28 41.72
C ALA C 34 7.25 -25.89 43.11
N TRP C 35 6.47 -26.92 43.41
CA TRP C 35 6.61 -27.74 44.65
C TRP C 35 6.89 -29.20 44.28
N TYR C 36 7.78 -29.83 45.04
CA TYR C 36 8.08 -31.28 44.93
C TYR C 36 7.79 -32.01 46.24
N GLN C 37 7.33 -33.25 46.12
CA GLN C 37 7.25 -34.21 47.25
C GLN C 37 8.33 -35.28 47.06
N GLN C 38 9.06 -35.62 48.12
CA GLN C 38 9.98 -36.78 48.10
C GLN C 38 9.57 -37.73 49.24
N LYS C 39 9.16 -38.94 48.87
CA LYS C 39 8.85 -40.04 49.81
C LYS C 39 10.18 -40.74 50.16
N PRO C 40 10.36 -41.27 51.40
CA PRO C 40 11.65 -41.82 51.80
C PRO C 40 12.20 -42.94 50.88
N GLY C 41 13.48 -42.81 50.52
CA GLY C 41 14.23 -43.78 49.69
C GLY C 41 13.85 -43.75 48.20
N GLN C 42 13.27 -42.65 47.71
CA GLN C 42 12.83 -42.53 46.28
C GLN C 42 13.27 -41.19 45.67
N ALA C 43 13.29 -41.13 44.34
CA ALA C 43 13.49 -39.87 43.57
C ALA C 43 12.34 -38.89 43.86
N PRO C 44 12.55 -37.56 43.82
CA PRO C 44 11.46 -36.61 44.04
C PRO C 44 10.36 -36.73 42.97
N ARG C 45 9.20 -36.14 43.25
CA ARG C 45 8.05 -36.12 42.31
C ARG C 45 7.44 -34.70 42.27
N LEU C 46 7.16 -34.21 41.06
CA LEU C 46 6.56 -32.86 40.88
C LEU C 46 5.11 -32.87 41.40
N LEU C 47 4.78 -31.92 42.28
CA LEU C 47 3.44 -31.85 42.91
C LEU C 47 2.64 -30.70 42.27
N ILE C 48 3.22 -29.50 42.22
CA ILE C 48 2.55 -28.29 41.65
C ILE C 48 3.55 -27.49 40.81
N TYR C 49 3.05 -26.79 39.79
CA TYR C 49 3.86 -25.84 38.98
C TYR C 49 3.05 -24.56 38.71
N ASP C 50 3.75 -23.52 38.29
CA ASP C 50 3.25 -22.12 38.15
C ASP C 50 2.46 -21.70 39.39
N ALA C 51 2.89 -22.13 40.58
CA ALA C 51 2.30 -21.85 41.91
C ALA C 51 0.84 -22.33 42.04
N SER C 52 0.20 -22.89 41.01
CA SER C 52 -1.28 -22.81 40.86
C SER C 52 -1.93 -24.10 40.33
N THR C 53 -1.19 -24.99 39.66
CA THR C 53 -1.77 -26.16 38.96
C THR C 53 -1.04 -27.45 39.39
N ARG C 54 -1.78 -28.54 39.59
CA ARG C 54 -1.22 -29.77 40.22
C ARG C 54 -1.00 -30.86 39.16
N ALA C 55 0.09 -31.61 39.32
CA ALA C 55 0.52 -32.69 38.41
C ALA C 55 -0.45 -33.88 38.47
N THR C 56 -0.41 -34.72 37.44
CA THR C 56 -1.36 -35.85 37.19
C THR C 56 -1.46 -36.82 38.37
N GLY C 57 -0.39 -37.00 39.16
CA GLY C 57 -0.36 -37.99 40.26
C GLY C 57 -1.18 -37.58 41.48
N PHE C 58 -1.68 -36.34 41.56
CA PHE C 58 -2.22 -35.75 42.82
C PHE C 58 -3.65 -35.20 42.60
N SER C 59 -4.46 -35.27 43.65
CA SER C 59 -5.93 -34.98 43.60
C SER C 59 -6.29 -33.63 44.25
N ALA C 60 -7.57 -33.30 44.20
CA ALA C 60 -8.17 -32.01 44.65
C ALA C 60 -7.80 -31.63 46.10
N ARG C 61 -7.34 -32.58 46.91
CA ARG C 61 -6.92 -32.32 48.32
C ARG C 61 -5.63 -31.49 48.40
N PHE C 62 -4.86 -31.37 47.32
CA PHE C 62 -3.65 -30.52 47.26
C PHE C 62 -3.96 -29.22 46.52
N ALA C 63 -3.59 -28.09 47.12
CA ALA C 63 -3.86 -26.74 46.55
C ALA C 63 -2.64 -25.82 46.71
N GLY C 64 -2.35 -25.05 45.66
CA GLY C 64 -1.32 -24.00 45.64
C GLY C 64 -1.90 -22.61 45.73
N SER C 65 -1.13 -21.66 46.26
CA SER C 65 -1.58 -20.26 46.49
C SER C 65 -0.39 -19.29 46.55
N GLY C 66 -0.66 -18.01 46.30
CA GLY C 66 0.33 -16.93 46.46
C GLY C 66 0.95 -16.47 45.15
N SER C 67 1.70 -15.36 45.21
CA SER C 67 2.34 -14.72 44.03
C SER C 67 3.44 -13.73 44.45
N GLY C 68 4.27 -13.31 43.50
CA GLY C 68 5.35 -12.35 43.73
C GLY C 68 6.48 -12.92 44.59
N THR C 69 6.43 -12.72 45.90
CA THR C 69 7.54 -13.03 46.84
C THR C 69 7.12 -14.05 47.92
N GLU C 70 5.82 -14.35 48.09
CA GLU C 70 5.35 -15.33 49.09
C GLU C 70 4.34 -16.33 48.49
N PHE C 71 4.51 -17.60 48.85
CA PHE C 71 3.79 -18.76 48.24
C PHE C 71 3.39 -19.74 49.32
N THR C 72 2.36 -20.54 49.03
CA THR C 72 1.76 -21.46 50.03
C THR C 72 1.24 -22.74 49.37
N LEU C 73 1.37 -23.86 50.08
CA LEU C 73 0.82 -25.17 49.71
C LEU C 73 -0.08 -25.64 50.86
N THR C 74 -1.25 -26.20 50.54
CA THR C 74 -2.18 -26.76 51.56
C THR C 74 -2.60 -28.17 51.17
N ILE C 75 -2.57 -29.07 52.16
CA ILE C 75 -3.02 -30.48 52.04
C ILE C 75 -4.28 -30.61 52.90
N SER C 76 -5.36 -31.15 52.32
CA SER C 76 -6.67 -31.33 53.01
C SER C 76 -6.85 -32.78 53.45
N SER C 77 -7.31 -32.99 54.69
CA SER C 77 -7.58 -34.32 55.29
C SER C 77 -6.36 -35.25 55.17
N LEU C 78 -5.33 -35.01 55.98
CA LEU C 78 -4.01 -35.72 55.95
C LEU C 78 -4.18 -37.25 56.09
N GLN C 79 -3.36 -38.01 55.35
CA GLN C 79 -3.43 -39.50 55.26
C GLN C 79 -2.02 -40.11 55.41
N SER C 80 -1.95 -41.41 55.74
CA SER C 80 -0.71 -42.15 56.10
C SER C 80 0.43 -41.95 55.07
N GLU C 81 0.09 -41.88 53.78
CA GLU C 81 1.09 -41.77 52.68
C GLU C 81 1.69 -40.35 52.57
N ASP C 82 1.12 -39.35 53.24
CA ASP C 82 1.59 -37.93 53.15
C ASP C 82 2.90 -37.72 53.93
N SER C 83 3.31 -38.67 54.77
CA SER C 83 4.55 -38.60 55.59
C SER C 83 5.78 -38.59 54.66
N ALA C 84 6.32 -37.40 54.41
CA ALA C 84 7.29 -37.11 53.32
C ALA C 84 7.98 -35.76 53.55
N ILE C 85 9.01 -35.48 52.76
CA ILE C 85 9.66 -34.13 52.75
C ILE C 85 9.24 -33.39 51.47
N TYR C 86 8.95 -32.09 51.61
CA TYR C 86 8.42 -31.22 50.53
C TYR C 86 9.38 -30.06 50.28
N TYR C 87 9.62 -29.69 49.02
CA TYR C 87 10.54 -28.58 48.66
C TYR C 87 9.87 -27.61 47.68
N CYS C 88 10.08 -26.32 47.84
CA CYS C 88 9.78 -25.32 46.78
C CYS C 88 11.00 -25.11 45.87
N GLN C 89 10.79 -24.69 44.61
CA GLN C 89 11.87 -24.34 43.64
C GLN C 89 11.42 -23.17 42.78
N GLN C 90 12.28 -22.19 42.55
CA GLN C 90 11.96 -21.10 41.59
C GLN C 90 12.59 -21.37 40.21
N TYR C 91 12.01 -20.78 39.16
CA TYR C 91 12.59 -20.86 37.79
C TYR C 91 12.40 -19.54 37.05
N ASN C 92 12.73 -18.43 37.69
CA ASN C 92 12.53 -17.08 37.11
C ASN C 92 13.68 -16.74 36.14
N ASN C 93 13.51 -17.11 34.87
CA ASN C 93 14.21 -16.60 33.66
C ASN C 93 15.68 -16.98 33.53
N TRP C 94 16.51 -16.95 34.58
CA TRP C 94 17.99 -17.08 34.44
C TRP C 94 18.57 -17.95 35.55
N PRO C 95 19.63 -18.76 35.28
CA PRO C 95 20.24 -19.61 36.30
C PRO C 95 20.88 -18.86 37.47
N PRO C 96 21.10 -19.50 38.63
CA PRO C 96 20.74 -20.90 38.89
C PRO C 96 19.32 -21.15 39.45
N TRP C 97 18.84 -22.37 39.27
CA TRP C 97 17.44 -22.76 39.57
C TRP C 97 17.33 -23.25 41.02
N THR C 98 17.39 -22.32 41.96
CA THR C 98 17.56 -22.63 43.41
C THR C 98 16.34 -23.30 44.02
N PHE C 99 16.58 -24.34 44.82
CA PHE C 99 15.54 -24.98 45.70
C PHE C 99 15.52 -24.33 47.08
N GLY C 100 14.38 -24.44 47.77
CA GLY C 100 14.29 -24.24 49.23
C GLY C 100 14.89 -25.41 50.01
N GLN C 101 15.13 -25.23 51.31
CA GLN C 101 15.83 -26.23 52.15
C GLN C 101 14.87 -27.38 52.54
N GLY C 102 13.56 -27.27 52.26
CA GLY C 102 12.56 -28.34 52.47
C GLY C 102 11.88 -28.32 53.85
N THR C 103 10.71 -28.95 53.93
CA THR C 103 9.87 -29.10 55.14
C THR C 103 9.51 -30.58 55.31
N LYS C 104 9.67 -31.15 56.50
CA LYS C 104 9.30 -32.56 56.75
C LYS C 104 7.91 -32.66 57.39
N VAL C 105 7.07 -33.56 56.89
CA VAL C 105 5.74 -33.89 57.48
C VAL C 105 5.81 -35.31 58.08
N GLU C 106 5.46 -35.45 59.36
CA GLU C 106 5.26 -36.78 60.00
C GLU C 106 3.95 -36.78 60.78
N ILE C 107 3.28 -37.93 60.81
CA ILE C 107 1.83 -37.99 61.15
C ILE C 107 1.67 -38.36 62.62
N LYS C 108 0.95 -37.51 63.37
CA LYS C 108 0.70 -37.67 64.83
C LYS C 108 -0.48 -38.64 65.04
N ARG C 109 -0.22 -39.93 64.84
CA ARG C 109 -1.15 -41.04 65.17
C ARG C 109 -1.20 -41.27 66.70
N THR C 110 -2.04 -42.21 67.13
CA THR C 110 -2.13 -42.68 68.55
C THR C 110 -0.80 -43.34 68.96
N ALA D 105 30.48 4.86 -19.54
CA ALA D 105 30.10 3.41 -19.48
C ALA D 105 30.70 2.64 -20.69
N GLU D 106 30.85 1.32 -20.52
CA GLU D 106 31.49 0.40 -21.51
C GLU D 106 30.69 -0.90 -21.55
N TYR D 107 30.78 -1.67 -22.63
CA TYR D 107 30.10 -3.00 -22.63
C TYR D 107 30.81 -3.97 -21.69
N ARG D 108 30.06 -4.92 -21.09
CA ARG D 108 30.68 -6.04 -20.33
C ARG D 108 31.49 -6.98 -21.23
N ASN D 109 32.59 -7.55 -20.71
CA ASN D 109 33.38 -8.60 -21.42
C ASN D 109 33.70 -9.86 -20.58
N TRP D 110 33.43 -9.91 -19.27
CA TRP D 110 33.61 -11.10 -18.39
C TRP D 110 35.01 -11.76 -18.51
N SER D 111 36.08 -11.04 -18.84
CA SER D 111 37.40 -11.65 -19.18
C SER D 111 38.25 -11.96 -17.92
N LYS D 112 37.74 -11.81 -16.71
CA LYS D 112 38.39 -12.29 -15.45
C LYS D 112 38.25 -13.80 -15.26
N PRO D 113 39.17 -14.47 -14.51
CA PRO D 113 39.05 -15.89 -14.17
C PRO D 113 37.93 -16.21 -13.20
N GLN D 114 37.51 -17.47 -13.15
CA GLN D 114 36.44 -17.94 -12.21
C GLN D 114 37.01 -18.04 -10.79
N CYS D 115 36.22 -17.65 -9.79
CA CYS D 115 36.63 -17.67 -8.36
C CYS D 115 36.79 -19.11 -7.83
N ASP D 116 37.66 -19.28 -6.82
CA ASP D 116 37.93 -20.59 -6.16
C ASP D 116 36.81 -20.95 -5.17
N ILE D 117 35.75 -21.57 -5.67
CA ILE D 117 34.57 -21.93 -4.83
C ILE D 117 34.89 -23.14 -3.94
N THR D 118 34.53 -23.08 -2.66
CA THR D 118 34.52 -24.22 -1.69
C THR D 118 33.09 -24.62 -1.31
N GLY D 119 32.10 -23.85 -1.71
CA GLY D 119 30.68 -24.11 -1.46
C GLY D 119 29.89 -22.84 -1.57
N PHE D 120 28.64 -22.86 -1.05
CA PHE D 120 27.69 -21.73 -1.21
C PHE D 120 27.21 -21.22 0.15
N ALA D 121 27.15 -19.90 0.32
CA ALA D 121 26.67 -19.19 1.54
C ALA D 121 25.36 -18.45 1.28
N PRO D 122 24.45 -18.24 2.26
CA PRO D 122 23.16 -17.58 1.99
C PRO D 122 23.33 -16.11 1.58
N PHE D 123 22.48 -15.64 0.68
CA PHE D 123 22.50 -14.25 0.15
C PHE D 123 21.12 -13.54 0.26
N SER D 124 19.96 -14.21 0.06
CA SER D 124 18.65 -13.49 0.05
C SER D 124 17.45 -14.41 0.10
N LYS D 125 16.32 -13.90 0.55
CA LYS D 125 15.03 -14.61 0.69
C LYS D 125 13.87 -13.62 0.64
N ASP D 126 12.69 -13.98 0.12
CA ASP D 126 11.67 -12.95 -0.25
C ASP D 126 10.47 -12.97 0.71
N ASN D 127 10.10 -14.11 1.24
CA ASN D 127 8.99 -14.28 2.21
C ASN D 127 7.61 -13.96 1.57
N SER D 128 7.47 -14.03 0.25
CA SER D 128 6.27 -13.58 -0.49
C SER D 128 4.95 -14.22 -0.03
N ILE D 129 4.90 -15.52 0.20
CA ILE D 129 3.60 -16.18 0.52
C ILE D 129 3.19 -15.81 1.97
N ARG D 130 4.12 -15.71 2.92
CA ARG D 130 3.80 -15.32 4.32
C ARG D 130 3.28 -13.87 4.36
N LEU D 131 3.94 -12.94 3.62
CA LEU D 131 3.47 -11.53 3.50
C LEU D 131 2.08 -11.46 2.83
N SER D 132 1.78 -12.33 1.86
CA SER D 132 0.49 -12.35 1.12
C SER D 132 -0.71 -12.55 2.03
N ALA D 133 -0.57 -13.18 3.19
CA ALA D 133 -1.71 -13.40 4.11
C ALA D 133 -2.14 -12.11 4.82
N GLY D 134 -1.43 -10.99 4.66
CA GLY D 134 -1.85 -9.68 5.19
C GLY D 134 -1.17 -8.55 4.44
N GLY D 135 -1.49 -8.38 3.16
CA GLY D 135 -0.78 -7.48 2.23
C GLY D 135 -1.14 -7.74 0.76
N ASP D 136 -0.93 -6.80 -0.15
CA ASP D 136 -1.31 -6.97 -1.59
C ASP D 136 -0.04 -7.37 -2.36
N ILE D 137 0.09 -8.69 -2.61
CA ILE D 137 1.28 -9.25 -3.31
C ILE D 137 0.83 -9.94 -4.60
N TRP D 138 1.65 -9.81 -5.67
CA TRP D 138 1.39 -10.45 -6.99
C TRP D 138 1.44 -11.99 -6.93
N VAL D 139 0.56 -12.71 -7.67
CA VAL D 139 0.72 -14.16 -8.00
C VAL D 139 1.73 -14.35 -9.12
N THR D 140 2.68 -15.27 -8.95
CA THR D 140 3.83 -15.44 -9.91
C THR D 140 4.22 -16.92 -10.08
N ARG D 141 4.98 -17.20 -11.14
CA ARG D 141 5.82 -18.43 -11.29
C ARG D 141 6.99 -18.13 -12.19
N GLU D 142 7.92 -19.06 -12.28
CA GLU D 142 9.11 -19.00 -13.20
C GLU D 142 9.93 -17.75 -12.90
N PRO D 143 10.44 -17.57 -11.65
CA PRO D 143 11.35 -16.46 -11.31
C PRO D 143 12.78 -16.64 -11.81
N TYR D 144 13.50 -15.54 -11.87
CA TYR D 144 14.97 -15.55 -12.08
C TYR D 144 15.63 -14.29 -11.51
N VAL D 145 16.95 -14.28 -11.43
CA VAL D 145 17.77 -13.16 -10.93
C VAL D 145 18.80 -12.78 -11.99
N SER D 146 19.09 -11.50 -12.09
CA SER D 146 20.12 -10.94 -12.99
C SER D 146 20.63 -9.61 -12.43
N CYS D 147 21.84 -9.18 -12.76
CA CYS D 147 22.48 -8.01 -12.11
C CYS D 147 22.98 -7.01 -13.15
N ASP D 148 22.79 -5.72 -12.91
CA ASP D 148 23.56 -4.67 -13.61
C ASP D 148 24.90 -4.49 -12.90
N PRO D 149 25.79 -3.59 -13.34
CA PRO D 149 27.10 -3.41 -12.67
C PRO D 149 27.04 -2.97 -11.20
N ASP D 150 25.93 -2.40 -10.75
CA ASP D 150 25.77 -1.86 -9.38
C ASP D 150 24.95 -2.80 -8.47
N LYS D 151 23.85 -3.38 -8.93
CA LYS D 151 22.97 -4.19 -8.05
C LYS D 151 22.15 -5.27 -8.80
N CYS D 152 21.56 -6.18 -8.04
CA CYS D 152 20.84 -7.34 -8.59
C CYS D 152 19.32 -7.13 -8.55
N TYR D 153 18.64 -7.68 -9.54
CA TYR D 153 17.20 -7.55 -9.73
C TYR D 153 16.57 -8.93 -9.76
N GLN D 154 15.35 -9.02 -9.25
CA GLN D 154 14.53 -10.23 -9.31
C GLN D 154 13.44 -10.04 -10.36
N PHE D 155 13.20 -11.06 -11.16
CA PHE D 155 12.19 -11.09 -12.24
C PHE D 155 11.22 -12.22 -12.00
N ALA D 156 10.00 -12.09 -12.51
CA ALA D 156 9.02 -13.19 -12.51
C ALA D 156 7.92 -12.97 -13.55
N LEU D 157 7.17 -14.03 -13.88
CA LEU D 157 6.02 -13.92 -14.80
C LEU D 157 4.80 -13.81 -13.94
N GLY D 158 4.17 -12.62 -13.91
CA GLY D 158 2.93 -12.43 -13.16
C GLY D 158 1.75 -13.15 -13.79
N GLN D 159 0.69 -13.39 -13.03
CA GLN D 159 -0.57 -13.97 -13.55
C GLN D 159 -1.64 -12.87 -13.65
N GLY D 160 -1.25 -11.59 -13.75
CA GLY D 160 -2.24 -10.49 -13.83
C GLY D 160 -3.21 -10.37 -12.64
N THR D 161 -2.81 -10.71 -11.41
CA THR D 161 -3.65 -10.64 -10.20
C THR D 161 -2.81 -10.65 -8.91
N THR D 162 -3.31 -10.05 -7.85
CA THR D 162 -2.80 -10.24 -6.47
C THR D 162 -3.37 -11.54 -5.93
N LEU D 163 -2.82 -12.02 -4.83
CA LEU D 163 -3.19 -13.35 -4.27
C LEU D 163 -4.51 -13.29 -3.51
N ASN D 164 -4.76 -12.33 -2.64
CA ASN D 164 -6.07 -12.22 -1.94
C ASN D 164 -7.09 -11.48 -2.84
N ASN D 165 -7.59 -12.15 -3.88
CA ASN D 165 -8.30 -11.55 -5.03
C ASN D 165 -9.13 -12.65 -5.72
N VAL D 166 -10.31 -12.35 -6.23
CA VAL D 166 -11.18 -13.36 -6.93
C VAL D 166 -10.46 -13.88 -8.19
N HIS D 167 -9.65 -13.08 -8.84
CA HIS D 167 -8.93 -13.50 -10.06
C HIS D 167 -7.76 -14.47 -9.76
N SER D 168 -7.48 -14.82 -8.51
CA SER D 168 -6.37 -15.73 -8.12
C SER D 168 -6.78 -17.19 -8.36
N ASN D 169 -8.07 -17.49 -8.48
CA ASN D 169 -8.57 -18.86 -8.76
C ASN D 169 -8.08 -19.37 -10.12
N ASN D 170 -7.83 -20.67 -10.25
CA ASN D 170 -7.36 -21.33 -11.51
C ASN D 170 -6.09 -20.69 -12.08
N THR D 171 -5.15 -20.22 -11.25
CA THR D 171 -3.85 -19.63 -11.68
C THR D 171 -2.79 -20.69 -12.05
N VAL D 172 -3.22 -21.92 -12.35
CA VAL D 172 -2.26 -23.04 -12.65
C VAL D 172 -1.80 -23.03 -14.12
N ARG D 173 -2.59 -22.49 -15.06
CA ARG D 173 -2.21 -22.49 -16.51
C ARG D 173 -1.01 -21.59 -16.77
N ASP D 174 -0.16 -22.01 -17.69
CA ASP D 174 1.14 -21.35 -17.94
C ASP D 174 1.00 -20.26 -19.00
N ARG D 175 0.01 -20.33 -19.90
CA ARG D 175 -0.11 -19.37 -21.03
C ARG D 175 -1.52 -18.74 -21.02
N THR D 176 -1.61 -17.40 -20.86
CA THR D 176 -2.85 -16.57 -20.92
C THR D 176 -2.52 -15.17 -21.46
N PRO D 177 -3.51 -14.36 -21.92
CA PRO D 177 -3.19 -13.03 -22.47
C PRO D 177 -2.70 -12.00 -21.43
N TYR D 178 -2.89 -12.29 -20.12
CA TYR D 178 -2.67 -11.33 -19.01
C TYR D 178 -1.28 -11.45 -18.38
N ARG D 179 -0.42 -12.39 -18.74
CA ARG D 179 0.92 -12.57 -18.12
C ARG D 179 1.82 -11.45 -18.54
N THR D 180 2.59 -10.90 -17.60
CA THR D 180 3.56 -9.80 -17.85
C THR D 180 4.86 -10.09 -17.10
N LEU D 181 5.94 -9.52 -17.54
CA LEU D 181 7.24 -9.67 -16.83
C LEU D 181 7.31 -8.62 -15.72
N LEU D 182 7.37 -9.03 -14.46
CA LEU D 182 7.62 -8.13 -13.28
C LEU D 182 9.12 -7.92 -13.02
N MET D 183 9.55 -6.74 -12.58
CA MET D 183 10.96 -6.44 -12.26
C MET D 183 11.07 -5.61 -10.96
N ASN D 184 11.96 -6.00 -10.04
CA ASN D 184 12.25 -5.29 -8.76
C ASN D 184 13.75 -5.42 -8.43
N GLU D 185 14.27 -4.56 -7.57
CA GLU D 185 15.57 -4.83 -6.94
C GLU D 185 15.45 -6.07 -6.04
N LEU D 186 16.54 -6.83 -5.92
CA LEU D 186 16.53 -8.11 -5.17
C LEU D 186 16.18 -7.83 -3.70
N GLY D 187 15.19 -8.52 -3.17
CA GLY D 187 14.82 -8.37 -1.76
C GLY D 187 13.63 -7.44 -1.52
N VAL D 188 13.22 -6.66 -2.51
CA VAL D 188 11.89 -5.96 -2.44
C VAL D 188 10.80 -6.88 -2.96
N PRO D 189 9.83 -7.31 -2.16
CA PRO D 189 8.77 -8.18 -2.66
C PRO D 189 7.90 -7.53 -3.75
N PHE D 190 7.19 -8.32 -4.55
CA PHE D 190 6.32 -7.80 -5.64
C PHE D 190 4.99 -7.30 -5.05
N HIS D 191 5.01 -6.05 -4.57
CA HIS D 191 3.82 -5.27 -4.12
C HIS D 191 3.21 -4.49 -5.31
N LEU D 192 2.08 -3.76 -5.09
CA LEU D 192 1.36 -3.06 -6.20
C LEU D 192 2.21 -1.98 -6.89
N GLY D 193 3.23 -1.44 -6.27
CA GLY D 193 4.11 -0.47 -6.95
C GLY D 193 5.14 -1.06 -7.92
N THR D 194 5.16 -2.38 -8.12
CA THR D 194 6.10 -3.07 -9.03
C THR D 194 5.89 -2.65 -10.49
N LYS D 195 6.98 -2.44 -11.24
CA LYS D 195 6.92 -2.21 -12.71
C LYS D 195 6.69 -3.48 -13.54
N GLN D 196 5.72 -3.48 -14.47
CA GLN D 196 5.57 -4.50 -15.55
C GLN D 196 6.42 -4.07 -16.77
N VAL D 197 7.41 -4.82 -17.20
CA VAL D 197 8.28 -4.32 -18.31
C VAL D 197 7.77 -4.73 -19.70
N CYS D 198 7.00 -5.81 -19.84
CA CYS D 198 6.54 -6.24 -21.20
C CYS D 198 5.42 -7.26 -21.14
N ILE D 199 4.71 -7.51 -22.23
CA ILE D 199 3.68 -8.60 -22.21
C ILE D 199 4.41 -9.92 -22.51
N ALA D 200 4.18 -10.99 -21.73
CA ALA D 200 5.01 -12.21 -21.83
C ALA D 200 4.44 -13.39 -21.08
N TRP D 201 4.37 -14.58 -21.72
CA TRP D 201 4.22 -15.86 -20.95
C TRP D 201 5.52 -16.69 -21.02
N SER D 202 6.56 -16.21 -21.65
CA SER D 202 7.93 -16.74 -21.53
C SER D 202 8.93 -15.59 -21.73
N SER D 203 10.08 -15.61 -21.06
CA SER D 203 11.01 -14.46 -21.16
C SER D 203 12.49 -14.76 -20.83
N SER D 204 13.32 -13.80 -21.12
CA SER D 204 14.71 -13.74 -20.66
C SER D 204 15.15 -12.27 -20.61
N SER D 205 16.16 -11.93 -19.80
CA SER D 205 16.66 -10.54 -19.65
C SER D 205 18.17 -10.54 -19.44
N CYS D 206 18.83 -9.50 -19.85
CA CYS D 206 20.24 -9.28 -19.47
C CYS D 206 20.68 -7.81 -19.69
N HIS D 207 21.76 -7.42 -19.04
CA HIS D 207 22.29 -6.06 -19.07
C HIS D 207 23.66 -6.10 -19.70
N ASP D 208 23.91 -5.31 -20.73
CA ASP D 208 25.10 -5.43 -21.57
C ASP D 208 26.22 -4.54 -21.04
N GLY D 209 26.01 -3.83 -19.94
CA GLY D 209 26.97 -2.82 -19.41
C GLY D 209 26.52 -1.39 -19.67
N LYS D 210 25.61 -1.16 -20.61
CA LYS D 210 25.00 0.16 -20.91
C LYS D 210 23.48 0.14 -20.69
N ALA D 211 22.76 -0.92 -21.04
CA ALA D 211 21.29 -0.97 -20.86
C ALA D 211 20.73 -2.40 -20.81
N TRP D 212 19.48 -2.50 -20.37
CA TRP D 212 18.76 -3.78 -20.34
C TRP D 212 18.24 -4.19 -21.72
N LEU D 213 18.35 -5.47 -22.04
CA LEU D 213 17.60 -6.18 -23.10
C LEU D 213 16.56 -7.08 -22.41
N HIS D 214 15.31 -6.99 -22.83
CA HIS D 214 14.28 -8.01 -22.48
C HIS D 214 13.80 -8.70 -23.74
N VAL D 215 13.64 -10.02 -23.68
CA VAL D 215 13.07 -10.84 -24.77
C VAL D 215 11.76 -11.40 -24.24
N CYS D 216 10.66 -11.08 -24.90
CA CYS D 216 9.31 -11.29 -24.38
C CYS D 216 8.48 -12.05 -25.41
N ILE D 217 7.76 -13.10 -25.02
CA ILE D 217 7.01 -13.96 -25.99
C ILE D 217 5.55 -14.00 -25.59
N THR D 218 4.64 -13.79 -26.54
CA THR D 218 3.17 -13.81 -26.26
C THR D 218 2.40 -14.07 -27.56
N GLY D 219 1.12 -14.39 -27.45
CA GLY D 219 0.27 -14.63 -28.62
C GLY D 219 -0.40 -15.97 -28.60
N ASP D 220 -0.95 -16.40 -29.73
CA ASP D 220 -1.60 -17.73 -29.86
C ASP D 220 -0.54 -18.82 -29.82
N ASP D 221 -0.88 -20.01 -29.29
CA ASP D 221 0.05 -21.18 -29.17
C ASP D 221 0.69 -21.51 -30.52
N LYS D 222 -0.11 -21.46 -31.58
CA LYS D 222 0.33 -21.88 -32.93
C LYS D 222 0.69 -20.70 -33.81
N ASN D 223 0.66 -19.45 -33.31
CA ASN D 223 1.20 -18.31 -34.11
C ASN D 223 1.81 -17.20 -33.21
N ALA D 224 2.75 -17.52 -32.35
CA ALA D 224 3.26 -16.60 -31.28
C ALA D 224 4.31 -15.65 -31.81
N THR D 225 4.49 -14.54 -31.09
CA THR D 225 5.44 -13.45 -31.47
C THR D 225 6.50 -13.30 -30.37
N ALA D 226 7.73 -13.03 -30.72
CA ALA D 226 8.78 -12.60 -29.77
C ALA D 226 9.18 -11.14 -30.04
N SER D 227 9.09 -10.29 -29.02
CA SER D 227 9.50 -8.86 -29.07
C SER D 227 10.87 -8.65 -28.40
N PHE D 228 11.72 -7.86 -28.96
CA PHE D 228 13.04 -7.50 -28.39
C PHE D 228 12.99 -6.04 -27.96
N ILE D 229 13.03 -5.79 -26.66
CA ILE D 229 12.96 -4.43 -26.08
C ILE D 229 14.31 -4.06 -25.47
N TYR D 230 14.91 -2.97 -25.93
CA TYR D 230 16.26 -2.55 -25.52
C TYR D 230 16.29 -1.06 -25.20
N ASN D 231 16.89 -0.71 -24.08
CA ASN D 231 16.92 0.66 -23.52
C ASN D 231 15.50 1.26 -23.52
N GLY D 232 14.50 0.48 -23.13
CA GLY D 232 13.15 1.00 -22.88
C GLY D 232 12.26 1.10 -24.09
N ARG D 233 12.72 0.68 -25.28
CA ARG D 233 11.92 0.76 -26.52
C ARG D 233 12.02 -0.47 -27.40
N LEU D 234 10.94 -0.81 -28.09
CA LEU D 234 10.88 -1.99 -28.99
C LEU D 234 11.79 -1.79 -30.21
N VAL D 235 12.71 -2.71 -30.47
CA VAL D 235 13.70 -2.60 -31.56
C VAL D 235 13.51 -3.66 -32.63
N ASP D 236 12.95 -4.82 -32.31
CA ASP D 236 12.83 -5.94 -33.30
C ASP D 236 11.77 -6.95 -32.89
N SER D 237 11.32 -7.79 -33.83
CA SER D 237 10.36 -8.89 -33.54
C SER D 237 10.49 -10.05 -34.52
N VAL D 238 10.10 -11.25 -34.07
CA VAL D 238 10.18 -12.48 -34.90
C VAL D 238 8.98 -13.39 -34.59
N VAL D 239 8.62 -14.24 -35.54
CA VAL D 239 7.41 -15.11 -35.43
C VAL D 239 7.78 -16.60 -35.30
N SER D 240 6.95 -17.36 -34.57
CA SER D 240 7.04 -18.83 -34.43
C SER D 240 7.33 -19.49 -35.78
N TRP D 241 8.43 -20.23 -35.89
CA TRP D 241 8.89 -20.86 -37.16
C TRP D 241 8.34 -22.28 -37.32
N SER D 242 7.93 -22.96 -36.25
CA SER D 242 7.39 -24.34 -36.32
C SER D 242 5.95 -24.40 -35.82
N LYS D 243 5.33 -23.27 -35.48
CA LYS D 243 3.89 -23.13 -35.16
C LYS D 243 3.47 -24.04 -34.01
N GLU D 244 4.31 -24.20 -32.99
CA GLU D 244 3.98 -25.12 -31.85
C GLU D 244 4.70 -24.66 -30.56
N ILE D 245 4.21 -23.57 -29.98
CA ILE D 245 4.67 -22.97 -28.69
C ILE D 245 6.15 -22.57 -28.74
N LEU D 246 6.44 -21.46 -29.38
CA LEU D 246 7.76 -20.77 -29.32
C LEU D 246 8.08 -20.46 -27.87
N ARG D 247 9.31 -20.76 -27.39
CA ARG D 247 9.65 -20.61 -25.93
C ARG D 247 11.14 -20.30 -25.72
N THR D 248 11.50 -19.78 -24.56
CA THR D 248 12.93 -19.38 -24.25
C THR D 248 13.31 -19.71 -22.79
N GLN D 249 14.42 -19.14 -22.29
CA GLN D 249 15.21 -19.69 -21.16
C GLN D 249 14.59 -19.60 -19.75
N GLU D 250 13.59 -18.76 -19.51
CA GLU D 250 13.09 -18.41 -18.15
C GLU D 250 14.27 -18.11 -17.19
N SER D 251 15.30 -17.41 -17.66
CA SER D 251 16.54 -17.11 -16.90
C SER D 251 17.39 -16.10 -17.68
N GLU D 252 18.45 -15.57 -17.11
CA GLU D 252 19.18 -14.49 -17.78
C GLU D 252 19.88 -14.93 -19.06
N CYS D 253 19.93 -14.01 -20.04
CA CYS D 253 20.80 -14.13 -21.24
C CYS D 253 22.21 -13.72 -20.87
N VAL D 254 23.16 -13.83 -21.79
CA VAL D 254 24.59 -13.45 -21.56
C VAL D 254 25.05 -12.56 -22.71
N CYS D 255 25.85 -11.53 -22.42
CA CYS D 255 26.33 -10.54 -23.42
C CYS D 255 27.84 -10.36 -23.29
N ILE D 256 28.56 -10.41 -24.40
CA ILE D 256 30.02 -10.14 -24.44
C ILE D 256 30.29 -9.11 -25.56
N ASN D 257 31.04 -8.04 -25.24
CA ASN D 257 31.38 -6.94 -26.18
C ASN D 257 30.12 -6.42 -26.91
N GLY D 258 28.98 -6.32 -26.24
CA GLY D 258 27.78 -5.73 -26.85
C GLY D 258 26.89 -6.72 -27.57
N THR D 259 27.35 -7.93 -27.86
CA THR D 259 26.52 -9.00 -28.50
C THR D 259 25.90 -9.87 -27.43
N CYS D 260 24.60 -9.88 -27.32
CA CYS D 260 23.83 -10.81 -26.43
C CYS D 260 23.45 -12.09 -27.19
N THR D 261 23.26 -13.18 -26.47
CA THR D 261 22.79 -14.46 -27.07
C THR D 261 21.65 -15.03 -26.27
N VAL D 262 20.70 -15.61 -26.98
CA VAL D 262 19.53 -16.25 -26.36
C VAL D 262 19.20 -17.53 -27.11
N VAL D 263 18.76 -18.55 -26.40
CA VAL D 263 18.39 -19.86 -26.98
C VAL D 263 16.86 -19.92 -27.05
N MET D 264 16.33 -20.35 -28.19
CA MET D 264 14.86 -20.40 -28.39
C MET D 264 14.48 -21.70 -29.10
N THR D 265 13.34 -22.25 -28.76
CA THR D 265 12.88 -23.56 -29.28
C THR D 265 11.44 -23.43 -29.76
N ASP D 266 11.09 -24.20 -30.78
CA ASP D 266 9.68 -24.34 -31.27
C ASP D 266 9.43 -25.82 -31.60
N GLY D 267 8.25 -26.36 -31.43
CA GLY D 267 8.01 -27.79 -31.72
C GLY D 267 7.76 -28.65 -30.48
N SER D 268 7.72 -29.98 -30.67
CA SER D 268 7.20 -30.97 -29.70
C SER D 268 8.04 -31.07 -28.40
N ALA D 269 7.39 -31.40 -27.29
CA ALA D 269 8.05 -31.75 -26.01
C ALA D 269 8.42 -33.25 -25.89
N SER D 270 7.84 -34.13 -26.70
CA SER D 270 8.05 -35.61 -26.60
C SER D 270 8.51 -36.17 -27.96
N GLY D 271 9.29 -35.40 -28.71
CA GLY D 271 9.84 -35.75 -30.03
C GLY D 271 10.83 -34.71 -30.53
N LYS D 272 11.33 -34.85 -31.75
CA LYS D 272 12.29 -33.90 -32.34
C LYS D 272 11.66 -32.50 -32.42
N ALA D 273 12.46 -31.47 -32.11
CA ALA D 273 12.03 -30.05 -32.05
C ALA D 273 13.06 -29.15 -32.71
N ASP D 274 12.68 -27.92 -33.04
CA ASP D 274 13.57 -26.96 -33.76
C ASP D 274 14.15 -25.96 -32.77
N THR D 275 15.47 -25.90 -32.64
CA THR D 275 16.15 -24.99 -31.67
C THR D 275 17.09 -24.08 -32.43
N LYS D 276 17.06 -22.79 -32.12
CA LYS D 276 17.95 -21.78 -32.73
C LYS D 276 18.59 -20.91 -31.66
N ILE D 277 19.76 -20.40 -31.97
CA ILE D 277 20.49 -19.44 -31.11
C ILE D 277 20.52 -18.11 -31.87
N LEU D 278 20.00 -17.07 -31.23
CA LEU D 278 19.90 -15.72 -31.83
C LEU D 278 21.00 -14.83 -31.26
N PHE D 279 21.70 -14.11 -32.12
CA PHE D 279 22.73 -13.13 -31.75
C PHE D 279 22.16 -11.73 -31.94
N ILE D 280 22.25 -10.90 -30.91
CA ILE D 280 21.49 -9.62 -30.81
C ILE D 280 22.44 -8.48 -30.43
N GLU D 281 22.31 -7.33 -31.09
CA GLU D 281 23.15 -6.13 -30.81
C GLU D 281 22.29 -4.88 -30.69
N GLU D 282 22.22 -4.32 -29.47
CA GLU D 282 21.33 -3.20 -29.07
C GLU D 282 19.88 -3.45 -29.50
N GLY D 283 19.40 -4.67 -29.36
CA GLY D 283 18.02 -5.06 -29.64
C GLY D 283 17.79 -5.54 -31.07
N LYS D 284 18.70 -5.24 -32.01
CA LYS D 284 18.58 -5.72 -33.42
C LYS D 284 19.07 -7.16 -33.52
N ILE D 285 18.31 -8.08 -34.12
CA ILE D 285 18.81 -9.46 -34.44
C ILE D 285 19.85 -9.36 -35.57
N VAL D 286 21.09 -9.80 -35.33
CA VAL D 286 22.18 -9.70 -36.35
C VAL D 286 22.52 -11.06 -36.98
N HIS D 287 22.29 -12.17 -36.30
CA HIS D 287 22.61 -13.52 -36.84
C HIS D 287 21.75 -14.58 -36.18
N THR D 288 21.57 -15.71 -36.83
CA THR D 288 20.85 -16.88 -36.25
C THR D 288 21.51 -18.20 -36.66
N SER D 289 21.73 -19.08 -35.70
CA SER D 289 22.38 -20.40 -35.87
C SER D 289 21.42 -21.50 -35.43
N THR D 290 21.34 -22.59 -36.17
CA THR D 290 20.58 -23.80 -35.80
C THR D 290 21.41 -24.67 -34.85
N LEU D 291 20.77 -25.37 -33.90
CA LEU D 291 21.49 -26.26 -32.94
C LEU D 291 22.20 -27.41 -33.69
N SER D 292 23.42 -27.73 -33.24
CA SER D 292 24.35 -28.70 -33.86
C SER D 292 25.09 -29.54 -32.78
N GLY D 293 25.63 -30.70 -33.15
CA GLY D 293 26.16 -31.69 -32.19
C GLY D 293 25.11 -32.70 -31.77
N SER D 294 25.35 -33.44 -30.68
CA SER D 294 24.61 -34.67 -30.32
C SER D 294 23.49 -34.42 -29.32
N ALA D 295 23.23 -33.21 -28.84
CA ALA D 295 22.04 -32.95 -27.99
C ALA D 295 20.75 -33.13 -28.82
N GLN D 296 19.79 -33.90 -28.35
CA GLN D 296 18.60 -34.28 -29.14
C GLN D 296 17.32 -33.56 -28.68
N HIS D 297 17.26 -33.07 -27.45
CA HIS D 297 16.17 -32.18 -26.98
C HIS D 297 16.76 -31.07 -26.11
N VAL D 298 16.36 -29.81 -26.28
CA VAL D 298 16.99 -28.65 -25.56
C VAL D 298 15.92 -27.61 -25.16
N GLU D 299 15.63 -27.53 -23.88
CA GLU D 299 14.61 -26.63 -23.27
C GLU D 299 15.25 -25.84 -22.12
N GLU D 300 14.75 -24.66 -21.81
CA GLU D 300 14.95 -23.92 -20.53
C GLU D 300 16.45 -23.82 -20.11
N CYS D 301 17.34 -23.56 -21.04
CA CYS D 301 18.77 -23.49 -20.71
C CYS D 301 19.08 -22.48 -19.57
N SER D 302 20.10 -22.81 -18.79
CA SER D 302 20.78 -21.95 -17.79
C SER D 302 22.18 -21.68 -18.31
N CYS D 303 22.56 -20.44 -18.52
CA CYS D 303 23.78 -20.09 -19.27
C CYS D 303 24.74 -19.23 -18.46
N TYR D 304 26.03 -19.34 -18.70
CA TYR D 304 27.06 -18.56 -17.98
C TYR D 304 28.20 -18.17 -18.89
N PRO D 305 28.77 -16.97 -18.71
CA PRO D 305 29.92 -16.53 -19.47
C PRO D 305 31.17 -17.34 -19.10
N ARG D 306 31.93 -17.71 -20.12
CA ARG D 306 33.12 -18.58 -20.02
C ARG D 306 34.09 -18.11 -21.11
N TYR D 307 34.60 -16.91 -20.90
CA TYR D 307 35.27 -16.08 -21.93
C TYR D 307 36.36 -16.90 -22.62
N PRO D 308 36.51 -16.88 -23.96
CA PRO D 308 35.77 -16.00 -24.88
C PRO D 308 34.34 -16.42 -25.30
N GLY D 309 33.81 -17.51 -24.78
CA GLY D 309 32.51 -17.99 -25.22
C GLY D 309 31.43 -17.96 -24.17
N VAL D 310 30.33 -18.65 -24.44
CA VAL D 310 29.20 -18.83 -23.53
C VAL D 310 28.87 -20.33 -23.46
N ARG D 311 28.44 -20.82 -22.30
CA ARG D 311 28.17 -22.26 -22.04
C ARG D 311 26.81 -22.36 -21.36
N CYS D 312 26.02 -23.36 -21.71
CA CYS D 312 24.61 -23.50 -21.25
C CYS D 312 24.34 -24.96 -20.86
N VAL D 313 23.59 -25.19 -19.80
CA VAL D 313 23.16 -26.52 -19.34
C VAL D 313 21.63 -26.52 -19.27
N CYS D 314 20.96 -27.54 -19.82
CA CYS D 314 19.56 -27.40 -20.28
C CYS D 314 18.71 -28.59 -19.79
N ARG D 315 17.44 -28.65 -20.22
CA ARG D 315 16.44 -29.67 -19.82
C ARG D 315 16.16 -30.53 -21.06
N ASP D 316 16.10 -31.84 -20.90
CA ASP D 316 15.73 -32.81 -21.96
C ASP D 316 14.43 -33.51 -21.54
N ASN D 317 13.32 -33.14 -22.18
CA ASN D 317 11.98 -33.65 -21.81
C ASN D 317 11.70 -34.99 -22.48
N TRP D 318 12.55 -35.44 -23.39
CA TRP D 318 12.24 -36.55 -24.34
C TRP D 318 12.88 -37.86 -23.86
N LYS D 319 14.21 -37.91 -23.69
CA LYS D 319 14.95 -39.19 -23.51
C LYS D 319 16.06 -39.14 -22.45
N GLY D 320 16.67 -38.01 -22.14
CA GLY D 320 17.71 -37.92 -21.10
C GLY D 320 17.15 -37.70 -19.70
N SER D 321 17.74 -38.34 -18.68
CA SER D 321 17.75 -37.81 -17.30
C SER D 321 19.15 -37.25 -16.95
N ASN D 322 20.14 -37.49 -17.79
CA ASN D 322 21.35 -36.66 -17.87
C ASN D 322 21.01 -35.34 -18.58
N ARG D 323 21.73 -34.25 -18.31
CA ARG D 323 21.42 -32.89 -18.88
C ARG D 323 22.25 -32.61 -20.11
N PRO D 324 21.65 -31.98 -21.16
CA PRO D 324 22.41 -31.49 -22.31
C PRO D 324 23.30 -30.28 -22.01
N ILE D 325 24.35 -30.14 -22.80
CA ILE D 325 25.27 -28.99 -22.77
C ILE D 325 25.27 -28.35 -24.17
N VAL D 326 25.34 -27.02 -24.24
CA VAL D 326 25.52 -26.28 -25.51
C VAL D 326 26.64 -25.27 -25.29
N ASP D 327 27.66 -25.32 -26.16
CA ASP D 327 28.72 -24.31 -26.19
C ASP D 327 28.51 -23.39 -27.41
N ILE D 328 28.62 -22.09 -27.18
CA ILE D 328 28.32 -21.03 -28.17
C ILE D 328 29.59 -20.22 -28.42
N ASN D 329 29.93 -19.99 -29.68
CA ASN D 329 31.07 -19.12 -30.05
C ASN D 329 30.55 -17.73 -30.48
N ILE D 330 31.01 -16.67 -29.85
CA ILE D 330 30.51 -15.28 -30.12
C ILE D 330 31.22 -14.68 -31.35
N LYS D 331 32.43 -15.11 -31.70
CA LYS D 331 33.21 -14.49 -32.81
C LYS D 331 32.81 -15.05 -34.18
N ASP D 332 32.31 -16.29 -34.26
CA ASP D 332 31.99 -16.93 -35.56
C ASP D 332 30.60 -17.61 -35.57
N HIS D 333 29.82 -17.42 -34.52
CA HIS D 333 28.42 -17.88 -34.38
C HIS D 333 28.28 -19.42 -34.44
N SER D 334 29.38 -20.18 -34.33
CA SER D 334 29.35 -21.67 -34.34
C SER D 334 28.80 -22.24 -33.02
N ILE D 335 28.22 -23.44 -33.12
CA ILE D 335 27.52 -24.14 -32.02
C ILE D 335 28.04 -25.57 -31.94
N VAL D 336 28.24 -26.11 -30.74
CA VAL D 336 28.42 -27.57 -30.50
C VAL D 336 27.64 -28.01 -29.25
N SER D 337 27.38 -29.31 -29.13
CA SER D 337 26.56 -29.82 -28.01
C SER D 337 26.87 -31.28 -27.66
N SER D 338 26.52 -31.66 -26.43
CA SER D 338 26.85 -32.95 -25.79
C SER D 338 26.02 -33.11 -24.51
N TYR D 339 26.38 -34.04 -23.63
CA TYR D 339 25.69 -34.24 -22.34
C TYR D 339 26.69 -34.21 -21.17
N VAL D 340 26.19 -33.89 -19.97
CA VAL D 340 26.98 -33.89 -18.69
C VAL D 340 27.37 -35.34 -18.36
N CYS D 341 28.67 -35.59 -18.26
CA CYS D 341 29.25 -36.95 -18.11
C CYS D 341 28.88 -37.62 -16.77
N SER D 342 28.84 -36.89 -15.66
CA SER D 342 28.66 -37.40 -14.27
C SER D 342 27.67 -38.58 -14.15
N GLY D 343 28.05 -39.63 -13.42
CA GLY D 343 27.19 -40.78 -13.13
C GLY D 343 26.07 -40.44 -12.18
N LEU D 344 26.27 -39.40 -11.37
CA LEU D 344 25.19 -38.77 -10.56
C LEU D 344 24.48 -37.76 -11.44
N VAL D 345 23.24 -38.06 -11.83
CA VAL D 345 22.52 -37.24 -12.86
C VAL D 345 21.64 -36.16 -12.20
N GLY D 346 21.39 -35.05 -12.91
CA GLY D 346 20.76 -33.84 -12.35
C GLY D 346 19.26 -33.61 -12.64
N ASP D 347 18.61 -34.40 -13.48
CA ASP D 347 17.20 -34.16 -13.89
C ASP D 347 16.25 -34.84 -12.89
N THR D 348 14.96 -34.51 -12.97
CA THR D 348 13.90 -35.16 -12.17
C THR D 348 12.68 -35.35 -13.06
N PRO D 349 12.11 -36.59 -13.20
CA PRO D 349 12.54 -37.81 -12.52
C PRO D 349 13.86 -38.41 -12.98
N ARG D 350 14.39 -39.37 -12.20
CA ARG D 350 15.64 -40.10 -12.47
C ARG D 350 15.68 -41.43 -11.70
N LYS D 351 16.62 -42.31 -12.03
CA LYS D 351 16.89 -43.54 -11.21
C LYS D 351 17.72 -43.15 -9.98
N ASN D 352 17.67 -43.99 -8.93
CA ASN D 352 18.46 -43.77 -7.68
C ASN D 352 19.97 -43.86 -7.96
N ASP D 353 20.78 -43.31 -7.06
CA ASP D 353 22.24 -43.14 -7.27
C ASP D 353 22.95 -44.51 -7.35
N SER D 354 22.36 -45.54 -6.74
CA SER D 354 22.83 -46.95 -6.80
C SER D 354 22.76 -47.52 -8.21
N SER D 355 21.92 -46.99 -9.11
CA SER D 355 21.59 -47.62 -10.41
C SER D 355 21.58 -46.66 -11.60
N SER D 356 21.62 -45.35 -11.40
CA SER D 356 21.72 -44.35 -12.49
C SER D 356 23.01 -44.52 -13.30
N SER D 357 22.99 -44.11 -14.57
CA SER D 357 24.19 -44.02 -15.44
C SER D 357 24.10 -42.81 -16.36
N SER D 358 25.20 -42.49 -17.03
CA SER D 358 25.27 -41.37 -17.98
C SER D 358 26.21 -41.70 -19.13
N HIS D 359 26.21 -40.84 -20.14
CA HIS D 359 26.98 -40.94 -21.40
C HIS D 359 27.37 -39.52 -21.76
N CYS D 360 28.58 -39.29 -22.28
CA CYS D 360 29.06 -37.93 -22.58
C CYS D 360 28.40 -37.40 -23.87
N LEU D 361 27.86 -38.25 -24.72
CA LEU D 361 27.32 -37.84 -26.05
C LEU D 361 25.80 -38.02 -26.18
N ASP D 362 25.18 -38.97 -25.50
CA ASP D 362 23.78 -39.41 -25.78
C ASP D 362 22.89 -39.28 -24.55
N PRO D 363 21.56 -39.14 -24.73
CA PRO D 363 20.62 -39.33 -23.62
C PRO D 363 20.74 -40.75 -23.06
N ASN D 364 20.75 -40.83 -21.74
CA ASN D 364 20.98 -42.08 -20.99
C ASN D 364 19.80 -43.06 -21.14
N ASN D 365 18.63 -42.61 -21.61
CA ASN D 365 17.39 -43.44 -21.74
C ASN D 365 16.93 -44.04 -20.40
N GLU D 366 17.24 -43.41 -19.27
CA GLU D 366 16.76 -43.85 -17.93
C GLU D 366 15.73 -42.84 -17.43
N GLU D 367 14.48 -43.25 -17.20
CA GLU D 367 13.38 -42.34 -16.74
C GLU D 367 13.38 -41.03 -17.57
N GLY D 368 13.62 -41.11 -18.88
CA GLY D 368 14.03 -39.97 -19.71
C GLY D 368 12.97 -38.88 -19.82
N GLY D 369 11.72 -39.24 -19.98
CA GLY D 369 10.63 -38.28 -20.27
C GLY D 369 10.33 -37.34 -19.14
N HIS D 370 9.92 -36.11 -19.46
CA HIS D 370 9.67 -35.00 -18.49
C HIS D 370 10.99 -34.58 -17.84
N GLY D 371 10.94 -33.59 -16.94
CA GLY D 371 12.16 -32.99 -16.39
C GLY D 371 11.90 -31.79 -15.50
N VAL D 372 12.98 -31.09 -15.13
CA VAL D 372 12.87 -29.79 -14.41
C VAL D 372 14.06 -28.89 -14.77
N LYS D 373 13.85 -27.57 -14.76
CA LYS D 373 14.94 -26.62 -15.09
C LYS D 373 16.00 -26.62 -13.97
N GLY D 374 17.29 -26.70 -14.33
CA GLY D 374 18.38 -26.76 -13.34
C GLY D 374 19.68 -26.23 -13.84
N TRP D 375 20.79 -26.54 -13.18
CA TRP D 375 22.11 -25.96 -13.53
C TRP D 375 23.26 -26.90 -13.17
N ALA D 376 24.41 -26.67 -13.76
CA ALA D 376 25.72 -27.27 -13.38
C ALA D 376 26.82 -26.38 -13.95
N PHE D 377 28.03 -26.41 -13.40
CA PHE D 377 29.17 -25.70 -14.04
C PHE D 377 30.48 -26.42 -13.78
N ASP D 378 31.44 -26.23 -14.70
CA ASP D 378 32.74 -26.96 -14.70
C ASP D 378 33.67 -26.30 -13.69
N ASP D 379 34.54 -27.10 -13.08
CA ASP D 379 35.63 -26.62 -12.17
C ASP D 379 36.85 -27.51 -12.40
N GLY D 380 37.61 -27.25 -13.47
CA GLY D 380 38.56 -28.23 -14.04
C GLY D 380 37.81 -29.46 -14.54
N ASN D 381 38.21 -30.66 -14.11
CA ASN D 381 37.51 -31.91 -14.46
C ASN D 381 36.38 -32.18 -13.48
N ASP D 382 36.26 -31.43 -12.38
CA ASP D 382 35.12 -31.61 -11.43
C ASP D 382 33.87 -30.88 -11.94
N VAL D 383 32.71 -31.22 -11.45
CA VAL D 383 31.48 -30.45 -11.73
C VAL D 383 30.75 -30.10 -10.40
N TRP D 384 30.29 -28.87 -10.28
CA TRP D 384 29.31 -28.44 -9.24
C TRP D 384 27.92 -28.49 -9.84
N MET D 385 26.97 -29.00 -9.09
CA MET D 385 25.56 -29.07 -9.55
C MET D 385 24.58 -29.07 -8.39
N GLY D 386 23.32 -28.76 -8.68
CA GLY D 386 22.20 -28.83 -7.73
C GLY D 386 21.07 -29.67 -8.28
N ARG D 387 20.30 -30.30 -7.39
CA ARG D 387 19.16 -31.16 -7.77
C ARG D 387 18.13 -31.30 -6.65
N THR D 388 16.93 -31.76 -6.96
CA THR D 388 15.92 -32.12 -5.95
C THR D 388 16.45 -33.30 -5.13
N ILE D 389 16.16 -33.37 -3.84
CA ILE D 389 16.62 -34.48 -2.97
C ILE D 389 15.85 -35.76 -3.31
N ASN D 390 14.58 -35.63 -3.60
CA ASN D 390 13.73 -36.77 -4.02
C ASN D 390 13.93 -37.05 -5.51
N GLU D 391 13.81 -38.34 -5.90
CA GLU D 391 14.11 -38.78 -7.31
C GLU D 391 12.88 -38.67 -8.23
N THR D 392 11.66 -38.59 -7.71
CA THR D 392 10.44 -38.65 -8.56
C THR D 392 9.45 -37.53 -8.27
N SER D 393 9.82 -36.53 -7.49
CA SER D 393 8.96 -35.36 -7.17
C SER D 393 9.81 -34.15 -6.80
N ARG D 394 9.29 -32.94 -6.93
CA ARG D 394 10.11 -31.72 -6.69
C ARG D 394 10.08 -31.40 -5.19
N LEU D 395 10.66 -32.29 -4.37
CA LEU D 395 10.83 -32.12 -2.90
C LEU D 395 12.32 -32.01 -2.51
N GLY D 396 12.62 -31.13 -1.58
CA GLY D 396 13.98 -30.79 -1.14
C GLY D 396 14.86 -30.20 -2.23
N TYR D 397 16.06 -29.79 -1.85
CA TYR D 397 17.10 -29.34 -2.79
C TYR D 397 18.48 -29.47 -2.16
N GLU D 398 19.43 -29.99 -2.92
CA GLU D 398 20.83 -30.23 -2.46
C GLU D 398 21.80 -29.77 -3.52
N THR D 399 23.02 -29.42 -3.11
CA THR D 399 24.14 -29.21 -4.04
C THR D 399 25.35 -30.04 -3.62
N PHE D 400 26.27 -30.32 -4.54
CA PHE D 400 27.54 -31.02 -4.26
C PHE D 400 28.55 -30.87 -5.40
N LYS D 401 29.78 -31.28 -5.16
CA LYS D 401 30.81 -31.44 -6.22
C LYS D 401 30.97 -32.92 -6.54
N VAL D 402 31.13 -33.27 -7.82
CA VAL D 402 31.46 -34.66 -8.24
C VAL D 402 32.87 -34.69 -8.79
N ILE D 403 33.71 -35.57 -8.24
CA ILE D 403 35.16 -35.63 -8.62
C ILE D 403 35.28 -36.22 -10.04
N GLU D 404 35.98 -35.56 -10.95
CA GLU D 404 36.07 -35.91 -12.40
C GLU D 404 34.70 -35.93 -13.11
N GLY D 405 33.64 -35.43 -12.50
CA GLY D 405 32.29 -35.59 -13.06
C GLY D 405 32.05 -34.80 -14.35
N TRP D 406 32.93 -33.92 -14.77
CA TRP D 406 32.79 -33.24 -16.08
C TRP D 406 33.36 -34.07 -17.23
N SER D 407 34.25 -35.03 -16.96
CA SER D 407 34.99 -35.76 -18.02
C SER D 407 34.94 -37.30 -17.91
N ASN D 408 34.62 -37.86 -16.75
CA ASN D 408 34.59 -39.32 -16.53
C ASN D 408 33.14 -39.76 -16.38
N PRO D 409 32.55 -40.52 -17.34
CA PRO D 409 31.13 -40.88 -17.28
C PRO D 409 30.76 -41.94 -16.23
N LYS D 410 31.76 -42.57 -15.58
CA LYS D 410 31.52 -43.65 -14.59
C LYS D 410 31.66 -43.16 -13.15
N SER D 411 32.13 -41.93 -12.94
CA SER D 411 32.41 -41.36 -11.59
C SER D 411 31.12 -41.16 -10.77
N LYS D 412 31.15 -41.57 -9.49
CA LYS D 412 30.06 -41.33 -8.50
C LYS D 412 30.60 -40.83 -7.15
N LEU D 413 31.78 -40.24 -7.17
CA LEU D 413 32.49 -39.81 -5.94
C LEU D 413 32.07 -38.38 -5.63
N GLN D 414 31.10 -38.18 -4.73
CA GLN D 414 30.68 -36.79 -4.35
C GLN D 414 31.34 -36.30 -3.06
N ILE D 415 31.47 -34.98 -2.93
CA ILE D 415 32.02 -34.27 -1.74
C ILE D 415 31.40 -32.88 -1.60
N ASN D 416 31.49 -32.29 -0.42
CA ASN D 416 30.98 -30.92 -0.14
C ASN D 416 29.44 -30.84 -0.35
N ARG D 417 28.69 -31.85 0.01
CA ARG D 417 27.21 -31.75 0.00
C ARG D 417 26.69 -30.62 0.92
N GLN D 418 25.69 -29.88 0.45
CA GLN D 418 24.90 -28.94 1.29
C GLN D 418 23.41 -29.13 1.01
N VAL D 419 22.60 -29.26 2.05
CA VAL D 419 21.13 -29.13 1.94
C VAL D 419 20.74 -27.66 1.95
N ILE D 420 19.91 -27.24 0.99
CA ILE D 420 19.38 -25.86 0.90
C ILE D 420 17.92 -25.88 1.42
N VAL D 421 17.14 -26.85 1.00
CA VAL D 421 15.76 -27.07 1.47
C VAL D 421 15.67 -28.56 1.79
N ASP D 422 15.18 -28.89 2.98
CA ASP D 422 15.15 -30.30 3.45
C ASP D 422 14.05 -31.10 2.72
N ARG D 423 14.14 -32.43 2.78
CA ARG D 423 13.36 -33.36 1.94
C ARG D 423 11.84 -33.27 2.16
N GLY D 424 11.35 -32.62 3.21
CA GLY D 424 9.88 -32.54 3.44
C GLY D 424 9.26 -31.31 2.81
N ASN D 425 10.04 -30.43 2.20
CA ASN D 425 9.60 -29.08 1.73
C ASN D 425 9.70 -28.97 0.21
N ARG D 426 8.70 -28.34 -0.41
CA ARG D 426 8.58 -28.22 -1.88
C ARG D 426 9.69 -27.34 -2.47
N SER D 427 10.15 -27.68 -3.67
CA SER D 427 11.04 -26.84 -4.48
C SER D 427 10.42 -26.63 -5.88
N GLY D 428 11.20 -26.46 -6.93
CA GLY D 428 10.72 -25.99 -8.24
C GLY D 428 11.89 -25.75 -9.18
N TYR D 429 11.79 -24.75 -10.06
CA TYR D 429 12.89 -24.40 -11.00
C TYR D 429 14.10 -23.86 -10.23
N SER D 430 15.27 -23.98 -10.79
CA SER D 430 16.50 -23.37 -10.25
C SER D 430 17.45 -22.97 -11.38
N GLY D 431 18.33 -22.00 -11.16
CA GLY D 431 19.17 -21.47 -12.26
C GLY D 431 20.38 -20.69 -11.80
N ILE D 432 21.37 -20.59 -12.63
CA ILE D 432 22.65 -19.91 -12.26
C ILE D 432 22.56 -18.41 -12.61
N PHE D 433 23.32 -17.56 -11.94
CA PHE D 433 23.73 -16.22 -12.45
C PHE D 433 25.17 -15.91 -11.99
N SER D 434 25.79 -14.99 -12.67
CA SER D 434 27.22 -14.65 -12.52
C SER D 434 27.37 -13.23 -12.06
N VAL D 435 28.35 -12.98 -11.21
CA VAL D 435 28.58 -11.64 -10.59
C VAL D 435 30.06 -11.35 -10.71
N GLU D 436 30.38 -10.16 -11.16
CA GLU D 436 31.81 -9.77 -11.33
C GLU D 436 32.32 -9.16 -10.02
N GLY D 437 33.40 -9.73 -9.49
CA GLY D 437 34.11 -9.19 -8.31
C GLY D 437 35.34 -8.38 -8.68
N LYS D 438 36.14 -8.03 -7.67
CA LYS D 438 37.33 -7.16 -7.84
C LYS D 438 38.40 -7.87 -8.71
N SER D 439 38.49 -9.20 -8.66
CA SER D 439 39.58 -9.96 -9.34
C SER D 439 39.11 -11.30 -9.96
N CYS D 440 37.85 -11.71 -9.83
CA CYS D 440 37.36 -12.97 -10.42
C CYS D 440 35.84 -12.92 -10.67
N ILE D 441 35.30 -13.84 -11.46
CA ILE D 441 33.84 -14.00 -11.70
C ILE D 441 33.29 -15.04 -10.75
N ASN D 442 32.29 -14.69 -9.95
CA ASN D 442 31.66 -15.63 -9.00
C ASN D 442 30.38 -16.23 -9.61
N ARG D 443 29.95 -17.41 -9.14
CA ARG D 443 28.70 -18.09 -9.56
C ARG D 443 27.75 -18.15 -8.39
N CYS D 444 26.47 -17.92 -8.64
CA CYS D 444 25.39 -17.84 -7.63
C CYS D 444 24.18 -18.57 -8.20
N PHE D 445 23.25 -18.99 -7.38
CA PHE D 445 22.06 -19.68 -7.90
C PHE D 445 20.81 -19.35 -7.07
N TYR D 446 19.64 -19.60 -7.65
CA TYR D 446 18.35 -19.30 -7.01
C TYR D 446 17.45 -20.55 -7.06
N VAL D 447 16.49 -20.68 -6.15
CA VAL D 447 15.56 -21.82 -6.16
C VAL D 447 14.12 -21.30 -6.00
N GLU D 448 13.21 -21.77 -6.85
CA GLU D 448 11.78 -21.41 -6.81
C GLU D 448 11.12 -22.32 -5.78
N LEU D 449 10.32 -21.77 -4.87
CA LEU D 449 9.63 -22.56 -3.83
C LEU D 449 8.14 -22.49 -4.11
N ILE D 450 7.63 -23.47 -4.86
CA ILE D 450 6.22 -23.50 -5.35
C ILE D 450 5.26 -23.92 -4.23
N ARG D 451 4.11 -23.27 -4.11
CA ARG D 451 3.04 -23.62 -3.14
C ARG D 451 1.66 -23.59 -3.80
N GLY D 452 0.74 -24.36 -3.26
CA GLY D 452 -0.67 -24.41 -3.70
C GLY D 452 -0.98 -25.51 -4.71
N ARG D 453 -2.05 -25.32 -5.49
CA ARG D 453 -2.54 -26.31 -6.50
C ARG D 453 -1.44 -26.67 -7.50
N LYS D 454 -1.40 -27.94 -7.97
CA LYS D 454 -2.40 -28.98 -7.84
C LYS D 454 -2.18 -29.88 -6.61
N GLU D 455 -0.99 -29.87 -6.00
CA GLU D 455 -0.62 -30.79 -4.88
C GLU D 455 -1.31 -30.39 -3.56
N GLU D 456 -1.32 -29.11 -3.24
CA GLU D 456 -1.86 -28.59 -1.96
C GLU D 456 -3.26 -28.06 -2.24
N THR D 457 -4.29 -28.88 -2.08
CA THR D 457 -5.70 -28.51 -2.39
C THR D 457 -6.38 -27.70 -1.27
N GLU D 458 -5.66 -27.27 -0.23
CA GLU D 458 -6.22 -26.38 0.83
C GLU D 458 -6.59 -24.99 0.27
N VAL D 459 -6.05 -24.62 -0.89
CA VAL D 459 -6.20 -23.27 -1.51
C VAL D 459 -6.62 -23.41 -2.98
N LEU D 460 -7.06 -22.32 -3.61
CA LEU D 460 -7.45 -22.33 -5.05
C LEU D 460 -6.32 -21.81 -5.91
N TRP D 461 -5.29 -21.23 -5.36
CA TRP D 461 -4.21 -20.53 -6.15
C TRP D 461 -2.93 -21.38 -6.27
N THR D 462 -2.04 -20.97 -7.15
CA THR D 462 -0.67 -21.51 -7.28
C THR D 462 0.30 -20.32 -7.30
N SER D 463 1.37 -20.34 -6.52
CA SER D 463 2.35 -19.23 -6.50
C SER D 463 3.73 -19.69 -5.99
N ASN D 464 4.69 -18.77 -5.85
CA ASN D 464 6.03 -19.15 -5.36
C ASN D 464 6.64 -18.09 -4.45
N SER D 465 7.54 -18.51 -3.57
CA SER D 465 8.60 -17.67 -2.95
C SER D 465 9.93 -17.96 -3.67
N ILE D 466 11.02 -17.31 -3.26
CA ILE D 466 12.39 -17.73 -3.66
C ILE D 466 13.39 -17.69 -2.51
N VAL D 467 14.57 -18.28 -2.76
CA VAL D 467 15.78 -18.20 -1.89
C VAL D 467 17.01 -18.23 -2.77
N VAL D 468 18.05 -17.52 -2.38
CA VAL D 468 19.23 -17.26 -3.24
C VAL D 468 20.55 -17.47 -2.46
N PHE D 469 21.55 -18.08 -3.11
CA PHE D 469 22.86 -18.47 -2.52
C PHE D 469 24.00 -18.11 -3.45
N CYS D 470 25.17 -17.75 -2.91
CA CYS D 470 26.34 -17.37 -3.73
C CYS D 470 27.59 -18.17 -3.33
N GLY D 471 28.45 -18.43 -4.29
CA GLY D 471 29.72 -19.14 -4.08
C GLY D 471 30.71 -18.38 -3.22
N THR D 472 31.36 -19.10 -2.31
CA THR D 472 32.31 -18.54 -1.32
C THR D 472 33.61 -19.34 -1.41
N SER D 473 34.72 -18.69 -1.14
CA SER D 473 36.05 -19.33 -0.97
C SER D 473 36.36 -19.51 0.52
N GLY D 474 35.52 -18.97 1.41
CA GLY D 474 35.68 -19.08 2.86
C GLY D 474 35.05 -20.35 3.40
N THR D 475 34.40 -20.25 4.56
CA THR D 475 33.81 -21.43 5.26
C THR D 475 32.35 -21.15 5.63
N TYR D 476 31.63 -22.20 5.96
CA TYR D 476 30.16 -22.17 6.12
C TYR D 476 29.70 -23.34 6.99
N GLY D 477 28.49 -23.25 7.50
CA GLY D 477 27.90 -24.26 8.39
C GLY D 477 26.71 -24.95 7.74
N THR D 478 25.58 -25.07 8.42
CA THR D 478 24.39 -25.83 7.97
C THR D 478 23.06 -25.12 8.34
N GLY D 479 21.97 -25.51 7.66
CA GLY D 479 20.61 -25.03 7.89
C GLY D 479 19.63 -25.58 6.87
N SER D 480 18.39 -25.12 6.91
CA SER D 480 17.37 -25.31 5.87
C SER D 480 16.50 -24.06 5.79
N TRP D 481 16.19 -23.58 4.60
CA TRP D 481 15.45 -22.31 4.40
C TRP D 481 14.22 -22.53 3.51
N PRO D 482 13.16 -23.18 4.01
CA PRO D 482 11.94 -23.41 3.24
C PRO D 482 11.06 -22.17 3.06
N ASP D 483 9.89 -22.34 2.44
CA ASP D 483 8.95 -21.26 2.12
C ASP D 483 8.37 -20.71 3.42
N GLY D 484 7.77 -21.57 4.24
CA GLY D 484 7.39 -21.20 5.61
C GLY D 484 6.01 -20.59 5.73
N ALA D 485 5.19 -20.59 4.68
CA ALA D 485 3.76 -20.19 4.83
C ALA D 485 2.91 -21.37 5.36
N ASP D 486 1.85 -21.06 6.12
CA ASP D 486 0.89 -22.06 6.65
C ASP D 486 -0.42 -22.04 5.86
N LEU D 487 -0.54 -22.90 4.84
CA LEU D 487 -1.71 -22.86 3.91
C LEU D 487 -3.00 -23.28 4.61
N ASN D 488 -2.92 -23.89 5.78
CA ASN D 488 -4.12 -24.26 6.55
C ASN D 488 -4.83 -23.02 7.12
N LEU D 489 -4.12 -21.89 7.26
CA LEU D 489 -4.63 -20.68 7.96
C LEU D 489 -5.00 -19.57 6.98
N MET D 490 -4.21 -19.38 5.94
CA MET D 490 -4.32 -18.17 5.09
C MET D 490 -5.42 -18.30 4.04
N PRO D 491 -5.79 -17.19 3.34
CA PRO D 491 -6.93 -17.16 2.41
C PRO D 491 -6.89 -18.19 1.26
N ILE D 492 -8.07 -18.77 1.02
CA ILE D 492 -8.32 -19.89 0.07
C ILE D 492 -8.31 -19.34 -1.37
N GLN E 1 -26.43 -35.53 -31.71
CA GLN E 1 -25.40 -35.82 -30.65
C GLN E 1 -23.99 -35.60 -31.21
N VAL E 2 -22.98 -35.45 -30.34
CA VAL E 2 -21.54 -35.19 -30.68
C VAL E 2 -20.94 -36.30 -31.56
N HIS E 3 -21.37 -37.56 -31.39
CA HIS E 3 -20.58 -38.81 -31.62
C HIS E 3 -19.72 -38.81 -32.90
N LEU E 4 -18.57 -39.47 -32.78
CA LEU E 4 -17.53 -39.58 -33.84
C LEU E 4 -18.00 -40.56 -34.92
N VAL E 5 -17.68 -40.25 -36.18
CA VAL E 5 -17.95 -41.15 -37.35
C VAL E 5 -16.66 -41.30 -38.16
N GLN E 6 -16.28 -42.55 -38.45
CA GLN E 6 -14.98 -42.87 -39.12
C GLN E 6 -15.17 -43.19 -40.61
N SER E 7 -14.06 -43.10 -41.36
CA SER E 7 -13.95 -43.56 -42.77
C SER E 7 -13.99 -45.11 -42.89
N GLY E 8 -14.33 -45.63 -44.07
CA GLY E 8 -14.47 -47.07 -44.35
C GLY E 8 -13.16 -47.85 -44.40
N ALA E 9 -13.25 -49.19 -44.41
CA ALA E 9 -12.13 -50.15 -44.37
C ALA E 9 -11.24 -50.09 -45.65
N GLU E 10 -10.00 -50.59 -45.56
CA GLU E 10 -9.02 -50.55 -46.69
C GLU E 10 -8.11 -51.79 -46.78
N VAL E 11 -7.71 -52.12 -48.00
CA VAL E 11 -6.52 -52.98 -48.30
C VAL E 11 -5.45 -52.13 -48.97
N LYS E 12 -4.21 -52.19 -48.49
CA LYS E 12 -3.06 -51.43 -49.09
C LYS E 12 -1.85 -52.36 -49.26
N GLU E 13 -1.05 -52.14 -50.29
CA GLU E 13 0.19 -52.94 -50.52
C GLU E 13 1.27 -52.52 -49.53
N PRO E 14 2.21 -53.43 -49.14
CA PRO E 14 3.38 -53.04 -48.34
C PRO E 14 4.19 -51.89 -48.97
N GLY E 15 4.79 -51.06 -48.12
CA GLY E 15 5.54 -49.85 -48.54
C GLY E 15 4.65 -48.66 -48.87
N SER E 16 3.33 -48.85 -48.96
CA SER E 16 2.33 -47.76 -49.22
C SER E 16 2.05 -46.92 -47.95
N SER E 17 1.17 -45.94 -48.08
CA SER E 17 0.59 -45.16 -46.95
C SER E 17 -0.94 -45.24 -46.96
N VAL E 18 -1.57 -45.02 -45.81
CA VAL E 18 -3.06 -45.00 -45.66
C VAL E 18 -3.49 -43.72 -44.95
N THR E 19 -4.62 -43.15 -45.36
CA THR E 19 -5.30 -42.05 -44.62
C THR E 19 -6.59 -42.60 -44.01
N VAL E 20 -6.77 -42.34 -42.71
CA VAL E 20 -8.05 -42.60 -41.99
C VAL E 20 -8.58 -41.26 -41.51
N SER E 21 -9.89 -41.08 -41.41
CA SER E 21 -10.47 -39.80 -40.94
C SER E 21 -11.62 -40.04 -39.96
N CYS E 22 -11.88 -39.02 -39.15
CA CYS E 22 -12.83 -39.05 -38.02
C CYS E 22 -13.53 -37.69 -37.92
N LYS E 23 -14.87 -37.69 -37.91
CA LYS E 23 -15.70 -36.46 -37.98
C LYS E 23 -16.72 -36.44 -36.84
N ALA E 24 -16.94 -35.29 -36.22
CA ALA E 24 -17.95 -35.11 -35.15
C ALA E 24 -19.33 -34.87 -35.75
N SER E 25 -20.32 -35.70 -35.39
CA SER E 25 -21.72 -35.58 -35.87
C SER E 25 -22.36 -34.26 -35.42
N GLY E 26 -21.94 -33.68 -34.28
CA GLY E 26 -22.51 -32.44 -33.73
C GLY E 26 -21.96 -31.15 -34.33
N GLY E 27 -20.99 -31.20 -35.26
CA GLY E 27 -20.22 -30.00 -35.72
C GLY E 27 -19.44 -29.33 -34.57
N SER E 28 -19.10 -30.14 -33.56
CA SER E 28 -18.89 -29.74 -32.14
C SER E 28 -17.46 -29.99 -31.64
N PHE E 29 -16.45 -29.68 -32.44
CA PHE E 29 -15.03 -29.73 -32.02
C PHE E 29 -14.73 -28.57 -31.07
N ASN E 30 -14.96 -28.80 -29.77
CA ASN E 30 -14.26 -28.07 -28.67
C ASN E 30 -12.80 -28.54 -28.61
N ASN E 31 -11.98 -28.01 -27.72
CA ASN E 31 -10.51 -28.28 -27.77
C ASN E 31 -10.14 -29.62 -27.13
N GLN E 32 -11.08 -30.47 -26.69
CA GLN E 32 -10.75 -31.82 -26.18
C GLN E 32 -10.04 -32.69 -27.24
N ALA E 33 -8.89 -33.27 -26.89
CA ALA E 33 -7.98 -33.94 -27.86
C ALA E 33 -8.68 -35.14 -28.53
N ILE E 34 -8.47 -35.30 -29.82
CA ILE E 34 -8.89 -36.51 -30.58
C ILE E 34 -7.65 -37.40 -30.74
N SER E 35 -7.80 -38.66 -30.36
CA SER E 35 -6.69 -39.63 -30.18
C SER E 35 -6.93 -40.86 -31.04
N TRP E 36 -5.85 -41.50 -31.50
CA TRP E 36 -5.93 -42.74 -32.30
C TRP E 36 -5.36 -43.92 -31.51
N VAL E 37 -6.13 -44.99 -31.45
CA VAL E 37 -5.78 -46.24 -30.71
C VAL E 37 -6.03 -47.41 -31.66
N ARG E 38 -5.10 -48.38 -31.70
CA ARG E 38 -5.27 -49.55 -32.60
C ARG E 38 -5.29 -50.87 -31.84
N GLN E 39 -5.91 -51.85 -32.48
CA GLN E 39 -6.14 -53.20 -31.93
C GLN E 39 -5.85 -54.23 -33.03
N ALA E 40 -4.68 -54.86 -32.97
CA ALA E 40 -4.30 -55.99 -33.84
C ALA E 40 -5.12 -57.22 -33.44
N PRO E 41 -5.38 -58.19 -34.36
CA PRO E 41 -6.22 -59.37 -34.05
C PRO E 41 -5.74 -60.18 -32.84
N GLY E 42 -6.65 -60.42 -31.90
CA GLY E 42 -6.43 -61.20 -30.65
C GLY E 42 -5.39 -60.57 -29.72
N GLN E 43 -5.26 -59.24 -29.73
CA GLN E 43 -4.15 -58.52 -29.03
C GLN E 43 -4.67 -57.25 -28.32
N GLY E 44 -3.88 -56.74 -27.37
CA GLY E 44 -4.21 -55.57 -26.53
C GLY E 44 -4.26 -54.24 -27.28
N LEU E 45 -4.79 -53.20 -26.62
CA LEU E 45 -4.94 -51.83 -27.15
C LEU E 45 -3.57 -51.10 -27.16
N GLU E 46 -3.37 -50.23 -28.15
CA GLU E 46 -2.08 -49.52 -28.37
C GLU E 46 -2.36 -48.07 -28.80
N TRP E 47 -1.95 -47.10 -27.98
CA TRP E 47 -2.11 -45.65 -28.28
C TRP E 47 -1.08 -45.24 -29.31
N MET E 48 -1.47 -44.48 -30.33
CA MET E 48 -0.58 -44.04 -31.43
C MET E 48 -0.28 -42.55 -31.37
N GLY E 49 -1.23 -41.72 -30.89
CA GLY E 49 -1.07 -40.26 -30.92
C GLY E 49 -2.41 -39.53 -30.87
N GLY E 50 -2.39 -38.23 -31.17
CA GLY E 50 -3.58 -37.37 -31.08
C GLY E 50 -3.28 -35.92 -31.41
N ILE E 51 -4.33 -35.10 -31.42
CA ILE E 51 -4.22 -33.64 -31.67
C ILE E 51 -5.37 -32.89 -30.96
N PHE E 52 -5.10 -31.68 -30.46
CA PHE E 52 -6.15 -30.74 -29.99
C PHE E 52 -6.79 -30.08 -31.21
N PRO E 53 -8.12 -30.23 -31.46
CA PRO E 53 -8.74 -29.70 -32.69
C PRO E 53 -8.62 -28.18 -32.97
N ILE E 54 -8.56 -27.33 -31.95
CA ILE E 54 -8.44 -25.85 -32.14
C ILE E 54 -6.99 -25.42 -31.95
N SER E 55 -6.36 -25.71 -30.80
CA SER E 55 -5.00 -25.20 -30.46
C SER E 55 -3.92 -25.94 -31.28
N GLY E 56 -4.20 -27.12 -31.81
CA GLY E 56 -3.44 -27.70 -32.93
C GLY E 56 -2.09 -28.30 -32.55
N THR E 57 -1.82 -28.63 -31.29
CA THR E 57 -0.56 -29.33 -30.90
C THR E 57 -0.72 -30.84 -31.12
N PRO E 58 0.01 -31.47 -32.09
CA PRO E 58 -0.03 -32.92 -32.27
C PRO E 58 0.93 -33.67 -31.34
N THR E 59 0.69 -34.96 -31.12
CA THR E 59 1.59 -35.83 -30.34
C THR E 59 1.55 -37.27 -30.85
N SER E 60 2.66 -38.00 -30.77
CA SER E 60 2.82 -39.36 -31.38
C SER E 60 3.60 -40.31 -30.46
N ALA E 61 3.18 -41.57 -30.42
CA ALA E 61 3.85 -42.63 -29.63
C ALA E 61 5.22 -42.95 -30.25
N GLN E 62 6.19 -43.33 -29.41
CA GLN E 62 7.62 -43.40 -29.83
C GLN E 62 7.84 -44.39 -30.98
N ARG E 63 7.17 -45.54 -30.93
CA ARG E 63 7.24 -46.63 -31.94
C ARG E 63 6.78 -46.16 -33.34
N PHE E 64 5.95 -45.13 -33.43
CA PHE E 64 5.34 -44.65 -34.69
C PHE E 64 5.93 -43.30 -35.14
N GLN E 65 6.90 -42.74 -34.43
CA GLN E 65 7.16 -41.28 -34.45
C GLN E 65 7.64 -40.79 -35.83
N GLY E 66 8.38 -41.61 -36.58
CA GLY E 66 8.80 -41.30 -37.96
C GLY E 66 7.75 -41.59 -39.03
N ARG E 67 6.76 -42.44 -38.72
CA ARG E 67 5.84 -43.07 -39.71
C ARG E 67 4.49 -42.33 -39.79
N VAL E 68 4.06 -41.61 -38.74
CA VAL E 68 2.65 -41.14 -38.60
C VAL E 68 2.60 -39.61 -38.57
N THR E 69 1.52 -39.04 -39.08
CA THR E 69 1.20 -37.61 -38.93
C THR E 69 -0.32 -37.41 -38.73
N PHE E 70 -0.68 -36.37 -37.98
CA PHE E 70 -2.08 -36.00 -37.65
C PHE E 70 -2.32 -34.56 -38.08
N THR E 71 -3.52 -34.28 -38.58
CA THR E 71 -3.92 -32.90 -38.95
C THR E 71 -5.43 -32.75 -38.78
N ALA E 72 -5.92 -31.51 -38.69
CA ALA E 72 -7.33 -31.25 -38.34
C ALA E 72 -7.87 -30.06 -39.12
N ASP E 73 -9.19 -30.05 -39.32
CA ASP E 73 -9.92 -28.95 -39.98
C ASP E 73 -11.28 -28.76 -39.31
N GLU E 74 -11.53 -27.58 -38.76
CA GLU E 74 -12.82 -27.22 -38.13
C GLU E 74 -13.94 -27.15 -39.19
N SER E 75 -13.63 -26.80 -40.44
CA SER E 75 -14.64 -26.57 -41.52
C SER E 75 -15.32 -27.89 -41.88
N THR E 76 -14.54 -28.91 -42.24
CA THR E 76 -15.04 -30.31 -42.37
C THR E 76 -15.30 -30.92 -40.99
N THR E 77 -14.89 -30.24 -39.90
CA THR E 77 -14.96 -30.72 -38.48
C THR E 77 -14.41 -32.15 -38.41
N THR E 78 -13.22 -32.34 -38.98
CA THR E 78 -12.64 -33.69 -39.21
C THR E 78 -11.16 -33.69 -38.81
N VAL E 79 -10.72 -34.78 -38.18
CA VAL E 79 -9.29 -35.06 -37.93
C VAL E 79 -8.87 -36.16 -38.90
N TYR E 80 -7.69 -36.00 -39.49
CA TYR E 80 -7.11 -36.91 -40.51
C TYR E 80 -5.82 -37.50 -39.94
N MET E 81 -5.68 -38.82 -40.03
CA MET E 81 -4.48 -39.55 -39.58
C MET E 81 -3.84 -40.29 -40.76
N ASP E 82 -2.57 -40.01 -41.04
CA ASP E 82 -1.81 -40.64 -42.16
C ASP E 82 -0.73 -41.56 -41.59
N LEU E 83 -0.74 -42.83 -41.96
CA LEU E 83 0.24 -43.84 -41.52
C LEU E 83 1.03 -44.31 -42.74
N SER E 84 2.35 -44.14 -42.71
CA SER E 84 3.25 -44.37 -43.88
C SER E 84 4.11 -45.64 -43.71
N SER E 85 4.78 -46.05 -44.80
CA SER E 85 5.73 -47.19 -44.86
C SER E 85 5.07 -48.45 -44.27
N LEU E 86 3.87 -48.78 -44.78
CA LEU E 86 3.03 -49.88 -44.25
C LEU E 86 3.72 -51.24 -44.37
N ARG E 87 3.42 -52.13 -43.41
CA ARG E 87 3.86 -53.55 -43.40
C ARG E 87 2.71 -54.44 -42.91
N SER E 88 2.80 -55.75 -43.15
CA SER E 88 1.73 -56.75 -42.82
C SER E 88 1.27 -56.61 -41.37
N ASP E 89 2.22 -56.35 -40.45
CA ASP E 89 2.02 -56.18 -38.98
C ASP E 89 1.05 -55.03 -38.64
N ASP E 90 0.91 -54.03 -39.51
CA ASP E 90 -0.05 -52.90 -39.33
C ASP E 90 -1.51 -53.32 -39.55
N THR E 91 -1.79 -54.57 -39.93
CA THR E 91 -3.18 -55.08 -40.05
C THR E 91 -3.84 -55.01 -38.67
N ALA E 92 -4.83 -54.12 -38.51
CA ALA E 92 -5.49 -53.85 -37.22
C ALA E 92 -6.80 -53.07 -37.43
N VAL E 93 -7.64 -53.05 -36.40
CA VAL E 93 -8.74 -52.05 -36.31
C VAL E 93 -8.15 -50.77 -35.70
N TYR E 94 -8.41 -49.63 -36.35
CA TYR E 94 -7.99 -48.28 -35.90
C TYR E 94 -9.23 -47.52 -35.41
N TYR E 95 -9.24 -47.12 -34.14
CA TYR E 95 -10.32 -46.31 -33.55
C TYR E 95 -9.85 -44.87 -33.37
N CYS E 96 -10.69 -43.89 -33.69
CA CYS E 96 -10.56 -42.55 -33.09
C CYS E 96 -11.32 -42.52 -31.76
N ALA E 97 -10.85 -41.73 -30.81
CA ALA E 97 -11.51 -41.54 -29.50
C ALA E 97 -11.28 -40.10 -29.01
N ARG E 98 -12.14 -39.62 -28.12
CA ARG E 98 -12.10 -38.25 -27.58
C ARG E 98 -11.64 -38.31 -26.12
N ALA E 99 -10.55 -37.60 -25.83
CA ALA E 99 -9.91 -37.55 -24.50
C ALA E 99 -10.62 -36.55 -23.57
N GLY E 100 -10.54 -36.78 -22.25
CA GLY E 100 -10.95 -35.79 -21.23
C GLY E 100 -10.05 -34.54 -21.16
N SER E 101 -9.00 -34.47 -21.96
CA SER E 101 -7.91 -33.48 -21.87
C SER E 101 -8.06 -32.39 -22.93
N ASP E 102 -7.86 -31.12 -22.58
CA ASP E 102 -8.06 -29.98 -23.53
C ASP E 102 -7.02 -28.86 -23.39
N TYR E 103 -5.93 -29.06 -22.65
CA TYR E 103 -4.80 -28.10 -22.54
C TYR E 103 -3.50 -28.87 -22.26
N PHE E 104 -2.40 -28.39 -22.81
CA PHE E 104 -1.03 -28.88 -22.53
C PHE E 104 -0.22 -27.75 -21.87
N ASN E 105 0.31 -28.04 -20.69
CA ASN E 105 1.18 -27.11 -19.93
C ASN E 105 2.64 -27.40 -20.22
N ARG E 106 3.43 -26.43 -20.67
CA ARG E 106 4.87 -26.61 -21.01
C ARG E 106 5.61 -27.43 -19.95
N ASP E 107 5.37 -27.11 -18.69
CA ASP E 107 6.12 -27.65 -17.56
C ASP E 107 5.43 -28.91 -17.03
N LEU E 108 4.14 -28.87 -16.78
CA LEU E 108 3.45 -29.95 -16.03
C LEU E 108 2.94 -31.07 -16.96
N GLY E 109 2.94 -30.90 -18.28
CA GLY E 109 2.36 -31.90 -19.21
C GLY E 109 0.83 -31.93 -19.28
N TRP E 110 0.22 -33.12 -19.39
CA TRP E 110 -1.22 -33.29 -19.69
C TRP E 110 -2.02 -33.67 -18.45
N GLU E 111 -3.34 -33.55 -18.54
CA GLU E 111 -4.24 -33.93 -17.42
C GLU E 111 -5.54 -34.52 -17.96
N ASN E 112 -6.12 -35.50 -17.26
CA ASN E 112 -7.36 -36.24 -17.64
C ASN E 112 -7.22 -36.89 -19.04
N TYR E 113 -6.08 -37.45 -19.40
CA TYR E 113 -5.95 -38.14 -20.71
C TYR E 113 -6.46 -39.57 -20.62
N TYR E 114 -7.79 -39.70 -20.48
CA TYR E 114 -8.54 -40.97 -20.64
C TYR E 114 -9.61 -40.78 -21.71
N PHE E 115 -10.04 -41.88 -22.33
CA PHE E 115 -10.88 -41.87 -23.57
C PHE E 115 -12.35 -42.01 -23.16
N ALA E 116 -13.15 -40.97 -23.35
CA ALA E 116 -14.55 -40.94 -22.88
C ALA E 116 -15.50 -41.56 -23.92
N SER E 117 -15.24 -41.32 -25.21
CA SER E 117 -16.12 -41.71 -26.35
C SER E 117 -15.28 -42.17 -27.54
N TRP E 118 -15.79 -43.15 -28.27
CA TRP E 118 -15.05 -43.89 -29.32
C TRP E 118 -15.83 -43.89 -30.65
N GLY E 119 -15.11 -43.87 -31.77
CA GLY E 119 -15.66 -44.15 -33.11
C GLY E 119 -15.99 -45.62 -33.33
N GLN E 120 -16.42 -45.96 -34.55
CA GLN E 120 -16.88 -47.32 -34.95
C GLN E 120 -15.70 -48.29 -35.07
N GLY E 121 -14.47 -47.79 -35.26
CA GLY E 121 -13.30 -48.59 -35.69
C GLY E 121 -13.28 -48.81 -37.20
N THR E 122 -12.11 -48.63 -37.81
CA THR E 122 -11.85 -48.86 -39.25
C THR E 122 -10.87 -50.03 -39.37
N LEU E 123 -11.22 -51.08 -40.09
CA LEU E 123 -10.25 -52.18 -40.37
C LEU E 123 -9.33 -51.76 -41.52
N VAL E 124 -8.02 -51.74 -41.26
CA VAL E 124 -6.99 -51.60 -42.33
C VAL E 124 -6.20 -52.91 -42.37
N THR E 125 -5.97 -53.44 -43.57
CA THR E 125 -5.06 -54.61 -43.74
C THR E 125 -4.03 -54.34 -44.82
N VAL E 126 -2.82 -54.83 -44.59
CA VAL E 126 -1.67 -54.62 -45.52
C VAL E 126 -1.35 -55.96 -46.18
N SER E 127 -1.48 -56.02 -47.50
CA SER E 127 -1.32 -57.27 -48.30
C SER E 127 -1.15 -56.95 -49.79
N SER E 128 -0.55 -57.90 -50.53
CA SER E 128 -0.45 -57.88 -52.01
C SER E 128 -1.72 -58.43 -52.67
N ALA E 129 -2.51 -59.25 -51.96
CA ALA E 129 -3.67 -60.02 -52.51
C ALA E 129 -4.80 -59.09 -53.02
N SER E 130 -5.48 -59.52 -54.08
CA SER E 130 -6.57 -58.77 -54.77
C SER E 130 -7.82 -58.70 -53.90
N GLU F 1 7.21 -47.10 -20.92
CA GLU F 1 7.93 -46.60 -19.70
C GLU F 1 7.23 -47.12 -18.43
N ILE F 2 6.09 -46.57 -18.02
CA ILE F 2 5.31 -47.16 -16.89
C ILE F 2 4.58 -48.41 -17.42
N VAL F 3 4.77 -49.55 -16.74
CA VAL F 3 4.20 -50.86 -17.15
C VAL F 3 3.00 -51.19 -16.26
N MET F 4 1.90 -51.59 -16.90
CA MET F 4 0.65 -51.98 -16.22
C MET F 4 0.50 -53.51 -16.27
N THR F 5 0.40 -54.15 -15.11
CA THR F 5 0.26 -55.62 -14.97
C THR F 5 -1.14 -55.91 -14.43
N GLN F 6 -1.92 -56.74 -15.13
CA GLN F 6 -3.35 -56.97 -14.78
C GLN F 6 -3.59 -58.46 -14.52
N SER F 7 -4.36 -58.81 -13.48
CA SER F 7 -4.56 -60.23 -13.09
C SER F 7 -5.89 -60.43 -12.35
N PRO F 8 -6.52 -61.64 -12.43
CA PRO F 8 -6.09 -62.77 -13.27
C PRO F 8 -6.18 -62.53 -14.79
N ALA F 9 -5.59 -63.43 -15.58
CA ALA F 9 -5.60 -63.35 -17.07
C ALA F 9 -7.01 -63.74 -17.58
N THR F 10 -7.59 -64.81 -17.04
CA THR F 10 -8.99 -65.23 -17.31
C THR F 10 -9.70 -65.52 -15.99
N LEU F 11 -10.97 -65.14 -15.90
CA LEU F 11 -11.83 -65.39 -14.72
C LEU F 11 -13.14 -66.01 -15.19
N SER F 12 -13.62 -67.05 -14.50
CA SER F 12 -14.94 -67.64 -14.80
C SER F 12 -15.71 -67.99 -13.52
N LEU F 13 -16.95 -67.51 -13.44
CA LEU F 13 -17.84 -67.58 -12.25
C LEU F 13 -19.30 -67.71 -12.72
N SER F 14 -20.16 -68.28 -11.88
CA SER F 14 -21.62 -68.39 -12.17
C SER F 14 -22.32 -67.03 -11.98
N SER F 15 -23.48 -66.86 -12.60
CA SER F 15 -24.36 -65.68 -12.39
C SER F 15 -24.84 -65.58 -10.93
N GLY F 16 -25.17 -64.36 -10.49
CA GLY F 16 -25.70 -64.10 -9.12
C GLY F 16 -24.61 -64.04 -8.06
N GLU F 17 -23.33 -63.94 -8.44
CA GLU F 17 -22.18 -63.92 -7.48
C GLU F 17 -21.20 -62.76 -7.79
N ARG F 18 -20.34 -62.44 -6.83
CA ARG F 18 -19.36 -61.32 -6.93
C ARG F 18 -18.09 -61.78 -7.69
N ALA F 19 -17.54 -60.87 -8.50
CA ALA F 19 -16.27 -61.05 -9.26
C ALA F 19 -15.31 -59.89 -8.98
N THR F 20 -14.00 -60.14 -8.90
CA THR F 20 -12.97 -59.11 -8.59
C THR F 20 -11.77 -59.22 -9.53
N LEU F 21 -11.30 -58.06 -10.01
CA LEU F 21 -10.19 -57.90 -11.00
C LEU F 21 -9.15 -56.95 -10.39
N SER F 22 -7.87 -57.12 -10.71
CA SER F 22 -6.78 -56.31 -10.10
C SER F 22 -5.77 -55.81 -11.13
N CYS F 23 -5.15 -54.67 -10.84
CA CYS F 23 -4.16 -54.01 -11.72
C CYS F 23 -3.04 -53.39 -10.86
N ARG F 24 -1.80 -53.45 -11.36
CA ARG F 24 -0.58 -52.93 -10.66
C ARG F 24 0.26 -52.09 -11.64
N ALA F 25 0.80 -50.98 -11.15
CA ALA F 25 1.65 -50.06 -11.93
C ALA F 25 3.11 -50.13 -11.44
N SER F 26 4.08 -50.21 -12.36
CA SER F 26 5.54 -50.34 -12.06
C SER F 26 6.10 -49.11 -11.30
N ARG F 27 5.42 -47.96 -11.35
CA ARG F 27 5.63 -46.80 -10.44
C ARG F 27 4.26 -46.28 -10.00
N SER F 28 4.20 -45.50 -8.93
CA SER F 28 2.91 -44.98 -8.39
C SER F 28 2.27 -43.98 -9.37
N VAL F 29 1.01 -44.24 -9.74
CA VAL F 29 0.23 -43.39 -10.69
C VAL F 29 -0.82 -42.54 -9.97
N SER F 30 -0.81 -42.48 -8.63
CA SER F 30 -1.52 -41.48 -7.78
C SER F 30 -2.98 -41.25 -8.20
N SER F 31 -3.74 -42.33 -8.40
CA SER F 31 -5.19 -42.32 -8.74
C SER F 31 -5.47 -41.93 -10.21
N ASN F 32 -4.47 -41.70 -11.07
CA ASN F 32 -4.67 -41.41 -12.51
C ASN F 32 -4.87 -42.73 -13.25
N LEU F 33 -5.99 -43.42 -12.96
CA LEU F 33 -6.22 -44.81 -13.43
C LEU F 33 -7.67 -44.94 -13.92
N ALA F 34 -7.87 -45.56 -15.08
CA ALA F 34 -9.21 -45.84 -15.64
C ALA F 34 -9.37 -47.32 -15.97
N TRP F 35 -10.62 -47.76 -16.03
CA TRP F 35 -10.99 -49.13 -16.49
C TRP F 35 -11.91 -49.05 -17.70
N TYR F 36 -11.70 -49.94 -18.66
CA TYR F 36 -12.57 -50.07 -19.86
C TYR F 36 -13.13 -51.48 -19.95
N GLN F 37 -14.37 -51.59 -20.44
CA GLN F 37 -15.01 -52.86 -20.85
C GLN F 37 -15.09 -52.91 -22.37
N GLN F 38 -14.72 -54.04 -22.97
CA GLN F 38 -14.96 -54.28 -24.42
C GLN F 38 -15.81 -55.54 -24.57
N LYS F 39 -17.01 -55.39 -25.12
CA LYS F 39 -17.92 -56.50 -25.48
C LYS F 39 -17.51 -57.03 -26.85
N PRO F 40 -17.62 -58.35 -27.15
CA PRO F 40 -17.13 -58.90 -28.42
C PRO F 40 -17.68 -58.20 -29.68
N GLY F 41 -16.77 -57.87 -30.60
CA GLY F 41 -17.07 -57.26 -31.92
C GLY F 41 -17.46 -55.79 -31.84
N GLN F 42 -17.10 -55.07 -30.76
CA GLN F 42 -17.46 -53.64 -30.57
C GLN F 42 -16.25 -52.81 -30.10
N ALA F 43 -16.33 -51.48 -30.28
CA ALA F 43 -15.36 -50.51 -29.71
C ALA F 43 -15.39 -50.58 -28.19
N PRO F 44 -14.27 -50.31 -27.48
CA PRO F 44 -14.29 -50.31 -26.01
C PRO F 44 -15.23 -49.24 -25.44
N ARG F 45 -15.55 -49.36 -24.14
CA ARG F 45 -16.41 -48.39 -23.41
C ARG F 45 -15.78 -48.07 -22.04
N LEU F 46 -15.73 -46.79 -21.68
CA LEU F 46 -15.19 -46.35 -20.37
C LEU F 46 -16.10 -46.81 -19.24
N LEU F 47 -15.54 -47.49 -18.24
CA LEU F 47 -16.32 -48.05 -17.10
C LEU F 47 -16.09 -47.19 -15.86
N ILE F 48 -14.82 -46.93 -15.50
CA ILE F 48 -14.45 -46.13 -14.29
C ILE F 48 -13.29 -45.21 -14.63
N TYR F 49 -13.23 -44.06 -13.95
CA TYR F 49 -12.08 -43.12 -14.05
C TYR F 49 -11.70 -42.60 -12.65
N ASP F 50 -10.52 -42.02 -12.55
CA ASP F 50 -9.84 -41.61 -11.29
C ASP F 50 -9.94 -42.72 -10.22
N ALA F 51 -9.83 -43.99 -10.67
CA ALA F 51 -9.88 -45.23 -9.84
C ALA F 51 -11.20 -45.38 -9.05
N SER F 52 -12.14 -44.44 -9.12
CA SER F 52 -13.10 -44.24 -7.98
C SER F 52 -14.53 -43.92 -8.42
N THR F 53 -14.77 -43.45 -9.65
CA THR F 53 -16.09 -42.96 -10.10
C THR F 53 -16.49 -43.64 -11.42
N ARG F 54 -17.77 -44.01 -11.56
CA ARG F 54 -18.22 -44.86 -12.69
C ARG F 54 -18.99 -44.02 -13.73
N ALA F 55 -18.78 -44.35 -15.00
CA ALA F 55 -19.38 -43.68 -16.17
C ALA F 55 -20.91 -43.91 -16.22
N THR F 56 -21.62 -43.05 -16.96
CA THR F 56 -23.09 -42.97 -17.03
C THR F 56 -23.75 -44.30 -17.43
N GLY F 57 -23.08 -45.15 -18.21
CA GLY F 57 -23.66 -46.42 -18.71
C GLY F 57 -23.78 -47.51 -17.66
N PHE F 58 -23.19 -47.35 -16.47
CA PHE F 58 -23.00 -48.46 -15.50
C PHE F 58 -23.57 -48.09 -14.11
N SER F 59 -24.05 -49.11 -13.40
CA SER F 59 -24.84 -48.95 -12.14
C SER F 59 -24.02 -49.33 -10.89
N ALA F 60 -24.63 -49.18 -9.72
CA ALA F 60 -24.05 -49.37 -8.37
C ALA F 60 -23.37 -50.74 -8.18
N ARG F 61 -23.66 -51.72 -9.01
CA ARG F 61 -23.04 -53.07 -8.94
C ARG F 61 -21.55 -53.05 -9.36
N PHE F 62 -21.07 -52.00 -10.00
CA PHE F 62 -19.64 -51.83 -10.35
C PHE F 62 -18.97 -50.85 -9.37
N ALA F 63 -17.83 -51.26 -8.81
CA ALA F 63 -17.10 -50.44 -7.82
C ALA F 63 -15.58 -50.48 -8.09
N GLY F 64 -14.93 -49.32 -7.95
CA GLY F 64 -13.46 -49.14 -8.03
C GLY F 64 -12.83 -48.96 -6.67
N SER F 65 -11.56 -49.33 -6.54
CA SER F 65 -10.82 -49.29 -5.26
C SER F 65 -9.30 -49.22 -5.49
N GLY F 66 -8.56 -48.72 -4.48
CA GLY F 66 -7.09 -48.72 -4.48
C GLY F 66 -6.49 -47.37 -4.83
N SER F 67 -5.17 -47.25 -4.65
CA SER F 67 -4.39 -46.00 -4.86
C SER F 67 -2.90 -46.28 -4.98
N GLY F 68 -2.14 -45.29 -5.46
CA GLY F 68 -0.67 -45.39 -5.59
C GLY F 68 -0.25 -46.38 -6.67
N THR F 69 0.02 -47.64 -6.31
CA THR F 69 0.64 -48.66 -7.21
C THR F 69 -0.26 -49.89 -7.40
N GLU F 70 -1.33 -50.05 -6.60
CA GLU F 70 -2.27 -51.21 -6.76
C GLU F 70 -3.74 -50.76 -6.76
N PHE F 71 -4.52 -51.35 -7.66
CA PHE F 71 -5.91 -50.92 -7.99
C PHE F 71 -6.79 -52.16 -8.16
N THR F 72 -8.10 -51.99 -7.98
CA THR F 72 -9.06 -53.11 -7.99
C THR F 72 -10.42 -52.66 -8.55
N LEU F 73 -11.06 -53.58 -9.27
CA LEU F 73 -12.45 -53.44 -9.78
C LEU F 73 -13.27 -54.61 -9.25
N THR F 74 -14.49 -54.36 -8.81
CA THR F 74 -15.41 -55.42 -8.33
C THR F 74 -16.78 -55.29 -9.00
N ILE F 75 -17.30 -56.42 -9.47
CA ILE F 75 -18.66 -56.54 -10.07
C ILE F 75 -19.52 -57.36 -9.11
N SER F 76 -20.69 -56.85 -8.74
CA SER F 76 -21.61 -57.52 -7.79
C SER F 76 -22.76 -58.20 -8.56
N SER F 77 -23.09 -59.44 -8.16
CA SER F 77 -24.18 -60.26 -8.75
C SER F 77 -24.04 -60.36 -10.28
N LEU F 78 -23.09 -61.15 -10.76
CA LEU F 78 -22.73 -61.29 -12.20
C LEU F 78 -23.95 -61.70 -13.07
N GLN F 79 -24.04 -61.14 -14.28
CA GLN F 79 -25.18 -61.31 -15.22
C GLN F 79 -24.67 -61.63 -16.64
N SER F 80 -25.53 -62.19 -17.50
CA SER F 80 -25.19 -62.72 -18.85
C SER F 80 -24.40 -61.72 -19.71
N GLU F 81 -24.72 -60.42 -19.60
CA GLU F 81 -24.09 -59.35 -20.44
C GLU F 81 -22.67 -59.02 -19.96
N ASP F 82 -22.23 -59.47 -18.78
CA ASP F 82 -20.89 -59.14 -18.22
C ASP F 82 -19.77 -59.92 -18.92
N SER F 83 -20.10 -60.93 -19.74
CA SER F 83 -19.13 -61.77 -20.48
C SER F 83 -18.40 -60.89 -21.52
N ALA F 84 -17.19 -60.45 -21.18
CA ALA F 84 -16.45 -59.36 -21.87
C ALA F 84 -14.98 -59.36 -21.46
N ILE F 85 -14.15 -58.57 -22.15
CA ILE F 85 -12.73 -58.34 -21.75
C ILE F 85 -12.60 -56.95 -21.14
N TYR F 86 -11.83 -56.84 -20.06
CA TYR F 86 -11.68 -55.60 -19.25
C TYR F 86 -10.21 -55.18 -19.24
N TYR F 87 -9.91 -53.89 -19.36
CA TYR F 87 -8.52 -53.36 -19.37
C TYR F 87 -8.38 -52.20 -18.37
N CYS F 88 -7.26 -52.13 -17.65
CA CYS F 88 -6.85 -50.90 -16.93
C CYS F 88 -5.97 -50.01 -17.83
N GLN F 89 -5.96 -48.70 -17.58
CA GLN F 89 -5.08 -47.73 -18.30
C GLN F 89 -4.62 -46.65 -17.33
N GLN F 90 -3.35 -46.26 -17.36
CA GLN F 90 -2.88 -45.11 -16.54
C GLN F 90 -2.79 -43.84 -17.39
N TYR F 91 -2.87 -42.68 -16.75
CA TYR F 91 -2.69 -41.36 -17.42
C TYR F 91 -1.93 -40.39 -16.53
N ASN F 92 -0.82 -40.84 -15.94
CA ASN F 92 -0.03 -40.01 -15.00
C ASN F 92 0.89 -39.04 -15.77
N ASN F 93 0.36 -37.85 -16.07
CA ASN F 93 1.07 -36.60 -16.43
C ASN F 93 1.77 -36.59 -17.80
N TRP F 94 2.46 -37.65 -18.22
CA TRP F 94 3.35 -37.59 -19.42
C TRP F 94 3.22 -38.86 -20.27
N PRO F 95 3.31 -38.78 -21.63
CA PRO F 95 3.20 -39.95 -22.48
C PRO F 95 4.32 -40.99 -22.29
N PRO F 96 4.12 -42.26 -22.70
CA PRO F 96 2.87 -42.75 -23.31
C PRO F 96 1.81 -43.29 -22.35
N TRP F 97 0.57 -43.32 -22.82
CA TRP F 97 -0.63 -43.64 -21.99
C TRP F 97 -0.89 -45.14 -22.02
N THR F 98 -0.08 -45.91 -21.31
CA THR F 98 -0.03 -47.39 -21.43
C THR F 98 -1.28 -48.06 -20.87
N PHE F 99 -1.79 -49.05 -21.61
CA PHE F 99 -2.85 -49.98 -21.14
C PHE F 99 -2.24 -51.23 -20.49
N GLY F 100 -3.01 -51.89 -19.61
CA GLY F 100 -2.76 -53.28 -19.20
C GLY F 100 -3.13 -54.28 -20.30
N GLN F 101 -2.69 -55.52 -20.16
CA GLN F 101 -2.86 -56.57 -21.21
C GLN F 101 -4.31 -57.12 -21.21
N GLY F 102 -5.13 -56.78 -20.20
CA GLY F 102 -6.56 -57.14 -20.13
C GLY F 102 -6.86 -58.46 -19.42
N THR F 103 -8.10 -58.62 -18.95
CA THR F 103 -8.64 -59.81 -18.25
C THR F 103 -9.94 -60.22 -18.93
N LYS F 104 -10.13 -61.51 -19.24
CA LYS F 104 -11.39 -61.98 -19.86
C LYS F 104 -12.32 -62.58 -18.80
N VAL F 105 -13.60 -62.22 -18.85
CA VAL F 105 -14.67 -62.82 -18.00
C VAL F 105 -15.59 -63.66 -18.89
N GLU F 106 -15.79 -64.93 -18.53
CA GLU F 106 -16.82 -65.80 -19.16
C GLU F 106 -17.62 -66.52 -18.07
N ILE F 107 -18.91 -66.74 -18.33
CA ILE F 107 -19.89 -67.02 -17.24
C ILE F 107 -20.11 -68.54 -17.15
N LYS F 108 -19.90 -69.09 -15.95
CA LYS F 108 -20.02 -70.54 -15.66
C LYS F 108 -21.49 -70.88 -15.38
N ARG F 109 -22.28 -70.93 -16.46
CA ARG F 109 -23.69 -71.42 -16.44
C ARG F 109 -23.73 -72.96 -16.33
N THR F 110 -24.93 -73.53 -16.26
CA THR F 110 -25.18 -75.00 -16.29
C THR F 110 -24.72 -75.58 -17.65
N ALA G 105 21.90 18.97 -22.26
CA ALA G 105 20.59 18.67 -22.93
C ALA G 105 20.30 19.68 -24.05
N GLU G 106 19.45 19.29 -25.00
CA GLU G 106 19.08 20.08 -26.21
C GLU G 106 17.59 19.91 -26.49
N TYR G 107 16.95 20.83 -27.21
CA TYR G 107 15.54 20.61 -27.59
C TYR G 107 15.41 19.48 -28.61
N ARG G 108 14.28 18.75 -28.59
CA ARG G 108 13.96 17.78 -29.67
C ARG G 108 13.71 18.47 -31.03
N ASN G 109 14.09 17.80 -32.12
CA ASN G 109 13.77 18.29 -33.50
C ASN G 109 13.16 17.22 -34.45
N TRP G 110 13.08 15.94 -34.09
CA TRP G 110 12.42 14.85 -34.87
C TRP G 110 12.87 14.80 -36.36
N SER G 111 14.08 15.22 -36.73
CA SER G 111 14.49 15.39 -38.14
C SER G 111 14.97 14.07 -38.79
N LYS G 112 14.87 12.92 -38.14
CA LYS G 112 15.09 11.58 -38.76
C LYS G 112 13.90 11.12 -39.61
N PRO G 113 14.12 10.23 -40.63
CA PRO G 113 13.03 9.65 -41.43
C PRO G 113 12.15 8.68 -40.66
N GLN G 114 10.96 8.41 -41.16
CA GLN G 114 9.99 7.44 -40.54
C GLN G 114 10.46 6.01 -40.81
N CYS G 115 10.32 5.12 -39.83
CA CYS G 115 10.74 3.70 -39.94
C CYS G 115 9.86 2.91 -40.92
N ASP G 116 10.42 1.86 -41.53
CA ASP G 116 9.72 0.96 -42.49
C ASP G 116 8.81 -0.03 -41.75
N ILE G 117 7.59 0.38 -41.45
CA ILE G 117 6.63 -0.46 -40.69
C ILE G 117 6.05 -1.57 -41.58
N THR G 118 6.00 -2.81 -41.09
CA THR G 118 5.26 -3.96 -41.69
C THR G 118 4.04 -4.36 -40.84
N GLY G 119 3.90 -3.79 -39.66
CA GLY G 119 2.78 -4.03 -38.75
C GLY G 119 3.17 -3.66 -37.33
N PHE G 120 2.38 -4.14 -36.34
CA PHE G 120 2.54 -3.73 -34.93
C PHE G 120 2.75 -4.96 -34.03
N ALA G 121 3.70 -4.89 -33.10
CA ALA G 121 4.03 -5.95 -32.10
C ALA G 121 3.66 -5.51 -30.69
N PRO G 122 3.30 -6.40 -29.73
CA PRO G 122 2.89 -5.97 -28.38
C PRO G 122 4.04 -5.31 -27.60
N PHE G 123 3.71 -4.30 -26.80
CA PHE G 123 4.69 -3.53 -25.98
C PHE G 123 4.29 -3.46 -24.48
N SER G 124 3.01 -3.35 -24.07
CA SER G 124 2.65 -3.16 -22.65
C SER G 124 1.16 -3.32 -22.35
N LYS G 125 0.84 -3.64 -21.11
CA LYS G 125 -0.53 -3.86 -20.61
C LYS G 125 -0.59 -3.59 -19.10
N ASP G 126 -1.70 -3.10 -18.55
CA ASP G 126 -1.68 -2.51 -17.17
C ASP G 126 -2.39 -3.41 -16.15
N ASN G 127 -3.42 -4.13 -16.55
CA ASN G 127 -4.18 -5.08 -15.69
C ASN G 127 -4.95 -4.34 -14.56
N SER G 128 -5.23 -3.04 -14.70
CA SER G 128 -5.79 -2.19 -13.62
C SER G 128 -7.10 -2.72 -13.00
N ILE G 129 -8.06 -3.17 -13.79
CA ILE G 129 -9.37 -3.57 -13.20
C ILE G 129 -9.22 -4.90 -12.44
N ARG G 130 -8.42 -5.86 -12.93
CA ARG G 130 -8.19 -7.15 -12.22
C ARG G 130 -7.48 -6.90 -10.88
N LEU G 131 -6.44 -6.04 -10.86
CA LEU G 131 -5.73 -5.65 -9.61
C LEU G 131 -6.69 -4.92 -8.65
N SER G 132 -7.63 -4.12 -9.13
CA SER G 132 -8.59 -3.35 -8.30
C SER G 132 -9.45 -4.24 -7.42
N ALA G 133 -9.69 -5.49 -7.76
CA ALA G 133 -10.51 -6.40 -6.93
C ALA G 133 -9.78 -6.84 -5.65
N GLY G 134 -8.50 -6.51 -5.47
CA GLY G 134 -7.77 -6.78 -4.22
C GLY G 134 -6.57 -5.87 -4.09
N GLY G 135 -6.80 -4.57 -3.92
CA GLY G 135 -5.76 -3.51 -3.99
C GLY G 135 -6.35 -2.10 -4.12
N ASP G 136 -5.62 -1.04 -3.79
CA ASP G 136 -6.16 0.36 -3.84
C ASP G 136 -5.69 0.99 -5.16
N ILE G 137 -6.59 0.99 -6.15
CA ILE G 137 -6.28 1.54 -7.51
C ILE G 137 -7.23 2.70 -7.83
N TRP G 138 -6.70 3.74 -8.49
CA TRP G 138 -7.49 4.94 -8.92
C TRP G 138 -8.59 4.59 -9.95
N VAL G 139 -9.78 5.22 -9.89
CA VAL G 139 -10.77 5.28 -11.00
C VAL G 139 -10.36 6.31 -12.05
N THR G 140 -10.38 5.95 -13.33
CA THR G 140 -9.83 6.82 -14.44
C THR G 140 -10.67 6.70 -15.72
N ARG G 141 -10.48 7.66 -16.62
CA ARG G 141 -10.83 7.56 -18.06
C ARG G 141 -9.92 8.46 -18.87
N GLU G 142 -9.99 8.35 -20.19
CA GLU G 142 -9.25 9.22 -21.15
C GLU G 142 -7.74 9.11 -20.90
N PRO G 143 -7.13 7.90 -20.98
CA PRO G 143 -5.68 7.74 -20.88
C PRO G 143 -4.91 8.15 -22.13
N TYR G 144 -3.62 8.37 -21.95
CA TYR G 144 -2.67 8.52 -23.06
C TYR G 144 -1.23 8.17 -22.64
N VAL G 145 -0.33 8.04 -23.61
CA VAL G 145 1.10 7.72 -23.41
C VAL G 145 1.94 8.79 -24.07
N SER G 146 3.07 9.12 -23.45
CA SER G 146 4.07 10.06 -24.00
C SER G 146 5.46 9.73 -23.41
N CYS G 147 6.54 10.09 -24.08
CA CYS G 147 7.91 9.64 -23.68
C CYS G 147 8.85 10.82 -23.55
N ASP G 148 9.70 10.83 -22.52
CA ASP G 148 10.91 11.68 -22.51
C ASP G 148 12.02 10.96 -23.28
N PRO G 149 13.24 11.53 -23.41
CA PRO G 149 14.31 10.85 -24.16
C PRO G 149 14.76 9.49 -23.61
N ASP G 150 14.48 9.20 -22.35
CA ASP G 150 14.92 7.95 -21.68
C ASP G 150 13.78 6.91 -21.55
N LYS G 151 12.56 7.31 -21.19
CA LYS G 151 11.48 6.32 -20.93
C LYS G 151 10.06 6.89 -21.14
N CYS G 152 9.07 6.01 -21.20
CA CYS G 152 7.68 6.35 -21.51
C CYS G 152 6.82 6.41 -20.23
N TYR G 153 5.85 7.31 -20.24
CA TYR G 153 4.96 7.57 -19.11
C TYR G 153 3.52 7.38 -19.56
N GLN G 154 2.69 6.91 -18.64
CA GLN G 154 1.25 6.77 -18.85
C GLN G 154 0.54 7.88 -18.06
N PHE G 155 -0.46 8.49 -18.68
CA PHE G 155 -1.28 9.59 -18.10
C PHE G 155 -2.74 9.19 -18.10
N ALA G 156 -3.51 9.75 -17.18
CA ALA G 156 -4.98 9.59 -17.18
C ALA G 156 -5.66 10.69 -16.37
N LEU G 157 -6.98 10.85 -16.57
CA LEU G 157 -7.78 11.82 -15.77
C LEU G 157 -8.42 11.04 -14.67
N GLY G 158 -7.97 11.25 -13.43
CA GLY G 158 -8.58 10.59 -12.26
C GLY G 158 -9.97 11.12 -11.96
N GLN G 159 -10.78 10.37 -11.22
CA GLN G 159 -12.10 10.81 -10.75
C GLN G 159 -12.03 11.15 -9.26
N GLY G 160 -10.84 11.47 -8.72
CA GLY G 160 -10.70 11.78 -7.27
C GLY G 160 -11.14 10.67 -6.30
N THR G 161 -10.98 9.39 -6.64
CA THR G 161 -11.37 8.24 -5.79
C THR G 161 -10.67 6.94 -6.23
N THR G 162 -10.44 6.02 -5.30
CA THR G 162 -10.10 4.62 -5.60
C THR G 162 -11.37 3.87 -5.97
N LEU G 163 -11.23 2.68 -6.52
CA LEU G 163 -12.39 1.91 -7.04
C LEU G 163 -13.15 1.22 -5.91
N ASN G 164 -12.52 0.54 -4.95
CA ASN G 164 -13.25 -0.08 -3.82
C ASN G 164 -13.49 0.97 -2.71
N ASN G 165 -14.43 1.89 -2.94
CA ASN G 165 -14.59 3.16 -2.18
C ASN G 165 -16.02 3.67 -2.39
N VAL G 166 -16.66 4.27 -1.39
CA VAL G 166 -18.05 4.80 -1.51
C VAL G 166 -18.10 5.92 -2.57
N HIS G 167 -17.03 6.68 -2.75
CA HIS G 167 -16.99 7.78 -3.73
C HIS G 167 -16.88 7.27 -5.20
N SER G 168 -16.81 5.96 -5.44
CA SER G 168 -16.69 5.37 -6.81
C SER G 168 -18.06 5.36 -7.49
N ASN G 169 -19.16 5.47 -6.77
CA ASN G 169 -20.54 5.51 -7.33
C ASN G 169 -20.73 6.74 -8.22
N ASN G 170 -21.53 6.62 -9.28
CA ASN G 170 -21.83 7.73 -10.24
C ASN G 170 -20.57 8.36 -10.85
N THR G 171 -19.51 7.59 -11.12
CA THR G 171 -18.24 8.07 -11.76
C THR G 171 -18.35 8.21 -13.29
N VAL G 172 -19.58 8.30 -13.83
CA VAL G 172 -19.79 8.35 -15.31
C VAL G 172 -19.63 9.79 -15.86
N ARG G 173 -19.87 10.84 -15.06
CA ARG G 173 -19.77 12.24 -15.56
C ARG G 173 -18.34 12.63 -15.90
N ASP G 174 -18.18 13.42 -16.94
CA ASP G 174 -16.84 13.74 -17.50
C ASP G 174 -16.25 14.98 -16.84
N ARG G 175 -17.08 15.89 -16.30
CA ARG G 175 -16.57 17.18 -15.73
C ARG G 175 -17.05 17.34 -14.28
N THR G 176 -16.12 17.43 -13.31
CA THR G 176 -16.35 17.68 -11.86
C THR G 176 -15.17 18.45 -11.27
N PRO G 177 -15.28 19.08 -10.06
CA PRO G 177 -14.16 19.86 -9.51
C PRO G 177 -12.95 19.00 -9.04
N TYR G 178 -13.15 17.67 -8.90
CA TYR G 178 -12.18 16.74 -8.27
C TYR G 178 -11.26 16.05 -9.28
N ARG G 179 -11.42 16.20 -10.60
CA ARG G 179 -10.58 15.51 -11.61
C ARG G 179 -9.20 16.09 -11.60
N THR G 180 -8.18 15.24 -11.67
CA THR G 180 -6.74 15.65 -11.70
C THR G 180 -6.01 14.81 -12.74
N LEU G 181 -4.91 15.30 -13.24
CA LEU G 181 -4.07 14.54 -14.19
C LEU G 181 -3.12 13.63 -13.38
N LEU G 182 -3.24 12.31 -13.52
CA LEU G 182 -2.29 11.31 -12.94
C LEU G 182 -1.11 11.04 -13.88
N MET G 183 0.09 10.81 -13.35
CA MET G 183 1.29 10.49 -14.15
C MET G 183 2.13 9.36 -13.49
N ASN G 184 2.54 8.35 -14.26
CA ASN G 184 3.39 7.21 -13.83
C ASN G 184 4.34 6.81 -14.97
N GLU G 185 5.41 6.10 -14.67
CA GLU G 185 6.16 5.38 -15.72
C GLU G 185 5.28 4.28 -16.30
N LEU G 186 5.46 3.98 -17.59
CA LEU G 186 4.60 3.02 -18.31
C LEU G 186 4.73 1.63 -17.66
N GLY G 187 3.61 1.03 -17.30
CA GLY G 187 3.63 -0.32 -16.71
C GLY G 187 3.54 -0.34 -15.19
N VAL G 188 3.72 0.79 -14.52
CA VAL G 188 3.36 0.90 -13.08
C VAL G 188 1.89 1.27 -12.95
N PRO G 189 1.01 0.45 -12.39
CA PRO G 189 -0.40 0.82 -12.25
C PRO G 189 -0.62 2.04 -11.33
N PHE G 190 -1.77 2.71 -11.45
CA PHE G 190 -2.09 3.91 -10.64
C PHE G 190 -2.55 3.46 -9.23
N HIS G 191 -1.58 3.22 -8.35
CA HIS G 191 -1.75 2.96 -6.90
C HIS G 191 -1.71 4.29 -6.10
N LEU G 192 -1.92 4.25 -4.77
CA LEU G 192 -2.00 5.49 -3.92
C LEU G 192 -0.72 6.34 -3.95
N GLY G 193 0.43 5.79 -4.25
CA GLY G 193 1.65 6.60 -4.37
C GLY G 193 1.81 7.41 -5.67
N THR G 194 0.83 7.37 -6.58
CA THR G 194 0.85 8.10 -7.87
C THR G 194 0.87 9.62 -7.65
N LYS G 195 1.67 10.35 -8.43
CA LYS G 195 1.63 11.84 -8.45
C LYS G 195 0.45 12.44 -9.24
N GLN G 196 -0.29 13.39 -8.65
CA GLN G 196 -1.26 14.27 -9.36
C GLN G 196 -0.51 15.51 -9.89
N VAL G 197 -0.44 15.77 -11.18
CA VAL G 197 0.38 16.92 -11.67
C VAL G 197 -0.41 18.22 -11.76
N CYS G 198 -1.73 18.20 -11.92
CA CYS G 198 -2.51 19.47 -12.07
C CYS G 198 -3.99 19.27 -11.90
N ILE G 199 -4.77 20.33 -11.69
CA ILE G 199 -6.27 20.14 -11.65
C ILE G 199 -6.77 20.17 -13.10
N ALA G 200 -7.63 19.22 -13.51
CA ALA G 200 -7.98 19.07 -14.95
C ALA G 200 -9.14 18.14 -15.20
N TRP G 201 -10.13 18.56 -16.01
CA TRP G 201 -11.08 17.58 -16.63
C TRP G 201 -10.83 17.45 -18.15
N SER G 202 -9.84 18.11 -18.70
CA SER G 202 -9.30 17.86 -20.04
C SER G 202 -7.81 18.22 -20.05
N SER G 203 -6.97 17.51 -20.81
CA SER G 203 -5.52 17.79 -20.77
C SER G 203 -4.71 17.36 -22.01
N SER G 204 -3.47 17.79 -22.03
CA SER G 204 -2.45 17.29 -22.96
C SER G 204 -1.07 17.49 -22.31
N SER G 205 -0.06 16.72 -22.71
CA SER G 205 1.31 16.81 -22.14
C SER G 205 2.35 16.55 -23.23
N CYS G 206 3.52 17.11 -23.09
CA CYS G 206 4.67 16.73 -23.94
C CYS G 206 6.01 17.19 -23.34
N HIS G 207 7.09 16.59 -23.79
CA HIS G 207 8.44 16.84 -23.28
C HIS G 207 9.27 17.40 -24.43
N ASP G 208 9.90 18.55 -24.23
CA ASP G 208 10.51 19.32 -25.33
C ASP G 208 11.98 18.91 -25.48
N GLY G 209 12.49 17.96 -24.70
CA GLY G 209 13.92 17.59 -24.68
C GLY G 209 14.64 18.12 -23.43
N LYS G 210 14.09 19.12 -22.76
CA LYS G 210 14.62 19.67 -21.49
C LYS G 210 13.61 19.51 -20.33
N ALA G 211 12.31 19.68 -20.55
CA ALA G 211 11.30 19.56 -19.48
C ALA G 211 9.89 19.27 -19.98
N TRP G 212 9.02 18.86 -19.06
CA TRP G 212 7.60 18.63 -19.36
C TRP G 212 6.80 19.93 -19.45
N LEU G 213 5.90 20.01 -20.43
CA LEU G 213 4.75 20.94 -20.49
C LEU G 213 3.48 20.15 -20.21
N HIS G 214 2.66 20.62 -19.30
CA HIS G 214 1.26 20.13 -19.15
C HIS G 214 0.28 21.26 -19.43
N VAL G 215 -0.77 20.97 -20.17
CA VAL G 215 -1.88 21.91 -20.45
C VAL G 215 -3.11 21.34 -19.77
N CYS G 216 -3.68 22.09 -18.84
CA CYS G 216 -4.69 21.58 -17.90
C CYS G 216 -5.92 22.49 -17.94
N ILE G 217 -7.13 21.95 -18.04
CA ILE G 217 -8.37 22.77 -18.20
C ILE G 217 -9.34 22.43 -17.08
N THR G 218 -9.90 23.43 -16.41
CA THR G 218 -10.87 23.21 -15.30
C THR G 218 -11.72 24.46 -15.09
N GLY G 219 -12.81 24.35 -14.34
CA GLY G 219 -13.68 25.48 -14.03
C GLY G 219 -15.11 25.24 -14.42
N ASP G 220 -15.91 26.29 -14.45
CA ASP G 220 -17.33 26.20 -14.86
C ASP G 220 -17.42 25.93 -16.37
N ASP G 221 -18.47 25.21 -16.81
CA ASP G 221 -18.68 24.84 -18.24
C ASP G 221 -18.63 26.09 -19.13
N LYS G 222 -19.26 27.17 -18.67
CA LYS G 222 -19.42 28.41 -19.48
C LYS G 222 -18.41 29.47 -19.09
N ASN G 223 -17.46 29.21 -18.18
CA ASN G 223 -16.34 30.17 -17.94
C ASN G 223 -15.03 29.47 -17.54
N ALA G 224 -14.54 28.53 -18.31
CA ALA G 224 -13.41 27.64 -17.93
C ALA G 224 -12.06 28.28 -18.16
N THR G 225 -11.04 27.77 -17.46
CA THR G 225 -9.65 28.31 -17.51
C THR G 225 -8.71 27.22 -18.03
N ALA G 226 -7.72 27.57 -18.82
CA ALA G 226 -6.60 26.67 -19.16
C ALA G 226 -5.29 27.18 -18.54
N SER G 227 -4.61 26.33 -17.76
CA SER G 227 -3.29 26.62 -17.14
C SER G 227 -2.16 25.96 -17.92
N PHE G 228 -1.07 26.62 -18.11
CA PHE G 228 0.15 26.08 -18.77
C PHE G 228 1.23 25.92 -17.71
N ILE G 229 1.58 24.69 -17.39
CA ILE G 229 2.60 24.36 -16.35
C ILE G 229 3.85 23.78 -17.01
N TYR G 230 5.00 24.41 -16.81
CA TYR G 230 6.25 24.04 -17.48
C TYR G 230 7.39 23.99 -16.47
N ASN G 231 8.18 22.92 -16.53
CA ASN G 231 9.27 22.62 -15.56
C ASN G 231 8.75 22.78 -14.12
N GLY G 232 7.56 22.29 -13.82
CA GLY G 232 7.05 22.18 -12.45
C GLY G 232 6.40 23.43 -11.92
N ARG G 233 6.27 24.50 -12.69
CA ARG G 233 5.66 25.77 -12.23
C ARG G 233 4.72 26.41 -13.26
N LEU G 234 3.67 27.06 -12.77
CA LEU G 234 2.67 27.74 -13.64
C LEU G 234 3.30 28.95 -14.35
N VAL G 235 3.21 29.00 -15.69
CA VAL G 235 3.84 30.05 -16.50
C VAL G 235 2.81 30.92 -17.21
N ASP G 236 1.62 30.42 -17.53
CA ASP G 236 0.62 31.19 -18.32
C ASP G 236 -0.80 30.65 -18.13
N SER G 237 -1.81 31.43 -18.49
CA SER G 237 -3.24 30.99 -18.46
C SER G 237 -4.11 31.74 -19.46
N VAL G 238 -5.19 31.09 -19.89
CA VAL G 238 -6.14 31.69 -20.88
C VAL G 238 -7.57 31.25 -20.54
N VAL G 239 -8.54 32.05 -20.98
CA VAL G 239 -9.98 31.83 -20.64
C VAL G 239 -10.81 31.42 -21.87
N SER G 240 -11.84 30.60 -21.64
CA SER G 240 -12.84 30.19 -22.65
C SER G 240 -13.28 31.38 -23.51
N TRP G 241 -13.09 31.32 -24.82
CA TRP G 241 -13.39 32.44 -25.77
C TRP G 241 -14.82 32.36 -26.31
N SER G 242 -15.47 31.20 -26.30
CA SER G 242 -16.85 31.04 -26.81
C SER G 242 -17.81 30.59 -25.71
N LYS G 243 -17.36 30.48 -24.46
CA LYS G 243 -18.20 30.25 -23.26
C LYS G 243 -19.01 28.97 -23.37
N GLU G 244 -18.46 27.89 -23.95
CA GLU G 244 -19.22 26.62 -24.13
C GLU G 244 -18.26 25.42 -24.18
N ILE G 245 -17.73 25.06 -23.02
CA ILE G 245 -16.84 23.88 -22.77
C ILE G 245 -15.56 23.95 -23.62
N LEU G 246 -14.62 24.76 -23.18
CA LEU G 246 -13.22 24.79 -23.71
C LEU G 246 -12.62 23.41 -23.53
N ARG G 247 -11.96 22.84 -24.56
CA ARG G 247 -11.46 21.42 -24.51
C ARG G 247 -10.21 21.21 -25.37
N THR G 248 -9.45 20.15 -25.11
CA THR G 248 -8.17 19.87 -25.87
C THR G 248 -8.00 18.36 -26.15
N GLN G 249 -6.78 17.94 -26.53
CA GLN G 249 -6.53 16.69 -27.31
C GLN G 249 -6.72 15.35 -26.58
N GLU G 250 -6.76 15.30 -25.25
CA GLU G 250 -6.68 14.04 -24.45
C GLU G 250 -5.56 13.11 -24.97
N SER G 251 -4.42 13.67 -25.37
CA SER G 251 -3.27 12.92 -25.96
C SER G 251 -2.05 13.84 -26.04
N GLU G 252 -0.89 13.34 -26.40
CA GLU G 252 0.32 14.16 -26.32
C GLU G 252 0.32 15.32 -27.32
N CYS G 253 0.92 16.45 -26.91
CA CYS G 253 1.29 17.57 -27.81
C CYS G 253 2.58 17.23 -28.52
N VAL G 254 3.03 18.08 -29.44
CA VAL G 254 4.30 17.87 -30.20
C VAL G 254 5.13 19.14 -30.14
N CYS G 255 6.45 19.02 -30.01
CA CYS G 255 7.40 20.16 -29.86
C CYS G 255 8.54 20.01 -30.84
N ILE G 256 8.89 21.07 -31.56
CA ILE G 256 10.06 21.10 -32.47
C ILE G 256 10.87 22.38 -32.16
N ASN G 257 12.19 22.24 -31.97
CA ASN G 257 13.12 23.34 -31.65
C ASN G 257 12.57 24.20 -30.48
N GLY G 258 11.96 23.60 -29.47
CA GLY G 258 11.52 24.35 -28.28
C GLY G 258 10.11 24.91 -28.39
N THR G 259 9.50 24.96 -29.57
CA THR G 259 8.09 25.43 -29.73
C THR G 259 7.15 24.24 -29.70
N CYS G 260 6.29 24.18 -28.72
CA CYS G 260 5.18 23.16 -28.64
C CYS G 260 3.92 23.69 -29.30
N THR G 261 3.06 22.79 -29.77
CA THR G 261 1.75 23.17 -30.35
C THR G 261 0.65 22.32 -29.77
N VAL G 262 -0.49 22.96 -29.55
CA VAL G 262 -1.68 22.27 -29.01
C VAL G 262 -2.92 22.79 -29.72
N VAL G 263 -3.88 21.92 -29.95
CA VAL G 263 -5.16 22.27 -30.62
C VAL G 263 -6.24 22.38 -29.55
N MET G 264 -7.03 23.44 -29.60
CA MET G 264 -8.08 23.70 -28.57
C MET G 264 -9.36 24.16 -29.26
N THR G 265 -10.50 23.77 -28.72
CA THR G 265 -11.82 24.06 -29.32
C THR G 265 -12.74 24.61 -28.25
N ASP G 266 -13.65 25.49 -28.64
CA ASP G 266 -14.76 25.99 -27.77
C ASP G 266 -16.05 26.06 -28.60
N GLY G 267 -17.22 25.84 -28.05
CA GLY G 267 -18.45 25.87 -28.85
C GLY G 267 -19.12 24.51 -29.05
N SER G 268 -20.14 24.46 -29.91
CA SER G 268 -21.11 23.34 -30.04
C SER G 268 -20.48 22.03 -30.53
N ALA G 269 -21.04 20.90 -30.11
CA ALA G 269 -20.70 19.54 -30.63
C ALA G 269 -21.55 19.14 -31.88
N SER G 270 -22.67 19.80 -32.15
CA SER G 270 -23.60 19.43 -33.25
C SER G 270 -23.86 20.65 -34.17
N GLY G 271 -22.83 21.50 -34.36
CA GLY G 271 -22.87 22.71 -35.19
C GLY G 271 -21.50 23.35 -35.29
N LYS G 272 -21.41 24.51 -35.95
CA LYS G 272 -20.12 25.22 -36.12
C LYS G 272 -19.53 25.57 -34.74
N ALA G 273 -18.20 25.43 -34.61
CA ALA G 273 -17.45 25.64 -33.36
C ALA G 273 -16.17 26.43 -33.64
N ASP G 274 -15.56 26.98 -32.60
CA ASP G 274 -14.34 27.83 -32.72
C ASP G 274 -13.11 27.01 -32.35
N THR G 275 -12.16 26.85 -33.26
CA THR G 275 -10.94 26.04 -33.04
C THR G 275 -9.72 26.91 -33.25
N LYS G 276 -8.76 26.84 -32.32
CA LYS G 276 -7.49 27.59 -32.42
C LYS G 276 -6.30 26.67 -32.16
N ILE G 277 -5.17 27.03 -32.73
CA ILE G 277 -3.89 26.33 -32.51
C ILE G 277 -2.98 27.31 -31.77
N LEU G 278 -2.50 26.89 -30.62
CA LEU G 278 -1.64 27.73 -29.74
C LEU G 278 -0.19 27.28 -29.90
N PHE G 279 0.72 28.24 -30.05
CA PHE G 279 2.17 28.01 -30.13
C PHE G 279 2.79 28.47 -28.81
N ILE G 280 3.56 27.61 -28.19
CA ILE G 280 4.00 27.77 -26.77
C ILE G 280 5.52 27.57 -26.66
N GLU G 281 6.21 28.43 -25.92
CA GLU G 281 7.69 28.33 -25.70
C GLU G 281 8.03 28.47 -24.22
N GLU G 282 8.53 27.38 -23.64
CA GLU G 282 8.79 27.22 -22.18
C GLU G 282 7.59 27.65 -21.32
N GLY G 283 6.39 27.31 -21.76
CA GLY G 283 5.15 27.56 -21.04
C GLY G 283 4.49 28.90 -21.40
N LYS G 284 5.22 29.84 -22.00
CA LYS G 284 4.62 31.14 -22.44
C LYS G 284 3.89 30.97 -23.77
N ILE G 285 2.63 31.41 -23.89
CA ILE G 285 1.93 31.46 -25.22
C ILE G 285 2.58 32.55 -26.09
N VAL G 286 3.11 32.20 -27.26
CA VAL G 286 3.81 33.18 -28.15
C VAL G 286 2.97 33.53 -29.38
N HIS G 287 2.08 32.68 -29.84
CA HIS G 287 1.24 32.95 -31.05
C HIS G 287 -0.04 32.14 -31.00
N THR G 288 -1.06 32.59 -31.72
CA THR G 288 -2.33 31.83 -31.86
C THR G 288 -2.91 31.96 -33.27
N SER G 289 -3.30 30.86 -33.87
CA SER G 289 -3.85 30.77 -35.25
C SER G 289 -5.25 30.17 -35.20
N THR G 290 -6.18 30.71 -35.97
CA THR G 290 -7.54 30.14 -36.14
C THR G 290 -7.52 29.02 -37.19
N LEU G 291 -8.36 27.98 -37.03
CA LEU G 291 -8.42 26.86 -38.01
C LEU G 291 -8.86 27.36 -39.40
N SER G 292 -8.22 26.82 -40.44
CA SER G 292 -8.38 27.22 -41.86
C SER G 292 -8.38 25.98 -42.79
N GLY G 293 -8.91 26.11 -44.00
CA GLY G 293 -9.18 24.97 -44.92
C GLY G 293 -10.58 24.40 -44.74
N SER G 294 -10.83 23.20 -45.24
CA SER G 294 -12.20 22.66 -45.44
C SER G 294 -12.66 21.75 -44.31
N ALA G 295 -11.89 21.51 -43.24
CA ALA G 295 -12.41 20.77 -42.07
C ALA G 295 -13.49 21.60 -41.35
N GLN G 296 -14.65 21.03 -41.08
CA GLN G 296 -15.82 21.78 -40.57
C GLN G 296 -16.10 21.51 -39.08
N HIS G 297 -15.65 20.38 -38.53
CA HIS G 297 -15.67 20.12 -37.06
C HIS G 297 -14.36 19.45 -36.65
N VAL G 298 -13.73 19.86 -35.54
CA VAL G 298 -12.38 19.33 -35.14
C VAL G 298 -12.29 19.17 -33.62
N GLU G 299 -12.29 17.93 -33.16
CA GLU G 299 -12.25 17.53 -31.73
C GLU G 299 -11.11 16.52 -31.52
N GLU G 300 -10.55 16.45 -30.32
CA GLU G 300 -9.73 15.32 -29.80
C GLU G 300 -8.60 14.88 -30.77
N CYS G 301 -7.92 15.80 -31.40
CA CYS G 301 -6.87 15.43 -32.36
C CYS G 301 -5.80 14.49 -31.77
N SER G 302 -5.27 13.62 -32.62
CA SER G 302 -4.08 12.77 -32.42
C SER G 302 -3.00 13.28 -33.35
N CYS G 303 -1.85 13.69 -32.85
CA CYS G 303 -0.86 14.46 -33.64
C CYS G 303 0.51 13.77 -33.65
N TYR G 304 1.26 13.95 -34.72
CA TYR G 304 2.60 13.34 -34.87
C TYR G 304 3.56 14.27 -35.59
N PRO G 305 4.85 14.28 -35.19
CA PRO G 305 5.85 15.07 -35.87
C PRO G 305 6.14 14.51 -37.26
N ARG G 306 6.26 15.42 -38.22
CA ARG G 306 6.44 15.13 -39.66
C ARG G 306 7.31 16.24 -40.22
N TYR G 307 8.56 16.23 -39.78
CA TYR G 307 9.50 17.37 -39.89
C TYR G 307 9.55 17.86 -41.34
N PRO G 308 9.53 19.18 -41.64
CA PRO G 308 9.58 20.27 -40.65
C PRO G 308 8.26 20.66 -39.92
N GLY G 309 7.17 19.97 -40.16
CA GLY G 309 5.89 20.37 -39.59
C GLY G 309 5.30 19.37 -38.61
N VAL G 310 4.04 19.56 -38.29
CA VAL G 310 3.24 18.67 -37.44
C VAL G 310 1.93 18.34 -38.16
N ARG G 311 1.40 17.13 -38.00
CA ARG G 311 0.20 16.63 -38.70
C ARG G 311 -0.71 15.99 -37.66
N CYS G 312 -2.02 16.18 -37.80
CA CYS G 312 -3.02 15.75 -36.78
C CYS G 312 -4.23 15.12 -37.48
N VAL G 313 -4.78 14.05 -36.91
CA VAL G 313 -6.00 13.39 -37.40
C VAL G 313 -7.02 13.37 -36.26
N CYS G 314 -8.27 13.75 -36.51
CA CYS G 314 -9.16 14.28 -35.45
C CYS G 314 -10.55 13.62 -35.52
N ARG G 315 -11.49 14.07 -34.70
CA ARG G 315 -12.87 13.53 -34.57
C ARG G 315 -13.81 14.61 -35.10
N ASP G 316 -14.80 14.21 -35.90
CA ASP G 316 -15.88 15.10 -36.42
C ASP G 316 -17.22 14.60 -35.86
N ASN G 317 -17.76 15.33 -34.87
CA ASN G 317 -19.00 14.93 -34.17
C ASN G 317 -20.24 15.36 -34.94
N TRP G 318 -20.10 16.14 -36.01
CA TRP G 318 -21.22 16.88 -36.64
C TRP G 318 -21.71 16.16 -37.91
N LYS G 319 -20.83 15.93 -38.90
CA LYS G 319 -21.24 15.49 -40.26
C LYS G 319 -20.35 14.42 -40.89
N GLY G 320 -19.08 14.30 -40.55
CA GLY G 320 -18.20 13.26 -41.11
C GLY G 320 -18.26 11.94 -40.34
N SER G 321 -18.22 10.80 -41.04
CA SER G 321 -17.67 9.53 -40.51
C SER G 321 -16.28 9.24 -41.11
N ASN G 322 -15.89 9.99 -42.13
CA ASN G 322 -14.47 10.17 -42.50
C ASN G 322 -13.81 11.12 -41.48
N ARG G 323 -12.50 11.03 -41.25
CA ARG G 323 -11.78 11.84 -40.22
C ARG G 323 -11.15 13.07 -40.84
N PRO G 324 -11.20 14.24 -40.14
CA PRO G 324 -10.47 15.43 -40.55
C PRO G 324 -8.94 15.32 -40.36
N ILE G 325 -8.23 16.09 -41.16
CA ILE G 325 -6.76 16.23 -41.08
C ILE G 325 -6.45 17.72 -40.87
N VAL G 326 -5.44 18.03 -40.07
CA VAL G 326 -4.91 19.40 -39.90
C VAL G 326 -3.40 19.33 -40.04
N ASP G 327 -2.84 20.14 -40.94
CA ASP G 327 -1.39 20.32 -41.08
C ASP G 327 -1.00 21.69 -40.50
N ILE G 328 0.06 21.69 -39.70
CA ILE G 328 0.52 22.87 -38.92
C ILE G 328 1.95 23.21 -39.36
N ASN G 329 2.21 24.48 -39.64
CA ASN G 329 3.57 24.96 -39.98
C ASN G 329 4.18 25.66 -38.75
N ILE G 330 5.35 25.20 -38.29
CA ILE G 330 6.00 25.74 -37.05
C ILE G 330 6.78 27.03 -37.37
N LYS G 331 7.23 27.25 -38.60
CA LYS G 331 8.09 28.43 -38.94
C LYS G 331 7.27 29.69 -39.20
N ASP G 332 6.02 29.56 -39.66
CA ASP G 332 5.18 30.74 -40.04
C ASP G 332 3.75 30.67 -39.46
N HIS G 333 3.48 29.70 -38.60
CA HIS G 333 2.22 29.54 -37.85
C HIS G 333 0.99 29.32 -38.76
N SER G 334 1.19 29.03 -40.05
CA SER G 334 0.07 28.77 -41.01
C SER G 334 -0.57 27.40 -40.78
N ILE G 335 -1.84 27.30 -41.15
CA ILE G 335 -2.71 26.12 -40.94
C ILE G 335 -3.41 25.76 -42.25
N VAL G 336 -3.54 24.47 -42.58
CA VAL G 336 -4.46 23.96 -43.63
C VAL G 336 -5.16 22.69 -43.15
N SER G 337 -6.27 22.35 -43.79
CA SER G 337 -7.08 21.19 -43.37
C SER G 337 -7.90 20.56 -44.49
N SER G 338 -8.28 19.31 -44.30
CA SER G 338 -8.93 18.43 -45.30
C SER G 338 -9.47 17.18 -44.61
N TYR G 339 -9.81 16.12 -45.35
CA TYR G 339 -10.28 14.84 -44.78
C TYR G 339 -9.46 13.66 -45.33
N VAL G 340 -9.43 12.56 -44.57
CA VAL G 340 -8.75 11.28 -44.97
C VAL G 340 -9.52 10.68 -46.15
N CYS G 341 -8.82 10.48 -47.27
CA CYS G 341 -9.41 10.07 -48.57
C CYS G 341 -10.00 8.64 -48.53
N SER G 342 -9.37 7.69 -47.86
CA SER G 342 -9.71 6.24 -47.85
C SER G 342 -11.23 5.94 -47.88
N GLY G 343 -11.66 5.02 -48.75
CA GLY G 343 -13.06 4.56 -48.83
C GLY G 343 -13.45 3.72 -47.63
N LEU G 344 -12.46 3.11 -46.98
CA LEU G 344 -12.64 2.47 -45.65
C LEU G 344 -12.47 3.55 -44.58
N VAL G 345 -13.57 3.92 -43.91
CA VAL G 345 -13.56 5.11 -43.01
C VAL G 345 -13.30 4.68 -41.55
N GLY G 346 -12.72 5.59 -40.74
CA GLY G 346 -12.20 5.27 -39.38
C GLY G 346 -13.07 5.66 -38.17
N ASP G 347 -14.18 6.37 -38.34
CA ASP G 347 -14.98 6.86 -37.20
C ASP G 347 -16.02 5.80 -36.79
N THR G 348 -16.66 5.99 -35.64
CA THR G 348 -17.76 5.11 -35.16
C THR G 348 -18.82 6.00 -34.52
N PRO G 349 -20.12 5.94 -34.93
CA PRO G 349 -20.65 5.03 -35.94
C PRO G 349 -20.25 5.32 -37.39
N ARG G 350 -20.51 4.36 -38.28
CA ARG G 350 -20.23 4.46 -39.74
C ARG G 350 -21.09 3.45 -40.52
N LYS G 351 -21.14 3.58 -41.84
CA LYS G 351 -21.78 2.55 -42.72
C LYS G 351 -20.80 1.38 -42.90
N ASN G 352 -21.31 0.20 -43.25
CA ASN G 352 -20.48 -1.02 -43.50
C ASN G 352 -19.56 -0.81 -44.72
N ASP G 353 -18.52 -1.64 -44.84
CA ASP G 353 -17.45 -1.46 -45.85
C ASP G 353 -17.99 -1.65 -47.27
N SER G 354 -19.08 -2.41 -47.41
CA SER G 354 -19.80 -2.63 -48.70
C SER G 354 -20.43 -1.33 -49.23
N SER G 355 -20.70 -0.34 -48.39
CA SER G 355 -21.53 0.83 -48.75
C SER G 355 -20.97 2.19 -48.28
N SER G 356 -19.94 2.23 -47.44
CA SER G 356 -19.27 3.49 -47.02
C SER G 356 -18.62 4.21 -48.21
N SER G 357 -18.47 5.52 -48.10
CA SER G 357 -17.70 6.35 -49.07
C SER G 357 -16.97 7.48 -48.35
N SER G 358 -16.07 8.15 -49.04
CA SER G 358 -15.32 9.29 -48.50
C SER G 358 -15.04 10.33 -49.59
N HIS G 359 -14.53 11.47 -49.16
CA HIS G 359 -14.21 12.66 -49.99
C HIS G 359 -12.96 13.26 -49.40
N CYS G 360 -12.04 13.77 -50.23
CA CYS G 360 -10.75 14.30 -49.73
C CYS G 360 -10.93 15.68 -49.08
N LEU G 361 -12.03 16.39 -49.38
CA LEU G 361 -12.23 17.78 -48.89
C LEU G 361 -13.39 17.94 -47.90
N ASP G 362 -14.44 17.12 -47.97
CA ASP G 362 -15.73 17.36 -47.27
C ASP G 362 -16.09 16.21 -46.33
N PRO G 363 -16.91 16.46 -45.29
CA PRO G 363 -17.55 15.37 -44.55
C PRO G 363 -18.44 14.55 -45.49
N ASN G 364 -18.35 13.23 -45.35
CA ASN G 364 -19.04 12.28 -46.25
C ASN G 364 -20.56 12.29 -46.03
N ASN G 365 -21.08 12.86 -44.95
CA ASN G 365 -22.53 12.89 -44.58
C ASN G 365 -23.13 11.49 -44.44
N GLU G 366 -22.33 10.48 -44.09
CA GLU G 366 -22.83 9.09 -43.82
C GLU G 366 -22.73 8.82 -42.33
N GLU G 367 -23.85 8.57 -41.63
CA GLU G 367 -23.88 8.34 -40.15
C GLU G 367 -23.00 9.39 -39.42
N GLY G 368 -23.05 10.65 -39.85
CA GLY G 368 -22.02 11.64 -39.52
C GLY G 368 -21.94 12.00 -38.04
N GLY G 369 -23.07 12.13 -37.37
CA GLY G 369 -23.13 12.63 -35.99
C GLY G 369 -22.51 11.70 -34.98
N HIS G 370 -21.93 12.25 -33.91
CA HIS G 370 -21.17 11.51 -32.86
C HIS G 370 -19.91 10.90 -33.46
N GLY G 371 -19.13 10.20 -32.65
CA GLY G 371 -17.80 9.72 -33.08
C GLY G 371 -17.00 9.06 -31.97
N VAL G 372 -15.72 8.79 -32.25
CA VAL G 372 -14.76 8.32 -31.21
C VAL G 372 -13.34 8.79 -31.54
N LYS G 373 -12.51 9.03 -30.52
CA LYS G 373 -11.12 9.48 -30.75
C LYS G 373 -10.29 8.34 -31.38
N GLY G 374 -9.52 8.64 -32.43
CA GLY G 374 -8.72 7.62 -33.14
C GLY G 374 -7.51 8.16 -33.81
N TRP G 375 -6.93 7.41 -34.74
CA TRP G 375 -5.65 7.81 -35.39
C TRP G 375 -5.53 7.25 -36.81
N ALA G 376 -4.65 7.82 -37.60
CA ALA G 376 -4.17 7.30 -38.90
C ALA G 376 -2.84 7.97 -39.22
N PHE G 377 -1.99 7.39 -40.06
CA PHE G 377 -0.78 8.11 -40.52
C PHE G 377 -0.39 7.67 -41.94
N ASP G 378 0.30 8.56 -42.65
CA ASP G 378 0.63 8.39 -44.09
C ASP G 378 1.85 7.48 -44.20
N ASP G 379 1.92 6.71 -45.27
CA ASP G 379 3.09 5.87 -45.63
C ASP G 379 3.24 5.89 -47.16
N GLY G 380 3.82 6.96 -47.70
CA GLY G 380 3.68 7.31 -49.12
C GLY G 380 2.22 7.61 -49.47
N ASN G 381 1.66 6.95 -50.48
CA ASN G 381 0.24 7.09 -50.83
C ASN G 381 -0.62 6.12 -50.03
N ASP G 382 -0.02 5.18 -49.28
CA ASP G 382 -0.83 4.26 -48.42
C ASP G 382 -1.18 4.94 -47.09
N VAL G 383 -2.16 4.43 -46.39
CA VAL G 383 -2.44 4.89 -45.00
C VAL G 383 -2.54 3.68 -44.04
N TRP G 384 -1.92 3.79 -42.87
CA TRP G 384 -2.16 2.89 -41.72
C TRP G 384 -3.20 3.51 -40.81
N MET G 385 -4.13 2.72 -40.33
CA MET G 385 -5.17 3.22 -39.40
C MET G 385 -5.71 2.11 -38.51
N GLY G 386 -6.35 2.50 -37.42
CA GLY G 386 -7.06 1.58 -36.49
C GLY G 386 -8.49 2.02 -36.29
N ARG G 387 -9.37 1.06 -36.00
CA ARG G 387 -10.80 1.32 -35.77
C ARG G 387 -11.49 0.22 -34.93
N THR G 388 -12.66 0.50 -34.39
CA THR G 388 -13.49 -0.53 -33.73
C THR G 388 -13.91 -1.57 -34.79
N ILE G 389 -14.01 -2.84 -34.42
CA ILE G 389 -14.43 -3.91 -35.37
C ILE G 389 -15.91 -3.77 -35.68
N ASN G 390 -16.71 -3.42 -34.71
CA ASN G 390 -18.16 -3.19 -34.88
C ASN G 390 -18.40 -1.78 -35.44
N GLU G 391 -19.46 -1.62 -36.25
CA GLU G 391 -19.73 -0.33 -36.96
C GLU G 391 -20.57 0.65 -36.12
N THR G 392 -21.29 0.19 -35.10
CA THR G 392 -22.25 1.06 -34.36
C THR G 392 -22.06 1.02 -32.84
N SER G 393 -20.99 0.41 -32.34
CA SER G 393 -20.68 0.35 -30.90
C SER G 393 -19.18 0.16 -30.68
N ARG G 394 -18.65 0.53 -29.52
CA ARG G 394 -17.18 0.49 -29.29
C ARG G 394 -16.80 -0.93 -28.83
N LEU G 395 -16.97 -1.92 -29.72
CA LEU G 395 -16.57 -3.34 -29.52
C LEU G 395 -15.45 -3.75 -30.50
N GLY G 396 -14.50 -4.52 -29.99
CA GLY G 396 -13.29 -4.95 -30.72
C GLY G 396 -12.39 -3.80 -31.14
N TYR G 397 -11.24 -4.14 -31.71
CA TYR G 397 -10.31 -3.17 -32.31
C TYR G 397 -9.41 -3.86 -33.32
N GLU G 398 -9.24 -3.25 -34.49
CA GLU G 398 -8.42 -3.80 -35.61
C GLU G 398 -7.55 -2.70 -36.18
N THR G 399 -6.43 -3.08 -36.79
CA THR G 399 -5.63 -2.18 -37.62
C THR G 399 -5.37 -2.79 -39.00
N PHE G 400 -5.06 -1.96 -40.00
CA PHE G 400 -4.69 -2.41 -41.36
C PHE G 400 -4.04 -1.30 -42.18
N LYS G 401 -3.48 -1.65 -43.34
CA LYS G 401 -3.02 -0.68 -44.35
C LYS G 401 -4.03 -0.63 -45.49
N VAL G 402 -4.32 0.55 -46.03
CA VAL G 402 -5.17 0.71 -47.25
C VAL G 402 -4.31 1.18 -48.39
N ILE G 403 -4.32 0.46 -49.50
CA ILE G 403 -3.43 0.77 -50.67
C ILE G 403 -3.94 2.05 -51.36
N GLU G 404 -3.08 3.04 -51.57
CA GLU G 404 -3.44 4.40 -52.10
C GLU G 404 -4.45 5.14 -51.19
N GLY G 405 -4.73 4.67 -49.99
CA GLY G 405 -5.82 5.24 -49.18
C GLY G 405 -5.55 6.66 -48.67
N TRP G 406 -4.35 7.20 -48.80
CA TRP G 406 -4.08 8.62 -48.44
C TRP G 406 -4.44 9.58 -49.59
N SER G 407 -4.52 9.11 -50.84
CA SER G 407 -4.67 9.99 -52.02
C SER G 407 -5.82 9.61 -52.97
N ASN G 408 -6.31 8.38 -52.93
CA ASN G 408 -7.38 7.90 -53.85
C ASN G 408 -8.67 7.72 -53.03
N PRO G 409 -9.73 8.55 -53.24
CA PRO G 409 -10.93 8.47 -52.41
C PRO G 409 -11.84 7.26 -52.69
N LYS G 410 -11.56 6.48 -53.74
CA LYS G 410 -12.41 5.32 -54.13
C LYS G 410 -11.80 3.99 -53.69
N SER G 411 -10.55 3.98 -53.20
CA SER G 411 -9.80 2.75 -52.84
C SER G 411 -10.44 2.03 -51.63
N LYS G 412 -10.57 0.69 -51.73
CA LYS G 412 -11.03 -0.20 -50.62
C LYS G 412 -10.14 -1.45 -50.49
N LEU G 413 -8.92 -1.37 -50.98
CA LEU G 413 -8.00 -2.52 -51.05
C LEU G 413 -7.19 -2.55 -49.75
N GLN G 414 -7.60 -3.37 -48.77
CA GLN G 414 -6.82 -3.48 -47.50
C GLN G 414 -5.88 -4.68 -47.46
N ILE G 415 -4.81 -4.58 -46.68
CA ILE G 415 -3.79 -5.63 -46.45
C ILE G 415 -3.18 -5.50 -45.05
N ASN G 416 -2.54 -6.56 -44.55
CA ASN G 416 -1.86 -6.57 -43.23
C ASN G 416 -2.85 -6.29 -42.08
N ARG G 417 -4.07 -6.79 -42.13
CA ARG G 417 -4.98 -6.71 -40.97
C ARG G 417 -4.40 -7.40 -39.71
N GLN G 418 -4.58 -6.77 -38.55
CA GLN G 418 -4.34 -7.40 -37.23
C GLN G 418 -5.50 -7.10 -36.28
N VAL G 419 -6.03 -8.11 -35.62
CA VAL G 419 -6.94 -7.93 -34.47
C VAL G 419 -6.12 -7.66 -33.20
N ILE G 420 -6.48 -6.61 -32.47
CA ILE G 420 -5.83 -6.26 -31.18
C ILE G 420 -6.77 -6.72 -30.03
N VAL G 421 -8.05 -6.45 -30.15
CA VAL G 421 -9.09 -6.90 -29.21
C VAL G 421 -10.20 -7.49 -30.06
N ASP G 422 -10.65 -8.70 -29.75
CA ASP G 422 -11.64 -9.41 -30.57
C ASP G 422 -13.04 -8.80 -30.40
N ARG G 423 -13.95 -9.10 -31.34
CA ARG G 423 -15.25 -8.41 -31.48
C ARG G 423 -16.18 -8.57 -30.27
N GLY G 424 -15.92 -9.46 -29.33
CA GLY G 424 -16.82 -9.61 -28.15
C GLY G 424 -16.41 -8.75 -26.98
N ASN G 425 -15.30 -8.02 -27.07
CA ASN G 425 -14.67 -7.30 -25.94
C ASN G 425 -14.68 -5.78 -26.15
N ARG G 426 -14.96 -5.03 -25.09
CA ARG G 426 -15.12 -3.55 -25.15
C ARG G 426 -13.79 -2.86 -25.47
N SER G 427 -13.87 -1.76 -26.21
CA SER G 427 -12.74 -0.84 -26.45
C SER G 427 -13.15 0.60 -26.05
N GLY G 428 -12.62 1.63 -26.68
CA GLY G 428 -12.74 3.02 -26.21
C GLY G 428 -11.88 3.95 -27.04
N TYR G 429 -11.31 5.00 -26.45
CA TYR G 429 -10.43 5.94 -27.18
C TYR G 429 -9.13 5.23 -27.60
N SER G 430 -8.50 5.72 -28.64
CA SER G 430 -7.16 5.26 -29.06
C SER G 430 -6.35 6.41 -29.66
N GLY G 431 -5.03 6.33 -29.65
CA GLY G 431 -4.20 7.48 -30.09
C GLY G 431 -2.77 7.13 -30.41
N ILE G 432 -2.11 7.92 -31.19
CA ILE G 432 -0.72 7.63 -31.64
C ILE G 432 0.29 8.25 -30.63
N PHE G 433 1.49 7.72 -30.55
CA PHE G 433 2.69 8.45 -30.05
C PHE G 433 3.93 8.00 -30.83
N SER G 434 4.96 8.82 -30.80
CA SER G 434 6.18 8.67 -31.61
C SER G 434 7.37 8.47 -30.71
N VAL G 435 8.30 7.64 -31.15
CA VAL G 435 9.50 7.27 -30.36
C VAL G 435 10.70 7.38 -31.27
N GLU G 436 11.74 8.04 -30.80
CA GLU G 436 12.97 8.22 -31.62
C GLU G 436 13.90 7.02 -31.40
N GLY G 437 14.27 6.35 -32.50
CA GLY G 437 15.27 5.27 -32.50
C GLY G 437 16.64 5.74 -32.93
N LYS G 438 17.55 4.78 -33.14
CA LYS G 438 18.97 5.06 -33.48
C LYS G 438 19.08 5.75 -34.86
N SER G 439 18.16 5.46 -35.80
CA SER G 439 18.27 5.95 -37.19
C SER G 439 16.91 6.33 -37.82
N CYS G 440 15.77 6.17 -37.14
CA CYS G 440 14.45 6.55 -37.70
C CYS G 440 13.44 6.86 -36.56
N ILE G 441 12.31 7.49 -36.90
CA ILE G 441 11.20 7.75 -35.95
C ILE G 441 10.17 6.64 -36.09
N ASN G 442 9.84 5.95 -34.99
CA ASN G 442 8.83 4.88 -35.01
C ASN G 442 7.46 5.42 -34.55
N ARG G 443 6.36 4.76 -34.94
CA ARG G 443 4.98 5.09 -34.52
C ARG G 443 4.42 3.97 -33.68
N CYS G 444 3.71 4.30 -32.63
CA CYS G 444 3.16 3.35 -31.62
C CYS G 444 1.74 3.84 -31.29
N PHE G 445 0.90 2.98 -30.75
CA PHE G 445 -0.47 3.42 -30.41
C PHE G 445 -0.97 2.70 -29.14
N TYR G 446 -2.00 3.27 -28.53
CA TYR G 446 -2.58 2.74 -27.29
C TYR G 446 -4.11 2.60 -27.45
N VAL G 447 -4.74 1.72 -26.68
CA VAL G 447 -6.21 1.56 -26.75
C VAL G 447 -6.78 1.54 -25.31
N GLU G 448 -7.83 2.32 -25.07
CA GLU G 448 -8.51 2.40 -23.77
C GLU G 448 -9.51 1.25 -23.73
N LEU G 449 -9.54 0.49 -22.64
CA LEU G 449 -10.48 -0.66 -22.49
C LEU G 449 -11.46 -0.31 -21.39
N ILE G 450 -12.61 0.26 -21.77
CA ILE G 450 -13.62 0.80 -20.82
C ILE G 450 -14.46 -0.35 -20.22
N ARG G 451 -14.73 -0.30 -18.91
CA ARG G 451 -15.60 -1.29 -18.21
C ARG G 451 -16.58 -0.58 -17.28
N GLY G 452 -17.71 -1.22 -17.01
CA GLY G 452 -18.74 -0.75 -16.06
C GLY G 452 -19.86 0.06 -16.71
N ARG G 453 -20.53 0.91 -15.91
CA ARG G 453 -21.69 1.73 -16.34
C ARG G 453 -21.34 2.61 -17.55
N LYS G 454 -22.29 2.84 -18.48
CA LYS G 454 -23.70 2.56 -18.40
C LYS G 454 -24.08 1.18 -18.97
N GLU G 455 -23.20 0.54 -19.75
CA GLU G 455 -23.51 -0.73 -20.46
C GLU G 455 -23.54 -1.93 -19.50
N GLU G 456 -22.56 -2.02 -18.60
CA GLU G 456 -22.41 -3.16 -17.68
C GLU G 456 -22.99 -2.74 -16.33
N THR G 457 -24.27 -3.01 -16.10
CA THR G 457 -24.99 -2.60 -14.85
C THR G 457 -24.72 -3.52 -13.65
N GLU G 458 -23.80 -4.49 -13.74
CA GLU G 458 -23.41 -5.35 -12.59
C GLU G 458 -22.71 -4.54 -11.49
N VAL G 459 -22.20 -3.34 -11.82
CA VAL G 459 -21.38 -2.49 -10.91
C VAL G 459 -21.92 -1.05 -10.91
N LEU G 460 -21.49 -0.22 -9.96
CA LEU G 460 -21.92 1.20 -9.88
C LEU G 460 -20.87 2.11 -10.51
N TRP G 461 -19.69 1.63 -10.81
CA TRP G 461 -18.55 2.49 -11.26
C TRP G 461 -18.33 2.41 -12.78
N THR G 462 -17.52 3.32 -13.31
CA THR G 462 -17.01 3.30 -14.70
C THR G 462 -15.49 3.50 -14.64
N SER G 463 -14.70 2.69 -15.32
CA SER G 463 -13.22 2.83 -15.32
C SER G 463 -12.57 2.20 -16.56
N ASN G 464 -11.24 2.19 -16.65
CA ASN G 464 -10.57 1.59 -17.82
C ASN G 464 -9.28 0.86 -17.44
N SER G 465 -8.89 -0.11 -18.26
CA SER G 465 -7.49 -0.60 -18.40
C SER G 465 -6.89 0.00 -19.68
N ILE G 466 -5.65 -0.32 -20.00
CA ILE G 466 -5.07 -0.05 -21.34
C ILE G 466 -4.23 -1.22 -21.88
N VAL G 467 -3.91 -1.11 -23.18
CA VAL G 467 -2.94 -2.00 -23.89
C VAL G 467 -2.24 -1.18 -24.96
N VAL G 468 -0.97 -1.48 -25.21
CA VAL G 468 -0.07 -0.63 -26.03
C VAL G 468 0.73 -1.47 -27.03
N PHE G 469 0.89 -0.99 -28.27
CA PHE G 469 1.54 -1.69 -29.41
C PHE G 469 2.48 -0.75 -30.15
N CYS G 470 3.58 -1.25 -30.71
CA CYS G 470 4.56 -0.42 -31.44
C CYS G 470 4.86 -1.01 -32.83
N GLY G 471 5.14 -0.14 -33.77
CA GLY G 471 5.49 -0.52 -35.15
C GLY G 471 6.81 -1.27 -35.26
N THR G 472 6.82 -2.32 -36.08
CA THR G 472 7.97 -3.22 -36.27
C THR G 472 8.25 -3.33 -37.77
N SER G 473 9.50 -3.51 -38.13
CA SER G 473 9.95 -3.85 -39.51
C SER G 473 10.19 -5.36 -39.62
N GLY G 474 10.12 -6.10 -38.51
CA GLY G 474 10.31 -7.55 -38.49
C GLY G 474 9.01 -8.29 -38.78
N THR G 475 8.77 -9.38 -38.07
CA THR G 475 7.59 -10.27 -38.30
C THR G 475 6.85 -10.53 -36.98
N TYR G 476 5.63 -11.02 -37.09
CA TYR G 476 4.69 -11.11 -35.95
C TYR G 476 3.62 -12.16 -36.25
N GLY G 477 2.92 -12.60 -35.23
CA GLY G 477 1.89 -13.64 -35.33
C GLY G 477 0.51 -13.07 -34.99
N THR G 478 -0.26 -13.72 -34.13
CA THR G 478 -1.67 -13.38 -33.82
C THR G 478 -2.00 -13.56 -32.32
N GLY G 479 -3.09 -12.93 -31.87
CA GLY G 479 -3.63 -13.02 -30.51
C GLY G 479 -4.81 -12.09 -30.30
N SER G 480 -5.28 -11.99 -29.06
CA SER G 480 -6.23 -10.97 -28.60
C SER G 480 -5.91 -10.63 -27.14
N TRP G 481 -5.89 -9.36 -26.77
CA TRP G 481 -5.49 -8.92 -25.42
C TRP G 481 -6.57 -8.04 -24.78
N PRO G 482 -7.70 -8.60 -24.35
CA PRO G 482 -8.78 -7.84 -23.73
C PRO G 482 -8.48 -7.41 -22.27
N ASP G 483 -9.46 -6.79 -21.62
CA ASP G 483 -9.33 -6.25 -20.25
C ASP G 483 -9.17 -7.41 -19.28
N GLY G 484 -10.12 -8.35 -19.27
CA GLY G 484 -9.94 -9.61 -18.54
C GLY G 484 -10.42 -9.56 -17.12
N ALA G 485 -11.08 -8.51 -16.66
CA ALA G 485 -11.74 -8.52 -15.32
C ALA G 485 -13.11 -9.23 -15.38
N ASP G 486 -13.52 -9.88 -14.28
CA ASP G 486 -14.83 -10.55 -14.14
C ASP G 486 -15.79 -9.72 -13.29
N LEU G 487 -16.61 -8.87 -13.92
CA LEU G 487 -17.46 -7.91 -13.16
C LEU G 487 -18.57 -8.63 -12.38
N ASN G 488 -18.83 -9.89 -12.67
CA ASN G 488 -19.82 -10.67 -11.90
C ASN G 488 -19.33 -10.98 -10.48
N LEU G 489 -18.01 -10.94 -10.24
CA LEU G 489 -17.39 -11.39 -8.97
C LEU G 489 -16.93 -10.21 -8.11
N MET G 490 -16.37 -9.18 -8.72
CA MET G 490 -15.65 -8.12 -7.98
C MET G 490 -16.60 -7.08 -7.40
N PRO G 491 -16.11 -6.18 -6.49
CA PRO G 491 -16.96 -5.22 -5.78
C PRO G 491 -17.82 -4.27 -6.64
N ILE G 492 -19.06 -4.10 -6.19
CA ILE G 492 -20.15 -3.36 -6.89
C ILE G 492 -19.90 -1.85 -6.74
N GLN H 1 -47.52 25.81 -8.53
CA GLN H 1 -46.91 24.65 -9.29
C GLN H 1 -45.82 25.17 -10.25
N VAL H 2 -44.95 24.28 -10.73
CA VAL H 2 -43.80 24.56 -11.65
C VAL H 2 -44.25 25.22 -12.96
N HIS H 3 -45.42 24.86 -13.48
CA HIS H 3 -45.79 24.84 -14.92
C HIS H 3 -45.33 26.06 -15.75
N LEU H 4 -45.00 25.77 -17.01
CA LEU H 4 -44.50 26.76 -18.00
C LEU H 4 -45.64 27.67 -18.47
N VAL H 5 -45.34 28.95 -18.68
CA VAL H 5 -46.30 29.94 -19.25
C VAL H 5 -45.63 30.66 -20.42
N GLN H 6 -46.32 30.71 -21.57
CA GLN H 6 -45.77 31.26 -22.83
C GLN H 6 -46.28 32.68 -23.13
N SER H 7 -45.55 33.39 -24.00
CA SER H 7 -45.97 34.69 -24.60
C SER H 7 -47.14 34.52 -25.59
N GLY H 8 -47.88 35.61 -25.85
CA GLY H 8 -49.07 35.63 -26.74
C GLY H 8 -48.77 35.47 -28.24
N ALA H 9 -49.81 35.25 -29.04
CA ALA H 9 -49.75 35.00 -30.51
C ALA H 9 -49.25 36.23 -31.30
N GLU H 10 -48.77 36.01 -32.54
CA GLU H 10 -48.21 37.10 -33.40
C GLU H 10 -48.50 36.93 -34.89
N VAL H 11 -48.63 38.07 -35.59
CA VAL H 11 -48.50 38.16 -37.08
C VAL H 11 -47.23 38.94 -37.42
N LYS H 12 -46.38 38.42 -38.30
CA LYS H 12 -45.13 39.10 -38.74
C LYS H 12 -45.01 39.05 -40.27
N GLU H 13 -44.43 40.09 -40.87
CA GLU H 13 -44.20 40.13 -42.34
C GLU H 13 -43.05 39.20 -42.73
N PRO H 14 -43.04 38.62 -43.95
CA PRO H 14 -41.87 37.88 -44.44
C PRO H 14 -40.57 38.68 -44.38
N GLY H 15 -39.45 37.97 -44.15
CA GLY H 15 -38.12 38.57 -43.97
C GLY H 15 -37.89 39.14 -42.57
N SER H 16 -38.92 39.23 -41.73
CA SER H 16 -38.83 39.71 -40.32
C SER H 16 -38.25 38.63 -39.38
N SER H 17 -38.14 38.97 -38.09
CA SER H 17 -37.83 38.00 -36.99
C SER H 17 -38.92 38.06 -35.91
N VAL H 18 -39.05 36.98 -35.13
CA VAL H 18 -40.03 36.88 -34.01
C VAL H 18 -39.30 36.43 -32.75
N THR H 19 -39.69 36.96 -31.59
CA THR H 19 -39.26 36.47 -30.26
C THR H 19 -40.45 35.81 -29.58
N VAL H 20 -40.25 34.59 -29.08
CA VAL H 20 -41.23 33.87 -28.22
C VAL H 20 -40.54 33.65 -26.87
N SER H 21 -41.29 33.65 -25.77
CA SER H 21 -40.69 33.43 -24.43
C SER H 21 -41.52 32.48 -23.58
N CYS H 22 -40.86 31.87 -22.60
CA CYS H 22 -41.40 30.78 -21.75
C CYS H 22 -40.87 30.95 -20.32
N LYS H 23 -41.76 31.01 -19.33
CA LYS H 23 -41.42 31.32 -17.92
C LYS H 23 -41.98 30.23 -16.98
N ALA H 24 -41.21 29.83 -15.97
CA ALA H 24 -41.65 28.84 -14.97
C ALA H 24 -42.46 29.52 -13.87
N SER H 25 -43.70 29.06 -13.63
CA SER H 25 -44.61 29.63 -12.59
C SER H 25 -44.04 29.44 -11.17
N GLY H 26 -43.27 28.38 -10.93
CA GLY H 26 -42.71 28.06 -9.59
C GLY H 26 -41.40 28.77 -9.26
N GLY H 27 -40.83 29.56 -10.17
CA GLY H 27 -39.47 30.13 -10.03
C GLY H 27 -38.37 29.06 -10.14
N SER H 28 -38.72 27.82 -10.50
CA SER H 28 -37.90 26.61 -10.24
C SER H 28 -37.13 26.18 -11.49
N PHE H 29 -36.34 27.07 -12.09
CA PHE H 29 -35.33 26.67 -13.12
C PHE H 29 -34.16 25.93 -12.45
N ASN H 30 -34.34 24.62 -12.22
CA ASN H 30 -33.24 23.64 -12.10
C ASN H 30 -32.61 23.44 -13.49
N ASN H 31 -31.57 22.62 -13.62
CA ASN H 31 -30.80 22.56 -14.89
C ASN H 31 -31.47 21.68 -15.96
N GLN H 32 -32.68 21.15 -15.74
CA GLN H 32 -33.39 20.37 -16.81
C GLN H 32 -33.67 21.24 -18.05
N ALA H 33 -33.29 20.75 -19.23
CA ALA H 33 -33.28 21.54 -20.48
C ALA H 33 -34.71 22.01 -20.85
N ILE H 34 -34.82 23.26 -21.29
CA ILE H 34 -36.07 23.80 -21.90
C ILE H 34 -35.91 23.74 -23.42
N SER H 35 -36.89 23.14 -24.08
CA SER H 35 -36.83 22.76 -25.51
C SER H 35 -37.99 23.39 -26.27
N TRP H 36 -37.79 23.70 -27.54
CA TRP H 36 -38.84 24.25 -28.43
C TRP H 36 -39.23 23.24 -29.50
N VAL H 37 -40.53 23.00 -29.61
CA VAL H 37 -41.12 22.02 -30.56
C VAL H 37 -42.26 22.73 -31.29
N ARG H 38 -42.37 22.56 -32.61
CA ARG H 38 -43.44 23.25 -33.38
C ARG H 38 -44.35 22.26 -34.12
N GLN H 39 -45.54 22.75 -34.41
CA GLN H 39 -46.62 21.99 -35.07
C GLN H 39 -47.28 22.89 -36.14
N ALA H 40 -46.94 22.66 -37.41
CA ALA H 40 -47.60 23.30 -38.56
C ALA H 40 -49.02 22.73 -38.70
N PRO H 41 -49.99 23.48 -39.30
CA PRO H 41 -51.38 23.00 -39.40
C PRO H 41 -51.53 21.64 -40.11
N GLY H 42 -52.23 20.71 -39.45
CA GLY H 42 -52.52 19.34 -39.94
C GLY H 42 -51.26 18.51 -40.16
N GLN H 43 -50.20 18.74 -39.38
CA GLN H 43 -48.86 18.14 -39.63
C GLN H 43 -48.20 17.68 -38.30
N GLY H 44 -47.19 16.81 -38.42
CA GLY H 44 -46.47 16.20 -37.28
C GLY H 44 -45.60 17.16 -36.48
N LEU H 45 -45.13 16.71 -35.32
CA LEU H 45 -44.28 17.47 -34.37
C LEU H 45 -42.84 17.58 -34.90
N GLU H 46 -42.17 18.69 -34.59
CA GLU H 46 -40.80 19.00 -35.11
C GLU H 46 -39.98 19.69 -34.02
N TRP H 47 -38.89 19.04 -33.57
CA TRP H 47 -37.97 19.61 -32.55
C TRP H 47 -37.10 20.67 -33.21
N MET H 48 -36.91 21.82 -32.56
CA MET H 48 -36.10 22.94 -33.12
C MET H 48 -34.80 23.15 -32.35
N GLY H 49 -34.78 22.88 -31.05
CA GLY H 49 -33.62 23.17 -30.19
C GLY H 49 -33.97 23.30 -28.72
N GLY H 50 -33.03 23.83 -27.93
CA GLY H 50 -33.20 23.93 -26.48
C GLY H 50 -31.97 24.52 -25.79
N ILE H 51 -32.08 24.72 -24.47
CA ILE H 51 -30.95 25.21 -23.63
C ILE H 51 -31.10 24.69 -22.19
N PHE H 52 -29.97 24.41 -21.52
CA PHE H 52 -29.95 24.16 -20.06
C PHE H 52 -30.02 25.50 -19.33
N PRO H 53 -31.05 25.76 -18.47
CA PRO H 53 -31.21 27.09 -17.85
C PRO H 53 -30.05 27.64 -17.00
N ILE H 54 -29.27 26.78 -16.33
CA ILE H 54 -28.13 27.24 -15.48
C ILE H 54 -26.81 27.07 -16.26
N SER H 55 -26.48 25.87 -16.73
CA SER H 55 -25.15 25.59 -17.36
C SER H 55 -25.06 26.20 -18.77
N GLY H 56 -26.17 26.53 -19.41
CA GLY H 56 -26.20 27.50 -20.52
C GLY H 56 -25.68 26.97 -21.85
N THR H 57 -25.63 25.66 -22.08
CA THR H 57 -25.26 25.09 -23.41
C THR H 57 -26.49 25.06 -24.32
N PRO H 58 -26.57 25.87 -25.40
CA PRO H 58 -27.69 25.79 -26.36
C PRO H 58 -27.48 24.71 -27.43
N THR H 59 -28.56 24.27 -28.06
CA THR H 59 -28.50 23.30 -29.18
C THR H 59 -29.66 23.54 -30.16
N SER H 60 -29.43 23.29 -31.46
CA SER H 60 -30.39 23.63 -32.56
C SER H 60 -30.46 22.54 -33.63
N ALA H 61 -31.66 22.27 -34.13
CA ALA H 61 -31.90 21.28 -35.21
C ALA H 61 -31.31 21.78 -36.52
N GLN H 62 -30.82 20.87 -37.36
CA GLN H 62 -29.95 21.22 -38.53
C GLN H 62 -30.67 22.16 -39.51
N ARG H 63 -31.96 21.92 -39.76
CA ARG H 63 -32.81 22.72 -40.69
C ARG H 63 -32.92 24.19 -40.25
N PHE H 64 -32.75 24.49 -38.97
CA PHE H 64 -32.96 25.84 -38.39
C PHE H 64 -31.63 26.52 -38.01
N GLN H 65 -30.48 25.87 -38.25
CA GLN H 65 -29.24 26.15 -37.48
C GLN H 65 -28.71 27.58 -37.70
N GLY H 66 -28.87 28.14 -38.90
CA GLY H 66 -28.50 29.54 -39.21
C GLY H 66 -29.54 30.58 -38.78
N ARG H 67 -30.80 30.16 -38.57
CA ARG H 67 -31.98 31.06 -38.45
C ARG H 67 -32.36 31.32 -36.99
N VAL H 68 -32.02 30.42 -36.05
CA VAL H 68 -32.62 30.41 -34.67
C VAL H 68 -31.52 30.65 -33.63
N THR H 69 -31.88 31.30 -32.54
CA THR H 69 -31.03 31.41 -31.32
C THR H 69 -31.88 31.32 -30.04
N PHE H 70 -31.28 30.79 -28.99
CA PHE H 70 -31.91 30.57 -27.66
C PHE H 70 -31.06 31.27 -26.60
N THR H 71 -31.71 31.86 -25.61
CA THR H 71 -31.02 32.49 -24.45
C THR H 71 -31.90 32.40 -23.21
N ALA H 72 -31.31 32.56 -22.02
CA ALA H 72 -32.02 32.31 -20.75
C ALA H 72 -31.60 33.31 -19.68
N ASP H 73 -32.50 33.55 -18.74
CA ASP H 73 -32.26 34.44 -17.57
C ASP H 73 -32.96 33.86 -16.34
N GLU H 74 -32.20 33.54 -15.31
CA GLU H 74 -32.74 33.04 -14.01
C GLU H 74 -33.56 34.13 -13.31
N SER H 75 -33.23 35.42 -13.48
CA SER H 75 -33.85 36.55 -12.76
C SER H 75 -35.32 36.70 -13.17
N THR H 76 -35.58 36.84 -14.46
CA THR H 76 -36.95 36.73 -15.04
C THR H 76 -37.42 35.26 -15.03
N THR H 77 -36.53 34.31 -14.73
CA THR H 77 -36.78 32.84 -14.78
C THR H 77 -37.45 32.48 -16.11
N THR H 78 -36.86 32.95 -17.20
CA THR H 78 -37.47 32.92 -18.55
C THR H 78 -36.43 32.48 -19.59
N VAL H 79 -36.87 31.64 -20.53
CA VAL H 79 -36.09 31.28 -21.75
C VAL H 79 -36.72 32.04 -22.93
N TYR H 80 -35.87 32.60 -23.77
CA TYR H 80 -36.27 33.40 -24.95
C TYR H 80 -35.77 32.69 -26.21
N MET H 81 -36.65 32.54 -27.19
CA MET H 81 -36.32 31.92 -28.50
C MET H 81 -36.57 32.93 -29.63
N ASP H 82 -35.54 33.22 -30.43
CA ASP H 82 -35.62 34.17 -31.56
C ASP H 82 -35.50 33.40 -32.89
N LEU H 83 -36.48 33.55 -33.76
CA LEU H 83 -36.52 32.90 -35.09
C LEU H 83 -36.45 34.00 -36.16
N SER H 84 -35.44 33.95 -37.03
CA SER H 84 -35.13 35.03 -37.99
C SER H 84 -35.45 34.63 -39.45
N SER H 85 -35.43 35.61 -40.36
CA SER H 85 -35.64 35.44 -41.82
C SER H 85 -36.93 34.66 -42.10
N LEU H 86 -38.03 35.13 -41.49
CA LEU H 86 -39.35 34.45 -41.53
C LEU H 86 -39.90 34.29 -42.95
N ARG H 87 -40.64 33.20 -43.17
CA ARG H 87 -41.38 32.92 -44.42
C ARG H 87 -42.76 32.31 -44.10
N SER H 88 -43.68 32.32 -45.05
CA SER H 88 -45.09 31.85 -44.87
C SER H 88 -45.15 30.45 -44.23
N ASP H 89 -44.23 29.58 -44.64
CA ASP H 89 -44.07 28.17 -44.17
C ASP H 89 -43.85 28.07 -42.66
N ASP H 90 -43.29 29.09 -42.01
CA ASP H 90 -43.06 29.12 -40.55
C ASP H 90 -44.37 29.31 -39.76
N THR H 91 -45.52 29.49 -40.42
CA THR H 91 -46.83 29.55 -39.72
C THR H 91 -47.09 28.23 -38.99
N ALA H 92 -47.08 28.26 -37.65
CA ALA H 92 -47.20 27.07 -36.79
C ALA H 92 -47.53 27.46 -35.34
N VAL H 93 -47.98 26.49 -34.55
CA VAL H 93 -47.97 26.62 -33.07
C VAL H 93 -46.57 26.22 -32.57
N TYR H 94 -45.98 27.07 -31.74
CA TYR H 94 -44.66 26.85 -31.09
C TYR H 94 -44.89 26.56 -29.60
N TYR H 95 -44.47 25.39 -29.14
CA TYR H 95 -44.54 25.00 -27.71
C TYR H 95 -43.15 25.05 -27.08
N CYS H 96 -43.03 25.58 -25.87
CA CYS H 96 -41.90 25.24 -24.99
C CYS H 96 -42.25 23.96 -24.21
N ALA H 97 -41.24 23.15 -23.91
CA ALA H 97 -41.39 21.92 -23.10
C ALA H 97 -40.14 21.69 -22.25
N ARG H 98 -40.27 20.92 -21.17
CA ARG H 98 -39.18 20.65 -20.21
C ARG H 98 -38.75 19.19 -20.38
N ALA H 99 -37.46 19.00 -20.68
CA ALA H 99 -36.86 17.67 -20.92
C ALA H 99 -36.50 16.96 -19.60
N GLY H 100 -36.46 15.62 -19.61
CA GLY H 100 -35.90 14.82 -18.51
C GLY H 100 -34.37 14.93 -18.35
N SER H 101 -33.70 15.69 -19.21
CA SER H 101 -32.23 15.74 -19.35
C SER H 101 -31.66 16.98 -18.68
N ASP H 102 -30.54 16.86 -17.94
CA ASP H 102 -29.95 18.01 -17.19
C ASP H 102 -28.42 18.04 -17.20
N TYR H 103 -27.76 17.24 -18.04
CA TYR H 103 -26.28 17.25 -18.23
C TYR H 103 -25.95 16.80 -19.65
N PHE H 104 -24.91 17.37 -20.22
CA PHE H 104 -24.32 16.96 -21.52
C PHE H 104 -22.88 16.50 -21.27
N ASN H 105 -22.60 15.27 -21.68
CA ASN H 105 -21.25 14.66 -21.60
C ASN H 105 -20.52 14.84 -22.92
N ARG H 106 -19.32 15.41 -22.94
CA ARG H 106 -18.53 15.67 -24.18
C ARG H 106 -18.51 14.45 -25.10
N ASP H 107 -18.30 13.29 -24.53
CA ASP H 107 -18.06 12.04 -25.27
C ASP H 107 -19.40 11.33 -25.51
N LEU H 108 -20.21 11.13 -24.50
CA LEU H 108 -21.37 10.23 -24.57
C LEU H 108 -22.64 10.96 -25.07
N GLY H 109 -22.67 12.29 -25.15
CA GLY H 109 -23.89 13.04 -25.53
C GLY H 109 -24.95 13.16 -24.42
N TRP H 110 -26.24 13.08 -24.77
CA TRP H 110 -27.37 13.39 -23.85
C TRP H 110 -28.03 12.13 -23.33
N GLU H 111 -28.86 12.28 -22.30
CA GLU H 111 -29.62 11.15 -21.70
C GLU H 111 -30.98 11.62 -21.20
N ASN H 112 -32.01 10.77 -21.32
CA ASN H 112 -33.43 11.07 -20.94
C ASN H 112 -33.96 12.32 -21.68
N TYR H 113 -33.64 12.53 -22.94
CA TYR H 113 -34.20 13.70 -23.69
C TYR H 113 -35.59 13.36 -24.23
N TYR H 114 -36.55 13.26 -23.32
CA TYR H 114 -37.99 13.22 -23.63
C TYR H 114 -38.69 14.34 -22.86
N PHE H 115 -39.85 14.78 -23.36
CA PHE H 115 -40.55 16.01 -22.91
C PHE H 115 -41.59 15.64 -21.88
N ALA H 116 -41.40 16.04 -20.62
CA ALA H 116 -42.27 15.62 -19.50
C ALA H 116 -43.49 16.57 -19.36
N SER H 117 -43.28 17.87 -19.58
CA SER H 117 -44.28 18.95 -19.35
C SER H 117 -44.19 20.02 -20.43
N TRP H 118 -45.33 20.59 -20.81
CA TRP H 118 -45.48 21.46 -22.00
C TRP H 118 -46.15 22.80 -21.61
N GLY H 119 -45.78 23.88 -22.30
CA GLY H 119 -46.50 25.16 -22.27
C GLY H 119 -47.82 25.13 -23.04
N GLN H 120 -48.49 26.28 -23.13
CA GLN H 120 -49.84 26.44 -23.74
C GLN H 120 -49.77 26.33 -25.27
N GLY H 121 -48.60 26.56 -25.87
CA GLY H 121 -48.44 26.80 -27.33
C GLY H 121 -48.75 28.24 -27.71
N THR H 122 -47.90 28.83 -28.55
CA THR H 122 -48.04 30.20 -29.11
C THR H 122 -48.25 30.07 -30.62
N LEU H 123 -49.34 30.60 -31.16
CA LEU H 123 -49.52 30.63 -32.65
C LEU H 123 -48.72 31.80 -33.23
N VAL H 124 -47.79 31.51 -34.12
CA VAL H 124 -47.10 32.55 -34.95
C VAL H 124 -47.52 32.33 -36.40
N THR H 125 -47.90 33.40 -37.10
CA THR H 125 -48.19 33.33 -38.55
C THR H 125 -47.41 34.41 -39.30
N VAL H 126 -46.94 34.05 -40.48
CA VAL H 126 -46.13 34.97 -41.33
C VAL H 126 -46.96 35.37 -42.54
N SER H 127 -47.25 36.65 -42.68
CA SER H 127 -48.14 37.20 -43.74
C SER H 127 -47.96 38.72 -43.90
N SER H 128 -48.33 39.24 -45.06
CA SER H 128 -48.41 40.69 -45.35
C SER H 128 -49.74 41.30 -44.88
N ALA H 129 -50.80 40.48 -44.72
CA ALA H 129 -52.19 40.92 -44.43
C ALA H 129 -52.32 41.64 -43.07
N SER H 130 -53.21 42.63 -43.00
CA SER H 130 -53.47 43.49 -41.81
C SER H 130 -54.15 42.69 -40.70
N GLU I 1 -31.94 11.80 -39.34
CA GLU I 1 -30.96 10.67 -39.36
C GLU I 1 -31.69 9.35 -39.00
N ILE I 2 -32.00 9.08 -37.74
CA ILE I 2 -32.84 7.89 -37.38
C ILE I 2 -34.29 8.22 -37.75
N VAL I 3 -34.93 7.35 -38.54
CA VAL I 3 -36.32 7.53 -39.03
C VAL I 3 -37.27 6.64 -38.23
N MET I 4 -38.38 7.24 -37.78
CA MET I 4 -39.43 6.54 -37.00
C MET I 4 -40.64 6.32 -37.90
N THR I 5 -41.06 5.07 -38.08
CA THR I 5 -42.23 4.68 -38.91
C THR I 5 -43.32 4.14 -37.99
N GLN I 6 -44.52 4.72 -38.05
CA GLN I 6 -45.60 4.38 -37.10
C GLN I 6 -46.83 3.85 -37.86
N SER I 7 -47.49 2.80 -37.37
CA SER I 7 -48.63 2.16 -38.09
C SER I 7 -49.58 1.45 -37.13
N PRO I 8 -50.90 1.32 -37.47
CA PRO I 8 -51.53 1.94 -38.65
C PRO I 8 -51.59 3.48 -38.65
N ALA I 9 -51.92 4.08 -39.80
CA ALA I 9 -52.05 5.55 -39.96
C ALA I 9 -53.33 6.03 -39.24
N THR I 10 -54.45 5.32 -39.44
CA THR I 10 -55.73 5.57 -38.72
C THR I 10 -56.27 4.24 -38.19
N LEU I 11 -56.84 4.27 -36.99
CA LEU I 11 -57.47 3.10 -36.34
C LEU I 11 -58.86 3.50 -35.85
N SER I 12 -59.86 2.64 -36.07
CA SER I 12 -61.22 2.88 -35.53
C SER I 12 -61.85 1.59 -35.00
N LEU I 13 -62.32 1.65 -33.75
CA LEU I 13 -62.84 0.49 -32.97
C LEU I 13 -63.96 0.98 -32.03
N SER I 14 -64.87 0.09 -31.65
CA SER I 14 -65.96 0.40 -30.68
C SER I 14 -65.41 0.48 -29.25
N SER I 15 -66.13 1.16 -28.36
CA SER I 15 -65.84 1.21 -26.90
C SER I 15 -65.92 -0.20 -26.27
N GLY I 16 -65.21 -0.40 -25.16
CA GLY I 16 -65.21 -1.67 -24.41
C GLY I 16 -64.33 -2.74 -25.02
N GLU I 17 -63.42 -2.40 -25.95
CA GLU I 17 -62.54 -3.37 -26.66
C GLU I 17 -61.08 -2.91 -26.66
N ARG I 18 -60.14 -3.82 -26.94
CA ARG I 18 -58.68 -3.55 -26.95
C ARG I 18 -58.25 -2.93 -28.29
N ALA I 19 -57.31 -2.00 -28.23
CA ALA I 19 -56.68 -1.32 -29.40
C ALA I 19 -55.14 -1.42 -29.31
N THR I 20 -54.44 -1.61 -30.43
CA THR I 20 -52.96 -1.76 -30.47
C THR I 20 -52.34 -0.89 -31.57
N LEU I 21 -51.22 -0.23 -31.23
CA LEU I 21 -50.48 0.72 -32.10
C LEU I 21 -49.01 0.27 -32.14
N SER I 22 -48.30 0.50 -33.25
CA SER I 22 -46.92 0.01 -33.44
C SER I 22 -45.99 1.09 -34.01
N CYS I 23 -44.69 0.98 -33.68
CA CYS I 23 -43.64 1.93 -34.11
C CYS I 23 -42.34 1.16 -34.40
N ARG I 24 -41.61 1.59 -35.43
CA ARG I 24 -40.34 0.97 -35.89
C ARG I 24 -39.26 2.03 -36.11
N ALA I 25 -38.03 1.74 -35.72
CA ALA I 25 -36.87 2.65 -35.85
C ALA I 25 -35.88 2.09 -36.90
N SER I 26 -35.40 2.94 -37.82
CA SER I 26 -34.48 2.57 -38.92
C SER I 26 -33.13 2.04 -38.43
N ARG I 27 -32.73 2.33 -37.19
CA ARG I 27 -31.64 1.63 -36.44
C ARG I 27 -32.13 1.35 -35.01
N SER I 28 -31.48 0.42 -34.30
CA SER I 28 -31.90 0.03 -32.93
C SER I 28 -31.73 1.20 -31.95
N VAL I 29 -32.80 1.56 -31.23
CA VAL I 29 -32.81 2.67 -30.24
C VAL I 29 -32.81 2.14 -28.80
N SER I 30 -32.61 0.84 -28.57
CA SER I 30 -32.25 0.22 -27.26
C SER I 30 -33.13 0.73 -26.09
N SER I 31 -34.44 0.75 -26.27
CA SER I 31 -35.44 1.14 -25.23
C SER I 31 -35.51 2.66 -24.99
N ASN I 32 -34.77 3.51 -25.70
CA ASN I 32 -34.84 5.00 -25.58
C ASN I 32 -36.04 5.49 -26.40
N LEU I 33 -37.26 5.11 -25.99
CA LEU I 33 -38.48 5.34 -26.79
C LEU I 33 -39.60 5.85 -25.87
N ALA I 34 -40.31 6.89 -26.31
CA ALA I 34 -41.47 7.44 -25.59
C ALA I 34 -42.71 7.51 -26.48
N TRP I 35 -43.88 7.54 -25.86
CA TRP I 35 -45.19 7.75 -26.55
C TRP I 35 -45.87 8.99 -25.99
N TYR I 36 -46.48 9.77 -26.88
CA TYR I 36 -47.32 10.94 -26.51
C TYR I 36 -48.75 10.77 -27.03
N GLN I 37 -49.70 11.28 -26.25
CA GLN I 37 -51.12 11.48 -26.68
C GLN I 37 -51.36 12.98 -26.87
N GLN I 38 -52.01 13.35 -27.97
CA GLN I 38 -52.50 14.74 -28.16
C GLN I 38 -54.01 14.70 -28.38
N LYS I 39 -54.76 15.31 -27.47
CA LYS I 39 -56.23 15.48 -27.59
C LYS I 39 -56.49 16.73 -28.43
N PRO I 40 -57.57 16.79 -29.26
CA PRO I 40 -57.77 17.93 -30.17
C PRO I 40 -57.78 19.31 -29.49
N GLY I 41 -57.02 20.24 -30.09
CA GLY I 41 -56.91 21.66 -29.66
C GLY I 41 -56.08 21.86 -28.40
N GLN I 42 -55.20 20.91 -28.03
CA GLN I 42 -54.37 21.00 -26.80
C GLN I 42 -52.91 20.64 -27.08
N ALA I 43 -52.01 21.05 -26.17
CA ALA I 43 -50.58 20.64 -26.17
C ALA I 43 -50.49 19.13 -25.96
N PRO I 44 -49.46 18.43 -26.51
CA PRO I 44 -49.31 16.99 -26.28
C PRO I 44 -49.09 16.65 -24.80
N ARG I 45 -49.26 15.37 -24.46
CA ARG I 45 -49.05 14.86 -23.08
C ARG I 45 -48.24 13.56 -23.12
N LEU I 46 -47.24 13.43 -22.26
CA LEU I 46 -46.39 12.21 -22.19
C LEU I 46 -47.22 11.04 -21.65
N LEU I 47 -47.22 9.92 -22.36
CA LEU I 47 -48.04 8.73 -21.99
C LEU I 47 -47.12 7.65 -21.41
N ILE I 48 -46.04 7.30 -22.13
CA ILE I 48 -45.07 6.25 -21.70
C ILE I 48 -43.64 6.70 -22.00
N TYR I 49 -42.69 6.25 -21.20
CA TYR I 49 -41.23 6.46 -21.45
C TYR I 49 -40.45 5.17 -21.18
N ASP I 50 -39.21 5.13 -21.66
CA ASP I 50 -38.33 3.93 -21.70
C ASP I 50 -39.09 2.71 -22.20
N ALA I 51 -39.99 2.90 -23.18
CA ALA I 51 -40.84 1.88 -23.83
C ALA I 51 -41.75 1.11 -22.84
N SER I 52 -41.71 1.37 -21.53
CA SER I 52 -42.08 0.34 -20.53
C SER I 52 -42.86 0.88 -19.32
N THR I 53 -42.81 2.19 -19.02
CA THR I 53 -43.38 2.77 -17.78
C THR I 53 -44.29 3.95 -18.13
N ARG I 54 -45.43 4.06 -17.45
CA ARG I 54 -46.50 5.03 -17.83
C ARG I 54 -46.51 6.23 -16.88
N ALA I 55 -46.75 7.42 -17.44
CA ALA I 55 -46.79 8.71 -16.71
C ALA I 55 -47.99 8.77 -15.75
N THR I 56 -47.92 9.68 -14.77
CA THR I 56 -48.86 9.81 -13.62
C THR I 56 -50.33 9.98 -14.09
N GLY I 57 -50.57 10.58 -15.25
CA GLY I 57 -51.94 10.87 -15.72
C GLY I 57 -52.71 9.64 -16.20
N PHE I 58 -52.07 8.48 -16.35
CA PHE I 58 -52.64 7.31 -17.08
C PHE I 58 -52.61 6.04 -16.22
N SER I 59 -53.60 5.17 -16.41
CA SER I 59 -53.87 4.00 -15.55
C SER I 59 -53.45 2.67 -16.21
N ALA I 60 -53.64 1.57 -15.48
CA ALA I 60 -53.23 0.18 -15.84
C ALA I 60 -53.75 -0.28 -17.22
N ARG I 61 -54.77 0.38 -17.78
CA ARG I 61 -55.33 0.05 -19.11
C ARG I 61 -54.37 0.40 -20.26
N PHE I 62 -53.33 1.20 -20.01
CA PHE I 62 -52.29 1.53 -21.02
C PHE I 62 -51.02 0.71 -20.73
N ALA I 63 -50.48 0.05 -21.75
CA ALA I 63 -49.28 -0.81 -21.62
C ALA I 63 -48.32 -0.60 -22.81
N GLY I 64 -47.02 -0.54 -22.49
CA GLY I 64 -45.92 -0.48 -23.48
C GLY I 64 -45.21 -1.82 -23.63
N SER I 65 -44.61 -2.05 -24.80
CA SER I 65 -43.94 -3.34 -25.13
C SER I 65 -42.90 -3.15 -26.24
N GLY I 66 -41.94 -4.08 -26.32
CA GLY I 66 -40.94 -4.13 -27.41
C GLY I 66 -39.59 -3.57 -27.03
N SER I 67 -38.60 -3.77 -27.90
CA SER I 67 -37.19 -3.35 -27.69
C SER I 67 -36.40 -3.34 -29.00
N GLY I 68 -35.22 -2.72 -28.99
CA GLY I 68 -34.32 -2.66 -30.16
C GLY I 68 -34.87 -1.79 -31.27
N THR I 69 -35.58 -2.38 -32.24
CA THR I 69 -36.01 -1.71 -33.50
C THR I 69 -37.54 -1.71 -33.66
N GLU I 70 -38.29 -2.49 -32.86
CA GLU I 70 -39.78 -2.51 -32.94
C GLU I 70 -40.43 -2.38 -31.56
N PHE I 71 -41.49 -1.56 -31.50
CA PHE I 71 -42.14 -1.13 -30.24
C PHE I 71 -43.66 -1.14 -30.42
N THR I 72 -44.39 -1.25 -29.32
CA THR I 72 -45.87 -1.41 -29.34
C THR I 72 -46.51 -0.73 -28.13
N LEU I 73 -47.69 -0.16 -28.36
CA LEU I 73 -48.57 0.42 -27.31
C LEU I 73 -49.93 -0.28 -27.39
N THR I 74 -50.52 -0.64 -26.26
CA THR I 74 -51.86 -1.25 -26.21
C THR I 74 -52.76 -0.53 -25.21
N ILE I 75 -53.99 -0.24 -25.63
CA ILE I 75 -55.06 0.38 -24.80
C ILE I 75 -56.13 -0.69 -24.56
N SER I 76 -56.50 -0.92 -23.30
CA SER I 76 -57.51 -1.94 -22.91
C SER I 76 -58.87 -1.28 -22.63
N SER I 77 -59.94 -1.87 -23.14
CA SER I 77 -61.35 -1.41 -22.96
C SER I 77 -61.50 0.08 -23.34
N LEU I 78 -61.49 0.37 -24.64
CA LEU I 78 -61.51 1.75 -25.21
C LEU I 78 -62.72 2.57 -24.70
N GLN I 79 -62.50 3.87 -24.45
CA GLN I 79 -63.50 4.81 -23.85
C GLN I 79 -63.55 6.12 -24.66
N SER I 80 -64.63 6.89 -24.50
CA SER I 80 -64.94 8.12 -25.30
C SER I 80 -63.77 9.12 -25.36
N GLU I 81 -63.02 9.26 -24.26
CA GLU I 81 -61.91 10.25 -24.15
C GLU I 81 -60.65 9.78 -24.91
N ASP I 82 -60.57 8.54 -25.36
CA ASP I 82 -59.36 7.99 -26.05
C ASP I 82 -59.25 8.50 -27.49
N SER I 83 -60.31 9.13 -28.04
CA SER I 83 -60.35 9.68 -29.41
C SER I 83 -59.33 10.83 -29.53
N ALA I 84 -58.16 10.53 -30.09
CA ALA I 84 -56.94 11.38 -30.02
C ALA I 84 -55.90 10.91 -31.06
N ILE I 85 -54.85 11.71 -31.24
CA ILE I 85 -53.69 11.31 -32.10
C ILE I 85 -52.51 10.95 -31.18
N TYR I 86 -51.80 9.88 -31.51
CA TYR I 86 -50.69 9.31 -30.69
C TYR I 86 -49.40 9.32 -31.51
N TYR I 87 -48.26 9.67 -30.89
CA TYR I 87 -46.95 9.72 -31.58
C TYR I 87 -45.88 8.95 -30.78
N CYS I 88 -45.01 8.21 -31.45
CA CYS I 88 -43.75 7.70 -30.84
C CYS I 88 -42.61 8.72 -31.04
N GLN I 89 -41.61 8.72 -30.16
CA GLN I 89 -40.38 9.57 -30.27
C GLN I 89 -39.18 8.79 -29.76
N GLN I 90 -38.04 8.83 -30.45
CA GLN I 90 -36.79 8.22 -29.94
C GLN I 90 -35.90 9.28 -29.28
N TYR I 91 -35.03 8.86 -28.36
CA TYR I 91 -34.01 9.75 -27.73
C TYR I 91 -32.69 9.02 -27.53
N ASN I 92 -32.22 8.33 -28.55
CA ASN I 92 -30.98 7.52 -28.46
C ASN I 92 -29.74 8.43 -28.61
N ASN I 93 -29.25 8.96 -27.48
CA ASN I 93 -27.89 9.50 -27.25
C ASN I 93 -27.57 10.83 -27.96
N TRP I 94 -27.92 11.03 -29.23
CA TRP I 94 -27.41 12.18 -30.02
C TRP I 94 -28.53 12.80 -30.88
N PRO I 95 -28.56 14.14 -31.10
CA PRO I 95 -29.59 14.77 -31.92
C PRO I 95 -29.57 14.35 -33.38
N PRO I 96 -30.68 14.54 -34.14
CA PRO I 96 -31.94 15.10 -33.63
C PRO I 96 -32.94 14.09 -33.06
N TRP I 97 -33.86 14.59 -32.22
CA TRP I 97 -34.80 13.76 -31.43
C TRP I 97 -36.09 13.52 -32.23
N THR I 98 -36.01 12.66 -33.23
CA THR I 98 -37.08 12.51 -34.25
C THR I 98 -38.35 11.89 -33.69
N PHE I 99 -39.50 12.46 -34.07
CA PHE I 99 -40.85 11.86 -33.82
C PHE I 99 -41.29 10.98 -34.99
N GLY I 100 -42.18 10.02 -34.73
CA GLY I 100 -42.99 9.36 -35.76
C GLY I 100 -44.09 10.28 -36.30
N GLN I 101 -44.70 9.89 -37.43
CA GLN I 101 -45.70 10.76 -38.13
C GLN I 101 -47.07 10.69 -37.44
N GLY I 102 -47.27 9.79 -36.46
CA GLY I 102 -48.48 9.71 -35.62
C GLY I 102 -49.57 8.79 -36.16
N THR I 103 -50.47 8.34 -35.28
CA THR I 103 -51.63 7.46 -35.56
C THR I 103 -52.88 8.10 -34.96
N LYS I 104 -53.98 8.17 -35.72
CA LYS I 104 -55.24 8.75 -35.19
C LYS I 104 -56.19 7.64 -34.74
N VAL I 105 -56.79 7.79 -33.56
CA VAL I 105 -57.85 6.89 -33.03
C VAL I 105 -59.18 7.63 -33.04
N GLU I 106 -60.22 7.07 -33.67
CA GLU I 106 -61.62 7.57 -33.57
C GLU I 106 -62.56 6.40 -33.29
N ILE I 107 -63.60 6.66 -32.51
CA ILE I 107 -64.36 5.58 -31.82
C ILE I 107 -65.60 5.22 -32.64
N LYS I 108 -65.73 3.93 -32.98
CA LYS I 108 -66.84 3.38 -33.80
C LYS I 108 -68.06 3.11 -32.89
N ARG I 109 -68.74 4.19 -32.49
CA ARG I 109 -70.04 4.13 -31.77
C ARG I 109 -71.18 3.75 -32.74
N THR I 110 -72.41 3.62 -32.21
CA THR I 110 -73.65 3.40 -33.00
C THR I 110 -73.91 4.61 -33.91
N ALA J 105 26.17 24.49 -7.03
CA ALA J 105 24.99 25.15 -6.35
C ALA J 105 25.42 26.45 -5.64
N GLU J 106 24.45 27.34 -5.42
CA GLU J 106 24.65 28.69 -4.82
C GLU J 106 23.50 28.99 -3.87
N TYR J 107 23.67 29.90 -2.90
CA TYR J 107 22.51 30.27 -2.04
C TYR J 107 21.49 31.08 -2.85
N ARG J 108 20.19 30.97 -2.49
CA ARG J 108 19.15 31.87 -3.04
C ARG J 108 19.33 33.33 -2.61
N ASN J 109 18.98 34.28 -3.49
CA ASN J 109 18.97 35.73 -3.14
C ASN J 109 17.68 36.49 -3.52
N TRP J 110 16.72 35.91 -4.26
CA TRP J 110 15.40 36.50 -4.60
C TRP J 110 15.50 37.94 -5.19
N SER J 111 16.57 38.33 -5.86
CA SER J 111 16.82 39.74 -6.26
C SER J 111 16.10 40.13 -7.58
N LYS J 112 15.27 39.28 -8.15
CA LYS J 112 14.37 39.63 -9.29
C LYS J 112 13.14 40.44 -8.85
N PRO J 113 12.53 41.27 -9.73
CA PRO J 113 11.28 41.98 -9.43
C PRO J 113 10.06 41.08 -9.30
N GLN J 114 9.01 41.57 -8.68
CA GLN J 114 7.72 40.82 -8.51
C GLN J 114 6.95 40.81 -9.83
N CYS J 115 6.31 39.70 -10.17
CA CYS J 115 5.54 39.53 -11.43
C CYS J 115 4.26 40.39 -11.44
N ASP J 116 3.81 40.77 -12.63
CA ASP J 116 2.57 41.58 -12.84
C ASP J 116 1.32 40.71 -12.71
N ILE J 117 0.83 40.54 -11.50
CA ILE J 117 -0.35 39.67 -11.22
C ILE J 117 -1.65 40.37 -11.65
N THR J 118 -2.53 39.66 -12.35
CA THR J 118 -3.94 40.07 -12.66
C THR J 118 -4.96 39.21 -11.89
N GLY J 119 -4.50 38.16 -11.23
CA GLY J 119 -5.33 37.26 -10.43
C GLY J 119 -4.65 35.92 -10.27
N PHE J 120 -5.42 34.89 -9.85
CA PHE J 120 -4.86 33.57 -9.50
C PHE J 120 -5.52 32.46 -10.32
N ALA J 121 -4.73 31.52 -10.83
CA ALA J 121 -5.17 30.33 -11.62
C ALA J 121 -4.94 29.04 -10.86
N PRO J 122 -5.73 27.95 -11.04
CA PRO J 122 -5.55 26.72 -10.26
C PRO J 122 -4.20 26.02 -10.55
N PHE J 123 -3.60 25.43 -9.53
CA PHE J 123 -2.29 24.73 -9.63
C PHE J 123 -2.34 23.28 -9.07
N SER J 124 -3.08 22.95 -7.99
CA SER J 124 -3.02 21.60 -7.38
C SER J 124 -4.11 21.33 -6.35
N LYS J 125 -4.42 20.06 -6.14
CA LYS J 125 -5.45 19.58 -5.19
C LYS J 125 -5.12 18.15 -4.74
N ASP J 126 -5.45 17.73 -3.51
CA ASP J 126 -4.85 16.49 -2.95
C ASP J 126 -5.88 15.35 -2.86
N ASN J 127 -7.13 15.64 -2.62
CA ASN J 127 -8.25 14.66 -2.55
C ASN J 127 -8.10 13.71 -1.34
N SER J 128 -7.36 14.09 -0.30
CA SER J 128 -6.99 13.20 0.84
C SER J 128 -8.19 12.55 1.54
N ILE J 129 -9.25 13.27 1.84
CA ILE J 129 -10.35 12.67 2.65
C ILE J 129 -11.15 11.68 1.76
N ARG J 130 -11.37 11.96 0.48
CA ARG J 130 -12.08 11.02 -0.44
C ARG J 130 -11.28 9.72 -0.61
N LEU J 131 -9.94 9.82 -0.81
CA LEU J 131 -9.04 8.64 -0.88
C LEU J 131 -9.05 7.85 0.44
N SER J 132 -9.14 8.50 1.60
CA SER J 132 -9.13 7.86 2.94
C SER J 132 -10.27 6.87 3.11
N ALA J 133 -11.38 6.99 2.42
CA ALA J 133 -12.51 6.04 2.55
C ALA J 133 -12.20 4.67 1.92
N GLY J 134 -11.08 4.51 1.21
CA GLY J 134 -10.64 3.21 0.68
C GLY J 134 -9.16 3.20 0.40
N GLY J 135 -8.34 3.28 1.46
CA GLY J 135 -6.87 3.50 1.37
C GLY J 135 -6.26 3.91 2.70
N ASP J 136 -4.96 3.74 2.91
CA ASP J 136 -4.30 4.07 4.22
C ASP J 136 -3.67 5.45 4.09
N ILE J 137 -4.37 6.46 4.61
CA ILE J 137 -3.91 7.89 4.54
C ILE J 137 -3.74 8.44 5.96
N TRP J 138 -2.69 9.27 6.15
CA TRP J 138 -2.40 9.93 7.46
C TRP J 138 -3.50 10.92 7.90
N VAL J 139 -3.83 11.02 9.20
CA VAL J 139 -4.57 12.16 9.82
C VAL J 139 -3.65 13.36 10.03
N THR J 140 -4.07 14.55 9.62
CA THR J 140 -3.20 15.78 9.61
C THR J 140 -3.98 17.05 9.97
N ARG J 141 -3.25 18.10 10.32
CA ARG J 141 -3.72 19.51 10.31
C ARG J 141 -2.54 20.44 10.10
N GLU J 142 -2.81 21.72 9.89
CA GLU J 142 -1.78 22.79 9.76
C GLU J 142 -0.83 22.48 8.62
N PRO J 143 -1.30 22.31 7.37
CA PRO J 143 -0.44 22.12 6.20
C PRO J 143 0.25 23.40 5.71
N TYR J 144 1.29 23.21 4.92
CA TYR J 144 1.92 24.30 4.15
C TYR J 144 2.67 23.78 2.92
N VAL J 145 3.08 24.67 2.04
CA VAL J 145 3.82 24.36 0.79
C VAL J 145 5.11 25.17 0.78
N SER J 146 6.17 24.59 0.25
CA SER J 146 7.47 25.25 0.04
C SER J 146 8.23 24.57 -1.11
N CYS J 147 9.15 25.25 -1.78
CA CYS J 147 9.77 24.73 -3.03
C CYS J 147 11.30 24.77 -2.92
N ASP J 148 11.98 23.74 -3.40
CA ASP J 148 13.42 23.83 -3.74
C ASP J 148 13.55 24.42 -5.14
N PRO J 149 14.77 24.61 -5.69
CA PRO J 149 14.92 25.19 -7.03
C PRO J 149 14.28 24.38 -8.18
N ASP J 150 14.01 23.11 -7.98
CA ASP J 150 13.47 22.20 -9.02
C ASP J 150 11.96 21.93 -8.85
N LYS J 151 11.46 21.69 -7.64
CA LYS J 151 10.04 21.30 -7.44
C LYS J 151 9.49 21.66 -6.05
N CYS J 152 8.17 21.59 -5.91
CA CYS J 152 7.46 22.01 -4.69
C CYS J 152 7.06 20.79 -3.83
N TYR J 153 7.06 21.00 -2.52
CA TYR J 153 6.78 19.97 -1.52
C TYR J 153 5.62 20.42 -0.66
N GLN J 154 4.83 19.47 -0.21
CA GLN J 154 3.74 19.70 0.74
C GLN J 154 4.16 19.15 2.11
N PHE J 155 3.86 19.91 3.16
CA PHE J 155 4.18 19.57 4.56
C PHE J 155 2.91 19.55 5.38
N ALA J 156 2.90 18.78 6.46
CA ALA J 156 1.79 18.80 7.44
C ALA J 156 2.23 18.24 8.79
N LEU J 157 1.45 18.50 9.84
CA LEU J 157 1.70 17.92 11.19
C LEU J 157 0.82 16.72 11.31
N GLY J 158 1.41 15.52 11.29
CA GLY J 158 0.64 14.28 11.49
C GLY J 158 0.14 14.12 12.91
N GLN J 159 -0.87 13.29 13.12
CA GLN J 159 -1.39 12.96 14.46
C GLN J 159 -0.92 11.55 14.85
N GLY J 160 0.16 11.03 14.26
CA GLY J 160 0.65 9.66 14.58
C GLY J 160 -0.36 8.53 14.31
N THR J 161 -1.23 8.62 13.31
CA THR J 161 -2.24 7.59 12.96
C THR J 161 -2.76 7.76 11.53
N THR J 162 -3.18 6.67 10.90
CA THR J 162 -4.02 6.71 9.68
C THR J 162 -5.46 6.98 10.07
N LEU J 163 -6.30 7.30 9.10
CA LEU J 163 -7.70 7.71 9.38
C LEU J 163 -8.59 6.50 9.66
N ASN J 164 -8.55 5.42 8.88
CA ASN J 164 -9.37 4.22 9.19
C ASN J 164 -8.65 3.33 10.22
N ASN J 165 -8.63 3.75 11.48
CA ASN J 165 -7.72 3.24 12.55
C ASN J 165 -8.33 3.59 13.91
N VAL J 166 -8.21 2.74 14.92
CA VAL J 166 -8.77 3.01 16.29
C VAL J 166 -8.10 4.25 16.89
N HIS J 167 -6.85 4.53 16.58
CA HIS J 167 -6.12 5.69 17.12
C HIS J 167 -6.59 7.04 16.50
N SER J 168 -7.52 7.03 15.54
CA SER J 168 -8.03 8.27 14.87
C SER J 168 -9.03 8.99 15.77
N ASN J 169 -9.61 8.33 16.77
CA ASN J 169 -10.56 8.94 17.73
C ASN J 169 -9.89 10.06 18.55
N ASN J 170 -10.62 11.10 18.91
CA ASN J 170 -10.13 12.26 19.71
C ASN J 170 -8.87 12.93 19.10
N THR J 171 -8.77 13.00 17.77
CA THR J 171 -7.63 13.67 17.05
C THR J 171 -7.77 15.21 17.00
N VAL J 172 -8.58 15.81 17.88
CA VAL J 172 -8.85 17.27 17.86
C VAL J 172 -7.76 18.07 18.60
N ARG J 173 -7.06 17.49 19.58
CA ARG J 173 -6.02 18.22 20.36
C ARG J 173 -4.81 18.57 19.51
N ASP J 174 -4.24 19.74 19.75
CA ASP J 174 -3.17 20.29 18.89
C ASP J 174 -1.79 19.85 19.37
N ARG J 175 -1.62 19.50 20.65
CA ARG J 175 -0.26 19.16 21.22
C ARG J 175 -0.32 17.78 21.89
N THR J 176 0.48 16.82 21.40
CA THR J 176 0.67 15.44 21.95
C THR J 176 2.10 14.95 21.67
N PRO J 177 2.61 13.89 22.34
CA PRO J 177 3.99 13.45 22.10
C PRO J 177 4.23 12.78 20.72
N TYR J 178 3.13 12.42 20.02
CA TYR J 178 3.18 11.59 18.78
C TYR J 178 3.18 12.42 17.48
N ARG J 179 3.03 13.76 17.51
CA ARG J 179 2.98 14.60 16.29
C ARG J 179 4.34 14.63 15.66
N THR J 180 4.38 14.52 14.33
CA THR J 180 5.65 14.57 13.52
C THR J 180 5.42 15.42 12.28
N LEU J 181 6.46 15.96 11.72
CA LEU J 181 6.36 16.72 10.46
C LEU J 181 6.42 15.73 9.28
N LEU J 182 5.36 15.63 8.49
CA LEU J 182 5.33 14.84 7.21
C LEU J 182 5.82 15.67 6.01
N MET J 183 6.52 15.07 5.06
CA MET J 183 7.00 15.75 3.83
C MET J 183 6.81 14.87 2.57
N ASN J 184 6.26 15.43 1.50
CA ASN J 184 6.04 14.78 0.18
C ASN J 184 6.27 15.78 -0.95
N GLU J 185 6.50 15.32 -2.17
CA GLU J 185 6.35 16.20 -3.35
C GLU J 185 4.89 16.60 -3.51
N LEU J 186 4.65 17.81 -4.03
CA LEU J 186 3.29 18.37 -4.13
C LEU J 186 2.44 17.48 -5.03
N GLY J 187 1.28 17.06 -4.56
CA GLY J 187 0.37 16.24 -5.37
C GLY J 187 0.46 14.74 -5.10
N VAL J 188 1.48 14.28 -4.39
CA VAL J 188 1.47 12.89 -3.83
C VAL J 188 0.78 12.89 -2.47
N PRO J 189 -0.36 12.22 -2.29
CA PRO J 189 -1.01 12.21 -0.98
C PRO J 189 -0.17 11.53 0.11
N PHE J 190 -0.45 11.81 1.40
CA PHE J 190 0.30 11.24 2.55
C PHE J 190 -0.19 9.79 2.80
N HIS J 191 0.38 8.85 2.04
CA HIS J 191 0.24 7.38 2.22
C HIS J 191 1.33 6.84 3.18
N LEU J 192 1.31 5.51 3.50
CA LEU J 192 2.24 4.92 4.50
C LEU J 192 3.73 5.05 4.12
N GLY J 193 4.06 5.21 2.85
CA GLY J 193 5.46 5.43 2.46
C GLY J 193 6.02 6.85 2.68
N THR J 194 5.23 7.77 3.25
CA THR J 194 5.65 9.17 3.52
C THR J 194 6.79 9.22 4.55
N LYS J 195 7.78 10.10 4.32
CA LYS J 195 8.85 10.39 5.32
C LYS J 195 8.40 11.31 6.46
N GLN J 196 8.66 10.93 7.72
CA GLN J 196 8.58 11.82 8.91
C GLN J 196 9.94 12.54 9.10
N VAL J 197 10.03 13.85 9.02
CA VAL J 197 11.37 14.51 9.09
C VAL J 197 11.78 14.87 10.52
N CYS J 198 10.87 15.06 11.47
CA CYS J 198 11.25 15.47 12.84
C CYS J 198 10.13 15.32 13.84
N ILE J 199 10.41 15.33 15.15
CA ILE J 199 9.27 15.32 16.13
C ILE J 199 8.80 16.76 16.31
N ALA J 200 7.48 17.02 16.26
CA ALA J 200 6.97 18.42 16.20
C ALA J 200 5.49 18.54 16.43
N TRP J 201 5.03 19.45 17.30
CA TRP J 201 3.61 19.92 17.28
C TRP J 201 3.52 21.38 16.78
N SER J 202 4.61 22.00 16.41
CA SER J 202 4.63 23.26 15.64
C SER J 202 5.90 23.28 14.77
N SER J 203 5.87 23.87 13.58
CA SER J 203 7.04 23.83 12.68
C SER J 203 7.15 24.93 11.63
N SER J 204 8.28 24.99 10.98
CA SER J 204 8.51 25.78 9.76
C SER J 204 9.65 25.12 8.98
N SER J 205 9.72 25.34 7.67
CA SER J 205 10.76 24.75 6.78
C SER J 205 11.15 25.74 5.69
N CYS J 206 12.36 25.66 5.21
CA CYS J 206 12.77 26.38 3.98
C CYS J 206 14.07 25.82 3.38
N HIS J 207 14.30 26.12 2.12
CA HIS J 207 15.46 25.62 1.36
C HIS J 207 16.29 26.81 0.95
N ASP J 208 17.58 26.80 1.27
CA ASP J 208 18.43 28.00 1.15
C ASP J 208 19.11 28.02 -0.22
N GLY J 209 18.83 27.06 -1.11
CA GLY J 209 19.53 26.92 -2.40
C GLY J 209 20.54 25.77 -2.41
N LYS J 210 20.98 25.31 -1.23
CA LYS J 210 21.88 24.14 -1.07
C LYS J 210 21.21 23.01 -0.26
N ALA J 211 20.43 23.30 0.77
CA ALA J 211 19.78 22.27 1.59
C ALA J 211 18.57 22.76 2.37
N TRP J 212 17.79 21.81 2.88
CA TRP J 212 16.63 22.12 3.75
C TRP J 212 17.04 22.46 5.17
N LEU J 213 16.38 23.47 5.74
CA LEU J 213 16.29 23.75 7.19
C LEU J 213 14.88 23.37 7.67
N HIS J 214 14.78 22.59 8.72
CA HIS J 214 13.50 22.41 9.45
C HIS J 214 13.63 22.92 10.88
N VAL J 215 12.63 23.64 11.35
CA VAL J 215 12.54 24.12 12.75
C VAL J 215 11.38 23.39 13.38
N CYS J 216 11.65 22.64 14.44
CA CYS J 216 10.70 21.66 14.98
C CYS J 216 10.53 21.91 16.49
N ILE J 217 9.32 21.95 17.02
CA ILE J 217 9.06 22.30 18.45
C ILE J 217 8.28 21.18 19.10
N THR J 218 8.72 20.71 20.28
CA THR J 218 8.02 19.62 21.02
C THR J 218 8.40 19.67 22.50
N GLY J 219 7.66 18.95 23.33
CA GLY J 219 7.94 18.89 24.78
C GLY J 219 6.76 19.27 25.62
N ASP J 220 7.00 19.53 26.90
CA ASP J 220 5.93 19.97 27.83
C ASP J 220 5.50 21.40 27.49
N ASP J 221 4.22 21.75 27.72
CA ASP J 221 3.66 23.09 27.43
C ASP J 221 4.50 24.19 28.09
N LYS J 222 4.93 23.96 29.33
CA LYS J 222 5.63 24.98 30.13
C LYS J 222 7.13 24.75 30.14
N ASN J 223 7.68 23.78 29.40
CA ASN J 223 9.16 23.67 29.25
C ASN J 223 9.58 23.11 27.87
N ALA J 224 9.13 23.68 26.77
CA ALA J 224 9.27 23.10 25.40
C ALA J 224 10.63 23.40 24.79
N THR J 225 11.01 22.57 23.82
CA THR J 225 12.34 22.67 23.13
C THR J 225 12.11 22.95 21.64
N ALA J 226 12.95 23.75 21.03
CA ALA J 226 13.01 23.89 19.56
C ALA J 226 14.32 23.32 19.01
N SER J 227 14.25 22.38 18.07
CA SER J 227 15.41 21.77 17.37
C SER J 227 15.60 22.38 15.98
N PHE J 228 16.80 22.64 15.59
CA PHE J 228 17.15 23.15 14.23
C PHE J 228 17.88 22.04 13.49
N ILE J 229 17.24 21.49 12.46
CA ILE J 229 17.80 20.38 11.64
C ILE J 229 18.14 20.88 10.24
N TYR J 230 19.40 20.74 9.84
CA TYR J 230 19.89 21.29 8.56
C TYR J 230 20.73 20.25 7.84
N ASN J 231 20.48 20.09 6.55
CA ASN J 231 21.09 19.04 5.69
C ASN J 231 21.02 17.67 6.39
N GLY J 232 19.89 17.34 6.99
CA GLY J 232 19.63 15.99 7.49
C GLY J 232 20.16 15.71 8.89
N ARG J 233 20.77 16.67 9.56
CA ARG J 233 21.34 16.47 10.92
C ARG J 233 21.07 17.63 11.87
N LEU J 234 20.89 17.31 13.16
CA LEU J 234 20.62 18.31 14.21
C LEU J 234 21.85 19.21 14.43
N VAL J 235 21.68 20.54 14.35
CA VAL J 235 22.78 21.50 14.44
C VAL J 235 22.66 22.39 15.67
N ASP J 236 21.46 22.66 16.18
CA ASP J 236 21.25 23.61 17.30
C ASP J 236 19.93 23.38 18.03
N SER J 237 19.78 23.92 19.23
CA SER J 237 18.50 23.86 20.00
C SER J 237 18.36 25.01 20.99
N VAL J 238 17.11 25.36 21.30
CA VAL J 238 16.80 26.46 22.25
C VAL J 238 15.56 26.10 23.08
N VAL J 239 15.44 26.72 24.25
CA VAL J 239 14.35 26.39 25.22
C VAL J 239 13.36 27.56 25.39
N SER J 240 12.09 27.22 25.64
CA SER J 240 11.01 28.18 25.96
C SER J 240 11.50 29.25 26.95
N TRP J 241 11.43 30.53 26.57
CA TRP J 241 11.94 31.67 27.39
C TRP J 241 10.87 32.24 28.31
N SER J 242 9.58 32.04 28.03
CA SER J 242 8.48 32.56 28.88
C SER J 242 7.62 31.44 29.46
N LYS J 243 7.99 30.18 29.23
CA LYS J 243 7.39 28.98 29.88
C LYS J 243 5.89 28.89 29.62
N GLU J 244 5.41 29.25 28.43
CA GLU J 244 3.95 29.22 28.13
C GLU J 244 3.70 29.01 26.63
N ILE J 245 3.93 27.80 26.16
CA ILE J 245 3.69 27.30 24.77
C ILE J 245 4.50 28.10 23.74
N LEU J 246 5.78 27.79 23.64
CA LEU J 246 6.68 28.26 22.55
C LEU J 246 6.09 27.81 21.22
N ARG J 247 6.00 28.70 20.21
CA ARG J 247 5.31 28.37 18.92
C ARG J 247 5.90 29.14 17.73
N THR J 248 5.66 28.67 16.50
CA THR J 248 6.23 29.31 15.26
C THR J 248 5.21 29.31 14.10
N GLN J 249 5.67 29.56 12.86
CA GLN J 249 4.84 30.09 11.74
C GLN J 249 3.81 29.14 11.11
N GLU J 250 3.89 27.83 11.30
CA GLU J 250 3.11 26.81 10.54
C GLU J 250 3.13 27.11 9.03
N SER J 251 4.26 27.56 8.48
CA SER J 251 4.42 27.97 7.06
C SER J 251 5.90 28.17 6.75
N GLU J 252 6.27 28.39 5.50
CA GLU J 252 7.70 28.42 5.17
C GLU J 252 8.44 29.61 5.78
N CYS J 253 9.71 29.39 6.13
CA CYS J 253 10.68 30.46 6.47
C CYS J 253 11.22 31.05 5.18
N VAL J 254 12.06 32.09 5.27
CA VAL J 254 12.67 32.75 4.08
C VAL J 254 14.17 32.90 4.32
N CYS J 255 14.98 32.69 3.28
CA CYS J 255 16.46 32.72 3.34
C CYS J 255 17.01 33.62 2.25
N ILE J 256 17.95 34.50 2.59
CA ILE J 256 18.66 35.36 1.61
C ILE J 256 20.17 35.26 1.89
N ASN J 257 20.97 35.00 0.85
CA ASN J 257 22.44 34.84 0.93
C ASN J 257 22.83 33.87 2.07
N GLY J 258 22.09 32.80 2.28
CA GLY J 258 22.47 31.77 3.27
C GLY J 258 21.93 32.03 4.68
N THR J 259 21.42 33.22 4.97
CA THR J 259 20.80 33.52 6.30
C THR J 259 19.30 33.31 6.22
N CYS J 260 18.78 32.37 6.96
CA CYS J 260 17.31 32.14 7.13
C CYS J 260 16.77 32.93 8.31
N THR J 261 15.49 33.27 8.29
CA THR J 261 14.81 33.94 9.42
C THR J 261 13.52 33.27 9.77
N VAL J 262 13.25 33.21 11.07
CA VAL J 262 12.01 32.59 11.56
C VAL J 262 11.48 33.43 12.73
N VAL J 263 10.17 33.53 12.82
CA VAL J 263 9.49 34.31 13.90
C VAL J 263 8.97 33.31 14.93
N MET J 264 9.21 33.58 16.21
CA MET J 264 8.80 32.65 17.30
C MET J 264 8.20 33.46 18.45
N THR J 265 7.22 32.90 19.13
CA THR J 265 6.47 33.59 20.20
C THR J 265 6.37 32.67 21.41
N ASP J 266 6.36 33.24 22.60
CA ASP J 266 6.08 32.52 23.87
C ASP J 266 5.17 33.39 24.75
N GLY J 267 4.29 32.86 25.56
CA GLY J 267 3.38 33.69 26.36
C GLY J 267 1.93 33.67 25.94
N SER J 268 1.11 34.55 26.52
CA SER J 268 -0.38 34.50 26.49
C SER J 268 -0.97 34.73 25.09
N ALA J 269 -2.13 34.13 24.83
CA ALA J 269 -2.95 34.39 23.61
C ALA J 269 -3.93 35.57 23.79
N SER J 270 -4.25 36.00 25.01
CA SER J 270 -5.26 37.05 25.30
C SER J 270 -4.64 38.18 26.15
N GLY J 271 -3.35 38.48 25.93
CA GLY J 271 -2.58 39.50 26.63
C GLY J 271 -1.21 39.69 26.01
N LYS J 272 -0.37 40.54 26.60
CA LYS J 272 1.00 40.79 26.11
C LYS J 272 1.81 39.47 26.10
N ALA J 273 2.60 39.27 25.04
CA ALA J 273 3.41 38.05 24.81
C ALA J 273 4.81 38.42 24.33
N ASP J 274 5.74 37.47 24.41
CA ASP J 274 7.17 37.71 24.04
C ASP J 274 7.43 37.14 22.64
N THR J 275 7.85 37.98 21.70
CA THR J 275 8.11 37.57 20.30
C THR J 275 9.54 37.89 19.93
N LYS J 276 10.23 36.93 19.31
CA LYS J 276 11.63 37.12 18.85
C LYS J 276 11.78 36.65 17.41
N ILE J 277 12.74 37.24 16.72
CA ILE J 277 13.11 36.85 15.35
C ILE J 277 14.53 36.26 15.43
N LEU J 278 14.67 35.04 14.98
CA LEU J 278 15.95 34.29 15.02
C LEU J 278 16.58 34.31 13.62
N PHE J 279 17.88 34.61 13.56
CA PHE J 279 18.67 34.59 12.32
C PHE J 279 19.57 33.36 12.37
N ILE J 280 19.53 32.56 11.32
CA ILE J 280 20.10 31.18 11.31
C ILE J 280 20.98 30.98 10.06
N GLU J 281 22.16 30.38 10.24
CA GLU J 281 23.10 30.10 9.11
C GLU J 281 23.60 28.66 9.17
N GLU J 282 23.20 27.86 8.17
CA GLU J 282 23.42 26.39 8.09
C GLU J 282 23.02 25.67 9.37
N GLY J 283 21.92 26.09 9.98
CA GLY J 283 21.35 25.47 11.18
C GLY J 283 21.83 26.08 12.48
N LYS J 284 22.95 26.82 12.47
CA LYS J 284 23.46 27.51 13.70
C LYS J 284 22.69 28.81 13.93
N ILE J 285 22.17 29.05 15.14
CA ILE J 285 21.58 30.38 15.49
C ILE J 285 22.72 31.42 15.60
N VAL J 286 22.69 32.49 14.80
CA VAL J 286 23.77 33.52 14.79
C VAL J 286 23.34 34.82 15.47
N HIS J 287 22.06 35.15 15.50
CA HIS J 287 21.56 36.42 16.11
C HIS J 287 20.11 36.27 16.54
N THR J 288 19.68 37.10 17.49
CA THR J 288 18.26 37.14 17.90
C THR J 288 17.82 38.57 18.21
N SER J 289 16.67 38.98 17.68
CA SER J 289 16.09 40.34 17.83
C SER J 289 14.72 40.23 18.48
N THR J 290 14.40 41.11 19.42
CA THR J 290 13.05 41.24 20.02
C THR J 290 12.13 42.07 19.11
N LEU J 291 10.83 41.75 19.08
CA LEU J 291 9.85 42.51 18.25
C LEU J 291 9.77 43.98 18.68
N SER J 292 9.69 44.88 17.71
CA SER J 292 9.72 46.36 17.87
C SER J 292 8.71 47.05 16.92
N GLY J 293 8.32 48.29 17.23
CA GLY J 293 7.21 48.99 16.55
C GLY J 293 5.87 48.76 17.23
N SER J 294 4.76 49.04 16.55
CA SER J 294 3.42 49.20 17.17
C SER J 294 2.57 47.93 17.10
N ALA J 295 3.03 46.82 16.52
CA ALA J 295 2.26 45.55 16.59
C ALA J 295 2.23 45.03 18.05
N GLN J 296 1.05 44.71 18.57
CA GLN J 296 0.88 44.38 20.00
C GLN J 296 0.66 42.87 20.25
N HIS J 297 0.20 42.12 19.27
CA HIS J 297 0.16 40.63 19.33
C HIS J 297 0.58 40.05 17.97
N VAL J 298 1.42 39.02 17.93
CA VAL J 298 1.99 38.48 16.65
C VAL J 298 2.10 36.96 16.70
N GLU J 299 1.25 36.27 15.96
CA GLU J 299 1.14 34.80 15.88
C GLU J 299 1.18 34.37 14.40
N GLU J 300 1.64 33.16 14.12
CA GLU J 300 1.41 32.41 12.84
C GLU J 300 1.75 33.24 11.58
N CYS J 301 2.80 34.00 11.58
CA CYS J 301 3.15 34.84 10.43
C CYS J 301 3.24 34.05 9.11
N SER J 302 2.86 34.71 8.01
CA SER J 302 3.07 34.31 6.61
C SER J 302 4.06 35.29 6.00
N CYS J 303 5.18 34.83 5.50
CA CYS J 303 6.32 35.70 5.15
C CYS J 303 6.74 35.54 3.68
N TYR J 304 7.26 36.60 3.09
CA TYR J 304 7.70 36.58 1.68
C TYR J 304 8.94 37.43 1.47
N PRO J 305 9.86 36.99 0.58
CA PRO J 305 11.04 37.76 0.26
C PRO J 305 10.66 39.02 -0.53
N ARG J 306 11.31 40.12 -0.17
CA ARG J 306 11.06 41.47 -0.69
C ARG J 306 12.40 42.20 -0.69
N TYR J 307 13.28 41.72 -1.56
CA TYR J 307 14.74 42.00 -1.53
C TYR J 307 14.96 43.51 -1.46
N PRO J 308 15.89 44.04 -0.61
CA PRO J 308 16.82 43.27 0.21
C PRO J 308 16.31 42.67 1.54
N GLY J 309 15.03 42.82 1.86
CA GLY J 309 14.54 42.37 3.16
C GLY J 309 13.53 41.25 3.07
N VAL J 310 12.84 41.02 4.19
CA VAL J 310 11.74 40.05 4.32
C VAL J 310 10.55 40.75 4.97
N ARG J 311 9.33 40.39 4.59
CA ARG J 311 8.07 41.03 5.05
C ARG J 311 7.10 39.93 5.45
N CYS J 312 6.35 40.14 6.53
CA CYS J 312 5.47 39.10 7.13
C CYS J 312 4.13 39.72 7.51
N VAL J 313 3.04 38.99 7.30
CA VAL J 313 1.67 39.40 7.69
C VAL J 313 1.10 38.31 8.60
N CYS J 314 0.51 38.67 9.75
CA CYS J 314 0.42 37.76 10.90
C CYS J 314 -1.00 37.76 11.49
N ARG J 315 -1.22 37.06 12.61
CA ARG J 315 -2.53 36.88 13.29
C ARG J 315 -2.43 37.64 14.62
N ASP J 316 -3.47 38.39 14.98
CA ASP J 316 -3.61 39.10 16.27
C ASP J 316 -4.80 38.51 17.03
N ASN J 317 -4.52 37.69 18.05
CA ASN J 317 -5.57 36.97 18.80
C ASN J 317 -6.17 37.84 19.89
N TRP J 318 -5.62 39.03 20.15
CA TRP J 318 -5.90 39.83 21.37
C TRP J 318 -6.90 40.96 21.07
N LYS J 319 -6.59 41.86 20.11
CA LYS J 319 -7.33 43.14 19.94
C LYS J 319 -7.59 43.54 18.48
N GLY J 320 -6.79 43.13 17.50
CA GLY J 320 -7.03 43.46 16.09
C GLY J 320 -7.94 42.47 15.38
N SER J 321 -8.82 42.95 14.51
CA SER J 321 -9.33 42.17 13.34
C SER J 321 -8.67 42.67 12.04
N ASN J 322 -7.97 43.79 12.09
CA ASN J 322 -6.93 44.13 11.10
C ASN J 322 -5.68 43.28 11.40
N ARG J 323 -4.84 42.99 10.40
CA ARG J 323 -3.65 42.10 10.54
C ARG J 323 -2.39 42.90 10.80
N PRO J 324 -1.49 42.43 11.71
CA PRO J 324 -0.17 43.02 11.88
C PRO J 324 0.79 42.77 10.70
N ILE J 325 1.74 43.66 10.56
CA ILE J 325 2.84 43.56 9.58
C ILE J 325 4.17 43.60 10.36
N VAL J 326 5.16 42.84 9.93
CA VAL J 326 6.54 42.90 10.46
C VAL J 326 7.48 42.97 9.28
N ASP J 327 8.35 43.98 9.26
CA ASP J 327 9.45 44.09 8.29
C ASP J 327 10.78 43.76 8.98
N ILE J 328 11.58 42.93 8.33
CA ILE J 328 12.84 42.37 8.87
C ILE J 328 13.99 42.80 7.97
N ASN J 329 15.06 43.30 8.57
CA ASN J 329 16.30 43.67 7.84
C ASN J 329 17.36 42.57 8.01
N ILE J 330 17.86 41.99 6.93
CA ILE J 330 18.82 40.85 6.98
C ILE J 330 20.26 41.37 7.20
N LYS J 331 20.59 42.60 6.83
CA LYS J 331 22.00 43.11 6.92
C LYS J 331 22.33 43.63 8.32
N ASP J 332 21.35 44.10 9.09
CA ASP J 332 21.61 44.72 10.43
C ASP J 332 20.67 44.18 11.52
N HIS J 333 19.86 43.18 11.21
CA HIS J 333 18.98 42.45 12.15
C HIS J 333 17.89 43.35 12.78
N SER J 334 17.67 44.57 12.25
CA SER J 334 16.63 45.49 12.77
C SER J 334 15.22 45.05 12.38
N ILE J 335 14.25 45.44 13.20
CA ILE J 335 12.82 45.05 13.09
C ILE J 335 11.96 46.30 13.19
N VAL J 336 10.89 46.39 12.39
CA VAL J 336 9.77 47.37 12.57
C VAL J 336 8.42 46.70 12.33
N SER J 337 7.35 47.30 12.83
CA SER J 337 6.01 46.71 12.73
C SER J 337 4.88 47.73 12.77
N SER J 338 3.72 47.33 12.24
CA SER J 338 2.54 48.17 12.00
C SER J 338 1.33 47.29 11.68
N TYR J 339 0.25 47.84 11.13
CA TYR J 339 -0.94 47.07 10.72
C TYR J 339 -1.32 47.37 9.26
N VAL J 340 -2.02 46.42 8.63
CA VAL J 340 -2.55 46.56 7.24
C VAL J 340 -3.63 47.64 7.24
N CYS J 341 -3.43 48.68 6.42
CA CYS J 341 -4.27 49.90 6.39
C CYS J 341 -5.70 49.62 5.90
N SER J 342 -5.91 48.77 4.91
CA SER J 342 -7.20 48.51 4.21
C SER J 342 -8.44 48.54 5.13
N GLY J 343 -9.50 49.25 4.72
CA GLY J 343 -10.79 49.29 5.43
C GLY J 343 -11.54 47.98 5.36
N LEU J 344 -11.24 47.19 4.32
CA LEU J 344 -11.69 45.78 4.22
C LEU J 344 -10.66 44.91 4.97
N VAL J 345 -11.06 44.36 6.12
CA VAL J 345 -10.08 43.69 7.04
C VAL J 345 -10.06 42.17 6.76
N GLY J 346 -8.92 41.51 7.06
CA GLY J 346 -8.64 40.11 6.67
C GLY J 346 -8.82 39.02 7.74
N ASP J 347 -9.06 39.35 9.01
CA ASP J 347 -9.13 38.34 10.09
C ASP J 347 -10.55 37.79 10.22
N THR J 348 -10.72 36.72 10.99
CA THR J 348 -12.04 36.13 11.29
C THR J 348 -12.04 35.70 12.75
N PRO J 349 -13.00 36.13 13.62
CA PRO J 349 -14.13 36.99 13.27
C PRO J 349 -13.80 38.44 12.96
N ARG J 350 -14.78 39.16 12.39
CA ARG J 350 -14.69 40.60 12.02
C ARG J 350 -16.09 41.22 11.87
N LYS J 351 -16.17 42.54 11.81
CA LYS J 351 -17.45 43.24 11.47
C LYS J 351 -17.66 43.17 9.95
N ASN J 352 -18.91 43.32 9.50
CA ASN J 352 -19.27 43.32 8.06
C ASN J 352 -18.64 44.53 7.33
N ASP J 353 -18.55 44.45 6.00
CA ASP J 353 -17.81 45.44 5.18
C ASP J 353 -18.48 46.82 5.24
N SER J 354 -19.78 46.86 5.53
CA SER J 354 -20.57 48.11 5.73
C SER J 354 -20.10 48.89 6.96
N SER J 355 -19.46 48.25 7.94
CA SER J 355 -19.20 48.85 9.28
C SER J 355 -17.78 48.62 9.81
N SER J 356 -16.97 47.75 9.21
CA SER J 356 -15.55 47.55 9.59
C SER J 356 -14.72 48.82 9.41
N SER J 357 -13.64 48.95 10.18
CA SER J 357 -12.62 50.02 10.01
C SER J 357 -11.22 49.49 10.32
N SER J 358 -10.20 50.26 9.99
CA SER J 358 -8.81 49.91 10.26
C SER J 358 -7.97 51.15 10.58
N HIS J 359 -6.75 50.92 11.01
CA HIS J 359 -5.76 51.94 11.44
C HIS J 359 -4.41 51.42 10.98
N CYS J 360 -3.50 52.29 10.52
CA CYS J 360 -2.20 51.85 9.98
C CYS J 360 -1.24 51.47 11.12
N LEU J 361 -1.49 51.93 12.36
CA LEU J 361 -0.55 51.70 13.49
C LEU J 361 -1.11 50.81 14.60
N ASP J 362 -2.42 50.76 14.82
CA ASP J 362 -3.03 50.17 16.05
C ASP J 362 -4.02 49.05 15.70
N PRO J 363 -4.27 48.11 16.62
CA PRO J 363 -5.41 47.20 16.49
C PRO J 363 -6.71 48.01 16.47
N ASN J 364 -7.60 47.63 15.57
CA ASN J 364 -8.87 48.36 15.32
C ASN J 364 -9.86 48.21 16.47
N ASN J 365 -9.66 47.26 17.40
CA ASN J 365 -10.58 46.96 18.54
C ASN J 365 -12.00 46.59 18.08
N GLU J 366 -12.16 46.04 16.88
CA GLU J 366 -13.48 45.54 16.39
C GLU J 366 -13.45 44.02 16.35
N GLU J 367 -14.31 43.34 17.11
CA GLU J 367 -14.34 41.83 17.20
C GLU J 367 -12.89 41.28 17.35
N GLY J 368 -12.05 41.93 18.15
CA GLY J 368 -10.59 41.75 18.09
C GLY J 368 -10.12 40.36 18.49
N GLY J 369 -10.70 39.76 19.50
CA GLY J 369 -10.23 38.49 20.08
C GLY J 369 -10.39 37.31 19.16
N HIS J 370 -9.48 36.34 19.25
CA HIS J 370 -9.39 35.14 18.37
C HIS J 370 -9.06 35.58 16.94
N GLY J 371 -8.96 34.62 16.01
CA GLY J 371 -8.46 34.91 14.66
C GLY J 371 -8.28 33.67 13.81
N VAL J 372 -7.66 33.86 12.63
CA VAL J 372 -7.24 32.71 11.76
C VAL J 372 -5.98 33.07 10.97
N LYS J 373 -5.14 32.09 10.67
CA LYS J 373 -3.90 32.34 9.90
C LYS J 373 -4.24 32.72 8.45
N GLY J 374 -3.62 33.79 7.92
CA GLY J 374 -3.92 34.27 6.55
C GLY J 374 -2.78 34.98 5.91
N TRP J 375 -3.04 35.74 4.85
CA TRP J 375 -1.95 36.40 4.07
C TRP J 375 -2.45 37.69 3.40
N ALA J 376 -1.52 38.54 3.01
CA ALA J 376 -1.72 39.70 2.13
C ALA J 376 -0.37 40.09 1.53
N PHE J 377 -0.32 40.78 0.40
CA PHE J 377 0.97 41.32 -0.10
C PHE J 377 0.75 42.62 -0.88
N ASP J 378 1.80 43.45 -0.90
CA ASP J 378 1.73 44.83 -1.48
C ASP J 378 1.88 44.72 -2.99
N ASP J 379 1.24 45.64 -3.71
CA ASP J 379 1.37 45.80 -5.18
C ASP J 379 1.32 47.30 -5.51
N GLY J 380 2.44 48.00 -5.31
CA GLY J 380 2.44 49.47 -5.19
C GLY J 380 1.64 49.91 -3.96
N ASN J 381 0.66 50.81 -4.13
CA ASN J 381 -0.22 51.24 -3.03
C ASN J 381 -1.42 50.30 -2.92
N ASP J 382 -1.63 49.38 -3.86
CA ASP J 382 -2.74 48.39 -3.74
C ASP J 382 -2.34 47.22 -2.85
N VAL J 383 -3.29 46.47 -2.36
CA VAL J 383 -2.99 45.20 -1.63
C VAL J 383 -3.84 44.05 -2.21
N TRP J 384 -3.22 42.90 -2.43
CA TRP J 384 -3.91 41.61 -2.68
C TRP J 384 -4.06 40.86 -1.36
N MET J 385 -5.20 40.28 -1.13
CA MET J 385 -5.44 39.49 0.11
C MET J 385 -6.52 38.44 -0.09
N GLY J 386 -6.54 37.46 0.82
CA GLY J 386 -7.59 36.41 0.87
C GLY J 386 -8.21 36.34 2.24
N ARG J 387 -9.47 35.91 2.31
CA ARG J 387 -10.21 35.79 3.58
C ARG J 387 -11.39 34.79 3.48
N THR J 388 -11.91 34.35 4.61
CA THR J 388 -13.15 33.55 4.64
C THR J 388 -14.31 34.42 4.13
N ILE J 389 -15.26 33.83 3.42
CA ILE J 389 -16.43 34.59 2.88
C ILE J 389 -17.36 34.97 4.02
N ASN J 390 -17.54 34.10 4.98
CA ASN J 390 -18.37 34.37 6.19
C ASN J 390 -17.55 35.18 7.20
N GLU J 391 -18.24 36.04 7.97
CA GLU J 391 -17.55 36.99 8.92
C GLU J 391 -17.31 36.36 10.30
N THR J 392 -18.01 35.31 10.68
CA THR J 392 -17.94 34.77 12.07
C THR J 392 -17.67 33.27 12.13
N SER J 393 -17.33 32.63 11.02
CA SER J 393 -17.02 31.18 10.97
C SER J 393 -16.13 30.89 9.76
N ARG J 394 -15.37 29.79 9.78
CA ARG J 394 -14.39 29.51 8.70
C ARG J 394 -15.13 28.78 7.55
N LEU J 395 -16.07 29.48 6.91
CA LEU J 395 -16.82 29.01 5.71
C LEU J 395 -16.48 29.86 4.46
N GLY J 396 -16.34 29.19 3.33
CA GLY J 396 -15.92 29.78 2.05
C GLY J 396 -14.52 30.38 2.06
N TYR J 397 -14.07 30.83 0.91
CA TYR J 397 -12.79 31.56 0.77
C TYR J 397 -12.80 32.40 -0.49
N GLU J 398 -12.37 33.65 -0.39
CA GLU J 398 -12.35 34.63 -1.53
C GLU J 398 -11.02 35.35 -1.54
N THR J 399 -10.61 35.84 -2.70
CA THR J 399 -9.50 36.79 -2.82
C THR J 399 -9.93 38.03 -3.62
N PHE J 400 -9.22 39.14 -3.45
CA PHE J 400 -9.45 40.39 -4.22
C PHE J 400 -8.29 41.37 -4.10
N LYS J 401 -8.30 42.42 -4.92
CA LYS J 401 -7.39 43.58 -4.77
C LYS J 401 -8.17 44.74 -4.16
N VAL J 402 -7.55 45.50 -3.24
CA VAL J 402 -8.14 46.75 -2.70
C VAL J 402 -7.34 47.93 -3.20
N ILE J 403 -7.99 48.89 -3.82
CA ILE J 403 -7.29 50.06 -4.44
C ILE J 403 -6.78 51.00 -3.32
N GLU J 404 -5.50 51.35 -3.36
CA GLU J 404 -4.80 52.12 -2.27
C GLU J 404 -4.84 51.40 -0.91
N GLY J 405 -5.24 50.15 -0.82
CA GLY J 405 -5.46 49.49 0.48
C GLY J 405 -4.18 49.25 1.29
N TRP J 406 -3.00 49.43 0.73
CA TRP J 406 -1.74 49.32 1.52
C TRP J 406 -1.41 50.64 2.24
N SER J 407 -1.94 51.78 1.81
CA SER J 407 -1.52 53.10 2.33
C SER J 407 -2.68 54.01 2.78
N ASN J 408 -3.91 53.77 2.34
CA ASN J 408 -5.07 54.62 2.69
C ASN J 408 -5.98 53.84 3.64
N PRO J 409 -6.11 54.23 4.93
CA PRO J 409 -6.89 53.45 5.90
C PRO J 409 -8.41 53.53 5.75
N LYS J 410 -8.92 54.41 4.86
CA LYS J 410 -10.38 54.62 4.67
C LYS J 410 -10.90 53.92 3.40
N SER J 411 -10.01 53.39 2.55
CA SER J 411 -10.37 52.79 1.24
C SER J 411 -11.19 51.50 1.42
N LYS J 412 -12.26 51.35 0.64
CA LYS J 412 -13.09 50.12 0.55
C LYS J 412 -13.41 49.73 -0.91
N LEU J 413 -12.58 50.18 -1.83
CA LEU J 413 -12.82 50.01 -3.28
C LEU J 413 -12.16 48.70 -3.70
N GLN J 414 -12.92 47.60 -3.79
CA GLN J 414 -12.34 46.30 -4.25
C GLN J 414 -12.59 46.02 -5.74
N ILE J 415 -11.70 45.23 -6.34
CA ILE J 415 -11.77 44.77 -7.76
C ILE J 415 -11.11 43.40 -7.92
N ASN J 416 -11.40 42.70 -9.01
CA ASN J 416 -10.80 41.37 -9.33
C ASN J 416 -11.14 40.33 -8.24
N ARG J 417 -12.33 40.33 -7.68
CA ARG J 417 -12.76 39.24 -6.77
C ARG J 417 -12.73 37.86 -7.46
N GLN J 418 -12.27 36.83 -6.76
CA GLN J 418 -12.42 35.41 -7.15
C GLN J 418 -12.88 34.58 -5.96
N VAL J 419 -13.90 33.76 -6.13
CA VAL J 419 -14.25 32.70 -5.16
C VAL J 419 -13.36 31.48 -5.41
N ILE J 420 -12.75 30.96 -4.34
CA ILE J 420 -11.92 29.73 -4.39
C ILE J 420 -12.76 28.55 -3.84
N VAL J 421 -13.44 28.76 -2.74
CA VAL J 421 -14.37 27.80 -2.12
C VAL J 421 -15.64 28.57 -1.81
N ASP J 422 -16.79 28.06 -2.23
CA ASP J 422 -18.06 28.78 -2.08
C ASP J 422 -18.55 28.76 -0.62
N ARG J 423 -19.48 29.67 -0.28
CA ARG J 423 -19.87 29.98 1.11
C ARG J 423 -20.46 28.79 1.88
N GLY J 424 -20.84 27.70 1.25
CA GLY J 424 -21.43 26.55 1.97
C GLY J 424 -20.39 25.54 2.41
N ASN J 425 -19.13 25.72 2.05
CA ASN J 425 -18.05 24.71 2.23
C ASN J 425 -16.97 25.20 3.20
N ARG J 426 -16.49 24.30 4.06
CA ARG J 426 -15.51 24.62 5.14
C ARG J 426 -14.15 25.02 4.56
N SER J 427 -13.48 25.95 5.23
CA SER J 427 -12.08 26.31 4.97
C SER J 427 -11.26 26.19 6.27
N GLY J 428 -10.21 26.98 6.46
CA GLY J 428 -9.22 26.77 7.54
C GLY J 428 -8.06 27.73 7.38
N TYR J 429 -6.84 27.31 7.74
CA TYR J 429 -5.64 28.17 7.59
C TYR J 429 -5.33 28.40 6.11
N SER J 430 -4.65 29.49 5.82
CA SER J 430 -4.15 29.77 4.45
C SER J 430 -2.83 30.54 4.52
N GLY J 431 -1.99 30.47 3.49
CA GLY J 431 -0.64 31.08 3.57
C GLY J 431 0.02 31.27 2.23
N ILE J 432 0.97 32.17 2.16
CA ILE J 432 1.64 32.50 0.87
C ILE J 432 2.88 31.59 0.67
N PHE J 433 3.31 31.36 -0.56
CA PHE J 433 4.70 30.96 -0.89
C PHE J 433 5.13 31.60 -2.22
N SER J 434 6.41 31.68 -2.44
CA SER J 434 7.03 32.41 -3.56
C SER J 434 7.79 31.44 -4.44
N VAL J 435 7.76 31.69 -5.73
CA VAL J 435 8.38 30.80 -6.74
C VAL J 435 9.17 31.68 -7.69
N GLU J 436 10.39 31.30 -7.97
CA GLU J 436 11.26 32.09 -8.88
C GLU J 436 11.03 31.63 -10.32
N GLY J 437 10.68 32.57 -11.19
CA GLY J 437 10.55 32.34 -12.64
C GLY J 437 11.77 32.80 -13.42
N LYS J 438 11.66 32.80 -14.74
CA LYS J 438 12.78 33.13 -15.65
C LYS J 438 13.20 34.61 -15.49
N SER J 439 12.27 35.51 -15.15
CA SER J 439 12.55 36.97 -15.10
C SER J 439 11.85 37.71 -13.95
N CYS J 440 11.04 37.05 -13.11
CA CYS J 440 10.37 37.71 -11.97
C CYS J 440 10.05 36.69 -10.84
N ILE J 441 9.71 37.17 -9.65
CA ILE J 441 9.25 36.32 -8.51
C ILE J 441 7.73 36.30 -8.50
N ASN J 442 7.13 35.11 -8.55
CA ASN J 442 5.67 34.97 -8.50
C ASN J 442 5.19 34.67 -7.07
N ARG J 443 3.93 34.97 -6.75
CA ARG J 443 3.29 34.67 -5.45
C ARG J 443 2.18 33.66 -5.65
N CYS J 444 2.06 32.71 -4.74
CA CYS J 444 1.11 31.57 -4.81
C CYS J 444 0.55 31.39 -3.40
N PHE J 445 -0.58 30.73 -3.25
CA PHE J 445 -1.15 30.52 -1.91
C PHE J 445 -1.86 29.16 -1.81
N TYR J 446 -2.08 28.71 -0.59
CA TYR J 446 -2.72 27.41 -0.32
C TYR J 446 -3.87 27.59 0.69
N VAL J 447 -4.85 26.71 0.70
CA VAL J 447 -5.97 26.80 1.66
C VAL J 447 -6.20 25.40 2.29
N GLU J 448 -6.31 25.34 3.61
CA GLU J 448 -6.57 24.10 4.36
C GLU J 448 -8.08 23.90 4.35
N LEU J 449 -8.54 22.69 4.04
CA LEU J 449 -9.99 22.37 3.99
C LEU J 449 -10.28 21.39 5.11
N ILE J 450 -10.67 21.90 6.28
CA ILE J 450 -10.85 21.10 7.53
C ILE J 450 -12.19 20.34 7.47
N ARG J 451 -12.20 19.07 7.90
CA ARG J 451 -13.42 18.23 8.01
C ARG J 451 -13.45 17.48 9.34
N GLY J 452 -14.65 17.14 9.79
CA GLY J 452 -14.90 16.33 11.00
C GLY J 452 -15.13 17.15 12.26
N ARG J 453 -14.87 16.55 13.43
CA ARG J 453 -15.09 17.16 14.78
C ARG J 453 -14.34 18.49 14.91
N LYS J 454 -14.92 19.49 15.62
CA LYS J 454 -16.06 19.41 16.50
C LYS J 454 -17.39 19.74 15.80
N GLU J 455 -17.35 20.36 14.61
CA GLU J 455 -18.57 20.83 13.89
C GLU J 455 -19.37 19.68 13.26
N GLU J 456 -18.68 18.73 12.62
CA GLU J 456 -19.31 17.62 11.90
C GLU J 456 -19.25 16.39 12.80
N THR J 457 -20.27 16.16 13.61
CA THR J 457 -20.32 15.04 14.59
C THR J 457 -20.69 13.68 13.96
N GLU J 458 -20.79 13.56 12.63
CA GLU J 458 -21.03 12.26 11.94
C GLU J 458 -19.84 11.30 12.13
N VAL J 459 -18.65 11.82 12.49
CA VAL J 459 -17.38 11.05 12.58
C VAL J 459 -16.70 11.33 13.91
N LEU J 460 -15.69 10.53 14.29
CA LEU J 460 -14.92 10.73 15.55
C LEU J 460 -13.63 11.47 15.28
N TRP J 461 -13.22 11.63 14.03
CA TRP J 461 -11.87 12.19 13.69
C TRP J 461 -11.94 13.66 13.26
N THR J 462 -10.80 14.32 13.17
CA THR J 462 -10.63 15.66 12.57
C THR J 462 -9.45 15.58 11.59
N SER J 463 -9.59 16.08 10.37
CA SER J 463 -8.48 16.05 9.38
C SER J 463 -8.65 17.13 8.30
N ASN J 464 -7.77 17.17 7.30
CA ASN J 464 -7.88 18.19 6.24
C ASN J 464 -7.51 17.63 4.85
N SER J 465 -8.06 18.25 3.80
CA SER J 465 -7.49 18.25 2.43
C SER J 465 -6.79 19.59 2.19
N ILE J 466 -6.22 19.81 1.01
CA ILE J 466 -5.79 21.15 0.56
C ILE J 466 -6.14 21.44 -0.90
N VAL J 467 -5.98 22.73 -1.27
CA VAL J 467 -6.06 23.23 -2.66
C VAL J 467 -5.11 24.40 -2.80
N VAL J 468 -4.51 24.55 -3.98
CA VAL J 468 -3.37 25.47 -4.21
C VAL J 468 -3.55 26.28 -5.51
N PHE J 469 -3.23 27.57 -5.49
CA PHE J 469 -3.42 28.55 -6.59
C PHE J 469 -2.19 29.41 -6.79
N CYS J 470 -1.88 29.83 -8.01
CA CYS J 470 -0.69 30.66 -8.31
C CYS J 470 -1.07 31.91 -9.11
N GLY J 471 -0.36 32.99 -8.89
CA GLY J 471 -0.54 34.26 -9.60
C GLY J 471 -0.23 34.18 -11.09
N THR J 472 -1.07 34.80 -11.89
CA THR J 472 -0.99 34.78 -13.38
C THR J 472 -1.04 36.23 -13.87
N SER J 473 -0.37 36.50 -14.97
CA SER J 473 -0.47 37.78 -15.73
C SER J 473 -1.42 37.61 -16.91
N GLY J 474 -1.90 36.39 -17.18
CA GLY J 474 -2.83 36.10 -18.27
C GLY J 474 -4.27 36.30 -17.84
N THR J 475 -5.16 35.41 -18.28
CA THR J 475 -6.62 35.52 -18.02
C THR J 475 -7.17 34.20 -17.45
N TYR J 476 -8.35 34.27 -16.88
CA TYR J 476 -8.93 33.16 -16.07
C TYR J 476 -10.45 33.31 -16.01
N GLY J 477 -11.13 32.25 -15.64
CA GLY J 477 -12.60 32.20 -15.56
C GLY J 477 -13.07 32.02 -14.12
N THR J 478 -13.97 31.08 -13.86
CA THR J 478 -14.64 30.89 -12.55
C THR J 478 -14.83 29.39 -12.21
N GLY J 479 -15.05 29.11 -10.91
CA GLY J 479 -15.32 27.77 -10.37
C GLY J 479 -15.40 27.78 -8.85
N SER J 480 -15.53 26.60 -8.26
CA SER J 480 -15.36 26.36 -6.81
C SER J 480 -14.73 24.98 -6.62
N TRP J 481 -13.75 24.84 -5.74
CA TRP J 481 -13.00 23.57 -5.54
C TRP J 481 -13.02 23.15 -4.07
N PRO J 482 -14.14 22.66 -3.54
CA PRO J 482 -14.24 22.22 -2.15
C PRO J 482 -13.57 20.86 -1.89
N ASP J 483 -13.70 20.37 -0.66
CA ASP J 483 -13.05 19.12 -0.19
C ASP J 483 -13.70 17.95 -0.92
N GLY J 484 -15.03 17.80 -0.84
CA GLY J 484 -15.76 16.86 -1.69
C GLY J 484 -15.89 15.48 -1.10
N ALA J 485 -15.50 15.24 0.16
CA ALA J 485 -15.81 13.95 0.82
C ALA J 485 -17.25 13.93 1.37
N ASP J 486 -17.89 12.75 1.40
CA ASP J 486 -19.25 12.54 1.96
C ASP J 486 -19.18 11.88 3.34
N LEU J 487 -19.18 12.68 4.42
CA LEU J 487 -18.97 12.14 5.78
C LEU J 487 -20.15 11.29 6.25
N ASN J 488 -21.28 11.35 5.56
CA ASN J 488 -22.44 10.49 5.90
C ASN J 488 -22.18 9.03 5.54
N LEU J 489 -21.23 8.74 4.64
CA LEU J 489 -21.01 7.39 4.07
C LEU J 489 -19.74 6.74 4.62
N MET J 490 -18.68 7.51 4.80
CA MET J 490 -17.34 6.95 5.07
C MET J 490 -17.15 6.59 6.55
N PRO J 491 -16.06 5.85 6.91
CA PRO J 491 -15.84 5.36 8.28
C PRO J 491 -15.83 6.41 9.39
N ILE J 492 -16.49 6.04 10.50
CA ILE J 492 -16.75 6.90 11.69
C ILE J 492 -15.46 7.01 12.51
N GLN K 1 -13.95 14.77 50.83
CA GLN K 1 -14.47 15.28 49.51
C GLN K 1 -13.46 16.28 48.91
N VAL K 2 -13.58 16.56 47.61
CA VAL K 2 -12.70 17.47 46.81
C VAL K 2 -12.67 18.90 47.37
N HIS K 3 -13.78 19.39 47.92
CA HIS K 3 -14.20 20.82 47.98
C HIS K 3 -13.09 21.83 48.31
N LEU K 4 -13.21 23.01 47.69
CA LEU K 4 -12.26 24.14 47.82
C LEU K 4 -12.42 24.81 49.19
N VAL K 5 -11.30 25.23 49.78
CA VAL K 5 -11.28 26.00 51.07
C VAL K 5 -10.43 27.27 50.86
N GLN K 6 -10.98 28.42 51.24
CA GLN K 6 -10.35 29.75 51.00
C GLN K 6 -9.68 30.32 52.26
N SER K 7 -8.77 31.27 52.07
CA SER K 7 -8.16 32.10 53.15
C SER K 7 -9.18 33.09 53.75
N GLY K 8 -8.92 33.57 54.97
CA GLY K 8 -9.80 34.50 55.73
C GLY K 8 -9.86 35.93 55.19
N ALA K 9 -10.81 36.72 55.70
CA ALA K 9 -11.12 38.11 55.28
C ALA K 9 -9.97 39.09 55.59
N GLU K 10 -9.94 40.25 54.92
CA GLU K 10 -8.86 41.27 55.09
C GLU K 10 -9.36 42.72 54.96
N VAL K 11 -8.68 43.62 55.70
CA VAL K 11 -8.69 45.09 55.44
C VAL K 11 -7.30 45.52 54.98
N LYS K 12 -7.21 46.26 53.88
CA LYS K 12 -5.91 46.77 53.33
C LYS K 12 -6.04 48.26 52.99
N GLU K 13 -4.96 49.02 53.14
CA GLU K 13 -4.93 50.46 52.79
C GLU K 13 -4.88 50.63 51.27
N PRO K 14 -5.44 51.74 50.69
CA PRO K 14 -5.25 52.04 49.27
C PRO K 14 -3.78 52.08 48.84
N GLY K 15 -3.53 51.68 47.58
CA GLY K 15 -2.17 51.56 47.02
C GLY K 15 -1.44 50.28 47.43
N SER K 16 -1.98 49.51 48.38
CA SER K 16 -1.41 48.20 48.84
C SER K 16 -1.71 47.07 47.84
N SER K 17 -1.25 45.85 48.16
CA SER K 17 -1.63 44.59 47.46
C SER K 17 -2.20 43.58 48.46
N VAL K 18 -3.00 42.63 47.97
CA VAL K 18 -3.60 41.53 48.80
C VAL K 18 -3.30 40.19 48.14
N THR K 19 -3.04 39.16 48.96
CA THR K 19 -2.97 37.75 48.51
C THR K 19 -4.19 37.01 49.06
N VAL K 20 -4.88 36.29 48.18
CA VAL K 20 -5.97 35.34 48.57
C VAL K 20 -5.52 33.95 48.11
N SER K 21 -5.91 32.90 48.82
CA SER K 21 -5.52 31.52 48.43
C SER K 21 -6.68 30.54 48.56
N CYS K 22 -6.57 29.44 47.81
CA CYS K 22 -7.64 28.44 47.62
C CYS K 22 -7.01 27.05 47.54
N LYS K 23 -7.46 26.11 48.38
CA LYS K 23 -6.84 24.77 48.55
C LYS K 23 -7.91 23.67 48.39
N ALA K 24 -7.58 22.58 47.71
CA ALA K 24 -8.50 21.43 47.53
C ALA K 24 -8.42 20.50 48.75
N SER K 25 -9.55 20.22 49.40
CA SER K 25 -9.64 19.34 50.59
C SER K 25 -9.24 17.89 50.25
N GLY K 26 -9.47 17.44 49.02
CA GLY K 26 -9.19 16.04 48.61
C GLY K 26 -7.75 15.80 48.15
N GLY K 27 -6.88 16.81 48.11
CA GLY K 27 -5.54 16.73 47.49
C GLY K 27 -5.59 16.61 45.97
N SER K 28 -6.78 16.75 45.36
CA SER K 28 -7.09 16.24 43.99
C SER K 28 -7.02 17.37 42.96
N PHE K 29 -5.90 18.09 42.86
CA PHE K 29 -5.63 18.99 41.71
C PHE K 29 -5.31 18.16 40.45
N ASN K 30 -6.36 17.70 39.76
CA ASN K 30 -6.33 17.37 38.32
C ASN K 30 -6.21 18.68 37.51
N ASN K 31 -6.13 18.61 36.18
CA ASN K 31 -5.79 19.83 35.40
C ASN K 31 -7.00 20.74 35.15
N GLN K 32 -8.19 20.47 35.73
CA GLN K 32 -9.34 21.41 35.60
C GLN K 32 -9.04 22.80 36.18
N ALA K 33 -9.27 23.85 35.41
CA ALA K 33 -8.82 25.23 35.74
C ALA K 33 -9.48 25.72 37.04
N ILE K 34 -8.69 26.39 37.87
CA ILE K 34 -9.19 27.13 39.07
C ILE K 34 -9.29 28.61 38.70
N SER K 35 -10.46 29.18 38.92
CA SER K 35 -10.87 30.52 38.42
C SER K 35 -11.27 31.42 39.58
N TRP K 36 -11.04 32.72 39.43
CA TRP K 36 -11.43 33.73 40.45
C TRP K 36 -12.57 34.61 39.92
N VAL K 37 -13.62 34.73 40.70
CA VAL K 37 -14.84 35.51 40.35
C VAL K 37 -15.16 36.39 41.57
N ARG K 38 -15.50 37.66 41.34
CA ARG K 38 -15.81 38.58 42.46
C ARG K 38 -17.22 39.16 42.38
N GLN K 39 -17.70 39.58 43.54
CA GLN K 39 -19.05 40.14 43.74
C GLN K 39 -18.95 41.36 44.65
N ALA K 40 -19.03 42.56 44.07
CA ALA K 40 -19.13 43.83 44.82
C ALA K 40 -20.52 43.92 45.47
N PRO K 41 -20.69 44.67 46.59
CA PRO K 41 -21.98 44.74 47.28
C PRO K 41 -23.16 45.20 46.41
N GLY K 42 -24.24 44.41 46.41
CA GLY K 42 -25.48 44.65 45.65
C GLY K 42 -25.28 44.67 44.13
N GLN K 43 -24.31 43.91 43.62
CA GLN K 43 -23.88 44.00 42.19
C GLN K 43 -23.62 42.59 41.60
N GLY K 44 -23.60 42.51 40.26
CA GLY K 44 -23.44 41.25 39.50
C GLY K 44 -22.05 40.62 39.61
N LEU K 45 -21.95 39.37 39.14
CA LEU K 45 -20.71 38.54 39.14
C LEU K 45 -19.72 39.02 38.07
N GLU K 46 -18.42 38.90 38.35
CA GLU K 46 -17.34 39.42 37.47
C GLU K 46 -16.16 38.45 37.47
N TRP K 47 -15.86 37.84 36.31
CA TRP K 47 -14.71 36.91 36.15
C TRP K 47 -13.42 37.72 36.10
N MET K 48 -12.38 37.29 36.81
CA MET K 48 -11.07 38.00 36.88
C MET K 48 -9.97 37.24 36.16
N GLY K 49 -10.01 35.91 36.16
CA GLY K 49 -8.92 35.08 35.62
C GLY K 49 -8.90 33.66 36.18
N GLY K 50 -7.80 32.96 35.95
CA GLY K 50 -7.67 31.55 36.36
C GLY K 50 -6.34 30.93 35.93
N ILE K 51 -6.12 29.67 36.34
CA ILE K 51 -4.91 28.90 35.95
C ILE K 51 -5.24 27.39 35.93
N PHE K 52 -4.61 26.65 35.01
CA PHE K 52 -4.62 25.16 35.04
C PHE K 52 -3.60 24.69 36.09
N PRO K 53 -4.00 23.93 37.16
CA PRO K 53 -3.08 23.57 38.24
C PRO K 53 -1.80 22.79 37.86
N ILE K 54 -1.82 21.94 36.82
CA ILE K 54 -0.64 21.15 36.40
C ILE K 54 0.05 21.84 35.21
N SER K 55 -0.67 22.08 34.10
CA SER K 55 -0.05 22.59 32.84
C SER K 55 0.31 24.08 32.97
N GLY K 56 -0.28 24.81 33.91
CA GLY K 56 0.30 26.09 34.40
C GLY K 56 0.11 27.27 33.47
N THR K 57 -0.85 27.26 32.54
CA THR K 57 -1.14 28.46 31.69
C THR K 57 -2.10 29.39 32.45
N PRO K 58 -1.67 30.61 32.89
CA PRO K 58 -2.59 31.57 33.51
C PRO K 58 -3.37 32.41 32.49
N THR K 59 -4.48 32.99 32.92
CA THR K 59 -5.27 33.92 32.07
C THR K 59 -5.98 34.97 32.94
N SER K 60 -6.16 36.19 32.41
CA SER K 60 -6.67 37.36 33.18
C SER K 60 -7.64 38.23 32.36
N ALA K 61 -8.69 38.71 33.00
CA ALA K 61 -9.70 39.60 32.37
C ALA K 61 -9.07 40.97 32.06
N GLN K 62 -9.51 41.61 30.98
CA GLN K 62 -8.80 42.79 30.39
C GLN K 62 -8.70 43.95 31.39
N ARG K 63 -9.77 44.20 32.15
CA ARG K 63 -9.86 45.29 33.17
C ARG K 63 -8.81 45.12 34.29
N PHE K 64 -8.33 43.91 34.55
CA PHE K 64 -7.41 43.59 35.67
C PHE K 64 -5.99 43.30 35.18
N GLN K 65 -5.71 43.37 33.88
CA GLN K 65 -4.59 42.62 33.25
C GLN K 65 -3.22 43.08 33.77
N GLY K 66 -3.04 44.36 34.08
CA GLY K 66 -1.80 44.91 34.68
C GLY K 66 -1.70 44.71 36.19
N ARG K 67 -2.83 44.48 36.88
CA ARG K 67 -2.94 44.56 38.37
C ARG K 67 -2.85 43.18 39.04
N VAL K 68 -3.18 42.09 38.33
CA VAL K 68 -3.43 40.76 38.96
C VAL K 68 -2.41 39.73 38.46
N THR K 69 -2.05 38.78 39.33
CA THR K 69 -1.26 37.58 38.95
C THR K 69 -1.76 36.35 39.70
N PHE K 70 -1.63 35.18 39.06
CA PHE K 70 -2.07 33.86 39.59
C PHE K 70 -0.87 32.92 39.57
N THR K 71 -0.77 32.07 40.59
CA THR K 71 0.28 31.02 40.66
C THR K 71 -0.24 29.82 41.44
N ALA K 72 0.41 28.66 41.28
CA ALA K 72 -0.12 27.40 41.83
C ALA K 72 1.02 26.50 42.33
N ASP K 73 0.70 25.65 43.31
CA ASP K 73 1.63 24.66 43.87
C ASP K 73 0.87 23.37 44.20
N GLU K 74 1.26 22.27 43.57
CA GLU K 74 0.68 20.92 43.84
C GLU K 74 1.00 20.46 45.27
N SER K 75 2.15 20.85 45.83
CA SER K 75 2.64 20.36 47.15
C SER K 75 1.72 20.85 48.27
N THR K 76 1.50 22.15 48.37
CA THR K 76 0.44 22.75 49.23
C THR K 76 -0.95 22.50 48.61
N THR K 77 -1.02 22.00 47.37
CA THR K 77 -2.27 21.79 46.58
C THR K 77 -3.13 23.06 46.64
N THR K 78 -2.51 24.19 46.36
CA THR K 78 -3.09 25.53 46.58
C THR K 78 -2.83 26.44 45.37
N VAL K 79 -3.83 27.22 45.01
CA VAL K 79 -3.71 28.33 44.03
C VAL K 79 -3.71 29.65 44.80
N TYR K 80 -2.82 30.55 44.41
CA TYR K 80 -2.63 31.87 45.06
C TYR K 80 -2.95 32.96 44.05
N MET K 81 -3.76 33.93 44.46
CA MET K 81 -4.14 35.09 43.61
C MET K 81 -3.69 36.39 44.28
N ASP K 82 -2.88 37.19 43.60
CA ASP K 82 -2.36 38.49 44.11
C ASP K 82 -2.98 39.64 43.33
N LEU K 83 -3.63 40.56 44.03
CA LEU K 83 -4.28 41.75 43.42
C LEU K 83 -3.54 43.00 43.95
N SER K 84 -2.99 43.81 43.04
CA SER K 84 -2.10 44.94 43.36
C SER K 84 -2.77 46.31 43.13
N SER K 85 -2.13 47.38 43.62
CA SER K 85 -2.56 48.80 43.45
C SER K 85 -4.03 48.96 43.85
N LEU K 86 -4.36 48.51 45.06
CA LEU K 86 -5.75 48.46 45.59
C LEU K 86 -6.39 49.85 45.68
N ARG K 87 -7.71 49.90 45.47
CA ARG K 87 -8.55 51.11 45.65
C ARG K 87 -9.88 50.73 46.32
N SER K 88 -10.60 51.70 46.87
CA SER K 88 -11.87 51.49 47.63
C SER K 88 -12.86 50.61 46.85
N ASP K 89 -12.94 50.82 45.53
CA ASP K 89 -13.81 50.10 44.56
C ASP K 89 -13.57 48.59 44.55
N ASP K 90 -12.38 48.12 44.91
CA ASP K 90 -12.04 46.67 44.98
C ASP K 90 -12.69 45.97 46.19
N THR K 91 -13.41 46.70 47.06
CA THR K 91 -14.17 46.07 48.17
C THR K 91 -15.23 45.12 47.60
N ALA K 92 -15.05 43.82 47.82
CA ALA K 92 -15.91 42.76 47.25
C ALA K 92 -15.68 41.43 47.96
N VAL K 93 -16.60 40.49 47.78
CA VAL K 93 -16.35 39.05 48.07
C VAL K 93 -15.64 38.43 46.86
N TYR K 94 -14.53 37.75 47.09
CA TYR K 94 -13.74 37.03 46.07
C TYR K 94 -13.94 35.52 46.27
N TYR K 95 -14.47 34.84 45.26
CA TYR K 95 -14.64 33.36 45.27
C TYR K 95 -13.59 32.71 44.37
N CYS K 96 -13.00 31.61 44.81
CA CYS K 96 -12.40 30.64 43.87
C CYS K 96 -13.48 29.65 43.42
N ALA K 97 -13.36 29.17 42.17
CA ALA K 97 -14.28 28.17 41.60
C ALA K 97 -13.51 27.24 40.64
N ARG K 98 -14.04 26.04 40.41
CA ARG K 98 -13.41 25.02 39.55
C ARG K 98 -14.21 24.90 38.25
N ALA K 99 -13.52 25.12 37.12
CA ALA K 99 -14.11 25.09 35.77
C ALA K 99 -14.24 23.65 35.24
N GLY K 100 -15.20 23.42 34.33
CA GLY K 100 -15.29 22.17 33.55
C GLY K 100 -14.16 21.98 32.52
N SER K 101 -13.25 22.93 32.39
CA SER K 101 -12.24 23.03 31.32
C SER K 101 -10.87 22.57 31.81
N ASP K 102 -10.13 21.79 31.01
CA ASP K 102 -8.81 21.23 31.44
C ASP K 102 -7.76 21.20 30.32
N TYR K 103 -8.00 21.85 29.18
CA TYR K 103 -7.01 21.99 28.08
C TYR K 103 -7.27 23.28 27.31
N PHE K 104 -6.23 23.92 26.84
CA PHE K 104 -6.26 25.09 25.95
C PHE K 104 -5.61 24.72 24.61
N ASN K 105 -6.37 24.89 23.54
CA ASN K 105 -5.91 24.65 22.14
C ASN K 105 -5.43 25.95 21.53
N ARG K 106 -4.20 26.03 21.03
CA ARG K 106 -3.62 27.27 20.42
C ARG K 106 -4.60 27.95 19.47
N ASP K 107 -5.25 27.16 18.63
CA ASP K 107 -6.08 27.67 17.54
C ASP K 107 -7.52 27.82 18.01
N LEU K 108 -8.10 26.81 18.64
CA LEU K 108 -9.56 26.78 18.89
C LEU K 108 -9.93 27.44 20.23
N GLY K 109 -8.98 27.76 21.12
CA GLY K 109 -9.29 28.32 22.46
C GLY K 109 -9.80 27.29 23.49
N TRP K 110 -10.77 27.66 24.34
CA TRP K 110 -11.19 26.86 25.52
C TRP K 110 -12.50 26.14 25.26
N GLU K 111 -12.83 25.18 26.12
CA GLU K 111 -14.11 24.42 26.02
C GLU K 111 -14.62 24.06 27.41
N ASN K 112 -15.94 24.06 27.61
CA ASN K 112 -16.64 23.80 28.90
C ASN K 112 -16.16 24.76 30.00
N TYR K 113 -15.94 26.03 29.72
CA TYR K 113 -15.53 27.00 30.79
C TYR K 113 -16.77 27.52 31.52
N TYR K 114 -17.40 26.64 32.30
CA TYR K 114 -18.43 26.99 33.30
C TYR K 114 -17.99 26.46 34.66
N PHE K 115 -18.51 27.07 35.73
CA PHE K 115 -18.02 26.88 37.12
C PHE K 115 -18.88 25.84 37.80
N ALA K 116 -18.33 24.67 38.11
CA ALA K 116 -19.09 23.52 38.66
C ALA K 116 -19.20 23.60 40.19
N SER K 117 -18.13 24.04 40.86
CA SER K 117 -17.98 24.04 42.33
C SER K 117 -17.26 25.30 42.81
N TRP K 118 -17.65 25.82 43.97
CA TRP K 118 -17.24 27.15 44.49
C TRP K 118 -16.67 27.03 45.91
N GLY K 119 -15.70 27.89 46.24
CA GLY K 119 -15.25 28.12 47.63
C GLY K 119 -16.24 28.91 48.46
N GLN K 120 -15.85 29.24 49.70
CA GLN K 120 -16.72 29.92 50.72
C GLN K 120 -16.91 31.40 50.38
N GLY K 121 -16.02 31.99 49.57
CA GLY K 121 -15.90 33.46 49.39
C GLY K 121 -15.10 34.11 50.50
N THR K 122 -14.18 35.00 50.14
CA THR K 122 -13.34 35.81 51.06
C THR K 122 -13.74 37.28 50.91
N LEU K 123 -14.15 37.94 51.98
CA LEU K 123 -14.40 39.41 51.92
C LEU K 123 -13.06 40.16 52.01
N VAL K 124 -12.76 40.96 51.00
CA VAL K 124 -11.63 41.94 51.05
C VAL K 124 -12.23 43.34 51.00
N THR K 125 -11.78 44.23 51.88
CA THR K 125 -12.18 45.66 51.82
C THR K 125 -10.95 46.56 51.86
N VAL K 126 -11.02 47.64 51.10
CA VAL K 126 -9.90 48.61 50.97
C VAL K 126 -10.31 49.90 51.67
N SER K 127 -9.56 50.28 52.71
CA SER K 127 -9.87 51.45 53.57
C SER K 127 -8.67 51.88 54.41
N SER K 128 -8.65 53.13 54.85
CA SER K 128 -7.67 53.68 55.83
C SER K 128 -8.08 53.37 57.28
N ALA K 129 -9.37 53.10 57.54
CA ALA K 129 -9.96 52.96 58.91
C ALA K 129 -9.36 51.75 59.67
N SER K 130 -9.23 51.89 61.00
CA SER K 130 -8.64 50.89 61.92
C SER K 130 -9.57 49.68 62.06
N GLU L 1 -17.13 41.97 25.57
CA GLU L 1 -17.30 41.74 24.09
C GLU L 1 -18.71 41.17 23.81
N ILE L 2 -18.98 39.89 24.06
CA ILE L 2 -20.37 39.36 23.96
C ILE L 2 -21.15 39.83 25.19
N VAL L 3 -22.31 40.47 24.97
CA VAL L 3 -23.16 41.05 26.05
C VAL L 3 -24.36 40.12 26.29
N MET L 4 -24.62 39.83 27.56
CA MET L 4 -25.75 38.98 28.00
C MET L 4 -26.82 39.87 28.63
N THR L 5 -28.05 39.83 28.08
CA THR L 5 -29.21 40.62 28.56
C THR L 5 -30.23 39.66 29.16
N GLN L 6 -30.62 39.87 30.41
CA GLN L 6 -31.49 38.91 31.13
C GLN L 6 -32.79 39.61 31.59
N SER L 7 -33.94 38.96 31.45
CA SER L 7 -35.26 39.59 31.77
C SER L 7 -36.32 38.56 32.14
N PRO L 8 -37.33 38.91 32.99
CA PRO L 8 -37.44 40.21 33.68
C PRO L 8 -36.35 40.49 34.73
N ALA L 9 -36.26 41.74 35.21
CA ALA L 9 -35.28 42.17 36.25
C ALA L 9 -35.71 41.60 37.62
N THR L 10 -37.00 41.70 37.95
CA THR L 10 -37.60 41.09 39.16
C THR L 10 -38.88 40.34 38.77
N LEU L 11 -39.11 39.19 39.40
CA LEU L 11 -40.32 38.37 39.18
C LEU L 11 -40.92 38.00 40.55
N SER L 12 -42.23 38.10 40.70
CA SER L 12 -42.91 37.66 41.94
C SER L 12 -44.22 36.94 41.63
N LEU L 13 -44.36 35.73 42.20
CA LEU L 13 -45.47 34.77 41.95
C LEU L 13 -45.76 33.98 43.23
N SER L 14 -46.98 33.48 43.39
CA SER L 14 -47.37 32.63 44.54
C SER L 14 -46.80 31.22 44.39
N SER L 15 -46.68 30.49 45.51
CA SER L 15 -46.29 29.05 45.53
C SER L 15 -47.31 28.18 44.76
N GLY L 16 -46.85 27.03 44.27
CA GLY L 16 -47.70 26.06 43.55
C GLY L 16 -47.97 26.43 42.10
N GLU L 17 -47.21 27.38 41.51
CA GLU L 17 -47.41 27.86 40.12
C GLU L 17 -46.08 27.90 39.35
N ARG L 18 -46.16 27.97 38.01
CA ARG L 18 -44.98 27.98 37.10
C ARG L 18 -44.38 29.39 37.00
N ALA L 19 -43.05 29.47 36.92
CA ALA L 19 -42.27 30.71 36.72
C ALA L 19 -41.30 30.55 35.53
N THR L 20 -41.08 31.60 34.74
CA THR L 20 -40.21 31.55 33.53
C THR L 20 -39.27 32.77 33.47
N LEU L 21 -38.00 32.51 33.13
CA LEU L 21 -36.89 33.50 33.08
C LEU L 21 -36.25 33.42 31.68
N SER L 22 -35.73 34.53 31.16
CA SER L 22 -35.18 34.58 29.78
C SER L 22 -33.82 35.29 29.71
N CYS L 23 -32.99 34.90 28.74
CA CYS L 23 -31.64 35.46 28.52
C CYS L 23 -31.36 35.56 27.00
N ARG L 24 -30.67 36.62 26.60
CA ARG L 24 -30.33 36.92 25.17
C ARG L 24 -28.85 37.29 25.05
N ALA L 25 -28.20 36.80 24.00
CA ALA L 25 -26.76 37.06 23.72
C ALA L 25 -26.61 37.95 22.47
N SER L 26 -25.77 38.99 22.54
CA SER L 26 -25.55 39.98 21.45
C SER L 26 -24.98 39.34 20.17
N ARG L 27 -24.36 38.16 20.26
CA ARG L 27 -24.06 37.26 19.10
C ARG L 27 -24.44 35.82 19.48
N SER L 28 -24.59 34.93 18.50
CA SER L 28 -25.02 33.53 18.76
C SER L 28 -23.94 32.77 19.53
N VAL L 29 -24.32 32.17 20.67
CA VAL L 29 -23.40 31.40 21.56
C VAL L 29 -23.62 29.89 21.43
N SER L 30 -24.42 29.42 20.46
CA SER L 30 -24.50 28.01 19.98
C SER L 30 -24.58 26.98 21.13
N SER L 31 -25.47 27.21 22.10
CA SER L 31 -25.74 26.29 23.24
C SER L 31 -24.65 26.34 24.34
N ASN L 32 -23.60 27.16 24.22
CA ASN L 32 -22.55 27.31 25.28
C ASN L 32 -23.08 28.25 26.36
N LEU L 33 -24.12 27.83 27.08
CA LEU L 33 -24.88 28.69 28.02
C LEU L 33 -25.15 27.92 29.31
N ALA L 34 -24.92 28.57 30.45
CA ALA L 34 -25.21 28.00 31.79
C ALA L 34 -26.09 28.94 32.61
N TRP L 35 -26.79 28.37 33.59
CA TRP L 35 -27.59 29.14 34.59
C TRP L 35 -27.06 28.83 35.99
N TYR L 36 -27.02 29.87 36.83
CA TYR L 36 -26.68 29.75 38.27
C TYR L 36 -27.82 30.28 39.15
N GLN L 37 -28.00 29.64 40.30
CA GLN L 37 -28.85 30.15 41.41
C GLN L 37 -27.94 30.62 42.54
N GLN L 38 -28.22 31.79 43.11
CA GLN L 38 -27.56 32.24 44.36
C GLN L 38 -28.63 32.51 45.41
N LYS L 39 -28.59 31.75 46.50
CA LYS L 39 -29.45 31.95 47.70
C LYS L 39 -28.81 33.01 48.58
N PRO L 40 -29.58 33.88 49.30
CA PRO L 40 -28.98 34.99 50.05
C PRO L 40 -27.90 34.57 51.06
N GLY L 41 -26.78 35.30 51.03
CA GLY L 41 -25.62 35.13 51.94
C GLY L 41 -24.77 33.89 51.64
N GLN L 42 -24.84 33.33 50.42
CA GLN L 42 -24.08 32.10 50.05
C GLN L 42 -23.39 32.26 48.69
N ALA L 43 -22.38 31.41 48.43
CA ALA L 43 -21.73 31.28 47.11
C ALA L 43 -22.75 30.81 46.07
N PRO L 44 -22.63 31.18 44.77
CA PRO L 44 -23.56 30.69 43.75
C PRO L 44 -23.50 29.16 43.59
N ARG L 45 -24.51 28.60 42.93
CA ARG L 45 -24.59 27.14 42.63
C ARG L 45 -25.01 26.93 41.17
N LEU L 46 -24.33 26.02 40.48
CA LEU L 46 -24.64 25.69 39.06
C LEU L 46 -26.01 24.98 38.99
N LEU L 47 -26.91 25.48 38.14
CA LEU L 47 -28.29 24.94 38.03
C LEU L 47 -28.39 24.14 36.72
N ILE L 48 -28.00 24.74 35.59
CA ILE L 48 -28.08 24.10 34.24
C ILE L 48 -26.82 24.42 33.43
N TYR L 49 -26.42 23.51 32.55
CA TYR L 49 -25.32 23.75 31.58
C TYR L 49 -25.70 23.22 30.20
N ASP L 50 -24.95 23.64 29.19
CA ASP L 50 -25.24 23.43 27.74
C ASP L 50 -26.72 23.74 27.42
N ALA L 51 -27.28 24.76 28.07
CA ALA L 51 -28.68 25.25 27.92
C ALA L 51 -29.74 24.18 28.24
N SER L 52 -29.38 22.93 28.58
CA SER L 52 -30.27 21.77 28.32
C SER L 52 -30.26 20.71 29.43
N THR L 53 -29.24 20.65 30.29
CA THR L 53 -29.06 19.55 31.28
C THR L 53 -28.85 20.14 32.68
N ARG L 54 -29.45 19.54 33.71
CA ARG L 54 -29.50 20.12 35.07
C ARG L 54 -28.53 19.40 36.01
N ALA L 55 -27.88 20.18 36.89
CA ALA L 55 -26.88 19.69 37.87
C ALA L 55 -27.54 18.81 38.94
N THR L 56 -26.72 18.01 39.62
CA THR L 56 -27.13 16.94 40.58
C THR L 56 -28.04 17.47 41.71
N GLY L 57 -27.89 18.74 42.12
CA GLY L 57 -28.65 19.30 43.25
C GLY L 57 -30.12 19.57 42.94
N PHE L 58 -30.56 19.49 41.68
CA PHE L 58 -31.87 20.02 41.23
C PHE L 58 -32.68 18.94 40.50
N SER L 59 -34.02 19.01 40.63
CA SER L 59 -34.96 17.96 40.18
C SER L 59 -35.73 18.36 38.90
N ALA L 60 -36.58 17.45 38.42
CA ALA L 60 -37.36 17.53 37.16
C ALA L 60 -38.20 18.82 37.04
N ARG L 61 -38.46 19.53 38.14
CA ARG L 61 -39.23 20.80 38.15
C ARG L 61 -38.45 21.96 37.49
N PHE L 62 -37.14 21.83 37.29
CA PHE L 62 -36.31 22.84 36.58
C PHE L 62 -36.02 22.36 35.15
N ALA L 63 -36.26 23.22 34.18
CA ALA L 63 -36.07 22.90 32.74
C ALA L 63 -35.40 24.06 32.00
N GLY L 64 -34.45 23.72 31.11
CA GLY L 64 -33.78 24.66 30.19
C GLY L 64 -34.29 24.54 28.77
N SER L 65 -34.20 25.63 27.99
CA SER L 65 -34.72 25.69 26.61
C SER L 65 -34.00 26.78 25.78
N GLY L 66 -34.04 26.65 24.46
CA GLY L 66 -33.53 27.68 23.53
C GLY L 66 -32.17 27.36 22.95
N SER L 67 -31.75 28.15 21.96
CA SER L 67 -30.48 27.96 21.22
C SER L 67 -30.08 29.23 20.45
N GLY L 68 -28.84 29.28 19.99
CA GLY L 68 -28.31 30.41 19.19
C GLY L 68 -28.17 31.69 20.00
N THR L 69 -29.18 32.56 19.99
CA THR L 69 -29.12 33.93 20.57
C THR L 69 -30.16 34.14 21.68
N GLU L 70 -31.14 33.24 21.85
CA GLU L 70 -32.17 33.37 22.92
C GLU L 70 -32.36 32.06 23.70
N PHE L 71 -32.48 32.19 25.02
CA PHE L 71 -32.45 31.05 25.98
C PHE L 71 -33.50 31.28 27.06
N THR L 72 -33.95 30.20 27.70
CA THR L 72 -35.06 30.25 28.69
C THR L 72 -34.86 29.21 29.78
N LEU L 73 -35.26 29.57 30.99
CA LEU L 73 -35.31 28.68 32.18
C LEU L 73 -36.75 28.69 32.71
N THR L 74 -37.28 27.53 33.08
CA THR L 74 -38.63 27.42 33.67
C THR L 74 -38.59 26.60 34.96
N ILE L 75 -39.26 27.11 36.00
CA ILE L 75 -39.43 26.44 37.32
C ILE L 75 -40.90 26.05 37.44
N SER L 76 -41.19 24.79 37.75
CA SER L 76 -42.57 24.26 37.90
C SER L 76 -42.96 24.14 39.37
N SER L 77 -44.17 24.59 39.71
CA SER L 77 -44.76 24.54 41.08
C SER L 77 -43.81 25.18 42.10
N LEU L 78 -43.73 26.52 42.09
CA LEU L 78 -42.80 27.33 42.93
C LEU L 78 -42.96 27.02 44.44
N GLN L 79 -41.83 27.00 45.17
CA GLN L 79 -41.75 26.62 46.61
C GLN L 79 -40.91 27.65 47.39
N SER L 80 -41.05 27.67 48.72
CA SER L 80 -40.45 28.69 49.64
C SER L 80 -38.94 28.88 49.41
N GLU L 81 -38.21 27.81 49.12
CA GLU L 81 -36.73 27.84 48.97
C GLU L 81 -36.30 28.45 47.62
N ASP L 82 -37.21 28.66 46.66
CA ASP L 82 -36.88 29.20 45.32
C ASP L 82 -36.59 30.71 45.35
N SER L 83 -36.90 31.39 46.47
CA SER L 83 -36.67 32.84 46.66
C SER L 83 -35.16 33.14 46.64
N ALA L 84 -34.65 33.59 45.49
CA ALA L 84 -33.21 33.63 45.16
C ALA L 84 -32.96 34.52 43.94
N ILE L 85 -31.69 34.81 43.66
CA ILE L 85 -31.30 35.54 42.41
C ILE L 85 -30.67 34.53 41.44
N TYR L 86 -31.01 34.64 40.15
CA TYR L 86 -30.60 33.69 39.08
C TYR L 86 -29.81 34.45 38.01
N TYR L 87 -28.73 33.86 37.49
CA TYR L 87 -27.89 34.50 36.44
C TYR L 87 -27.64 33.53 35.27
N CYS L 88 -27.67 34.03 34.04
CA CYS L 88 -27.12 33.29 32.87
C CYS L 88 -25.63 33.63 32.66
N GLN L 89 -24.87 32.73 32.05
CA GLN L 89 -23.44 32.95 31.68
C GLN L 89 -23.14 32.26 30.35
N GLN L 90 -22.43 32.91 29.44
CA GLN L 90 -21.97 32.24 28.19
C GLN L 90 -20.53 31.76 28.33
N TYR L 91 -20.15 30.75 27.53
CA TYR L 91 -18.74 30.25 27.47
C TYR L 91 -18.37 29.88 26.05
N ASN L 92 -18.67 30.74 25.09
CA ASN L 92 -18.42 30.46 23.65
C ASN L 92 -16.94 30.72 23.30
N ASN L 93 -16.10 29.69 23.45
CA ASN L 93 -14.76 29.51 22.85
C ASN L 93 -13.66 30.44 23.37
N TRP L 94 -13.88 31.73 23.58
CA TRP L 94 -12.78 32.70 23.85
C TRP L 94 -13.18 33.70 24.94
N PRO L 95 -12.24 34.16 25.81
CA PRO L 95 -12.55 35.11 26.86
C PRO L 95 -13.01 36.48 26.37
N PRO L 96 -13.70 37.30 27.20
CA PRO L 96 -14.08 36.94 28.56
C PRO L 96 -15.43 36.24 28.74
N TRP L 97 -15.59 35.54 29.86
CA TRP L 97 -16.74 34.64 30.14
C TRP L 97 -17.87 35.43 30.82
N THR L 98 -18.56 36.26 30.05
CA THR L 98 -19.50 37.27 30.59
C THR L 98 -20.74 36.65 31.21
N PHE L 99 -21.14 37.17 32.38
CA PHE L 99 -22.45 36.87 33.01
C PHE L 99 -23.53 37.88 32.58
N GLY L 100 -24.80 37.48 32.66
CA GLY L 100 -25.94 38.40 32.67
C GLY L 100 -26.07 39.14 34.00
N GLN L 101 -26.88 40.20 34.04
CA GLN L 101 -27.00 41.08 35.23
C GLN L 101 -27.89 40.44 36.31
N GLY L 102 -28.56 39.32 36.01
CA GLY L 102 -29.35 38.53 36.99
C GLY L 102 -30.83 38.93 37.10
N THR L 103 -31.65 38.02 37.60
CA THR L 103 -33.12 38.17 37.83
C THR L 103 -33.43 37.74 39.27
N LYS L 104 -34.18 38.54 40.03
CA LYS L 104 -34.56 38.17 41.41
C LYS L 104 -35.96 37.57 41.45
N VAL L 105 -36.12 36.45 42.17
CA VAL L 105 -37.44 35.81 42.44
C VAL L 105 -37.78 36.00 43.92
N GLU L 106 -38.96 36.56 44.21
CA GLU L 106 -39.53 36.60 45.60
C GLU L 106 -40.99 36.15 45.58
N ILE L 107 -41.41 35.46 46.63
CA ILE L 107 -42.64 34.62 46.57
C ILE L 107 -43.83 35.41 47.14
N LYS L 108 -44.89 35.52 46.34
CA LYS L 108 -46.13 36.25 46.68
C LYS L 108 -47.05 35.36 47.53
N ARG L 109 -46.68 35.19 48.80
CA ARG L 109 -47.50 34.52 49.84
C ARG L 109 -48.66 35.44 50.29
N THR L 110 -49.52 34.95 51.19
CA THR L 110 -50.60 35.72 51.84
C THR L 110 -50.00 36.84 52.70
C1 NAG M . 40.64 12.84 6.93
C2 NAG M . 42.06 13.31 6.76
C3 NAG M . 42.10 14.78 6.33
C4 NAG M . 41.21 15.04 5.11
C5 NAG M . 39.82 14.46 5.35
C6 NAG M . 38.89 14.61 4.13
C7 NAG M . 43.93 12.50 8.16
C8 NAG M . 44.46 12.34 9.56
N2 NAG M . 42.78 13.17 8.04
O3 NAG M . 43.44 15.21 6.02
O4 NAG M . 41.13 16.48 4.90
O5 NAG M . 39.89 13.07 5.72
O6 NAG M . 37.54 14.35 4.56
O7 NAG M . 44.51 12.00 7.23
C1 NAG M . 41.61 16.93 3.61
C2 NAG M . 41.12 18.35 3.27
C3 NAG M . 41.64 18.79 1.90
C4 NAG M . 43.15 18.57 1.74
C5 NAG M . 43.57 17.16 2.20
C6 NAG M . 45.10 16.98 2.15
C7 NAG M . 38.94 18.95 4.25
C8 NAG M . 37.44 18.88 4.10
N2 NAG M . 39.66 18.41 3.27
O3 NAG M . 41.32 20.18 1.65
O4 NAG M . 43.50 18.78 0.35
O5 NAG M . 43.06 16.86 3.52
O6 NAG M . 45.72 17.91 3.04
O7 NAG M . 39.46 19.46 5.23
C1 NAG N . -1.26 -19.24 18.26
C2 NAG N . -2.56 -19.95 17.95
C3 NAG N . -2.91 -20.98 19.05
C4 NAG N . -1.74 -21.86 19.41
C5 NAG N . -0.47 -21.03 19.68
C6 NAG N . 0.74 -21.93 19.98
C7 NAG N . -4.05 -18.43 16.73
C8 NAG N . -5.34 -17.62 16.86
N2 NAG N . -3.68 -19.02 17.86
O3 NAG N . -4.05 -21.79 18.66
O4 NAG N . -2.12 -22.61 20.59
O5 NAG N . -0.21 -20.19 18.54
O6 NAG N . 1.26 -22.47 18.75
O7 NAG N . -3.40 -18.59 15.69
C1 NAG N . -2.29 -24.05 20.41
C2 NAG N . -2.26 -24.75 21.78
C3 NAG N . -2.50 -26.24 21.65
C4 NAG N . -3.75 -26.54 20.81
C5 NAG N . -3.74 -25.77 19.47
C6 NAG N . -5.06 -25.95 18.70
C7 NAG N . -0.87 -23.99 23.68
C8 NAG N . 0.53 -23.78 24.17
N2 NAG N . -0.98 -24.52 22.46
O3 NAG N . -2.65 -26.85 22.95
O4 NAG N . -3.83 -27.97 20.56
O5 NAG N . -3.49 -24.37 19.69
O6 NAG N . -6.16 -25.46 19.47
O7 NAG N . -1.85 -23.70 24.34
C1 BMA N . -4.98 -28.63 21.14
C2 BMA N . -4.98 -30.10 20.67
C3 BMA N . -5.96 -30.97 21.45
C4 BMA N . -5.77 -30.82 22.96
C5 BMA N . -5.89 -29.34 23.34
C6 BMA N . -5.63 -29.11 24.84
O2 BMA N . -3.64 -30.61 20.82
O3 BMA N . -5.83 -32.36 21.06
O4 BMA N . -6.72 -31.60 23.72
O5 BMA N . -4.94 -28.55 22.58
O6 BMA N . -4.22 -29.12 25.09
C1 NAG O . 28.79 -28.11 9.94
C2 NAG O . 28.62 -29.63 9.88
C3 NAG O . 29.58 -30.34 8.97
C4 NAG O . 29.70 -29.67 7.62
C5 NAG O . 29.94 -28.17 7.78
C6 NAG O . 29.91 -27.47 6.40
C7 NAG O . 27.61 -30.48 11.98
C8 NAG O . 27.85 -31.14 13.29
N2 NAG O . 28.73 -30.20 11.25
O3 NAG O . 29.17 -31.70 8.75
O4 NAG O . 30.78 -30.26 6.83
O5 NAG O . 28.92 -27.56 8.64
O6 NAG O . 28.59 -27.57 5.83
O7 NAG O . 26.47 -30.23 11.61
C1 NAG O . 30.42 -30.98 5.61
C2 NAG O . 31.61 -31.19 4.72
C3 NAG O . 31.26 -32.00 3.45
C4 NAG O . 30.52 -33.26 3.71
C5 NAG O . 29.38 -33.01 4.71
C6 NAG O . 28.70 -34.31 5.20
C7 NAG O . 33.23 -29.32 4.71
C8 NAG O . 33.60 -28.08 3.94
N2 NAG O . 32.14 -29.88 4.26
O3 NAG O . 32.45 -32.31 2.66
O4 NAG O . 30.11 -33.80 2.45
O5 NAG O . 29.82 -32.27 5.85
O6 NAG O . 27.77 -34.73 4.15
O7 NAG O . 33.89 -29.81 5.63
C1 BMA O . 30.25 -35.27 2.32
C2 BMA O . 29.23 -35.88 1.35
C3 BMA O . 29.33 -37.39 1.40
C4 BMA O . 30.75 -37.85 1.06
C5 BMA O . 31.81 -37.07 1.86
C6 BMA O . 33.18 -37.23 1.20
O2 BMA O . 29.57 -35.35 0.02
O3 BMA O . 28.38 -37.95 0.49
O4 BMA O . 30.87 -39.25 1.37
O5 BMA O . 31.56 -35.66 1.95
O6 BMA O . 34.23 -36.82 2.12
C1 MAN O . 27.72 -39.12 0.98
C2 MAN O . 26.86 -39.79 -0.09
C3 MAN O . 25.56 -39.05 -0.33
C4 MAN O . 24.80 -38.82 0.99
C5 MAN O . 25.72 -38.01 1.91
C6 MAN O . 25.07 -37.61 3.24
O2 MAN O . 26.52 -41.11 0.38
O3 MAN O . 24.78 -39.76 -1.29
O4 MAN O . 23.55 -38.14 0.79
O5 MAN O . 26.92 -38.79 2.13
O6 MAN O . 26.08 -37.09 4.12
C1 MAN O . 26.82 -42.22 -0.49
C2 MAN O . 26.28 -43.51 0.16
C3 MAN O . 27.14 -43.88 1.37
C4 MAN O . 28.63 -43.97 0.97
C5 MAN O . 29.06 -42.61 0.39
C6 MAN O . 30.54 -42.50 0.00
O2 MAN O . 26.30 -44.60 -0.78
O3 MAN O . 26.65 -45.10 1.95
O4 MAN O . 29.43 -44.33 2.10
O5 MAN O . 28.24 -42.31 -0.75
O6 MAN O . 30.76 -41.23 -0.62
C1 MAN O . 34.56 -37.88 3.07
C2 MAN O . 35.49 -37.34 4.18
C3 MAN O . 36.80 -36.87 3.59
C4 MAN O . 37.48 -37.99 2.80
C5 MAN O . 36.49 -38.62 1.81
C6 MAN O . 37.05 -39.84 1.08
O2 MAN O . 35.72 -38.27 5.23
O3 MAN O . 37.67 -36.33 4.62
O4 MAN O . 38.61 -37.40 2.10
O5 MAN O . 35.26 -38.98 2.46
O6 MAN O . 37.31 -40.84 2.07
C1 MAN O . 37.77 -34.89 4.66
C2 MAN O . 38.90 -34.48 5.62
C3 MAN O . 38.49 -34.74 7.07
C4 MAN O . 37.18 -34.04 7.42
C5 MAN O . 36.07 -34.39 6.42
C6 MAN O . 34.77 -33.56 6.62
O2 MAN O . 39.28 -33.11 5.44
O3 MAN O . 39.52 -34.31 7.96
O4 MAN O . 36.80 -34.41 8.75
O5 MAN O . 36.52 -34.24 5.04
O6 MAN O . 33.66 -34.23 5.98
C1 MAN O . 37.84 -42.09 1.55
C2 MAN O . 37.89 -43.12 2.70
C3 MAN O . 38.92 -42.69 3.74
C4 MAN O . 40.29 -42.40 3.11
C5 MAN O . 40.17 -41.45 1.91
C6 MAN O . 41.50 -41.23 1.17
O2 MAN O . 38.19 -44.45 2.22
O3 MAN O . 39.02 -43.71 4.75
O4 MAN O . 41.13 -41.83 4.13
O5 MAN O . 39.16 -41.94 0.98
O6 MAN O . 41.33 -40.23 0.14
C1 NAG P . 44.68 7.17 8.05
C2 NAG P . 45.81 6.99 9.08
C3 NAG P . 46.75 8.22 9.14
C4 NAG P . 47.18 8.70 7.74
C5 NAG P . 45.96 8.85 6.84
C6 NAG P . 46.32 9.28 5.40
C7 NAG P . 44.96 5.53 10.86
C8 NAG P . 44.45 5.46 12.29
N2 NAG P . 45.26 6.75 10.41
O3 NAG P . 47.94 7.95 9.91
O4 NAG P . 47.88 9.96 7.89
O5 NAG P . 45.25 7.60 6.81
O6 NAG P . 45.13 9.58 4.66
O7 NAG P . 45.12 4.54 10.14
C1 NAG P . 49.24 9.97 7.38
C2 NAG P . 49.74 11.39 7.06
C3 NAG P . 51.08 11.29 6.34
C4 NAG P . 52.11 10.47 7.14
C5 NAG P . 51.50 9.14 7.63
C6 NAG P . 52.44 8.44 8.63
C7 NAG P . 47.91 13.02 6.79
C8 NAG P . 46.95 13.66 5.83
N2 NAG P . 48.77 12.14 6.26
O3 NAG P . 51.59 12.62 6.08
O4 NAG P . 53.28 10.19 6.35
O5 NAG P . 50.19 9.31 8.23
O6 NAG P . 52.50 9.18 9.86
O7 NAG P . 47.89 13.27 7.99
C1 NAG Q . 18.14 0.05 48.57
C2 NAG Q . 16.84 0.30 49.32
C3 NAG Q . 16.96 -0.11 50.78
C4 NAG Q . 17.47 -1.55 50.91
C5 NAG Q . 18.74 -1.76 50.09
C6 NAG Q . 19.18 -3.24 50.09
C7 NAG Q . 15.34 2.19 48.74
C8 NAG Q . 15.21 3.69 48.70
N2 NAG Q . 16.50 1.73 49.24
O3 NAG Q . 15.69 -0.02 51.45
O4 NAG Q . 17.73 -1.85 52.30
O5 NAG Q . 18.58 -1.31 48.73
O6 NAG Q . 18.10 -4.07 49.65
O7 NAG Q . 14.46 1.46 48.32
C1 NAG Q . 16.84 -2.83 52.89
C2 NAG Q . 17.40 -3.39 54.22
C3 NAG Q . 16.46 -4.46 54.78
C4 NAG Q . 15.00 -3.98 54.84
C5 NAG Q . 14.56 -3.30 53.53
C6 NAG Q . 13.16 -2.66 53.68
C7 NAG Q . 19.86 -3.28 54.33
C8 NAG Q . 21.15 -4.03 54.09
N2 NAG Q . 18.74 -3.93 54.03
O3 NAG Q . 16.92 -4.84 56.10
O4 NAG Q . 14.11 -5.09 55.11
O5 NAG Q . 15.52 -2.31 53.11
O6 NAG Q . 12.73 -2.14 52.41
O7 NAG Q . 19.85 -2.13 54.77
C1 NAG R . 9.95 -1.61 39.06
C2 NAG R . 8.96 -1.02 40.10
C3 NAG R . 8.01 -2.09 40.65
C4 NAG R . 7.42 -2.99 39.55
C5 NAG R . 8.54 -3.50 38.63
C6 NAG R . 8.05 -4.45 37.53
C7 NAG R . 10.24 0.80 41.15
C8 NAG R . 10.81 1.30 42.45
N2 NAG R . 9.64 -0.39 41.23
O3 NAG R . 6.96 -1.49 41.42
O4 NAG R . 6.78 -4.15 40.17
O5 NAG R . 9.24 -2.38 38.08
O6 NAG R . 7.58 -3.69 36.41
O7 NAG R . 10.35 1.49 40.15
C1 NAG R . 5.34 -4.10 40.35
C2 NAG R . 4.75 -5.53 40.33
C3 NAG R . 3.23 -5.51 40.52
C4 NAG R . 2.82 -4.72 41.77
C5 NAG R . 3.54 -3.34 41.86
C6 NAG R . 3.28 -2.70 43.23
C7 NAG R . 5.90 -7.31 39.03
C8 NAG R . 6.05 -7.98 37.70
N2 NAG R . 5.07 -6.26 39.10
O3 NAG R . 2.72 -6.86 40.60
O4 NAG R . 1.39 -4.52 41.83
O5 NAG R . 4.96 -3.45 41.59
O6 NAG R . 4.09 -1.53 43.45
O7 NAG R . 6.48 -7.74 40.02
C1 NAG S . 37.47 -5.96 -20.62
C2 NAG S . 38.77 -5.76 -21.38
C3 NAG S . 39.80 -5.06 -20.50
C4 NAG S . 39.25 -3.79 -19.85
C5 NAG S . 37.91 -4.08 -19.17
C6 NAG S . 37.26 -2.84 -18.56
C7 NAG S . 39.57 -7.35 -23.08
C8 NAG S . 39.96 -8.77 -23.37
N2 NAG S . 39.28 -7.06 -21.81
O3 NAG S . 40.98 -4.71 -21.25
O4 NAG S . 40.22 -3.32 -18.87
O5 NAG S . 37.00 -4.70 -20.09
O6 NAG S . 36.19 -3.26 -17.68
O7 NAG S . 39.48 -6.55 -23.98
C1 NAG S . 40.78 -2.00 -19.13
C2 NAG S . 41.40 -1.37 -17.88
C3 NAG S . 41.92 0.03 -18.19
C4 NAG S . 42.82 0.07 -19.43
C5 NAG S . 42.19 -0.70 -20.61
C6 NAG S . 43.15 -0.79 -21.80
C7 NAG S . 40.42 -2.11 -15.74
C8 NAG S . 39.31 -1.90 -14.73
N2 NAG S . 40.43 -1.28 -16.79
O3 NAG S . 42.64 0.58 -17.05
O4 NAG S . 43.07 1.44 -19.80
O5 NAG S . 41.75 -2.03 -20.21
O6 NAG S . 44.33 -1.51 -21.42
O7 NAG S . 41.24 -3.01 -15.62
C1 NAG T . -12.93 -21.37 -8.99
C2 NAG T . -14.36 -21.15 -8.55
C3 NAG T . -15.22 -22.41 -8.81
C4 NAG T . -15.03 -22.97 -10.21
C5 NAG T . -13.56 -23.12 -10.55
C6 NAG T . -13.36 -23.61 -12.00
C7 NAG T . -14.40 -19.63 -6.63
C8 NAG T . -14.65 -19.57 -5.13
N2 NAG T . -14.45 -20.86 -7.12
O3 NAG T . -16.63 -22.15 -8.56
O4 NAG T . -15.69 -24.26 -10.23
O5 NAG T . -12.88 -21.86 -10.35
O6 NAG T . -13.53 -22.52 -12.91
O7 NAG T . -14.18 -18.66 -7.36
C1 NAG T . -16.85 -24.37 -11.12
C2 NAG T . -17.23 -25.83 -11.33
C3 NAG T . -18.46 -25.97 -12.20
C4 NAG T . -19.60 -25.07 -11.68
C5 NAG T . -19.14 -23.62 -11.46
C6 NAG T . -20.24 -22.75 -10.84
C7 NAG T . -15.61 -27.69 -11.42
C8 NAG T . -14.44 -28.29 -12.17
N2 NAG T . -16.12 -26.58 -11.95
O3 NAG T . -18.91 -27.34 -12.23
O4 NAG T . -20.71 -25.11 -12.62
O5 NAG T . -17.96 -23.59 -10.63
O6 NAG T . -20.63 -23.27 -9.57
O7 NAG T . -16.05 -28.20 -10.40
C1 BMA T . -21.92 -25.71 -12.08
C2 BMA T . -23.05 -25.52 -13.08
C3 BMA T . -24.33 -26.25 -12.64
C4 BMA T . -24.06 -27.73 -12.32
C5 BMA T . -22.86 -27.91 -11.39
C6 BMA T . -22.43 -29.38 -11.30
O2 BMA T . -22.61 -25.99 -14.36
O3 BMA T . -25.34 -26.16 -13.67
O4 BMA T . -25.23 -28.31 -11.71
O5 BMA T . -21.72 -27.11 -11.80
O6 BMA T . -21.39 -29.66 -12.26
C1 NAG U . -0.17 -15.89 -38.28
C2 NAG U . -1.41 -16.11 -39.15
C3 NAG U . -1.38 -15.37 -40.48
C4 NAG U . -0.95 -13.92 -40.32
C5 NAG U . 0.33 -13.81 -39.50
C6 NAG U . 0.67 -12.33 -39.22
C7 NAG U . -2.46 -18.28 -38.66
C8 NAG U . -2.64 -19.70 -39.07
N2 NAG U . -1.60 -17.54 -39.41
O3 NAG U . -2.67 -15.37 -41.10
O4 NAG U . -0.74 -13.30 -41.63
O5 NAG U . 0.18 -14.51 -38.22
O6 NAG U . -0.36 -11.74 -38.39
O7 NAG U . -3.09 -17.83 -37.71
C1 NAG U . -1.65 -12.21 -42.01
C2 NAG U . -1.10 -11.41 -43.16
C3 NAG U . -2.07 -10.30 -43.61
C4 NAG U . -3.46 -10.76 -43.86
C5 NAG U . -3.93 -11.65 -42.70
C6 NAG U . -5.28 -12.35 -42.97
C7 NAG U . 1.35 -11.13 -43.14
C8 NAG U . 2.43 -10.16 -42.70
N2 NAG U . 0.16 -10.75 -42.76
O3 NAG U . -1.58 -9.62 -44.81
O4 NAG U . -4.28 -9.59 -44.10
O5 NAG U . -2.96 -12.66 -42.37
O6 NAG U . -6.34 -11.36 -42.71
O7 NAG U . 1.54 -12.14 -43.81
C1 BMA U . -5.25 -9.74 -45.18
C2 BMA U . -6.50 -8.86 -44.97
C3 BMA U . -7.53 -9.19 -46.03
C4 BMA U . -6.95 -8.99 -47.43
C5 BMA U . -5.59 -9.67 -47.59
C6 BMA U . -4.86 -9.10 -48.81
O2 BMA U . -6.04 -7.47 -45.08
O3 BMA U . -8.69 -8.36 -45.84
O4 BMA U . -7.87 -9.55 -48.40
O5 BMA U . -4.71 -9.50 -46.46
O6 BMA U . -3.75 -9.97 -49.17
C1 MAN U . -9.93 -9.03 -46.05
C2 MAN U . -11.12 -8.07 -46.00
C3 MAN U . -11.47 -7.66 -44.59
C4 MAN U . -11.67 -8.88 -43.68
C5 MAN U . -10.36 -9.67 -43.69
C6 MAN U . -10.35 -10.88 -42.75
O2 MAN U . -12.26 -8.76 -46.55
O3 MAN U . -12.62 -6.80 -44.62
O4 MAN U . -12.04 -8.51 -42.34
O5 MAN U . -10.10 -10.07 -45.05
O6 MAN U . -9.20 -11.68 -43.02
C1 MAN U . -12.96 -8.12 -47.63
C2 MAN U . -14.20 -8.97 -47.99
C3 MAN U . -13.77 -10.25 -48.68
C4 MAN U . -12.87 -9.93 -49.90
C5 MAN U . -11.66 -9.13 -49.42
C6 MAN U . -10.62 -8.78 -50.49
O2 MAN U . -15.09 -8.24 -48.84
O3 MAN U . -14.92 -11.02 -49.04
O4 MAN U . -12.47 -11.14 -50.57
O5 MAN U . -12.11 -7.93 -48.76
O6 MAN U . -9.61 -7.94 -49.91
C1 MAN U . -4.19 -11.10 -49.98
C2 MAN U . -3.06 -12.13 -50.14
C3 MAN U . -1.90 -11.52 -50.90
C4 MAN U . -2.35 -10.97 -52.24
C5 MAN U . -3.58 -10.08 -52.08
C6 MAN U . -4.18 -9.60 -53.39
O2 MAN U . -3.48 -13.34 -50.77
O3 MAN U . -0.81 -12.46 -51.04
O4 MAN U . -1.24 -10.22 -52.79
O5 MAN U . -4.60 -10.73 -51.31
O6 MAN U . -4.63 -10.76 -54.11
C1 MAN U . 0.32 -12.26 -50.15
C2 MAN U . 1.48 -13.17 -50.59
C3 MAN U . 1.17 -14.62 -50.24
C4 MAN U . 0.85 -14.79 -48.75
C5 MAN U . -0.27 -13.83 -48.31
C6 MAN U . -0.50 -13.83 -46.78
O2 MAN U . 2.72 -12.76 -49.99
O3 MAN U . 2.27 -15.46 -50.59
O4 MAN U . 0.47 -16.15 -48.50
O5 MAN U . -0.01 -12.47 -48.75
O6 MAN U . -1.81 -13.28 -46.49
C1 MAN U . -5.25 -10.49 -55.40
C2 MAN U . -5.85 -11.80 -55.94
C3 MAN U . -4.73 -12.79 -56.28
C4 MAN U . -3.66 -12.17 -57.19
C5 MAN U . -3.18 -10.81 -56.65
C6 MAN U . -2.19 -10.10 -57.58
O2 MAN U . -6.67 -11.58 -57.09
O3 MAN U . -5.30 -13.97 -56.86
O4 MAN U . -2.57 -13.10 -57.30
O5 MAN U . -4.31 -9.95 -56.35
O6 MAN U . -1.69 -8.91 -56.95
C1 NAG V . 36.12 -8.28 -27.15
C2 NAG V . 36.89 -9.32 -27.97
C3 NAG V . 38.41 -9.15 -27.86
C4 NAG V . 38.87 -7.71 -28.05
C5 NAG V . 38.08 -6.81 -27.12
C6 NAG V . 38.44 -5.31 -27.20
C7 NAG V . 35.46 -11.32 -28.04
C8 NAG V . 35.23 -12.71 -27.48
N2 NAG V . 36.51 -10.67 -27.53
O3 NAG V . 39.11 -9.99 -28.81
O4 NAG V . 40.29 -7.64 -27.73
O5 NAG V . 36.69 -6.97 -27.39
O6 NAG V . 37.85 -4.63 -26.04
O7 NAG V . 34.77 -10.82 -28.91
C1 NAG V . 41.14 -7.17 -28.83
C2 NAG V . 42.51 -6.68 -28.32
C3 NAG V . 43.29 -6.08 -29.49
C4 NAG V . 43.42 -7.08 -30.66
C5 NAG V . 42.08 -7.75 -31.01
C6 NAG V . 42.26 -8.93 -31.97
C7 NAG V . 42.45 -6.04 -25.95
C8 NAG V . 42.18 -4.93 -24.95
N2 NAG V . 42.34 -5.69 -27.24
O3 NAG V . 44.58 -5.64 -29.03
O4 NAG V . 43.94 -6.45 -31.85
O5 NAG V . 41.36 -8.19 -29.83
O6 NAG V . 42.96 -9.99 -31.32
O7 NAG V . 42.73 -7.17 -25.58
C1 FUC V . 36.50 -4.13 -26.21
C2 FUC V . 35.76 -4.06 -24.85
C3 FUC V . 36.25 -2.85 -24.03
C4 FUC V . 36.20 -1.57 -24.89
C5 FUC V . 37.02 -1.76 -26.17
C6 FUC V . 37.05 -0.48 -27.03
O2 FUC V . 35.90 -5.30 -24.11
O3 FUC V . 35.48 -2.66 -22.82
O4 FUC V . 34.85 -1.24 -25.24
O5 FUC V . 36.49 -2.87 -26.91
C1 NAG W . 9.81 -39.05 -2.64
C2 NAG W . 9.72 -39.94 -1.37
C3 NAG W . 8.38 -40.67 -1.29
C4 NAG W . 7.17 -39.74 -1.56
C5 NAG W . 7.42 -38.95 -2.86
C6 NAG W . 6.26 -38.04 -3.26
C7 NAG W . 12.05 -40.65 -0.99
C8 NAG W . 12.99 -41.82 -0.93
N2 NAG W . 10.79 -40.94 -1.33
O3 NAG W . 8.24 -41.29 0.02
O4 NAG W . 5.97 -40.54 -1.71
O5 NAG W . 8.64 -38.22 -2.74
O6 NAG W . 6.37 -36.79 -2.58
O7 NAG W . 12.48 -39.54 -0.72
C1 NAG W . 5.13 -40.73 -0.54
C2 NAG W . 3.66 -40.91 -0.96
C3 NAG W . 2.76 -41.12 0.27
C4 NAG W . 3.28 -42.24 1.18
C5 NAG W . 4.79 -42.13 1.46
C6 NAG W . 5.32 -43.39 2.15
C7 NAG W . 2.83 -39.86 -3.04
C8 NAG W . 2.26 -38.63 -3.68
N2 NAG W . 3.16 -39.79 -1.75
O3 NAG W . 1.41 -41.39 -0.15
O4 NAG W . 2.54 -42.28 2.42
O5 NAG W . 5.55 -41.87 0.25
O6 NAG W . 6.74 -43.37 2.30
O7 NAG W . 2.97 -40.89 -3.70
C1 NAG X . 18.54 17.83 -34.68
C2 NAG X . 19.47 18.57 -35.62
C3 NAG X . 20.76 17.80 -35.81
C4 NAG X . 21.41 17.41 -34.48
C5 NAG X . 20.37 16.74 -33.58
C6 NAG X . 20.92 16.38 -32.19
C7 NAG X . 18.65 19.93 -37.51
C8 NAG X . 17.85 19.95 -38.78
N2 NAG X . 18.80 18.75 -36.92
O3 NAG X . 21.74 18.55 -36.58
O4 NAG X . 22.52 16.50 -34.75
O5 NAG X . 19.21 17.55 -33.43
O6 NAG X . 20.02 15.48 -31.55
O7 NAG X . 19.11 20.97 -37.06
C1 NAG X . 23.82 16.98 -34.31
C2 NAG X . 24.85 15.83 -34.20
C3 NAG X . 26.20 16.36 -33.70
C4 NAG X . 26.68 17.58 -34.50
C5 NAG X . 25.56 18.63 -34.68
C6 NAG X . 26.00 19.79 -35.58
C7 NAG X . 23.89 13.62 -33.67
C8 NAG X . 23.41 12.69 -32.59
N2 NAG X . 24.39 14.80 -33.28
O3 NAG X . 27.20 15.33 -33.75
O4 NAG X . 27.82 18.16 -33.83
O5 NAG X . 24.34 18.02 -35.17
O6 NAG X . 26.30 19.28 -36.89
O7 NAG X . 23.81 13.31 -34.85
C1 NAG Y . -25.32 5.44 -5.79
C2 NAG Y . -26.09 5.11 -4.52
C3 NAG Y . -27.60 5.17 -4.74
C4 NAG Y . -28.04 6.45 -5.44
C5 NAG Y . -27.21 6.69 -6.70
C6 NAG Y . -27.59 8.01 -7.39
C7 NAG Y . -24.78 3.49 -3.21
C8 NAG Y . -24.74 2.04 -2.76
N2 NAG Y . -25.77 3.76 -4.06
O3 NAG Y . -28.33 5.02 -3.50
O4 NAG Y . -29.44 6.26 -5.81
O5 NAG Y . -25.80 6.70 -6.35
O6 NAG Y . -27.00 9.12 -6.68
O7 NAG Y . -24.01 4.38 -2.84
C1 NAG Y . -30.37 7.16 -5.14
C2 NAG Y . -31.72 7.14 -5.88
C3 NAG Y . -32.75 8.01 -5.17
C4 NAG Y . -32.83 7.67 -3.68
C5 NAG Y . -31.44 7.67 -3.00
C6 NAG Y . -31.49 7.22 -1.54
C7 NAG Y . -31.93 6.91 -8.33
C8 NAG Y . -31.63 7.54 -9.66
N2 NAG Y . -31.56 7.62 -7.26
O3 NAG Y . -34.05 7.83 -5.75
O4 NAG Y . -33.69 8.63 -3.01
O5 NAG Y . -30.53 6.83 -3.73
O6 NAG Y . -32.02 5.89 -1.45
O7 NAG Y . -32.46 5.82 -8.21
C1 BMA Y . -34.88 8.04 -2.43
C2 BMA Y . -35.62 9.11 -1.62
C3 BMA Y . -36.97 8.59 -1.09
C4 BMA Y . -37.83 7.97 -2.20
C5 BMA Y . -37.04 6.97 -3.05
C6 BMA Y . -37.83 6.58 -4.31
O2 BMA Y . -35.82 10.26 -2.47
O3 BMA Y . -37.69 9.66 -0.45
O4 BMA Y . -38.96 7.31 -1.60
O5 BMA Y . -35.75 7.50 -3.44
O6 BMA Y . -37.50 7.46 -5.40
C1 NAG Z . -15.95 34.77 -15.96
C2 NAG Z . -17.04 35.63 -15.32
C3 NAG Z . -16.62 37.07 -15.04
C4 NAG Z . -15.26 37.15 -14.39
C5 NAG Z . -14.23 36.32 -15.15
C6 NAG Z . -12.89 36.30 -14.39
C7 NAG Z . -19.29 34.79 -15.88
C8 NAG Z . -20.50 34.95 -16.74
N2 NAG Z . -18.25 35.62 -16.16
O3 NAG Z . -17.57 37.72 -14.18
O4 NAG Z . -14.81 38.55 -14.33
O5 NAG Z . -14.70 34.94 -15.31
O6 NAG Z . -13.05 35.63 -13.12
O7 NAG Z . -19.27 33.96 -14.98
C1 NAG Z . -14.66 39.15 -13.00
C2 NAG Z . -13.83 40.41 -13.07
C3 NAG Z . -13.72 41.08 -11.68
C4 NAG Z . -15.02 41.30 -10.98
C5 NAG Z . -15.86 40.01 -11.05
C6 NAG Z . -17.30 40.20 -10.54
C7 NAG Z . -11.98 40.34 -14.68
C8 NAG Z . -10.50 40.05 -14.78
N2 NAG Z . -12.46 40.09 -13.50
O3 NAG Z . -13.02 42.37 -11.77
O4 NAG Z . -14.73 41.77 -9.65
O5 NAG Z . -15.91 39.48 -12.38
O6 NAG Z . -17.26 40.17 -9.07
O7 NAG Z . -12.66 40.81 -15.58
C1 BMA Z . -15.63 42.85 -9.18
C2 BMA Z . -15.79 42.84 -7.66
C3 BMA Z . -16.85 43.86 -7.26
C4 BMA Z . -16.46 45.25 -7.77
C5 BMA Z . -16.06 45.24 -9.25
C6 BMA Z . -15.29 46.51 -9.60
O2 BMA Z . -14.48 43.18 -7.10
O3 BMA Z . -16.99 43.86 -5.83
O4 BMA Z . -17.58 46.14 -7.60
O5 BMA Z . -15.22 44.13 -9.61
O6 BMA Z . -15.23 46.67 -11.04
C1 MAN Z . -18.33 43.99 -5.38
C2 MAN Z . -18.42 44.16 -3.87
C3 MAN Z . -18.21 42.86 -3.12
C4 MAN Z . -19.14 41.76 -3.66
C5 MAN Z . -18.84 41.58 -5.14
C6 MAN Z . -19.62 40.44 -5.80
O2 MAN Z . -19.76 44.62 -3.56
O3 MAN Z . -18.35 43.08 -1.73
O4 MAN Z . -18.97 40.52 -2.94
O5 MAN Z . -19.11 42.84 -5.80
O6 MAN Z . -19.46 40.52 -7.22
C1 MAN Z . -19.88 45.82 -2.77
C2 MAN Z . -21.37 46.06 -2.46
C3 MAN Z . -22.10 46.50 -3.74
C4 MAN Z . -21.39 47.72 -4.37
C5 MAN Z . -19.94 47.35 -4.68
C6 MAN Z . -19.10 48.43 -5.36
O2 MAN Z . -21.54 47.07 -1.46
O3 MAN Z . -23.47 46.76 -3.44
O4 MAN Z . -22.08 48.15 -5.55
O5 MAN Z . -19.29 46.94 -3.46
O6 MAN Z . -17.75 47.98 -5.48
C1 MAN Z . -16.44 47.28 -11.58
C2 MAN Z . -16.44 47.20 -13.11
C3 MAN Z . -15.30 48.02 -13.68
C4 MAN Z . -15.34 49.46 -13.19
C5 MAN Z . -15.50 49.50 -11.66
C6 MAN Z . -15.69 50.90 -11.10
O2 MAN Z . -17.68 47.63 -13.69
O3 MAN Z . -15.27 47.95 -15.13
O4 MAN Z . -14.11 50.11 -13.60
O5 MAN Z . -16.58 48.67 -11.22
O6 MAN Z . -16.92 51.41 -11.63
C1 MAN Z . -14.25 47.07 -15.69
C2 MAN Z . -14.20 47.29 -17.20
C3 MAN Z . -15.43 46.69 -17.89
C4 MAN Z . -15.61 45.22 -17.53
C5 MAN Z . -15.60 45.00 -16.01
C6 MAN Z . -15.60 43.50 -15.61
O2 MAN Z . -12.99 46.73 -17.77
O3 MAN Z . -15.33 46.85 -19.31
O4 MAN Z . -16.84 44.76 -18.12
O5 MAN Z . -14.48 45.67 -15.38
O6 MAN Z . -16.04 43.36 -14.25
C1 MAN Z . -17.29 52.75 -11.19
C2 MAN Z . -18.71 53.07 -11.68
C3 MAN Z . -18.72 53.17 -13.22
C4 MAN Z . -17.65 54.14 -13.74
C5 MAN Z . -16.27 53.84 -13.12
C6 MAN Z . -15.19 54.86 -13.51
O2 MAN Z . -19.23 54.27 -11.12
O3 MAN Z . -20.03 53.55 -13.66
O4 MAN Z . -17.60 54.02 -15.17
O5 MAN Z . -16.37 53.75 -11.68
O6 MAN Z . -13.91 54.44 -13.01
C1 NAG AA . 15.27 23.89 -36.17
C2 NAG AA . 14.89 24.46 -37.54
C3 NAG AA . 16.04 24.32 -38.57
C4 NAG AA . 17.39 24.77 -38.01
C5 NAG AA . 17.63 24.11 -36.66
C6 NAG AA . 18.96 24.55 -36.01
C7 NAG AA . 12.45 24.22 -37.80
C8 NAG AA . 11.34 23.45 -38.45
N2 NAG AA . 13.69 23.79 -38.06
O3 NAG AA . 15.78 25.06 -39.78
O4 NAG AA . 18.42 24.39 -38.96
O5 NAG AA . 16.54 24.42 -35.78
O6 NAG AA . 19.24 23.76 -34.83
O7 NAG AA . 12.28 25.20 -37.06
C1 NAG AA . 19.18 25.52 -39.50
C2 NAG AA . 20.54 25.09 -40.07
C3 NAG AA . 21.37 26.32 -40.44
C4 NAG AA . 20.58 27.28 -41.36
C5 NAG AA . 19.14 27.51 -40.87
C6 NAG AA . 18.30 28.25 -41.93
C7 NAG AA . 21.29 22.89 -39.22
C8 NAG AA . 22.01 22.16 -38.12
N2 NAG AA . 21.28 24.23 -39.13
O3 NAG AA . 22.61 25.92 -41.04
O4 NAG AA . 21.24 28.55 -41.50
O5 NAG AA . 18.47 26.28 -40.49
O6 NAG AA . 18.06 27.40 -43.06
O7 NAG AA . 20.70 22.29 -40.11
C1 NAG BA . -24.34 -3.27 -45.66
C2 NAG BA . -25.08 -4.59 -45.45
C3 NAG BA . -26.26 -4.72 -46.41
C4 NAG BA . -27.15 -3.48 -46.36
C5 NAG BA . -26.35 -2.19 -46.52
C6 NAG BA . -27.23 -0.94 -46.31
C7 NAG BA . -23.92 -6.64 -44.71
C8 NAG BA . -22.90 -7.69 -45.09
N2 NAG BA . -24.15 -5.71 -45.64
O3 NAG BA . -27.05 -5.88 -46.11
O4 NAG BA . -28.15 -3.57 -47.41
O5 NAG BA . -25.24 -2.14 -45.61
O6 NAG BA . -27.91 -1.01 -45.05
O7 NAG BA . -24.48 -6.65 -43.63
C1 NAG BA . -29.52 -3.75 -46.95
C2 NAG BA . -30.54 -3.43 -48.05
C3 NAG BA . -31.97 -3.59 -47.51
C4 NAG BA . -32.18 -4.93 -46.79
C5 NAG BA . -31.04 -5.26 -45.82
C6 NAG BA . -31.16 -6.68 -45.25
C7 NAG BA . -29.69 -1.82 -49.72
C8 NAG BA . -29.62 -0.37 -50.10
N2 NAG BA . -30.35 -2.08 -48.58
O3 NAG BA . -32.91 -3.45 -48.60
O4 NAG BA . -33.43 -4.93 -46.05
O5 NAG BA . -29.75 -5.08 -46.44
O6 NAG BA . -30.15 -6.90 -44.25
O7 NAG BA . -29.19 -2.70 -50.40
C1 NAG CA . -22.32 -4.79 -33.26
C2 NAG CA . -22.91 -6.20 -33.54
C3 NAG CA . -24.33 -6.35 -32.99
C4 NAG CA . -24.47 -5.82 -31.54
C5 NAG CA . -23.84 -4.42 -31.44
C6 NAG CA . -23.97 -3.78 -30.05
C7 NAG CA . -21.88 -6.83 -35.69
C8 NAG CA . -22.16 -7.18 -37.13
N2 NAG CA . -22.95 -6.50 -34.98
O3 NAG CA . -24.77 -7.72 -33.05
O4 NAG CA . -25.87 -5.73 -31.19
O5 NAG CA . -22.49 -4.48 -31.86
O6 NAG CA . -22.90 -4.24 -29.21
O7 NAG CA . -20.73 -6.86 -35.29
C1 NAG CA . -26.46 -6.80 -30.41
C2 NAG CA . -27.63 -6.27 -29.57
C3 NAG CA . -28.27 -7.40 -28.73
C4 NAG CA . -28.65 -8.60 -29.61
C5 NAG CA . -27.50 -9.03 -30.56
C6 NAG CA . -28.01 -10.09 -31.56
C7 NAG CA . -27.67 -3.91 -28.83
C8 NAG CA . -27.24 -2.92 -27.78
N2 NAG CA . -27.25 -5.17 -28.68
O3 NAG CA . -29.42 -6.90 -28.03
O4 NAG CA . -29.05 -9.73 -28.78
O5 NAG CA . -26.92 -7.90 -31.24
O6 NAG CA . -27.05 -10.36 -32.60
O7 NAG CA . -28.38 -3.56 -29.76
C1 NAG DA . 21.71 36.63 -7.14
C2 NAG DA . 22.77 37.67 -7.48
C3 NAG DA . 23.06 37.66 -8.98
C4 NAG DA . 23.36 36.25 -9.50
C5 NAG DA . 22.27 35.28 -9.05
C6 NAG DA . 22.54 33.83 -9.48
C7 NAG DA . 23.00 39.81 -6.26
C8 NAG DA . 22.33 41.07 -5.85
N2 NAG DA . 22.31 38.99 -7.07
O3 NAG DA . 24.17 38.51 -9.31
O4 NAG DA . 23.40 36.32 -10.96
O5 NAG DA . 22.10 35.33 -7.62
O6 NAG DA . 21.33 33.07 -9.29
O7 NAG DA . 24.10 39.52 -5.85
C1 NAG DA . 24.66 35.90 -11.54
C2 NAG DA . 24.53 35.57 -13.04
C3 NAG DA . 25.87 35.11 -13.62
C4 NAG DA . 27.02 36.07 -13.26
C5 NAG DA . 27.02 36.45 -11.77
C6 NAG DA . 28.08 37.50 -11.43
C7 NAG DA . 22.31 34.73 -13.73
C8 NAG DA . 21.41 33.52 -13.83
N2 NAG DA . 23.55 34.51 -13.26
O3 NAG DA . 25.79 34.96 -15.04
O4 NAG DA . 28.28 35.46 -13.62
O5 NAG DA . 25.70 36.88 -11.34
O6 NAG DA . 27.80 38.70 -12.15
O7 NAG DA . 21.93 35.85 -14.02
C1 NAG EA . -13.65 7.60 21.46
C2 NAG EA . -14.27 6.32 21.99
C3 NAG EA . -15.27 6.60 23.12
C4 NAG EA . -14.71 7.55 24.17
C5 NAG EA . -14.10 8.79 23.53
C6 NAG EA . -13.47 9.72 24.58
C7 NAG EA . -14.44 4.69 20.15
C8 NAG EA . -15.43 3.98 19.24
N2 NAG EA . -15.00 5.60 20.94
O3 NAG EA . -15.74 5.38 23.74
O4 NAG EA . -15.82 7.92 25.03
O5 NAG EA . -13.11 8.39 22.55
O6 NAG EA . -12.19 9.19 24.98
O7 NAG EA . -13.22 4.45 20.22
C1 NAG EA . -15.71 7.47 26.41
C2 NAG EA . -16.72 8.23 27.28
C3 NAG EA . -16.69 7.73 28.72
C4 NAG EA . -16.81 6.20 28.78
C5 NAG EA . -15.80 5.51 27.85
C6 NAG EA . -16.00 3.98 27.82
C7 NAG EA . -17.32 10.60 26.92
C8 NAG EA . -16.81 12.02 26.92
N2 NAG EA . -16.42 9.66 27.27
O3 NAG EA . -17.76 8.32 29.48
O4 NAG EA . -16.64 5.75 30.14
O5 NAG EA . -15.90 6.04 26.51
O6 NAG EA . -17.31 3.66 27.35
O7 NAG EA . -18.45 10.32 26.60
C1 BMA EA . -17.80 5.12 30.72
C2 BMA EA . -17.44 4.53 32.08
C3 BMA EA . -18.66 3.96 32.80
C4 BMA EA . -19.81 4.99 32.88
C5 BMA EA . -20.10 5.62 31.52
C6 BMA EA . -21.04 6.83 31.67
O2 BMA EA . -16.81 5.55 32.86
O3 BMA EA . -18.30 3.53 34.13
O4 BMA EA . -20.99 4.33 33.38
O5 BMA EA . -18.89 6.06 30.86
O6 BMA EA . -20.30 8.04 31.82
C1 NAG FA . 12.99 22.53 32.26
C2 NAG FA . 12.97 22.11 33.72
C3 NAG FA . 14.34 22.08 34.39
C4 NAG FA . 15.39 21.40 33.54
C5 NAG FA . 15.38 21.96 32.12
C6 NAG FA . 16.36 21.16 31.23
C7 NAG FA . 10.79 22.60 34.76
C8 NAG FA . 10.00 23.50 35.64
N2 NAG FA . 12.07 22.97 34.50
O3 NAG FA . 14.28 21.41 35.66
O4 NAG FA . 16.72 21.58 34.13
O5 NAG FA . 14.04 21.89 31.54
O6 NAG FA . 15.89 19.80 31.10
O7 NAG FA . 10.29 21.55 34.33
C1 NAG FA . 17.41 20.38 34.61
C2 NAG FA . 18.88 20.64 34.82
C3 NAG FA . 19.59 19.39 35.39
C4 NAG FA . 18.95 18.79 36.59
C5 NAG FA . 17.45 18.66 36.36
C6 NAG FA . 16.67 18.24 37.64
C7 NAG FA . 19.90 22.15 33.16
C8 NAG FA . 20.67 22.13 31.87
N2 NAG FA . 19.52 20.95 33.53
O3 NAG FA . 21.00 19.68 35.71
O4 NAG FA . 19.64 17.56 36.88
O5 NAG FA . 16.87 19.87 35.85
O6 NAG FA . 16.84 16.79 37.80
O7 NAG FA . 19.68 23.14 33.85
C1 BMA FA . 19.88 17.31 38.32
C2 BMA FA . 19.94 15.83 38.67
C3 BMA FA . 20.02 15.67 40.17
C4 BMA FA . 21.24 16.40 40.73
C5 BMA FA . 21.33 17.84 40.21
C6 BMA FA . 22.75 18.38 40.42
O2 BMA FA . 21.13 15.30 37.99
O3 BMA FA . 20.08 14.26 40.50
O4 BMA FA . 21.15 16.43 42.17
O5 BMA FA . 21.05 17.96 38.80
O6 BMA FA . 22.76 19.83 40.25
C1 MAN FA . 19.32 13.89 41.64
C2 MAN FA . 19.56 12.44 42.05
C3 MAN FA . 18.83 11.47 41.14
C4 MAN FA . 17.34 11.82 41.03
C5 MAN FA . 17.24 13.23 40.46
C6 MAN FA . 15.80 13.71 40.20
O2 MAN FA . 19.03 12.27 43.38
O3 MAN FA . 19.05 10.14 41.60
O4 MAN FA . 16.63 10.89 40.20
O5 MAN FA . 17.92 14.11 41.39
O6 MAN FA . 15.81 15.11 39.93
C1 MAN FA . 19.91 11.71 44.37
C2 MAN FA . 19.12 11.52 45.68
C3 MAN FA . 18.81 12.87 46.31
C4 MAN FA . 20.11 13.68 46.50
C5 MAN FA . 20.78 13.86 45.13
C6 MAN FA . 22.06 14.70 45.12
O2 MAN FA . 19.86 10.71 46.61
O3 MAN FA . 18.11 12.66 47.55
O4 MAN FA . 19.82 14.95 47.12
O5 MAN FA . 21.05 12.57 44.57
O6 MAN FA . 22.62 14.69 43.81
C1 MAN FA . 22.33 20.51 41.47
C2 MAN FA . 22.10 22.01 41.20
C3 MAN FA . 23.40 22.67 40.81
C4 MAN FA . 24.47 22.44 41.86
C5 MAN FA . 24.57 20.96 42.22
C6 MAN FA . 25.52 20.66 43.38
O2 MAN FA . 21.51 22.69 42.31
O3 MAN FA . 23.21 24.08 40.53
O4 MAN FA . 25.73 22.92 41.32
O5 MAN FA . 23.29 20.41 42.54
O6 MAN FA . 25.02 21.33 44.54
C1 MAN FA . 23.18 24.43 39.13
C2 MAN FA . 23.22 25.97 39.00
C3 MAN FA . 21.88 26.56 39.42
C4 MAN FA . 20.72 25.96 38.63
C5 MAN FA . 20.73 24.44 38.70
C6 MAN FA . 19.68 23.76 37.78
O2 MAN FA . 23.56 26.38 37.66
O3 MAN FA . 21.90 28.00 39.25
O4 MAN FA . 19.48 26.50 39.14
O5 MAN FA . 22.04 23.89 38.41
O6 MAN FA . 19.43 22.41 38.22
C1 MAN FA . 25.80 21.15 45.75
C2 MAN FA . 25.02 21.74 46.94
C3 MAN FA . 24.94 23.26 46.79
C4 MAN FA . 26.31 23.91 46.56
C5 MAN FA . 27.08 23.20 45.44
C6 MAN FA . 28.50 23.73 45.24
O2 MAN FA . 25.63 21.41 48.21
O3 MAN FA . 24.29 23.81 47.95
O4 MAN FA . 26.10 25.30 46.25
O5 MAN FA . 27.10 21.77 45.65
O6 MAN FA . 29.11 23.12 44.10
C1 NAG GA . 23.74 39.32 -0.93
C2 NAG GA . 23.80 40.78 -0.49
C3 NAG GA . 24.37 41.71 -1.58
C4 NAG GA . 25.65 41.18 -2.22
C5 NAG GA . 25.43 39.74 -2.67
C6 NAG GA . 26.63 39.06 -3.33
C7 NAG GA . 21.96 41.09 1.11
C8 NAG GA . 20.55 41.63 1.32
N2 NAG GA . 22.45 41.24 -0.11
O3 NAG GA . 24.63 43.04 -1.07
O4 NAG GA . 25.98 42.01 -3.35
O5 NAG GA . 25.00 38.96 -1.54
O6 NAG GA . 26.17 37.84 -3.99
O7 NAG GA . 22.62 40.56 2.00
C1 NAG GA . 27.30 42.62 -3.31
C2 NAG GA . 27.79 43.06 -4.69
C3 NAG GA . 29.23 43.55 -4.58
C4 NAG GA . 29.36 44.69 -3.54
C5 NAG GA . 28.66 44.33 -2.21
C6 NAG GA . 28.55 45.56 -1.28
C7 NAG GA . 26.67 41.87 -6.54
C8 NAG GA . 26.69 40.66 -7.43
N2 NAG GA . 27.69 41.97 -5.67
O3 NAG GA . 29.71 43.98 -5.87
O4 NAG GA . 30.74 45.00 -3.27
O5 NAG GA . 27.34 43.76 -2.42
O6 NAG GA . 27.65 46.53 -1.84
O7 NAG GA . 25.77 42.69 -6.59
C1 FUC GA . 26.17 36.63 -3.19
C2 FUC GA . 25.11 35.61 -3.70
C3 FUC GA . 25.60 34.93 -4.99
C4 FUC GA . 27.02 34.37 -4.77
C5 FUC GA . 27.98 35.48 -4.33
C6 FUC GA . 29.42 34.97 -4.15
O2 FUC GA . 23.82 36.26 -3.91
O3 FUC GA . 24.72 33.88 -5.42
O4 FUC GA . 27.02 33.32 -3.78
O5 FUC GA . 27.49 36.05 -3.10
C1 NAG HA . -23.75 45.17 9.12
C2 NAG HA . -25.19 44.75 8.84
C3 NAG HA . -26.18 45.72 9.48
C4 NAG HA . -25.87 45.92 10.96
C5 NAG HA . -24.40 46.29 11.20
C6 NAG HA . -24.06 46.34 12.70
C7 NAG HA . -25.83 43.63 6.73
C8 NAG HA . -25.96 43.78 5.24
N2 NAG HA . -25.41 44.72 7.39
O3 NAG HA . -27.54 45.24 9.34
O4 NAG HA . -26.72 46.98 11.49
O5 NAG HA . -23.52 45.37 10.53
O6 NAG HA . -24.42 45.10 13.33
O7 NAG HA . -26.09 42.57 7.30
C1 NAG HA . -27.71 46.54 12.45
C2 NAG HA . -28.30 47.71 13.25
C3 NAG HA . -29.32 47.21 14.29
C4 NAG HA . -30.36 46.25 13.66
C5 NAG HA . -29.72 45.19 12.75
C6 NAG HA . -30.78 44.38 11.99
C7 NAG HA . -26.74 49.62 13.43
C8 NAG HA . -25.68 50.26 14.27
N2 NAG HA . -27.25 48.47 13.91
O3 NAG HA . -29.98 48.33 14.91
O4 NAG HA . -31.11 45.58 14.69
O5 NAG HA . -28.78 45.80 11.83
O6 NAG HA . -30.14 43.33 11.25
O7 NAG HA . -27.11 50.10 12.37
C1 NAG IA . -22.15 32.63 8.46
C2 NAG IA . -23.61 32.66 7.94
C3 NAG IA . -24.60 32.12 8.99
C4 NAG IA . -24.14 30.82 9.66
C5 NAG IA . -22.67 30.97 10.10
C6 NAG IA . -22.12 29.71 10.83
C7 NAG IA . -23.64 34.64 6.46
C8 NAG IA . -24.27 35.97 6.23
N2 NAG IA . -24.03 34.00 7.56
O3 NAG IA . -25.91 31.94 8.41
O4 NAG IA . -24.95 30.56 10.82
O5 NAG IA . -21.86 31.31 8.98
O6 NAG IA . -21.66 28.78 9.87
O7 NAG IA . -22.83 34.21 5.65
C1 NAG IA . -26.02 29.58 10.69
C2 NAG IA . -26.31 28.92 12.05
C3 NAG IA . -27.44 27.88 11.94
C4 NAG IA . -28.69 28.50 11.30
C5 NAG IA . -28.37 29.29 10.01
C6 NAG IA . -29.62 30.05 9.54
C7 NAG IA . -24.50 28.70 13.74
C8 NAG IA . -23.35 27.86 14.24
N2 NAG IA . -25.12 28.27 12.62
O3 NAG IA . -27.75 27.35 13.24
O4 NAG IA . -29.68 27.47 11.02
O5 NAG IA . -27.24 30.17 10.17
O6 NAG IA . -29.33 30.98 8.47
O7 NAG IA . -24.85 29.70 14.34
CA CA JA . 24.68 -8.32 34.01
CA CA KA . -6.69 -3.47 3.14
CA CA LA . 14.21 -35.82 -18.69
CA CA MA . -18.75 11.38 -36.80
CA CA NA . -8.29 38.90 15.91
#